data_9JO3
#
_entry.id   9JO3
#
_cell.length_a   1.00
_cell.length_b   1.00
_cell.length_c   1.00
_cell.angle_alpha   90.00
_cell.angle_beta   90.00
_cell.angle_gamma   90.00
#
_symmetry.space_group_name_H-M   'P 1'
#
loop_
_entity.id
_entity.type
_entity.pdbx_description
1 polymer 'Calcium-activated potassium channel subunit alpha-1'
2 non-polymer 'MAGNESIUM ION'
3 non-polymer 'CALCIUM ION'
4 non-polymer 'POTASSIUM ION'
5 non-polymer 5-azanyl-2-[2,3,5,6-tetrakis(fluoranyl)-4-(trifluoromethyl)phenoxy]phenol
6 non-polymer 'CHOLESTEROL HEMISUCCINATE'
#
_entity_poly.entity_id   1
_entity_poly.type   'polypeptide(L)'
_entity_poly.pdbx_seq_one_letter_code
;MDALIIPVTMEVPCDSRGQRMWWAFLASSMVTFFGGLFIILLWRTLKYLWTVCCHCGGKTKEAQKINNGSSQADGTLKPV
DEKEEAVAAEVGWMTSVKDWAGVMISAQTLTGRVLVVLVFALSIGALVIYFIDSSNPIESCQNFYKDFTLQIDMAFNVFF
LLYFGLRFIAANDKLWFWLEVNSVVDFFTVPPVFVSVYLNRSWLGLRFLRALRLIQFSEILQFLNILKTSNSIKLVNLLS
IFISTWLTAAGFIHLVENSGDPWENFQNNQALTYWECVYLLMVTMSTVGYGDVYAKTTLGRLFMVFFILGGLAMFASYVP
EIIELIGNRKKYGGSYSAVSGRKHIVVCGHITLESVSNFLKDFLHKDRDDVNVEIVFLHNISPNLELEALFKRHFTQVEF
YQGSVLNPHDLARVKIESADACLILANKYCADPDAEDASNIMRVISIKNYHPKIRIITQMLQYHNKAHLLNIPSWNWKEG
DDAICLAELKLGFIAQSCLAQGLSTMLANLFSMRSFIKIEEDTWQKYYLEGVSNEMYTEYLSSAFVGLSFPTVCELCFVK
LKLLMIAIEYKSANRESRILINPGNHLKIQEGTLGFFIASDAKEVKRAFFYCKACHDDITDPKRIKKCGCKRPKMSIYKR
MRRACCFDCGRSERDCSCMSGRVRGNVDTLERAFPLSSVSVNDCSTSFRAFEDEQPSTLSPKKKQRNGGMRNSPNTSPKL
MRHDPLLIPGNDQIDNMDSNVKKYDSTGMFHWCAPKEIEKVILTRSEAAMTVLSGHVVVCIFGDVSSALIGLRNLVMPLR
ASNFHYHELKHIVFVGSIEYLKREWETLHNFPKVSILPGTPLSRADLRAVNINLCDMCVILSANQNNIDDTSLQDKECIL
ASLNIKSMQFDDSIGVLQANSQGFTPPGMDRSSPDNSPVHGMLRQPSITTGVNIPIITELVNDTNVQFLDQDDDDDPDTE
LYLTQPFACGTAFAVSVLDSLMSATYFNDNILTLIRTLVTGGATPELEALIAEENALRGGYSTPQTLANRDRCRVAQLAL
LDGPFADLGDGGCYGDLFCKALKTYNMLCFGIYRLRDAHLSTPSQCTKRYVITNPPYEFELVPTDLIFCLMQFDHNAGQ
;
_entity_poly.pdbx_strand_id   A,B,C,D
#
loop_
_chem_comp.id
_chem_comp.type
_chem_comp.name
_chem_comp.formula
A1L4E non-polymer 5-azanyl-2-[2,3,5,6-tetrakis(fluoranyl)-4-(trifluoromethyl)phenoxy]phenol 'C13 H6 F7 N O2'
CA non-polymer 'CALCIUM ION' 'Ca 2'
K non-polymer 'POTASSIUM ION' 'K 1'
MG non-polymer 'MAGNESIUM ION' 'Mg 2'
Y01 non-polymer 'CHOLESTEROL HEMISUCCINATE' 'C31 H50 O4'
#
# COMPACT_ATOMS: atom_id res chain seq x y z
N ASP A 15 9.70 23.39 -71.52
CA ASP A 15 9.35 22.40 -72.53
C ASP A 15 7.96 22.64 -73.08
N SER A 16 7.04 21.71 -72.83
CA SER A 16 5.65 21.85 -73.26
C SER A 16 4.97 22.87 -72.35
N ARG A 17 4.83 24.10 -72.86
CA ARG A 17 4.35 25.19 -72.02
C ARG A 17 2.89 25.01 -71.65
N GLY A 18 2.07 24.50 -72.58
CA GLY A 18 0.65 24.40 -72.32
C GLY A 18 0.27 23.25 -71.42
N GLN A 19 0.90 22.09 -71.60
CA GLN A 19 0.47 20.89 -70.92
C GLN A 19 0.91 20.89 -69.45
N ARG A 20 0.35 19.94 -68.70
CA ARG A 20 0.68 19.75 -67.29
C ARG A 20 1.65 18.59 -67.16
N MET A 21 2.75 18.81 -66.43
CA MET A 21 3.78 17.80 -66.23
C MET A 21 3.82 17.26 -64.80
N TRP A 22 2.73 17.44 -64.05
CA TRP A 22 2.74 17.04 -62.64
C TRP A 22 2.95 15.54 -62.50
N TRP A 23 2.44 14.75 -63.44
CA TRP A 23 2.57 13.30 -63.34
C TRP A 23 4.02 12.84 -63.48
N ALA A 24 4.84 13.59 -64.22
CA ALA A 24 6.23 13.19 -64.42
C ALA A 24 7.00 13.24 -63.11
N PHE A 25 6.83 14.29 -62.32
CA PHE A 25 7.52 14.41 -61.05
C PHE A 25 7.06 13.34 -60.07
N LEU A 26 5.75 13.07 -60.02
CA LEU A 26 5.24 12.05 -59.12
C LEU A 26 5.68 10.65 -59.53
N ALA A 27 5.88 10.42 -60.82
CA ALA A 27 6.26 9.09 -61.29
C ALA A 27 7.65 8.70 -60.80
N SER A 28 8.58 9.67 -60.73
CA SER A 28 9.94 9.36 -60.32
C SER A 28 9.98 8.83 -58.89
N SER A 29 9.19 9.41 -57.99
CA SER A 29 9.15 8.92 -56.62
C SER A 29 8.60 7.51 -56.55
N MET A 30 7.58 7.20 -57.35
CA MET A 30 7.03 5.85 -57.38
C MET A 30 8.07 4.84 -57.85
N VAL A 31 8.85 5.20 -58.87
CA VAL A 31 9.82 4.26 -59.44
C VAL A 31 10.90 3.92 -58.43
N THR A 32 11.48 4.94 -57.78
CA THR A 32 12.56 4.69 -56.84
C THR A 32 12.10 3.91 -55.63
N PHE A 33 10.96 4.27 -55.06
CA PHE A 33 10.49 3.61 -53.84
C PHE A 33 10.09 2.16 -54.13
N PHE A 34 9.26 1.94 -55.14
CA PHE A 34 8.79 0.59 -55.44
C PHE A 34 9.84 -0.23 -56.17
N GLY A 35 10.63 0.40 -57.04
CA GLY A 35 11.65 -0.34 -57.76
C GLY A 35 12.71 -0.91 -56.84
N GLY A 36 13.16 -0.13 -55.87
CA GLY A 36 14.08 -0.65 -54.88
C GLY A 36 13.45 -1.72 -54.00
N LEU A 37 12.18 -1.52 -53.64
CA LEU A 37 11.48 -2.53 -52.85
C LEU A 37 11.34 -3.83 -53.63
N PHE A 38 11.04 -3.74 -54.92
CA PHE A 38 10.92 -4.93 -55.75
C PHE A 38 12.24 -5.67 -55.85
N ILE A 39 13.35 -4.92 -55.99
CA ILE A 39 14.66 -5.55 -56.12
C ILE A 39 15.02 -6.30 -54.84
N ILE A 40 14.75 -5.71 -53.69
CA ILE A 40 15.12 -6.33 -52.42
C ILE A 40 14.38 -7.64 -52.24
N LEU A 41 13.08 -7.66 -52.54
CA LEU A 41 12.30 -8.89 -52.41
C LEU A 41 12.76 -9.94 -53.42
N LEU A 42 13.10 -9.53 -54.63
CA LEU A 42 13.58 -10.48 -55.62
C LEU A 42 14.90 -11.11 -55.18
N TRP A 43 15.81 -10.30 -54.65
CA TRP A 43 17.08 -10.83 -54.16
C TRP A 43 16.84 -11.79 -52.99
N ARG A 44 15.93 -11.44 -52.10
CA ARG A 44 15.64 -12.30 -50.95
C ARG A 44 15.11 -13.65 -51.39
N THR A 45 14.19 -13.66 -52.35
CA THR A 45 13.61 -14.92 -52.81
C THR A 45 14.60 -15.70 -53.69
N LEU A 46 15.31 -15.00 -54.56
CA LEU A 46 16.27 -15.67 -55.43
C LEU A 46 17.36 -16.36 -54.63
N LYS A 47 17.88 -15.69 -53.61
CA LYS A 47 18.84 -16.32 -52.71
C LYS A 47 18.19 -17.48 -51.95
N TYR A 48 16.95 -17.30 -51.51
CA TYR A 48 16.25 -18.35 -50.78
C TYR A 48 16.06 -19.59 -51.65
N LEU A 49 15.62 -19.40 -52.90
CA LEU A 49 15.42 -20.53 -53.79
C LEU A 49 16.74 -21.08 -54.32
N TRP A 50 17.83 -20.32 -54.20
CA TRP A 50 19.12 -20.80 -54.64
C TRP A 50 19.58 -22.01 -53.83
N THR A 51 19.20 -22.07 -52.56
CA THR A 51 19.60 -23.17 -51.67
C THR A 51 18.43 -24.14 -51.55
N VAL A 52 18.27 -24.97 -52.58
CA VAL A 52 17.25 -26.01 -52.57
C VAL A 52 17.87 -27.35 -52.98
N GLU A 90 40.21 -13.03 -40.63
CA GLU A 90 39.47 -12.00 -39.92
C GLU A 90 38.16 -11.66 -40.62
N VAL A 91 37.70 -10.42 -40.46
CA VAL A 91 36.45 -10.00 -41.07
C VAL A 91 36.66 -9.74 -42.56
N GLY A 92 35.58 -9.88 -43.32
CA GLY A 92 35.64 -9.60 -44.74
C GLY A 92 35.72 -8.11 -45.03
N TRP A 93 35.98 -7.79 -46.31
CA TRP A 93 36.12 -6.40 -46.69
C TRP A 93 34.80 -5.64 -46.62
N MET A 94 33.68 -6.34 -46.80
CA MET A 94 32.38 -5.68 -46.74
C MET A 94 32.10 -5.16 -45.33
N THR A 95 32.42 -5.94 -44.31
CA THR A 95 32.20 -5.49 -42.94
C THR A 95 33.12 -4.33 -42.57
N SER A 96 34.33 -4.30 -43.11
CA SER A 96 35.22 -3.17 -42.90
C SER A 96 34.67 -1.88 -43.49
N VAL A 97 33.78 -1.99 -44.48
CA VAL A 97 33.09 -0.83 -45.01
C VAL A 97 31.85 -0.49 -44.20
N LYS A 98 31.11 -1.53 -43.79
CA LYS A 98 29.88 -1.31 -43.02
C LYS A 98 30.16 -0.64 -41.69
N ASP A 99 31.19 -1.11 -40.97
CA ASP A 99 31.48 -0.51 -39.67
C ASP A 99 32.07 0.89 -39.80
N TRP A 100 32.84 1.13 -40.87
CA TRP A 100 33.32 2.48 -41.13
C TRP A 100 32.16 3.42 -41.41
N ALA A 101 31.18 2.97 -42.20
CA ALA A 101 29.99 3.78 -42.43
C ALA A 101 29.25 4.04 -41.13
N GLY A 102 29.16 3.02 -40.27
CA GLY A 102 28.49 3.22 -38.99
C GLY A 102 29.17 4.26 -38.12
N VAL A 103 30.49 4.17 -38.00
CA VAL A 103 31.21 5.13 -37.17
C VAL A 103 31.20 6.52 -37.81
N MET A 104 31.03 6.60 -39.14
CA MET A 104 30.89 7.90 -39.76
C MET A 104 29.52 8.51 -39.47
N ILE A 105 28.47 7.69 -39.54
CA ILE A 105 27.13 8.17 -39.21
C ILE A 105 27.06 8.64 -37.77
N SER A 106 27.61 7.85 -36.85
CA SER A 106 27.71 8.30 -35.48
C SER A 106 28.79 9.37 -35.36
N ALA A 107 28.75 10.11 -34.25
CA ALA A 107 29.75 11.14 -34.00
C ALA A 107 30.97 10.56 -33.26
N GLN A 108 31.50 9.46 -33.80
CA GLN A 108 32.62 8.80 -33.14
C GLN A 108 33.93 9.54 -33.39
N THR A 109 34.12 10.06 -34.60
CA THR A 109 35.37 10.70 -34.98
C THR A 109 35.13 12.17 -35.32
N LEU A 110 36.23 12.88 -35.58
CA LEU A 110 36.14 14.28 -35.96
C LEU A 110 35.41 14.46 -37.28
N THR A 111 35.69 13.59 -38.26
CA THR A 111 35.02 13.68 -39.55
C THR A 111 33.52 13.45 -39.39
N GLY A 112 33.13 12.50 -38.55
CA GLY A 112 31.71 12.27 -38.30
C GLY A 112 31.03 13.44 -37.63
N ARG A 113 31.76 14.18 -36.79
CA ARG A 113 31.16 15.31 -36.09
C ARG A 113 30.76 16.42 -37.07
N VAL A 114 31.62 16.73 -38.03
CA VAL A 114 31.29 17.80 -38.98
C VAL A 114 30.20 17.36 -39.93
N LEU A 115 30.14 16.08 -40.27
CA LEU A 115 29.09 15.59 -41.17
C LEU A 115 27.72 15.70 -40.52
N VAL A 116 27.61 15.37 -39.24
CA VAL A 116 26.34 15.46 -38.54
C VAL A 116 25.91 16.91 -38.40
N VAL A 117 26.85 17.80 -38.12
CA VAL A 117 26.51 19.22 -37.99
C VAL A 117 25.98 19.77 -39.31
N LEU A 118 26.61 19.40 -40.42
CA LEU A 118 26.14 19.84 -41.73
C LEU A 118 24.73 19.32 -42.01
N VAL A 119 24.42 18.10 -41.56
CA VAL A 119 23.07 17.57 -41.71
C VAL A 119 22.08 18.43 -40.96
N PHE A 120 22.43 18.87 -39.75
CA PHE A 120 21.56 19.77 -38.99
C PHE A 120 21.37 21.09 -39.72
N ALA A 121 22.43 21.64 -40.29
CA ALA A 121 22.34 22.96 -40.92
C ALA A 121 21.61 22.89 -42.25
N LEU A 122 21.90 21.88 -43.07
CA LEU A 122 21.30 21.81 -44.40
C LEU A 122 19.83 21.42 -44.34
N SER A 123 19.43 20.64 -43.33
CA SER A 123 18.02 20.29 -43.20
C SER A 123 17.17 21.53 -42.93
N ILE A 124 17.68 22.45 -42.10
CA ILE A 124 16.99 23.71 -41.89
C ILE A 124 17.04 24.56 -43.15
N GLY A 125 18.18 24.59 -43.83
CA GLY A 125 18.32 25.41 -45.02
C GLY A 125 17.40 24.95 -46.15
N ALA A 126 17.23 23.64 -46.29
CA ALA A 126 16.32 23.12 -47.30
C ALA A 126 14.88 23.50 -47.00
N LEU A 127 14.50 23.54 -45.72
CA LEU A 127 13.14 23.92 -45.36
C LEU A 127 12.87 25.38 -45.69
N VAL A 128 13.84 26.26 -45.43
CA VAL A 128 13.65 27.68 -45.71
C VAL A 128 13.44 27.92 -47.19
N ILE A 129 14.15 27.17 -48.04
CA ILE A 129 14.00 27.32 -49.48
C ILE A 129 12.57 26.99 -49.90
N TYR A 130 11.96 25.99 -49.26
CA TYR A 130 10.57 25.65 -49.57
C TYR A 130 9.63 26.80 -49.22
N PHE A 131 9.91 27.52 -48.13
CA PHE A 131 9.07 28.65 -47.76
C PHE A 131 9.11 29.73 -48.84
N ILE A 132 10.27 29.97 -49.44
CA ILE A 132 10.40 30.97 -50.48
C ILE A 132 9.55 30.61 -51.69
N ASP A 133 9.60 29.34 -52.09
CA ASP A 133 8.96 28.90 -53.33
C ASP A 133 7.47 28.62 -53.18
N SER A 134 6.90 28.74 -51.97
CA SER A 134 5.49 28.48 -51.79
C SER A 134 4.60 29.56 -52.39
N SER A 135 5.16 30.74 -52.67
CA SER A 135 4.40 31.82 -53.28
C SER A 135 4.42 31.78 -54.80
N ASN A 136 5.25 30.93 -55.39
CA ASN A 136 5.29 30.79 -56.84
C ASN A 136 4.07 30.00 -57.31
N PRO A 137 3.74 30.09 -58.60
CA PRO A 137 2.63 29.27 -59.13
C PRO A 137 2.91 27.78 -58.92
N ILE A 138 1.83 27.00 -59.08
CA ILE A 138 1.93 25.56 -58.85
C ILE A 138 2.92 24.93 -59.83
N GLU A 139 2.81 25.31 -61.10
CA GLU A 139 3.75 24.89 -62.13
C GLU A 139 4.36 26.13 -62.78
N SER A 140 5.67 26.09 -63.02
CA SER A 140 6.37 27.23 -63.57
C SER A 140 7.59 26.76 -64.34
N CYS A 141 8.11 27.64 -65.18
CA CYS A 141 9.31 27.38 -65.96
C CYS A 141 10.51 28.04 -65.29
N GLN A 142 11.58 27.28 -65.10
CA GLN A 142 12.75 27.75 -64.38
C GLN A 142 14.00 27.42 -65.19
N ASN A 143 14.85 28.42 -65.38
CA ASN A 143 16.11 28.24 -66.10
C ASN A 143 17.22 27.95 -65.09
N PHE A 144 17.80 26.76 -65.18
CA PHE A 144 18.80 26.34 -64.20
C PHE A 144 20.09 27.15 -64.30
N TYR A 145 20.37 27.76 -65.44
CA TYR A 145 21.62 28.49 -65.63
C TYR A 145 21.55 29.94 -65.20
N LYS A 146 20.35 30.48 -64.95
CA LYS A 146 20.18 31.88 -64.55
C LYS A 146 19.23 31.97 -63.37
N ASP A 147 19.51 31.19 -62.32
CA ASP A 147 18.70 31.18 -61.12
C ASP A 147 19.62 31.00 -59.93
N PHE A 148 19.62 31.97 -59.02
CA PHE A 148 20.41 31.84 -57.81
C PHE A 148 19.94 30.67 -56.97
N THR A 149 18.63 30.59 -56.74
CA THR A 149 18.05 29.37 -56.21
C THR A 149 18.00 28.31 -57.30
N LEU A 150 17.63 27.08 -56.89
CA LEU A 150 17.60 25.91 -57.76
C LEU A 150 19.02 25.49 -58.14
N GLN A 151 20.01 26.25 -57.70
CA GLN A 151 21.41 25.88 -57.76
C GLN A 151 21.99 25.57 -56.40
N ILE A 152 21.61 26.35 -55.39
CA ILE A 152 21.84 25.93 -54.01
C ILE A 152 21.01 24.69 -53.70
N ASP A 153 19.81 24.61 -54.30
CA ASP A 153 18.96 23.44 -54.09
C ASP A 153 19.61 22.18 -54.64
N MET A 154 20.29 22.28 -55.78
CA MET A 154 21.07 21.14 -56.27
C MET A 154 22.17 20.76 -55.28
N ALA A 155 22.84 21.74 -54.70
CA ALA A 155 23.89 21.45 -53.73
C ALA A 155 23.34 20.76 -52.49
N PHE A 156 22.19 21.21 -51.99
CA PHE A 156 21.61 20.60 -50.80
C PHE A 156 21.15 19.17 -51.08
N ASN A 157 20.49 18.95 -52.22
CA ASN A 157 19.91 17.65 -52.49
C ASN A 157 20.96 16.61 -52.89
N VAL A 158 22.04 17.02 -53.54
CA VAL A 158 23.09 16.05 -53.84
C VAL A 158 23.79 15.62 -52.56
N PHE A 159 23.82 16.50 -51.56
CA PHE A 159 24.37 16.11 -50.26
C PHE A 159 23.49 15.09 -49.57
N PHE A 160 22.17 15.28 -49.60
CA PHE A 160 21.26 14.33 -48.98
C PHE A 160 21.26 12.99 -49.70
N LEU A 161 21.70 12.94 -50.95
CA LEU A 161 21.84 11.66 -51.63
C LEU A 161 23.02 10.88 -51.08
N LEU A 162 24.16 11.55 -50.87
CA LEU A 162 25.32 10.88 -50.31
C LEU A 162 25.06 10.42 -48.87
N TYR A 163 24.41 11.27 -48.07
CA TYR A 163 24.10 10.88 -46.70
C TYR A 163 23.15 9.69 -46.66
N PHE A 164 22.23 9.60 -47.63
CA PHE A 164 21.36 8.43 -47.70
C PHE A 164 22.15 7.18 -48.05
N GLY A 165 23.16 7.30 -48.91
CA GLY A 165 23.98 6.15 -49.25
C GLY A 165 24.75 5.61 -48.06
N LEU A 166 25.29 6.51 -47.24
CA LEU A 166 26.01 6.08 -46.04
C LEU A 166 25.07 5.37 -45.07
N ARG A 167 23.85 5.89 -44.91
CA ARG A 167 22.89 5.25 -44.02
C ARG A 167 22.47 3.88 -44.54
N PHE A 168 22.39 3.71 -45.86
CA PHE A 168 22.01 2.42 -46.41
C PHE A 168 23.06 1.36 -46.10
N ILE A 169 24.34 1.71 -46.20
CA ILE A 169 25.41 0.74 -45.96
C ILE A 169 25.40 0.29 -44.50
N ALA A 170 25.25 1.23 -43.57
CA ALA A 170 25.32 0.92 -42.14
C ALA A 170 24.10 0.19 -41.63
N ALA A 171 23.03 0.08 -42.42
CA ALA A 171 21.81 -0.53 -41.95
C ALA A 171 21.98 -2.04 -41.76
N ASN A 172 21.27 -2.57 -40.77
CA ASN A 172 21.32 -4.01 -40.51
C ASN A 172 20.39 -4.79 -41.44
N ASP A 173 19.12 -4.39 -41.50
CA ASP A 173 18.13 -5.02 -42.36
C ASP A 173 17.72 -4.03 -43.43
N LYS A 174 18.06 -4.34 -44.68
CA LYS A 174 17.84 -3.40 -45.77
C LYS A 174 16.36 -3.13 -46.00
N LEU A 175 15.51 -4.15 -45.85
CA LEU A 175 14.08 -3.96 -46.09
C LEU A 175 13.47 -3.00 -45.10
N TRP A 176 13.74 -3.20 -43.81
CA TRP A 176 13.19 -2.33 -42.79
C TRP A 176 13.89 -0.99 -42.70
N PHE A 177 15.09 -0.86 -43.28
CA PHE A 177 15.65 0.47 -43.47
C PHE A 177 14.96 1.19 -44.61
N TRP A 178 14.63 0.46 -45.69
CA TRP A 178 13.91 1.05 -46.81
C TRP A 178 12.54 1.53 -46.40
N LEU A 179 11.85 0.76 -45.57
CA LEU A 179 10.51 1.13 -45.08
C LEU A 179 10.62 1.98 -43.82
N GLU A 180 11.31 3.12 -43.95
CA GLU A 180 11.50 4.03 -42.83
C GLU A 180 11.11 5.45 -43.24
N VAL A 181 10.84 6.28 -42.23
CA VAL A 181 10.31 7.62 -42.48
C VAL A 181 11.35 8.48 -43.21
N ASN A 182 12.60 8.45 -42.73
CA ASN A 182 13.64 9.25 -43.37
C ASN A 182 13.88 8.80 -44.81
N SER A 183 13.89 7.48 -45.04
CA SER A 183 14.06 6.98 -46.39
C SER A 183 12.91 7.41 -47.28
N VAL A 184 11.69 7.36 -46.77
CA VAL A 184 10.53 7.78 -47.56
C VAL A 184 10.62 9.26 -47.91
N VAL A 185 11.02 10.10 -46.94
CA VAL A 185 11.17 11.51 -47.20
C VAL A 185 12.22 11.74 -48.28
N ASP A 186 13.35 11.03 -48.20
CA ASP A 186 14.38 11.17 -49.22
C ASP A 186 13.87 10.76 -50.59
N PHE A 187 13.13 9.63 -50.64
CA PHE A 187 12.61 9.16 -51.92
C PHE A 187 11.65 10.17 -52.53
N PHE A 188 10.81 10.80 -51.70
CA PHE A 188 9.80 11.70 -52.21
C PHE A 188 10.30 13.13 -52.41
N THR A 189 11.52 13.45 -51.97
CA THR A 189 12.03 14.80 -52.17
C THR A 189 13.26 14.91 -53.08
N VAL A 190 14.10 13.88 -53.19
CA VAL A 190 15.36 14.03 -53.92
C VAL A 190 15.20 13.93 -55.44
N PRO A 191 14.54 12.91 -55.98
CA PRO A 191 14.44 12.78 -57.46
C PRO A 191 13.78 13.96 -58.15
N PRO A 192 12.74 14.58 -57.55
CA PRO A 192 12.05 15.66 -58.28
C PRO A 192 12.95 16.81 -58.68
N VAL A 193 13.99 17.15 -57.92
CA VAL A 193 14.83 18.27 -58.32
C VAL A 193 15.64 17.93 -59.56
N PHE A 194 16.12 16.68 -59.66
CA PHE A 194 16.80 16.24 -60.87
C PHE A 194 15.85 16.25 -62.06
N VAL A 195 14.61 15.78 -61.84
CA VAL A 195 13.63 15.79 -62.94
C VAL A 195 13.34 17.22 -63.39
N SER A 196 13.20 18.14 -62.43
CA SER A 196 12.94 19.53 -62.77
C SER A 196 14.10 20.16 -63.51
N VAL A 197 15.34 19.83 -63.11
CA VAL A 197 16.50 20.36 -63.82
C VAL A 197 16.54 19.84 -65.25
N TYR A 198 16.21 18.57 -65.45
CA TYR A 198 16.20 18.03 -66.80
C TYR A 198 15.08 18.64 -67.64
N LEU A 199 13.92 18.92 -67.05
CA LEU A 199 12.77 19.41 -67.79
C LEU A 199 12.67 20.92 -67.87
N ASN A 200 13.54 21.67 -67.18
CA ASN A 200 13.53 23.12 -67.13
C ASN A 200 12.25 23.69 -66.55
N ARG A 201 11.44 22.88 -65.88
CA ARG A 201 10.23 23.34 -65.21
C ARG A 201 10.06 22.58 -63.91
N SER A 202 9.45 23.23 -62.93
CA SER A 202 9.30 22.67 -61.60
C SER A 202 7.84 22.67 -61.18
N TRP A 203 7.47 21.64 -60.42
CA TRP A 203 6.12 21.49 -59.86
C TRP A 203 6.21 21.51 -58.35
N LEU A 204 5.34 22.29 -57.71
CA LEU A 204 5.28 22.33 -56.26
C LEU A 204 4.59 21.06 -55.77
N GLY A 205 5.30 19.93 -55.83
CA GLY A 205 4.73 18.66 -55.46
C GLY A 205 4.79 18.42 -53.97
N LEU A 206 5.28 17.25 -53.56
CA LEU A 206 5.36 16.92 -52.15
C LEU A 206 6.62 17.50 -51.54
N ARG A 207 6.85 18.80 -51.75
CA ARG A 207 7.99 19.48 -51.15
C ARG A 207 7.77 19.78 -49.67
N PHE A 208 6.53 19.78 -49.20
CA PHE A 208 6.25 20.03 -47.79
C PHE A 208 6.81 18.95 -46.88
N LEU A 209 7.16 17.79 -47.43
CA LEU A 209 7.76 16.72 -46.63
C LEU A 209 9.15 17.05 -46.12
N ARG A 210 9.75 18.13 -46.61
CA ARG A 210 11.06 18.55 -46.11
C ARG A 210 11.01 18.95 -44.64
N ALA A 211 9.82 19.26 -44.13
CA ALA A 211 9.67 19.60 -42.72
C ALA A 211 9.71 18.37 -41.81
N LEU A 212 9.68 17.17 -42.37
CA LEU A 212 9.76 15.94 -41.59
C LEU A 212 11.19 15.61 -41.17
N ARG A 213 12.18 16.37 -41.63
CA ARG A 213 13.56 16.14 -41.24
C ARG A 213 13.89 16.71 -39.88
N LEU A 214 12.95 17.44 -39.25
CA LEU A 214 13.18 17.99 -37.93
C LEU A 214 13.16 16.93 -36.83
N ILE A 215 12.71 15.71 -37.15
CA ILE A 215 12.65 14.66 -36.13
C ILE A 215 14.05 14.19 -35.75
N GLN A 216 15.00 14.26 -36.68
CA GLN A 216 16.35 13.76 -36.44
C GLN A 216 17.16 14.62 -35.48
N PHE A 217 16.62 15.77 -35.07
CA PHE A 217 17.41 16.69 -34.25
C PHE A 217 17.76 16.09 -32.91
N SER A 218 16.81 15.39 -32.26
CA SER A 218 17.10 14.79 -30.97
C SER A 218 18.17 13.71 -31.08
N GLU A 219 18.08 12.86 -32.11
CA GLU A 219 19.07 11.81 -32.28
C GLU A 219 20.45 12.38 -32.55
N ILE A 220 20.54 13.39 -33.44
CA ILE A 220 21.83 13.95 -33.78
C ILE A 220 22.34 14.95 -32.75
N LEU A 221 21.53 15.29 -31.74
CA LEU A 221 22.05 15.99 -30.57
C LEU A 221 22.50 15.03 -29.49
N GLN A 222 21.86 13.86 -29.37
CA GLN A 222 22.35 12.84 -28.46
C GLN A 222 23.65 12.23 -28.95
N PHE A 223 23.84 12.19 -30.27
CA PHE A 223 25.10 11.71 -30.82
C PHE A 223 26.28 12.58 -30.39
N LEU A 224 26.05 13.86 -30.12
CA LEU A 224 27.11 14.82 -29.88
C LEU A 224 27.28 15.17 -28.40
N ASN A 225 26.72 14.37 -27.50
CA ASN A 225 26.79 14.59 -26.05
C ASN A 225 26.12 15.88 -25.60
N ILE A 226 25.37 16.54 -26.48
CA ILE A 226 24.70 17.77 -26.09
C ILE A 226 23.57 17.47 -25.10
N LEU A 227 22.80 16.42 -25.36
CA LEU A 227 21.68 16.03 -24.51
C LEU A 227 22.07 14.80 -23.72
N LYS A 228 22.04 14.89 -22.40
CA LYS A 228 22.40 13.77 -21.55
C LYS A 228 21.33 13.41 -20.53
N THR A 229 20.64 14.40 -19.97
CA THR A 229 19.60 14.13 -18.99
C THR A 229 18.32 13.67 -19.69
N SER A 230 17.27 13.43 -18.90
CA SER A 230 16.02 12.87 -19.42
C SER A 230 14.97 13.91 -19.75
N ASN A 231 14.81 14.94 -18.90
CA ASN A 231 13.80 15.95 -19.14
C ASN A 231 14.09 16.72 -20.42
N SER A 232 15.36 17.04 -20.66
CA SER A 232 15.73 17.76 -21.88
C SER A 232 15.41 16.93 -23.12
N ILE A 233 15.72 15.63 -23.08
CA ILE A 233 15.41 14.75 -24.21
C ILE A 233 13.91 14.71 -24.45
N LYS A 234 13.13 14.56 -23.37
CA LYS A 234 11.68 14.53 -23.51
C LYS A 234 11.16 15.81 -24.16
N LEU A 235 11.65 16.96 -23.67
CA LEU A 235 11.18 18.24 -24.19
C LEU A 235 11.54 18.40 -25.66
N VAL A 236 12.77 18.04 -26.04
CA VAL A 236 13.17 18.18 -27.44
C VAL A 236 12.36 17.27 -28.33
N ASN A 237 12.12 16.03 -27.89
CA ASN A 237 11.30 15.10 -28.66
C ASN A 237 9.92 15.68 -28.90
N LEU A 238 9.26 16.13 -27.83
CA LEU A 238 7.91 16.65 -27.96
C LEU A 238 7.86 17.85 -28.88
N LEU A 239 8.79 18.80 -28.69
CA LEU A 239 8.78 20.01 -29.49
C LEU A 239 8.99 19.70 -30.98
N SER A 240 9.99 18.87 -31.28
CA SER A 240 10.30 18.56 -32.67
C SER A 240 9.12 17.84 -33.33
N ILE A 241 8.54 16.85 -32.65
CA ILE A 241 7.44 16.10 -33.26
C ILE A 241 6.25 17.03 -33.51
N PHE A 242 5.90 17.86 -32.52
CA PHE A 242 4.75 18.75 -32.66
C PHE A 242 4.95 19.72 -33.82
N ILE A 243 6.10 20.39 -33.86
CA ILE A 243 6.34 21.38 -34.91
C ILE A 243 6.36 20.73 -36.28
N SER A 244 7.01 19.57 -36.41
CA SER A 244 7.11 18.92 -37.71
C SER A 244 5.74 18.50 -38.21
N THR A 245 4.92 17.91 -37.34
CA THR A 245 3.58 17.50 -37.76
C THR A 245 2.75 18.70 -38.17
N TRP A 246 2.80 19.78 -37.39
CA TRP A 246 2.03 20.98 -37.71
C TRP A 246 2.41 21.53 -39.08
N LEU A 247 3.72 21.69 -39.32
CA LEU A 247 4.16 22.27 -40.58
C LEU A 247 3.85 21.37 -41.78
N THR A 248 4.00 20.05 -41.60
CA THR A 248 3.69 19.14 -42.70
C THR A 248 2.22 19.18 -43.06
N ALA A 249 1.34 19.17 -42.05
CA ALA A 249 -0.09 19.27 -42.34
C ALA A 249 -0.43 20.58 -43.02
N ALA A 250 0.18 21.69 -42.56
CA ALA A 250 -0.07 22.98 -43.20
C ALA A 250 0.37 22.96 -44.66
N GLY A 251 1.53 22.36 -44.95
CA GLY A 251 1.98 22.30 -46.33
C GLY A 251 1.07 21.47 -47.22
N PHE A 252 0.60 20.33 -46.70
CA PHE A 252 -0.32 19.51 -47.49
C PHE A 252 -1.62 20.27 -47.78
N ILE A 253 -2.16 20.95 -46.77
CA ILE A 253 -3.38 21.73 -46.98
C ILE A 253 -3.13 22.83 -48.00
N HIS A 254 -1.98 23.49 -47.92
CA HIS A 254 -1.63 24.53 -48.90
C HIS A 254 -1.66 23.97 -50.32
N LEU A 255 -0.96 22.86 -50.54
CA LEU A 255 -0.90 22.29 -51.88
C LEU A 255 -2.30 21.93 -52.37
N VAL A 256 -3.06 21.21 -51.55
CA VAL A 256 -4.36 20.70 -52.00
C VAL A 256 -5.32 21.84 -52.28
N GLU A 257 -5.31 22.88 -51.44
CA GLU A 257 -6.25 23.97 -51.62
C GLU A 257 -5.86 24.85 -52.80
N ASN A 258 -4.57 25.20 -52.91
CA ASN A 258 -4.16 26.07 -54.02
C ASN A 258 -4.35 25.39 -55.37
N SER A 259 -4.05 24.10 -55.46
CA SER A 259 -4.40 23.38 -56.67
C SER A 259 -5.88 23.01 -56.63
N GLY A 260 -6.43 22.70 -57.80
CA GLY A 260 -7.80 22.24 -57.85
C GLY A 260 -7.90 20.74 -57.72
N ASP A 261 -9.15 20.27 -57.66
CA ASP A 261 -9.37 18.82 -57.70
C ASP A 261 -9.05 18.31 -59.10
N PRO A 262 -8.24 17.26 -59.24
CA PRO A 262 -7.83 16.81 -60.58
C PRO A 262 -9.01 16.34 -61.43
N TRP A 263 -10.02 15.71 -60.85
CA TRP A 263 -11.15 15.25 -61.65
C TRP A 263 -12.08 16.39 -62.04
N GLU A 264 -11.92 17.56 -61.41
CA GLU A 264 -12.69 18.73 -61.76
C GLU A 264 -11.96 19.63 -62.75
N ASN A 265 -10.85 19.16 -63.33
CA ASN A 265 -10.04 19.93 -64.26
C ASN A 265 -9.44 21.18 -63.61
N PHE A 266 -9.20 21.10 -62.29
CA PHE A 266 -8.49 22.15 -61.55
C PHE A 266 -9.21 23.49 -61.64
N GLN A 267 -10.55 23.45 -61.68
CA GLN A 267 -11.35 24.66 -61.61
C GLN A 267 -12.00 24.86 -60.25
N ASN A 268 -11.65 24.03 -59.27
CA ASN A 268 -12.19 24.11 -57.92
C ASN A 268 -11.22 24.78 -56.95
N ASN A 269 -10.17 25.43 -57.47
CA ASN A 269 -9.10 25.93 -56.62
C ASN A 269 -9.57 27.09 -55.76
N GLN A 270 -8.96 27.21 -54.58
CA GLN A 270 -9.16 28.35 -53.68
C GLN A 270 -7.80 28.96 -53.37
N ALA A 271 -7.73 30.29 -53.41
CA ALA A 271 -6.46 30.97 -53.23
C ALA A 271 -6.14 31.13 -51.75
N LEU A 272 -5.05 30.49 -51.31
CA LEU A 272 -4.61 30.55 -49.92
C LEU A 272 -3.11 30.68 -49.87
N THR A 273 -2.61 31.23 -48.77
CA THR A 273 -1.18 31.34 -48.53
C THR A 273 -0.75 30.35 -47.45
N TYR A 274 0.56 30.13 -47.39
CA TYR A 274 1.09 29.12 -46.47
C TYR A 274 0.82 29.50 -45.02
N TRP A 275 0.99 30.78 -44.67
CA TRP A 275 0.74 31.20 -43.30
C TRP A 275 -0.75 31.12 -42.98
N GLU A 276 -1.61 31.40 -43.95
CA GLU A 276 -3.05 31.24 -43.73
C GLU A 276 -3.39 29.78 -43.47
N CYS A 277 -2.75 28.87 -44.19
CA CYS A 277 -2.96 27.45 -43.93
C CYS A 277 -2.44 27.05 -42.55
N VAL A 278 -1.31 27.61 -42.14
CA VAL A 278 -0.78 27.34 -40.81
C VAL A 278 -1.77 27.80 -39.74
N TYR A 279 -2.34 28.98 -39.93
CA TYR A 279 -3.35 29.50 -39.01
C TYR A 279 -4.58 28.60 -38.99
N LEU A 280 -5.00 28.11 -40.16
CA LEU A 280 -6.15 27.23 -40.23
C LEU A 280 -5.89 25.93 -39.46
N LEU A 281 -4.73 25.32 -39.66
CA LEU A 281 -4.39 24.10 -38.93
C LEU A 281 -4.31 24.35 -37.43
N MET A 282 -3.75 25.49 -37.01
CA MET A 282 -3.68 25.77 -35.58
C MET A 282 -5.08 25.91 -34.98
N VAL A 283 -5.96 26.64 -35.65
CA VAL A 283 -7.33 26.82 -35.16
C VAL A 283 -8.06 25.49 -35.12
N THR A 284 -7.82 24.63 -36.13
CA THR A 284 -8.47 23.33 -36.15
C THR A 284 -7.97 22.43 -35.01
N MET A 285 -6.66 22.39 -34.79
CA MET A 285 -6.12 21.55 -33.72
C MET A 285 -6.59 22.04 -32.35
N SER A 286 -6.72 23.35 -32.18
CA SER A 286 -7.16 23.88 -30.90
C SER A 286 -8.63 23.61 -30.61
N THR A 287 -9.38 23.07 -31.58
CA THR A 287 -10.82 22.82 -31.44
C THR A 287 -11.58 24.12 -31.20
N VAL A 288 -11.07 25.23 -31.73
CA VAL A 288 -11.78 26.50 -31.62
C VAL A 288 -12.75 26.61 -32.80
N GLY A 289 -12.21 26.57 -34.01
CA GLY A 289 -13.05 26.55 -35.19
C GLY A 289 -13.82 27.83 -35.41
N TYR A 290 -13.12 28.92 -35.72
CA TYR A 290 -13.80 30.18 -36.00
C TYR A 290 -14.75 30.04 -37.17
N GLY A 291 -14.27 29.50 -38.29
CA GLY A 291 -15.05 29.40 -39.50
C GLY A 291 -14.81 30.50 -40.51
N ASP A 292 -13.84 31.39 -40.26
CA ASP A 292 -13.52 32.42 -41.25
C ASP A 292 -12.78 31.84 -42.44
N VAL A 293 -11.91 30.86 -42.21
CA VAL A 293 -11.21 30.16 -43.29
C VAL A 293 -11.41 28.66 -43.08
N TYR A 294 -11.66 27.94 -44.17
CA TYR A 294 -11.87 26.51 -44.11
C TYR A 294 -11.59 25.91 -45.47
N ALA A 295 -11.44 24.59 -45.50
CA ALA A 295 -11.19 23.87 -46.74
C ALA A 295 -12.49 23.70 -47.50
N LYS A 296 -12.44 23.95 -48.83
CA LYS A 296 -13.63 23.87 -49.66
C LYS A 296 -13.58 22.75 -50.69
N THR A 297 -12.41 22.19 -50.98
CA THR A 297 -12.29 21.13 -51.95
C THR A 297 -12.52 19.77 -51.29
N THR A 298 -12.87 18.78 -52.12
CA THR A 298 -13.17 17.45 -51.60
C THR A 298 -11.96 16.81 -50.94
N LEU A 299 -10.80 16.91 -51.59
CA LEU A 299 -9.58 16.34 -51.00
C LEU A 299 -9.21 17.04 -49.71
N GLY A 300 -9.35 18.37 -49.67
CA GLY A 300 -9.08 19.09 -48.44
C GLY A 300 -9.98 18.69 -47.31
N ARG A 301 -11.28 18.55 -47.58
CA ARG A 301 -12.22 18.13 -46.55
C ARG A 301 -11.93 16.71 -46.08
N LEU A 302 -11.59 15.82 -47.01
CA LEU A 302 -11.27 14.44 -46.62
C LEU A 302 -10.04 14.39 -45.72
N PHE A 303 -9.00 15.15 -46.09
CA PHE A 303 -7.80 15.20 -45.25
C PHE A 303 -8.10 15.81 -43.91
N MET A 304 -8.96 16.83 -43.86
CA MET A 304 -9.35 17.42 -42.58
C MET A 304 -10.07 16.39 -41.72
N VAL A 305 -10.96 15.60 -42.32
CA VAL A 305 -11.69 14.59 -41.58
C VAL A 305 -10.73 13.58 -40.97
N PHE A 306 -9.75 13.11 -41.74
CA PHE A 306 -8.81 12.14 -41.18
C PHE A 306 -7.82 12.77 -40.21
N PHE A 307 -7.49 14.05 -40.37
CA PHE A 307 -6.54 14.71 -39.47
C PHE A 307 -7.18 15.04 -38.13
N ILE A 308 -8.49 15.26 -38.11
CA ILE A 308 -9.17 15.56 -36.84
C ILE A 308 -9.07 14.38 -35.89
N LEU A 309 -8.97 13.16 -36.42
CA LEU A 309 -8.87 11.97 -35.58
C LEU A 309 -7.60 12.00 -34.72
N GLY A 310 -6.47 12.39 -35.32
CA GLY A 310 -5.20 12.29 -34.63
C GLY A 310 -4.62 13.58 -34.09
N GLY A 311 -4.67 14.65 -34.88
CA GLY A 311 -4.06 15.90 -34.47
C GLY A 311 -4.69 16.49 -33.22
N LEU A 312 -6.00 16.31 -33.05
CA LEU A 312 -6.67 16.82 -31.86
C LEU A 312 -6.12 16.15 -30.60
N ALA A 313 -5.97 14.82 -30.63
CA ALA A 313 -5.40 14.11 -29.49
C ALA A 313 -3.96 14.51 -29.25
N MET A 314 -3.19 14.68 -30.34
CA MET A 314 -1.79 15.08 -30.19
C MET A 314 -1.67 16.44 -29.52
N PHE A 315 -2.51 17.39 -29.95
CA PHE A 315 -2.50 18.71 -29.32
C PHE A 315 -2.95 18.63 -27.86
N ALA A 316 -3.97 17.82 -27.58
CA ALA A 316 -4.47 17.71 -26.21
C ALA A 316 -3.43 17.12 -25.28
N SER A 317 -2.59 16.21 -25.79
CA SER A 317 -1.64 15.54 -24.91
C SER A 317 -0.30 16.26 -24.80
N TYR A 318 0.23 16.78 -25.91
CA TYR A 318 1.60 17.30 -25.89
C TYR A 318 1.71 18.63 -25.18
N VAL A 319 0.77 19.55 -25.42
CA VAL A 319 0.93 20.93 -24.96
C VAL A 319 1.05 21.04 -23.44
N PRO A 320 0.16 20.44 -22.64
CA PRO A 320 0.35 20.53 -21.18
C PRO A 320 1.66 19.94 -20.71
N GLU A 321 2.12 18.85 -21.33
CA GLU A 321 3.38 18.25 -20.94
C GLU A 321 4.56 19.18 -21.20
N ILE A 322 4.58 19.83 -22.37
CA ILE A 322 5.63 20.80 -22.66
C ILE A 322 5.57 21.97 -21.68
N ILE A 323 4.36 22.45 -21.40
CA ILE A 323 4.19 23.58 -20.50
C ILE A 323 4.73 23.26 -19.12
N GLU A 324 4.45 22.05 -18.61
CA GLU A 324 4.93 21.68 -17.29
C GLU A 324 6.42 21.35 -17.30
N LEU A 325 6.95 20.83 -18.40
CA LEU A 325 8.39 20.61 -18.48
C LEU A 325 9.15 21.92 -18.41
N ILE A 326 8.66 22.95 -19.12
CA ILE A 326 9.19 24.28 -18.89
C ILE A 326 8.67 24.81 -17.55
N GLY A 327 9.40 25.78 -17.00
CA GLY A 327 9.02 26.35 -15.73
C GLY A 327 9.45 25.56 -14.51
N ASN A 328 10.12 24.43 -14.68
CA ASN A 328 10.71 23.68 -13.58
C ASN A 328 12.10 24.26 -13.32
N ARG A 329 12.23 25.04 -12.24
CA ARG A 329 13.45 25.76 -11.97
C ARG A 329 13.61 25.93 -10.47
N LYS A 330 14.86 26.17 -10.05
CA LYS A 330 15.17 26.37 -8.65
C LYS A 330 14.93 27.83 -8.30
N LYS A 331 13.87 28.08 -7.52
CA LYS A 331 13.54 29.45 -7.15
C LYS A 331 14.50 30.01 -6.12
N TYR A 332 14.96 29.18 -5.19
CA TYR A 332 15.75 29.64 -4.06
C TYR A 332 17.24 29.38 -4.21
N GLY A 333 17.68 28.89 -5.37
CA GLY A 333 19.11 28.81 -5.62
C GLY A 333 19.73 30.21 -5.63
N GLY A 334 20.94 30.30 -5.13
CA GLY A 334 21.63 31.57 -5.04
C GLY A 334 22.59 31.57 -3.87
N SER A 335 23.18 32.74 -3.63
CA SER A 335 24.20 32.89 -2.62
C SER A 335 23.90 34.12 -1.76
N TYR A 336 24.23 34.02 -0.47
CA TYR A 336 24.10 35.14 0.44
C TYR A 336 25.28 36.10 0.26
N SER A 337 25.01 37.38 0.41
CA SER A 337 26.03 38.41 0.29
C SER A 337 26.21 39.09 1.64
N ALA A 338 27.41 38.96 2.21
CA ALA A 338 27.67 39.52 3.52
C ALA A 338 27.69 41.05 3.47
N VAL A 339 27.27 41.66 4.58
CA VAL A 339 27.25 43.10 4.73
C VAL A 339 28.24 43.49 5.81
N SER A 340 29.14 44.41 5.49
CA SER A 340 30.16 44.83 6.45
C SER A 340 29.51 45.48 7.67
N GLY A 341 29.98 45.07 8.85
CA GLY A 341 29.47 45.63 10.09
C GLY A 341 28.17 45.01 10.58
N ARG A 342 27.70 43.94 9.95
CA ARG A 342 26.47 43.28 10.36
C ARG A 342 26.73 41.78 10.45
N LYS A 343 26.40 41.20 11.60
CA LYS A 343 26.58 39.76 11.79
C LYS A 343 25.39 38.98 11.26
N HIS A 344 25.62 37.71 10.98
CA HIS A 344 24.56 36.82 10.53
C HIS A 344 24.81 35.42 11.09
N ILE A 345 23.72 34.66 11.23
CA ILE A 345 23.79 33.30 11.73
C ILE A 345 23.11 32.36 10.73
N VAL A 346 23.43 31.08 10.83
CA VAL A 346 22.90 30.06 9.94
C VAL A 346 22.11 29.06 10.78
N VAL A 347 20.90 28.73 10.32
CA VAL A 347 20.03 27.79 11.02
C VAL A 347 19.75 26.63 10.09
N CYS A 348 19.96 25.41 10.59
CA CYS A 348 19.76 24.20 9.81
C CYS A 348 19.16 23.12 10.70
N GLY A 349 18.81 22.00 10.08
CA GLY A 349 18.26 20.88 10.82
C GLY A 349 16.82 20.57 10.46
N HIS A 350 15.97 20.42 11.47
CA HIS A 350 14.56 20.09 11.27
C HIS A 350 13.79 21.40 11.18
N ILE A 351 13.47 21.82 9.96
CA ILE A 351 12.87 23.13 9.70
C ILE A 351 11.46 22.90 9.18
N THR A 352 10.46 23.30 9.97
CA THR A 352 9.07 23.26 9.58
C THR A 352 8.42 24.57 10.00
N LEU A 353 7.15 24.74 9.62
CA LEU A 353 6.45 25.99 9.89
C LEU A 353 6.36 26.28 11.38
N GLU A 354 5.99 25.28 12.18
CA GLU A 354 5.81 25.49 13.61
C GLU A 354 7.12 25.86 14.28
N SER A 355 8.17 25.08 14.01
CA SER A 355 9.47 25.35 14.62
C SER A 355 10.02 26.70 14.20
N VAL A 356 9.90 27.03 12.92
CA VAL A 356 10.38 28.33 12.44
C VAL A 356 9.61 29.46 13.10
N SER A 357 8.28 29.34 13.19
CA SER A 357 7.48 30.40 13.79
C SER A 357 7.84 30.60 15.26
N ASN A 358 7.99 29.50 16.01
CA ASN A 358 8.35 29.63 17.42
C ASN A 358 9.73 30.23 17.59
N PHE A 359 10.71 29.77 16.79
CA PHE A 359 12.07 30.28 16.90
C PHE A 359 12.12 31.77 16.57
N LEU A 360 11.43 32.20 15.51
CA LEU A 360 11.41 33.60 15.17
C LEU A 360 10.71 34.44 16.24
N LYS A 361 9.60 33.93 16.77
CA LYS A 361 8.86 34.65 17.80
C LYS A 361 9.72 34.87 19.04
N ASP A 362 10.54 33.88 19.40
CA ASP A 362 11.42 34.06 20.54
C ASP A 362 12.64 34.92 20.21
N PHE A 363 13.20 34.77 19.01
CA PHE A 363 14.46 35.41 18.68
C PHE A 363 14.29 36.90 18.42
N LEU A 364 13.22 37.30 17.73
CA LEU A 364 13.02 38.69 17.35
C LEU A 364 12.06 39.42 18.29
N HIS A 365 11.99 39.00 19.55
CA HIS A 365 11.13 39.66 20.52
C HIS A 365 11.64 41.07 20.81
N LYS A 366 10.69 41.97 21.08
CA LYS A 366 11.02 43.38 21.29
C LYS A 366 11.60 43.66 22.67
N ASP A 367 11.40 42.76 23.63
CA ASP A 367 11.92 43.01 24.98
C ASP A 367 13.44 42.98 25.01
N ARG A 368 14.07 42.27 24.08
CA ARG A 368 15.52 42.29 23.99
C ARG A 368 16.01 43.66 23.52
N ASP A 369 17.27 43.95 23.84
CA ASP A 369 17.91 45.12 23.28
C ASP A 369 17.97 44.98 21.76
N ASP A 370 17.90 46.12 21.08
CA ASP A 370 17.81 46.11 19.62
C ASP A 370 18.97 45.32 19.01
N VAL A 371 18.61 44.37 18.14
CA VAL A 371 19.59 43.47 17.54
C VAL A 371 19.54 43.64 16.03
N ASN A 372 20.70 43.46 15.40
CA ASN A 372 20.83 43.65 13.97
C ASN A 372 21.33 42.39 13.26
N VAL A 373 21.34 41.25 13.93
CA VAL A 373 21.77 40.02 13.29
C VAL A 373 20.73 39.58 12.26
N GLU A 374 21.21 38.94 11.20
CA GLU A 374 20.36 38.48 10.11
C GLU A 374 20.36 36.96 10.10
N ILE A 375 19.19 36.36 9.92
CA ILE A 375 19.01 34.92 9.99
C ILE A 375 18.99 34.36 8.57
N VAL A 376 19.78 33.31 8.34
CA VAL A 376 19.92 32.69 7.02
C VAL A 376 19.59 31.21 7.19
N PHE A 377 18.39 30.81 6.80
CA PHE A 377 18.01 29.41 6.89
C PHE A 377 18.64 28.62 5.74
N LEU A 378 18.70 27.30 5.93
CA LEU A 378 19.29 26.41 4.94
C LEU A 378 18.63 25.03 5.11
N HIS A 379 17.70 24.69 4.23
CA HIS A 379 17.03 23.41 4.27
C HIS A 379 17.12 22.76 2.89
N ASN A 380 16.66 21.51 2.82
CA ASN A 380 16.74 20.73 1.58
C ASN A 380 15.42 20.64 0.85
N ILE A 381 14.30 20.99 1.49
CA ILE A 381 12.98 20.92 0.89
C ILE A 381 12.45 22.34 0.72
N SER A 382 11.92 22.63 -0.45
CA SER A 382 11.42 23.97 -0.72
C SER A 382 10.23 24.28 0.19
N PRO A 383 10.14 25.50 0.71
CA PRO A 383 9.06 25.82 1.64
C PRO A 383 7.71 25.89 0.95
N ASN A 384 6.67 25.72 1.75
CA ASN A 384 5.30 25.76 1.26
C ASN A 384 4.75 27.19 1.36
N LEU A 385 3.45 27.34 1.11
CA LEU A 385 2.87 28.68 0.98
C LEU A 385 2.87 29.43 2.31
N GLU A 386 2.52 28.76 3.41
CA GLU A 386 2.49 29.43 4.69
C GLU A 386 3.88 29.84 5.15
N LEU A 387 4.87 28.96 4.93
CA LEU A 387 6.25 29.32 5.27
C LEU A 387 6.74 30.50 4.43
N GLU A 388 6.39 30.51 3.14
CA GLU A 388 6.75 31.64 2.30
C GLU A 388 6.09 32.93 2.79
N ALA A 389 4.82 32.84 3.22
CA ALA A 389 4.14 34.00 3.76
C ALA A 389 4.81 34.51 5.03
N LEU A 390 5.26 33.59 5.89
CA LEU A 390 5.97 33.99 7.09
C LEU A 390 7.28 34.69 6.74
N PHE A 391 8.02 34.15 5.77
CA PHE A 391 9.25 34.81 5.33
C PHE A 391 8.95 36.19 4.75
N LYS A 392 7.83 36.34 4.04
CA LYS A 392 7.42 37.64 3.55
C LYS A 392 7.15 38.60 4.69
N ARG A 393 6.45 38.13 5.72
CA ARG A 393 6.19 38.95 6.90
C ARG A 393 7.48 39.31 7.63
N HIS A 394 8.55 38.55 7.45
CA HIS A 394 9.84 38.88 8.02
C HIS A 394 10.84 39.21 6.92
N PHE A 395 10.38 40.01 5.94
CA PHE A 395 11.14 40.26 4.72
C PHE A 395 12.53 40.84 5.00
N THR A 396 12.68 41.65 6.04
CA THR A 396 13.92 42.37 6.23
C THR A 396 15.00 41.57 6.93
N GLN A 397 14.64 40.67 7.84
CA GLN A 397 15.62 40.01 8.68
C GLN A 397 15.84 38.54 8.37
N VAL A 398 15.07 37.95 7.47
CA VAL A 398 15.11 36.51 7.23
C VAL A 398 15.33 36.25 5.74
N GLU A 399 16.24 35.32 5.45
CA GLU A 399 16.48 34.85 4.10
C GLU A 399 16.51 33.33 4.09
N PHE A 400 16.16 32.75 2.94
CA PHE A 400 16.09 31.30 2.80
C PHE A 400 16.93 30.88 1.60
N TYR A 401 17.57 29.73 1.73
CA TYR A 401 18.37 29.15 0.65
C TYR A 401 18.22 27.64 0.69
N GLN A 402 18.06 27.04 -0.49
CA GLN A 402 17.88 25.59 -0.60
C GLN A 402 19.23 24.92 -0.77
N GLY A 403 19.53 23.97 0.10
CA GLY A 403 20.81 23.29 0.04
C GLY A 403 20.90 22.22 1.11
N SER A 404 22.13 21.84 1.43
CA SER A 404 22.37 20.82 2.44
C SER A 404 23.70 21.11 3.12
N VAL A 405 23.75 20.88 4.43
CA VAL A 405 24.96 21.15 5.20
C VAL A 405 26.07 20.17 4.82
N LEU A 406 25.72 18.92 4.51
CA LEU A 406 26.72 17.91 4.21
C LEU A 406 27.46 18.19 2.91
N ASN A 407 26.93 19.05 2.05
CA ASN A 407 27.61 19.42 0.81
C ASN A 407 28.48 20.64 1.06
N PRO A 408 29.80 20.55 0.92
CA PRO A 408 30.66 21.69 1.27
C PRO A 408 30.54 22.89 0.33
N HIS A 409 29.70 22.83 -0.70
CA HIS A 409 29.48 24.00 -1.55
C HIS A 409 28.37 24.89 -1.03
N ASP A 410 27.35 24.33 -0.39
CA ASP A 410 26.30 25.16 0.20
C ASP A 410 26.84 26.01 1.35
N LEU A 411 27.78 25.47 2.12
CA LEU A 411 28.40 26.24 3.20
C LEU A 411 29.11 27.47 2.65
N ALA A 412 29.82 27.32 1.53
CA ALA A 412 30.42 28.47 0.88
C ALA A 412 29.36 29.38 0.27
N ARG A 413 28.23 28.81 -0.16
CA ARG A 413 27.15 29.61 -0.71
C ARG A 413 26.59 30.56 0.33
N VAL A 414 26.46 30.11 1.57
CA VAL A 414 25.86 30.94 2.61
C VAL A 414 26.94 31.68 3.40
N LYS A 415 28.15 31.74 2.85
CA LYS A 415 29.25 32.51 3.41
C LYS A 415 29.46 32.21 4.89
N ILE A 416 29.58 30.91 5.20
CA ILE A 416 29.73 30.50 6.59
C ILE A 416 31.11 30.81 7.15
N GLU A 417 32.09 31.13 6.29
CA GLU A 417 33.41 31.49 6.78
C GLU A 417 33.40 32.78 7.58
N SER A 418 32.40 33.64 7.38
CA SER A 418 32.20 34.83 8.20
C SER A 418 30.76 34.79 8.72
N ALA A 419 30.57 34.10 9.84
CA ALA A 419 29.27 33.96 10.46
C ALA A 419 29.45 33.91 11.97
N ASP A 420 28.48 34.46 12.69
CA ASP A 420 28.62 34.55 14.14
C ASP A 420 28.47 33.18 14.79
N ALA A 421 27.52 32.37 14.33
CA ALA A 421 27.27 31.06 14.92
C ALA A 421 26.45 30.24 13.93
N CYS A 422 26.16 29.00 14.32
CA CYS A 422 25.36 28.10 13.50
C CYS A 422 24.50 27.26 14.42
N LEU A 423 23.17 27.38 14.29
CA LEU A 423 22.23 26.71 15.16
C LEU A 423 21.64 25.49 14.44
N ILE A 424 21.50 24.39 15.17
CA ILE A 424 21.02 23.13 14.61
C ILE A 424 19.81 22.69 15.42
N LEU A 425 18.63 22.82 14.83
CA LEU A 425 17.41 22.33 15.47
C LEU A 425 17.33 20.81 15.35
N ALA A 426 16.50 20.21 16.20
CA ALA A 426 16.34 18.77 16.24
C ALA A 426 14.87 18.40 16.16
N ASN A 427 14.61 17.19 15.66
CA ASN A 427 13.25 16.67 15.53
C ASN A 427 12.95 15.89 16.81
N LYS A 428 12.24 16.54 17.74
CA LYS A 428 11.97 15.93 19.03
C LYS A 428 11.07 14.70 18.90
N TYR A 429 10.07 14.77 18.02
CA TYR A 429 9.09 13.69 17.88
C TYR A 429 9.53 12.70 16.80
N CYS A 430 10.73 12.15 17.00
CA CYS A 430 11.33 11.21 16.06
C CYS A 430 11.08 9.78 16.52
N ALA A 431 11.12 8.86 15.55
CA ALA A 431 10.89 7.45 15.85
C ALA A 431 12.08 6.84 16.60
N ASP A 432 13.30 7.14 16.17
CA ASP A 432 14.50 6.61 16.81
C ASP A 432 15.39 7.75 17.25
N PRO A 433 15.53 7.99 18.57
CA PRO A 433 16.36 9.11 19.03
C PRO A 433 17.82 9.02 18.62
N ASP A 434 18.36 7.81 18.52
CA ASP A 434 19.79 7.65 18.24
C ASP A 434 20.14 8.11 16.83
N ALA A 435 19.28 7.83 15.86
CA ALA A 435 19.55 8.21 14.48
C ALA A 435 19.63 9.73 14.33
N GLU A 436 18.72 10.45 14.97
CA GLU A 436 18.75 11.91 14.92
C GLU A 436 20.03 12.44 15.53
N ASP A 437 20.45 11.86 16.66
CA ASP A 437 21.69 12.28 17.30
C ASP A 437 22.88 12.04 16.38
N ALA A 438 22.92 10.89 15.71
CA ALA A 438 24.02 10.60 14.80
C ALA A 438 24.03 11.59 13.63
N SER A 439 22.85 11.91 13.09
CA SER A 439 22.78 12.87 12.00
C SER A 439 23.29 14.23 12.43
N ASN A 440 22.91 14.66 13.65
CA ASN A 440 23.41 15.95 14.14
C ASN A 440 24.93 15.91 14.33
N ILE A 441 25.46 14.78 14.80
CA ILE A 441 26.91 14.65 14.92
C ILE A 441 27.58 14.80 13.56
N MET A 442 27.01 14.17 12.52
CA MET A 442 27.58 14.28 11.18
C MET A 442 27.56 15.72 10.69
N ARG A 443 26.44 16.43 10.92
CA ARG A 443 26.38 17.83 10.51
C ARG A 443 27.44 18.66 11.24
N VAL A 444 27.61 18.42 12.54
CA VAL A 444 28.63 19.13 13.30
C VAL A 444 30.01 18.84 12.73
N ILE A 445 30.29 17.58 12.39
CA ILE A 445 31.58 17.22 11.81
C ILE A 445 31.81 17.99 10.52
N SER A 446 30.80 18.03 9.66
CA SER A 446 30.96 18.72 8.38
C SER A 446 31.22 20.20 8.58
N ILE A 447 30.46 20.84 9.49
CA ILE A 447 30.62 22.28 9.70
C ILE A 447 32.01 22.58 10.27
N LYS A 448 32.42 21.82 11.28
CA LYS A 448 33.72 22.07 11.89
C LYS A 448 34.86 21.75 10.93
N ASN A 449 34.66 20.80 10.03
CA ASN A 449 35.65 20.53 8.99
C ASN A 449 35.79 21.72 8.06
N TYR A 450 34.67 22.30 7.62
CA TYR A 450 34.76 23.43 6.71
C TYR A 450 35.39 24.63 7.40
N HIS A 451 35.00 24.92 8.63
CA HIS A 451 35.52 26.08 9.37
C HIS A 451 35.69 25.69 10.83
N PRO A 452 36.93 25.53 11.29
CA PRO A 452 37.14 25.04 12.67
C PRO A 452 36.69 26.01 13.76
N LYS A 453 36.92 27.31 13.56
CA LYS A 453 36.64 28.30 14.61
C LYS A 453 35.27 28.93 14.35
N ILE A 454 34.23 28.17 14.66
CA ILE A 454 32.85 28.64 14.57
C ILE A 454 32.08 28.15 15.79
N ARG A 455 31.19 28.98 16.31
CA ARG A 455 30.38 28.61 17.46
C ARG A 455 29.16 27.83 16.99
N ILE A 456 28.91 26.69 17.62
CA ILE A 456 27.82 25.79 17.22
C ILE A 456 26.96 25.49 18.44
N ILE A 457 25.64 25.54 18.24
CA ILE A 457 24.67 25.22 19.27
C ILE A 457 23.76 24.12 18.74
N THR A 458 23.61 23.05 19.51
CA THR A 458 22.96 21.85 19.03
C THR A 458 22.02 21.31 20.11
N GLN A 459 20.98 20.60 19.68
CA GLN A 459 20.08 19.89 20.58
C GLN A 459 20.37 18.40 20.50
N MET A 460 20.48 17.77 21.66
CA MET A 460 20.72 16.33 21.76
C MET A 460 19.56 15.69 22.49
N LEU A 461 19.10 14.55 21.99
CA LEU A 461 17.94 13.89 22.58
C LEU A 461 18.30 12.94 23.71
N GLN A 462 19.47 12.31 23.65
CA GLN A 462 19.89 11.36 24.67
C GLN A 462 21.16 11.86 25.34
N TYR A 463 21.27 11.57 26.63
CA TYR A 463 22.42 12.08 27.40
C TYR A 463 23.71 11.37 27.01
N HIS A 464 23.65 10.07 26.78
CA HIS A 464 24.88 9.32 26.52
C HIS A 464 25.49 9.66 25.17
N ASN A 465 24.73 10.30 24.27
CA ASN A 465 25.28 10.73 22.99
C ASN A 465 25.99 12.07 23.07
N LYS A 466 25.95 12.75 24.22
CA LYS A 466 26.65 14.02 24.36
C LYS A 466 28.17 13.81 24.37
N ALA A 467 28.62 12.63 24.79
CA ALA A 467 30.06 12.37 24.84
C ALA A 467 30.68 12.31 23.45
N HIS A 468 29.90 11.91 22.45
CA HIS A 468 30.43 11.80 21.10
C HIS A 468 30.89 13.16 20.56
N LEU A 469 30.32 14.25 21.06
CA LEU A 469 30.74 15.57 20.62
C LEU A 469 32.15 15.90 21.07
N LEU A 470 32.57 15.38 22.23
CA LEU A 470 33.93 15.60 22.68
C LEU A 470 34.96 14.91 21.80
N ASN A 471 34.55 13.90 21.03
CA ASN A 471 35.48 13.20 20.15
C ASN A 471 35.90 14.06 18.97
N ILE A 472 35.14 15.11 18.65
CA ILE A 472 35.54 16.00 17.57
C ILE A 472 36.82 16.74 17.97
N PRO A 473 37.88 16.69 17.17
CA PRO A 473 39.14 17.35 17.59
C PRO A 473 39.04 18.85 17.73
N SER A 474 38.05 19.49 17.10
CA SER A 474 37.94 20.95 17.10
C SER A 474 36.73 21.44 17.87
N TRP A 475 36.12 20.59 18.70
CA TRP A 475 34.97 20.97 19.52
C TRP A 475 35.49 21.51 20.83
N ASN A 476 35.49 22.84 20.97
CA ASN A 476 35.99 23.52 22.16
C ASN A 476 34.80 24.12 22.89
N TRP A 477 34.44 23.51 24.03
CA TRP A 477 33.35 24.02 24.84
C TRP A 477 33.77 25.15 25.77
N LYS A 478 35.06 25.39 25.93
CA LYS A 478 35.51 26.47 26.80
C LYS A 478 35.24 27.83 26.17
N GLU A 479 35.47 27.96 24.86
CA GLU A 479 35.24 29.21 24.16
C GLU A 479 33.80 29.33 23.65
N GLY A 480 32.97 28.34 23.90
CA GLY A 480 31.56 28.39 23.54
C GLY A 480 31.18 27.43 22.45
N ASP A 481 30.68 26.26 22.86
CA ASP A 481 30.09 25.29 21.95
C ASP A 481 29.15 24.44 22.80
N ASP A 482 27.86 24.71 22.71
CA ASP A 482 26.87 24.21 23.67
C ASP A 482 26.01 23.13 23.03
N ALA A 483 25.82 22.04 23.77
CA ALA A 483 24.85 21.01 23.42
C ALA A 483 23.76 21.01 24.48
N ILE A 484 22.51 21.14 24.03
CA ILE A 484 21.37 21.26 24.92
C ILE A 484 20.68 19.89 24.95
N CYS A 485 20.94 19.12 26.01
CA CYS A 485 20.33 17.81 26.17
C CYS A 485 18.93 17.99 26.74
N LEU A 486 17.92 17.54 25.99
CA LEU A 486 16.54 17.76 26.39
C LEU A 486 16.14 16.86 27.56
N ALA A 487 16.52 15.58 27.50
CA ALA A 487 16.13 14.66 28.56
C ALA A 487 16.75 15.05 29.90
N GLU A 488 18.03 15.43 29.89
CA GLU A 488 18.70 15.82 31.12
C GLU A 488 18.01 17.02 31.76
N LEU A 489 17.74 18.05 30.96
CA LEU A 489 17.12 19.26 31.50
C LEU A 489 15.70 18.99 31.98
N LYS A 490 14.94 18.19 31.23
CA LYS A 490 13.57 17.86 31.63
C LYS A 490 13.56 17.13 32.97
N LEU A 491 14.38 16.08 33.09
CA LEU A 491 14.41 15.32 34.34
C LEU A 491 14.95 16.16 35.49
N GLY A 492 15.90 17.08 35.22
CA GLY A 492 16.36 17.96 36.26
C GLY A 492 15.29 18.92 36.73
N PHE A 493 14.49 19.45 35.80
CA PHE A 493 13.37 20.30 36.18
C PHE A 493 12.38 19.54 37.06
N ILE A 494 12.06 18.30 36.67
CA ILE A 494 11.12 17.50 37.46
C ILE A 494 11.69 17.25 38.86
N ALA A 495 12.98 16.87 38.93
CA ALA A 495 13.60 16.59 40.22
C ALA A 495 13.64 17.84 41.10
N GLN A 496 13.86 19.01 40.49
CA GLN A 496 13.83 20.25 41.26
C GLN A 496 12.42 20.55 41.75
N SER A 497 11.40 20.22 40.95
CA SER A 497 10.02 20.35 41.42
C SER A 497 9.75 19.41 42.58
N CYS A 498 10.46 18.28 42.65
CA CYS A 498 10.27 17.37 43.77
C CYS A 498 10.64 18.04 45.09
N LEU A 499 11.71 18.84 45.09
CA LEU A 499 12.11 19.52 46.32
C LEU A 499 11.17 20.67 46.65
N ALA A 500 10.76 21.43 45.63
CA ALA A 500 9.86 22.57 45.83
C ALA A 500 8.90 22.60 44.65
N GLN A 501 7.61 22.41 44.93
CA GLN A 501 6.61 22.33 43.87
C GLN A 501 6.47 23.68 43.17
N GLY A 502 6.24 23.63 41.86
CA GLY A 502 6.13 24.82 41.04
C GLY A 502 7.44 25.36 40.51
N LEU A 503 8.57 24.78 40.91
CA LEU A 503 9.85 25.31 40.46
C LEU A 503 10.06 25.09 38.97
N SER A 504 9.57 23.98 38.42
CA SER A 504 9.71 23.75 36.98
C SER A 504 8.96 24.81 36.19
N THR A 505 7.73 25.10 36.59
CA THR A 505 6.96 26.09 35.85
C THR A 505 7.45 27.51 36.12
N MET A 506 8.14 27.75 37.23
CA MET A 506 8.79 29.04 37.41
C MET A 506 10.02 29.17 36.50
N LEU A 507 10.85 28.13 36.44
CA LEU A 507 12.08 28.21 35.67
C LEU A 507 11.80 28.23 34.17
N ALA A 508 10.81 27.45 33.71
CA ALA A 508 10.50 27.44 32.29
C ALA A 508 9.90 28.75 31.81
N ASN A 509 9.43 29.60 32.73
CA ASN A 509 8.89 30.91 32.36
C ASN A 509 9.94 32.00 32.34
N LEU A 510 11.15 31.72 32.82
CA LEU A 510 12.22 32.71 32.82
C LEU A 510 12.98 32.74 31.50
N PHE A 511 12.70 31.81 30.59
CA PHE A 511 13.41 31.73 29.33
C PHE A 511 12.52 31.96 28.12
N SER A 512 11.24 32.27 28.32
CA SER A 512 10.34 32.63 27.24
C SER A 512 10.14 34.14 27.27
N MET A 513 10.39 34.78 26.13
CA MET A 513 10.32 36.24 26.05
C MET A 513 8.86 36.64 25.93
N ARG A 514 8.33 37.28 26.97
CA ARG A 514 6.93 37.68 27.00
C ARG A 514 6.82 39.11 27.54
N SER A 515 5.80 39.81 27.08
CA SER A 515 5.55 41.19 27.49
C SER A 515 4.46 41.25 28.55
N PHE A 516 4.34 42.40 29.18
CA PHE A 516 3.37 42.58 30.25
C PHE A 516 1.96 42.59 29.69
N ILE A 517 1.08 41.79 30.29
CA ILE A 517 -0.33 41.74 29.94
C ILE A 517 -1.14 42.17 31.16
N LYS A 518 -1.98 43.18 30.99
CA LYS A 518 -2.78 43.73 32.07
C LYS A 518 -4.25 43.42 31.81
N ILE A 519 -4.91 42.84 32.81
CA ILE A 519 -6.34 42.55 32.74
C ILE A 519 -7.03 43.19 33.94
N GLU A 520 -8.32 43.43 33.81
CA GLU A 520 -9.10 44.19 34.77
C GLU A 520 -9.82 43.31 35.78
N GLU A 521 -10.51 42.27 35.32
CA GLU A 521 -11.24 41.40 36.22
C GLU A 521 -10.27 40.70 37.17
N ASP A 522 -10.75 40.48 38.41
CA ASP A 522 -9.89 39.99 39.48
C ASP A 522 -9.94 38.46 39.52
N THR A 523 -9.06 37.87 38.71
CA THR A 523 -8.84 36.42 38.69
C THR A 523 -7.39 36.14 39.03
N TRP A 524 -7.03 34.84 39.05
CA TRP A 524 -5.64 34.49 39.33
C TRP A 524 -4.76 34.78 38.13
N GLN A 525 -5.33 34.82 36.93
CA GLN A 525 -4.57 35.21 35.74
C GLN A 525 -3.99 36.61 35.90
N LYS A 526 -4.67 37.48 36.65
CA LYS A 526 -4.20 38.85 36.81
C LYS A 526 -2.82 38.89 37.46
N TYR A 527 -2.59 38.05 38.46
CA TYR A 527 -1.29 38.00 39.11
C TYR A 527 -0.32 37.08 38.36
N TYR A 528 -0.82 35.99 37.78
CA TYR A 528 0.06 35.07 37.08
C TYR A 528 0.70 35.74 35.86
N LEU A 529 -0.06 36.54 35.13
CA LEU A 529 0.48 37.21 33.94
C LEU A 529 1.44 38.31 34.31
N GLU A 530 1.23 38.97 35.45
CA GLU A 530 2.24 39.91 35.95
C GLU A 530 3.52 39.18 36.33
N GLY A 531 3.38 37.98 36.91
CA GLY A 531 4.57 37.21 37.28
C GLY A 531 5.37 36.76 36.09
N VAL A 532 4.69 36.25 35.05
CA VAL A 532 5.39 35.63 33.93
C VAL A 532 6.05 36.66 33.04
N SER A 533 5.83 37.95 33.33
CA SER A 533 6.41 39.00 32.50
C SER A 533 7.93 39.06 32.58
N ASN A 534 8.52 38.53 33.64
CA ASN A 534 9.96 38.64 33.85
C ASN A 534 10.73 37.64 33.01
N GLU A 535 11.95 38.01 32.65
CA GLU A 535 12.94 37.13 32.06
C GLU A 535 14.25 37.32 32.80
N MET A 536 15.25 36.52 32.45
CA MET A 536 16.55 36.55 33.12
C MET A 536 17.61 37.04 32.15
N TYR A 537 18.31 38.10 32.53
CA TYR A 537 19.35 38.73 31.73
C TYR A 537 20.66 38.72 32.51
N THR A 538 21.70 39.29 31.90
CA THR A 538 22.99 39.39 32.56
C THR A 538 23.74 40.61 32.04
N GLU A 539 24.48 41.26 32.93
CA GLU A 539 25.25 42.44 32.55
C GLU A 539 26.27 42.71 33.65
N TYR A 540 27.29 43.50 33.30
CA TYR A 540 28.36 43.81 34.22
C TYR A 540 27.88 44.79 35.29
N LEU A 541 28.71 44.97 36.32
CA LEU A 541 28.38 45.81 37.46
C LEU A 541 29.22 47.08 37.43
N SER A 542 28.61 48.20 37.83
CA SER A 542 29.31 49.47 37.87
C SER A 542 30.35 49.47 38.98
N SER A 543 31.23 50.47 38.95
CA SER A 543 32.30 50.58 39.93
C SER A 543 31.80 50.94 41.32
N ALA A 544 30.53 51.31 41.46
CA ALA A 544 29.99 51.60 42.78
C ALA A 544 29.91 50.36 43.67
N PHE A 545 30.04 49.16 43.11
CA PHE A 545 29.91 47.92 43.84
C PHE A 545 31.23 47.17 43.97
N VAL A 546 32.34 47.88 44.05
CA VAL A 546 33.65 47.23 44.03
C VAL A 546 33.92 46.54 45.37
N GLY A 547 34.04 47.31 46.44
CA GLY A 547 34.41 46.76 47.73
C GLY A 547 33.24 46.46 48.63
N LEU A 548 32.23 45.76 48.12
CA LEU A 548 31.02 45.48 48.88
C LEU A 548 30.69 44.00 48.81
N SER A 549 30.02 43.51 49.85
CA SER A 549 29.64 42.11 49.93
C SER A 549 28.37 41.83 49.13
N PHE A 550 28.23 40.57 48.71
CA PHE A 550 27.10 40.20 47.87
C PHE A 550 25.74 40.47 48.51
N PRO A 551 25.49 40.14 49.79
CA PRO A 551 24.17 40.48 50.37
C PRO A 551 23.88 41.97 50.34
N THR A 552 24.87 42.80 50.68
CA THR A 552 24.67 44.24 50.65
C THR A 552 24.39 44.74 49.24
N VAL A 553 25.14 44.22 48.26
CA VAL A 553 24.92 44.64 46.87
C VAL A 553 23.52 44.22 46.41
N CYS A 554 23.11 42.99 46.75
CA CYS A 554 21.79 42.53 46.33
C CYS A 554 20.68 43.35 46.97
N GLU A 555 20.80 43.65 48.26
CA GLU A 555 19.80 44.47 48.93
C GLU A 555 19.75 45.87 48.33
N LEU A 556 20.91 46.46 48.06
CA LEU A 556 20.96 47.78 47.44
C LEU A 556 20.30 47.75 46.07
N CYS A 557 20.64 46.74 45.25
CA CYS A 557 20.05 46.63 43.93
C CYS A 557 18.54 46.54 44.02
N PHE A 558 18.03 45.62 44.84
CA PHE A 558 16.59 45.48 45.01
C PHE A 558 15.95 46.81 45.40
N VAL A 559 16.34 47.34 46.56
CA VAL A 559 15.65 48.49 47.13
C VAL A 559 15.72 49.70 46.19
N LYS A 560 16.91 49.99 45.67
CA LYS A 560 17.07 51.19 44.86
C LYS A 560 16.60 50.98 43.43
N LEU A 561 17.23 50.05 42.71
CA LEU A 561 17.03 49.93 41.27
C LEU A 561 15.84 49.05 40.90
N LYS A 562 15.18 48.42 41.88
CA LYS A 562 14.07 47.51 41.61
C LYS A 562 14.49 46.38 40.65
N LEU A 563 15.63 45.78 40.96
CA LEU A 563 16.14 44.63 40.22
C LEU A 563 16.48 43.53 41.20
N LEU A 564 16.27 42.28 40.77
CA LEU A 564 16.59 41.11 41.57
C LEU A 564 17.83 40.46 40.99
N MET A 565 18.94 40.53 41.72
CA MET A 565 20.20 39.92 41.31
C MET A 565 20.30 38.55 41.96
N ILE A 566 20.19 37.50 41.13
CA ILE A 566 20.12 36.15 41.68
C ILE A 566 21.52 35.57 41.91
N ALA A 567 22.44 35.78 40.97
CA ALA A 567 23.74 35.13 41.05
C ALA A 567 24.77 35.93 40.27
N ILE A 568 26.04 35.67 40.57
CA ILE A 568 27.16 36.28 39.88
C ILE A 568 28.14 35.19 39.47
N GLU A 569 29.00 35.52 38.51
CA GLU A 569 30.11 34.65 38.13
C GLU A 569 31.42 35.33 38.50
N TYR A 570 32.30 34.57 39.13
CA TYR A 570 33.50 35.11 39.78
C TYR A 570 34.67 34.98 38.81
N LYS A 571 35.09 36.10 38.24
CA LYS A 571 36.18 36.09 37.28
C LYS A 571 37.49 35.71 37.96
N SER A 572 38.24 34.80 37.34
CA SER A 572 39.49 34.30 37.88
C SER A 572 40.29 33.73 36.72
N ALA A 573 41.31 32.93 37.04
CA ALA A 573 42.04 32.20 35.99
C ALA A 573 41.06 31.39 35.14
N ASN A 574 40.05 30.81 35.76
CA ASN A 574 38.94 30.19 35.07
C ASN A 574 37.63 30.68 35.69
N ARG A 575 36.62 30.85 34.84
CA ARG A 575 35.35 31.40 35.30
C ARG A 575 34.61 30.41 36.18
N GLU A 576 33.84 30.94 37.13
CA GLU A 576 33.06 30.14 38.05
C GLU A 576 31.89 30.98 38.54
N SER A 577 30.70 30.38 38.55
CA SER A 577 29.47 31.07 38.92
C SER A 577 29.01 30.64 40.30
N ARG A 578 28.72 31.62 41.16
CA ARG A 578 28.21 31.39 42.50
C ARG A 578 26.73 31.72 42.52
N ILE A 579 25.92 30.80 43.06
CA ILE A 579 24.47 30.99 43.04
C ILE A 579 24.07 32.05 44.06
N LEU A 580 24.35 31.81 45.33
CA LEU A 580 24.08 32.78 46.39
C LEU A 580 25.25 32.77 47.35
N ILE A 581 25.59 33.94 47.87
CA ILE A 581 26.84 34.13 48.60
C ILE A 581 26.55 34.71 49.97
N ASN A 582 27.17 34.14 51.00
CA ASN A 582 27.10 34.69 52.34
C ASN A 582 28.09 35.84 52.49
N PRO A 583 27.82 36.79 53.39
CA PRO A 583 28.70 37.95 53.53
C PRO A 583 30.08 37.56 54.04
N GLY A 584 31.07 38.32 53.61
CA GLY A 584 32.44 38.09 54.03
C GLY A 584 33.15 37.02 53.24
N ASN A 585 32.41 35.97 52.85
CA ASN A 585 33.01 34.88 52.10
C ASN A 585 33.51 35.35 50.74
N HIS A 586 32.73 36.18 50.05
CA HIS A 586 33.10 36.67 48.73
C HIS A 586 32.80 38.16 48.63
N LEU A 587 33.86 38.95 48.53
CA LEU A 587 33.72 40.36 48.16
C LEU A 587 33.88 40.49 46.66
N LYS A 588 33.26 41.52 46.09
CA LYS A 588 33.31 41.71 44.65
C LYS A 588 34.74 41.98 44.20
N ILE A 589 35.28 41.07 43.37
CA ILE A 589 36.66 41.19 42.93
C ILE A 589 36.86 42.34 41.96
N GLN A 590 35.77 42.94 41.48
CA GLN A 590 35.79 44.15 40.65
C GLN A 590 36.28 43.84 39.23
N GLU A 591 36.73 42.61 39.01
CA GLU A 591 37.25 42.22 37.70
C GLU A 591 36.11 41.93 36.72
N GLY A 592 35.29 42.97 36.50
CA GLY A 592 34.16 42.86 35.62
C GLY A 592 33.20 41.75 36.03
N THR A 593 32.87 41.70 37.32
CA THR A 593 31.98 40.67 37.82
C THR A 593 30.65 40.70 37.08
N LEU A 594 30.31 39.59 36.44
CA LEU A 594 29.10 39.49 35.64
C LEU A 594 27.97 39.00 36.52
N GLY A 595 26.91 39.79 36.63
CA GLY A 595 25.78 39.46 37.47
C GLY A 595 24.57 39.02 36.65
N PHE A 596 23.77 38.15 37.25
CA PHE A 596 22.56 37.64 36.63
C PHE A 596 21.36 38.29 37.29
N PHE A 597 20.46 38.83 36.48
CA PHE A 597 19.33 39.60 36.98
C PHE A 597 18.03 39.05 36.42
N ILE A 598 16.95 39.30 37.16
CA ILE A 598 15.59 39.03 36.70
C ILE A 598 14.86 40.35 36.61
N ALA A 599 14.36 40.67 35.41
CA ALA A 599 13.75 41.96 35.17
C ALA A 599 12.82 41.86 33.97
N SER A 600 12.09 42.94 33.72
CA SER A 600 11.12 42.95 32.63
C SER A 600 11.81 42.94 31.27
N ASP A 601 12.91 43.67 31.13
CA ASP A 601 13.62 43.74 29.86
C ASP A 601 15.03 44.27 30.10
N ALA A 602 15.84 44.23 29.04
CA ALA A 602 17.24 44.60 29.15
C ALA A 602 17.41 46.08 29.48
N LYS A 603 16.47 46.92 29.06
CA LYS A 603 16.58 48.35 29.33
C LYS A 603 16.66 48.62 30.83
N GLU A 604 15.86 47.92 31.63
CA GLU A 604 15.95 48.07 33.07
C GLU A 604 17.26 47.50 33.62
N VAL A 605 17.75 46.41 33.03
CA VAL A 605 19.00 45.82 33.48
C VAL A 605 20.16 46.78 33.24
N LYS A 606 20.07 47.62 32.21
CA LYS A 606 21.15 48.54 31.88
C LYS A 606 21.44 49.55 32.98
N ARG A 607 20.51 49.71 33.93
CA ARG A 607 20.73 50.66 35.02
C ARG A 607 21.93 50.25 35.87
N ALA A 608 22.12 48.95 36.09
CA ALA A 608 23.17 48.48 36.99
C ALA A 608 24.56 48.90 36.50
N PHE A 609 24.74 48.98 35.18
CA PHE A 609 26.05 49.38 34.66
C PHE A 609 26.28 50.88 34.79
N PHE A 610 25.21 51.68 34.68
CA PHE A 610 25.31 53.13 34.70
C PHE A 610 25.15 53.72 36.09
N TYR A 611 25.02 52.90 37.13
CA TYR A 611 24.76 53.43 38.46
C TYR A 611 25.97 54.17 38.98
N CYS A 612 25.79 55.47 39.22
CA CYS A 612 26.81 56.31 39.86
C CYS A 612 26.33 56.65 41.26
N LYS A 613 27.16 56.32 42.25
CA LYS A 613 26.73 56.45 43.65
C LYS A 613 26.44 57.90 44.01
N ALA A 614 27.40 58.80 43.74
CA ALA A 614 27.23 60.19 44.15
C ALA A 614 26.07 60.86 43.42
N CYS A 615 25.91 60.56 42.13
CA CYS A 615 24.89 61.25 41.33
C CYS A 615 23.50 60.75 41.66
N HIS A 616 23.32 59.44 41.82
CA HIS A 616 22.00 58.83 41.85
C HIS A 616 21.52 58.45 43.26
N ASP A 617 22.17 58.96 44.31
CA ASP A 617 21.68 58.67 45.66
C ASP A 617 20.29 59.26 45.89
N ASP A 618 20.06 60.48 45.40
CA ASP A 618 18.79 61.15 45.67
C ASP A 618 17.64 60.55 44.88
N ILE A 619 17.90 60.05 43.67
CA ILE A 619 16.84 59.61 42.78
C ILE A 619 16.19 58.36 43.37
N THR A 620 14.97 58.50 43.87
CA THR A 620 14.24 57.37 44.41
C THR A 620 13.70 56.46 43.32
N ASP A 621 13.16 57.04 42.25
CA ASP A 621 12.53 56.25 41.21
C ASP A 621 13.56 55.43 40.45
N PRO A 622 13.22 54.21 40.03
CA PRO A 622 14.14 53.46 39.17
C PRO A 622 14.42 54.16 37.85
N LYS A 623 13.47 54.94 37.35
CA LYS A 623 13.70 55.72 36.14
C LYS A 623 14.64 56.89 36.45
N ARG A 624 14.96 57.65 35.40
CA ARG A 624 15.85 58.81 35.46
C ARG A 624 17.27 58.45 35.85
N ILE A 625 17.60 57.16 35.94
CA ILE A 625 18.96 56.72 36.24
C ILE A 625 19.69 56.59 34.90
N LYS A 626 20.52 57.56 34.57
CA LYS A 626 21.27 57.57 33.33
C LYS A 626 22.66 58.10 33.60
N LYS A 627 23.57 57.81 32.67
CA LYS A 627 24.97 58.22 32.78
C LYS A 627 25.09 59.74 32.86
N VAL A 741 35.43 5.16 55.66
CA VAL A 741 34.58 4.50 54.68
C VAL A 741 34.16 5.53 53.65
N LYS A 742 34.24 5.17 52.36
CA LYS A 742 33.89 6.07 51.28
C LYS A 742 32.39 6.36 51.33
N LYS A 743 32.03 7.60 51.64
CA LYS A 743 30.63 8.01 51.73
C LYS A 743 30.20 8.93 50.61
N TYR A 744 31.08 9.81 50.13
CA TYR A 744 30.74 10.76 49.09
C TYR A 744 31.30 10.29 47.75
N ASP A 745 31.16 11.13 46.73
CA ASP A 745 31.61 10.83 45.39
C ASP A 745 33.11 11.11 45.26
N SER A 746 33.67 10.74 44.10
CA SER A 746 35.07 11.00 43.83
C SER A 746 35.36 12.50 43.85
N THR A 747 34.48 13.30 43.25
CA THR A 747 34.60 14.75 43.29
C THR A 747 33.98 15.35 44.54
N GLY A 748 33.36 14.53 45.39
CA GLY A 748 32.77 15.03 46.61
C GLY A 748 31.58 15.94 46.41
N MET A 749 30.69 15.60 45.48
CA MET A 749 29.51 16.42 45.21
C MET A 749 28.22 15.62 45.20
N PHE A 750 28.26 14.34 45.52
CA PHE A 750 27.06 13.53 45.63
C PHE A 750 27.26 12.48 46.71
N HIS A 751 26.13 11.99 47.25
CA HIS A 751 26.19 10.90 48.21
C HIS A 751 26.47 9.59 47.49
N TRP A 752 27.12 8.68 48.20
CA TRP A 752 27.61 7.45 47.58
C TRP A 752 27.49 6.31 48.58
N CYS A 753 27.41 5.09 48.05
CA CYS A 753 27.29 3.90 48.89
C CYS A 753 27.82 2.71 48.12
N ALA A 754 28.12 1.64 48.86
CA ALA A 754 28.63 0.43 48.24
C ALA A 754 27.58 -0.17 47.31
N PRO A 755 28.01 -0.75 46.19
CA PRO A 755 27.04 -1.30 45.23
C PRO A 755 26.18 -2.40 45.85
N LYS A 756 24.90 -2.41 45.45
CA LYS A 756 23.94 -3.39 45.94
C LYS A 756 23.27 -4.06 44.74
N GLU A 757 23.10 -5.38 44.84
CA GLU A 757 22.42 -6.11 43.78
C GLU A 757 20.92 -5.82 43.82
N ILE A 758 20.27 -6.04 42.67
CA ILE A 758 18.89 -5.60 42.52
C ILE A 758 17.95 -6.37 43.44
N GLU A 759 18.23 -7.65 43.69
CA GLU A 759 17.33 -8.47 44.50
C GLU A 759 17.28 -8.02 45.95
N LYS A 760 18.26 -7.24 46.42
CA LYS A 760 18.26 -6.80 47.81
C LYS A 760 17.39 -5.58 48.05
N VAL A 761 16.85 -4.96 47.02
CA VAL A 761 15.98 -3.80 47.18
C VAL A 761 14.56 -4.04 46.69
N ILE A 762 14.29 -5.15 46.01
CA ILE A 762 12.95 -5.44 45.53
C ILE A 762 12.03 -5.71 46.70
N LEU A 763 10.84 -5.13 46.66
CA LEU A 763 9.81 -5.34 47.68
C LEU A 763 8.63 -6.09 47.09
N THR A 764 7.73 -6.51 47.98
CA THR A 764 6.45 -7.10 47.57
C THR A 764 5.33 -6.34 48.27
N ARG A 765 4.12 -6.53 47.75
CA ARG A 765 2.98 -5.75 48.23
C ARG A 765 2.78 -5.93 49.74
N SER A 766 2.84 -7.17 50.22
CA SER A 766 2.75 -7.40 51.65
C SER A 766 3.98 -6.85 52.37
N GLU A 767 5.17 -7.03 51.79
CA GLU A 767 6.39 -6.58 52.44
C GLU A 767 6.42 -5.07 52.60
N ALA A 768 5.97 -4.34 51.57
CA ALA A 768 5.98 -2.88 51.62
C ALA A 768 5.05 -2.33 52.68
N ALA A 769 4.06 -3.12 53.13
CA ALA A 769 3.13 -2.62 54.13
C ALA A 769 3.82 -2.34 55.46
N MET A 770 4.72 -3.23 55.89
CA MET A 770 5.41 -3.02 57.17
C MET A 770 6.27 -1.77 57.14
N THR A 771 6.99 -1.55 56.04
CA THR A 771 7.80 -0.34 55.91
C THR A 771 6.91 0.89 55.97
N VAL A 772 7.29 1.84 56.81
CA VAL A 772 6.52 3.08 56.97
C VAL A 772 7.27 4.17 56.22
N LEU A 773 6.65 4.68 55.16
CA LEU A 773 7.25 5.69 54.30
C LEU A 773 6.48 6.98 54.42
N SER A 774 7.18 8.07 54.74
CA SER A 774 6.58 9.39 54.86
C SER A 774 7.51 10.42 54.25
N GLY A 775 6.94 11.33 53.47
CA GLY A 775 7.74 12.33 52.79
C GLY A 775 8.73 11.76 51.81
N HIS A 776 8.38 10.67 51.14
CA HIS A 776 9.23 10.04 50.15
C HIS A 776 8.84 10.52 48.75
N VAL A 777 9.40 9.87 47.73
CA VAL A 777 9.06 10.14 46.34
C VAL A 777 8.76 8.82 45.68
N VAL A 778 7.58 8.72 45.06
CA VAL A 778 7.17 7.53 44.34
C VAL A 778 7.15 7.86 42.85
N VAL A 779 7.75 7.00 42.04
CA VAL A 779 7.92 7.24 40.61
C VAL A 779 7.20 6.12 39.85
N CYS A 780 6.33 6.51 38.93
CA CYS A 780 5.56 5.57 38.12
C CYS A 780 6.11 5.60 36.70
N ILE A 781 6.53 4.44 36.21
CA ILE A 781 7.11 4.31 34.88
C ILE A 781 6.31 3.27 34.10
N PHE A 782 6.04 3.56 32.83
CA PHE A 782 5.24 2.69 31.98
C PHE A 782 6.08 1.97 30.94
N GLY A 783 7.39 1.93 31.12
CA GLY A 783 8.27 1.31 30.14
C GLY A 783 8.19 -0.20 30.18
N ASP A 784 8.89 -0.81 29.22
CA ASP A 784 8.92 -2.26 29.09
C ASP A 784 10.12 -2.62 28.21
N VAL A 785 10.30 -3.93 28.00
CA VAL A 785 11.41 -4.39 27.17
C VAL A 785 11.24 -3.91 25.73
N SER A 786 12.36 -3.65 25.06
CA SER A 786 12.37 -3.19 23.68
C SER A 786 11.66 -1.84 23.55
N SER A 787 11.96 -0.94 24.47
CA SER A 787 11.41 0.42 24.46
C SER A 787 12.55 1.41 24.66
N ALA A 788 12.30 2.66 24.26
CA ALA A 788 13.31 3.69 24.40
C ALA A 788 13.75 3.84 25.85
N LEU A 789 15.04 4.00 26.05
CA LEU A 789 15.64 4.01 27.39
C LEU A 789 15.82 5.45 27.85
N ILE A 790 14.91 5.92 28.69
CA ILE A 790 15.11 7.20 29.36
C ILE A 790 16.18 7.05 30.43
N GLY A 791 16.97 8.10 30.62
CA GLY A 791 18.05 8.01 31.58
C GLY A 791 17.62 8.36 32.98
N LEU A 792 17.33 7.35 33.80
CA LEU A 792 16.85 7.59 35.16
C LEU A 792 17.93 8.11 36.08
N ARG A 793 19.21 8.06 35.67
CA ARG A 793 20.26 8.62 36.50
C ARG A 793 20.10 10.13 36.66
N ASN A 794 19.66 10.80 35.60
CA ASN A 794 19.49 12.24 35.63
C ASN A 794 18.34 12.68 36.53
N LEU A 795 17.51 11.76 36.99
CA LEU A 795 16.40 12.11 37.87
C LEU A 795 16.75 11.98 39.35
N VAL A 796 17.45 10.91 39.72
CA VAL A 796 17.77 10.68 41.13
C VAL A 796 19.09 11.33 41.55
N MET A 797 19.98 11.61 40.61
CA MET A 797 21.26 12.22 40.94
C MET A 797 21.09 13.62 41.53
N PRO A 798 20.24 14.49 40.96
CA PRO A 798 20.00 15.78 41.63
C PRO A 798 19.42 15.64 43.02
N LEU A 799 18.63 14.60 43.28
CA LEU A 799 18.05 14.40 44.60
C LEU A 799 19.06 13.88 45.61
N ARG A 800 20.25 13.47 45.17
CA ARG A 800 21.29 12.94 46.04
C ARG A 800 22.47 13.88 46.15
N ALA A 801 22.24 15.18 45.99
CA ALA A 801 23.31 16.15 46.05
C ALA A 801 23.96 16.16 47.42
N SER A 802 25.22 16.59 47.46
CA SER A 802 26.00 16.55 48.69
C SER A 802 25.62 17.63 49.68
N ASN A 803 24.96 18.70 49.24
CA ASN A 803 24.61 19.78 50.15
C ASN A 803 23.45 19.42 51.08
N PHE A 804 22.77 18.30 50.84
CA PHE A 804 21.77 17.82 51.78
C PHE A 804 22.43 16.94 52.84
N HIS A 805 21.95 17.06 54.07
CA HIS A 805 22.38 16.12 55.10
C HIS A 805 21.78 14.75 54.83
N TYR A 806 22.36 13.73 55.46
CA TYR A 806 21.95 12.36 55.17
C TYR A 806 20.50 12.11 55.58
N HIS A 807 20.08 12.66 56.72
CA HIS A 807 18.71 12.42 57.18
C HIS A 807 17.69 13.20 56.36
N GLU A 808 18.11 14.27 55.67
CA GLU A 808 17.19 15.03 54.84
C GLU A 808 16.89 14.38 53.50
N LEU A 809 17.59 13.30 53.16
CA LEU A 809 17.35 12.63 51.89
C LEU A 809 15.95 12.02 51.85
N LYS A 810 15.37 12.01 50.65
CA LYS A 810 14.04 11.48 50.43
C LYS A 810 14.13 10.07 49.87
N HIS A 811 13.36 9.16 50.47
CA HIS A 811 13.30 7.80 49.94
C HIS A 811 12.66 7.80 48.57
N ILE A 812 13.14 6.91 47.69
CA ILE A 812 12.67 6.83 46.31
C ILE A 812 12.15 5.43 46.06
N VAL A 813 10.94 5.33 45.53
CA VAL A 813 10.30 4.06 45.22
C VAL A 813 9.87 4.07 43.77
N PHE A 814 10.28 3.04 43.01
CA PHE A 814 9.87 2.88 41.64
C PHE A 814 8.76 1.84 41.54
N VAL A 815 7.75 2.14 40.72
CA VAL A 815 6.60 1.27 40.51
C VAL A 815 6.50 1.03 39.01
N GLY A 816 6.93 -0.13 38.54
CA GLY A 816 6.88 -0.43 37.13
C GLY A 816 7.33 -1.85 36.86
N SER A 817 7.50 -2.14 35.58
CA SER A 817 7.95 -3.47 35.17
C SER A 817 9.39 -3.69 35.61
N ILE A 818 9.63 -4.83 36.27
CA ILE A 818 10.97 -5.13 36.74
C ILE A 818 11.90 -5.44 35.57
N GLU A 819 11.36 -5.95 34.46
CA GLU A 819 12.18 -6.23 33.30
C GLU A 819 12.80 -4.96 32.73
N TYR A 820 12.02 -3.88 32.68
CA TYR A 820 12.56 -2.61 32.19
C TYR A 820 13.59 -2.03 33.15
N LEU A 821 13.34 -2.14 34.46
CA LEU A 821 14.19 -1.47 35.44
C LEU A 821 15.60 -2.03 35.43
N LYS A 822 15.76 -3.35 35.32
CA LYS A 822 17.09 -3.93 35.32
C LYS A 822 17.90 -3.55 34.08
N ARG A 823 17.24 -3.02 33.05
CA ARG A 823 17.97 -2.55 31.87
C ARG A 823 18.85 -1.35 32.20
N GLU A 824 18.56 -0.62 33.27
CA GLU A 824 19.37 0.54 33.63
C GLU A 824 19.67 0.61 35.12
N TRP A 825 19.49 -0.49 35.85
CA TRP A 825 19.88 -0.52 37.25
C TRP A 825 21.40 -0.40 37.42
N GLU A 826 22.16 -0.67 36.35
CA GLU A 826 23.62 -0.58 36.43
C GLU A 826 24.07 0.83 36.78
N THR A 827 23.29 1.84 36.43
CA THR A 827 23.63 3.23 36.71
C THR A 827 22.98 3.76 37.97
N LEU A 828 22.25 2.93 38.72
CA LEU A 828 21.49 3.39 39.87
C LEU A 828 21.89 2.74 41.19
N HIS A 829 22.71 1.69 41.18
CA HIS A 829 22.92 0.91 42.39
C HIS A 829 23.93 1.52 43.35
N ASN A 830 24.48 2.70 43.05
CA ASN A 830 25.39 3.38 43.95
C ASN A 830 24.70 4.44 44.80
N PHE A 831 23.39 4.59 44.70
CA PHE A 831 22.73 5.62 45.48
C PHE A 831 22.00 5.03 46.68
N PRO A 832 22.08 5.68 47.83
CA PRO A 832 21.40 5.17 49.03
C PRO A 832 19.90 5.43 49.00
N LYS A 833 19.18 4.60 49.73
CA LYS A 833 17.74 4.75 49.94
C LYS A 833 16.98 4.75 48.61
N VAL A 834 17.07 3.64 47.89
CA VAL A 834 16.33 3.42 46.66
C VAL A 834 15.68 2.06 46.74
N SER A 835 14.39 2.00 46.40
CA SER A 835 13.63 0.76 46.47
C SER A 835 12.82 0.57 45.19
N ILE A 836 12.37 -0.67 44.98
CA ILE A 836 11.62 -1.04 43.79
C ILE A 836 10.41 -1.86 44.23
N LEU A 837 9.25 -1.56 43.64
CA LEU A 837 8.03 -2.31 43.89
C LEU A 837 7.46 -2.76 42.54
N PRO A 838 7.73 -3.99 42.12
CA PRO A 838 7.22 -4.45 40.82
C PRO A 838 5.69 -4.44 40.81
N GLY A 839 5.13 -4.09 39.66
CA GLY A 839 3.69 -3.99 39.53
C GLY A 839 3.31 -3.01 38.42
N THR A 840 2.12 -2.44 38.57
CA THR A 840 1.59 -1.49 37.60
C THR A 840 1.03 -0.28 38.34
N PRO A 841 1.39 0.93 37.95
CA PRO A 841 0.84 2.12 38.63
C PRO A 841 -0.67 2.26 38.50
N LEU A 842 -1.29 1.61 37.52
CA LEU A 842 -2.74 1.67 37.38
C LEU A 842 -3.48 0.86 38.43
N SER A 843 -2.79 -0.05 39.13
CA SER A 843 -3.42 -0.89 40.13
C SER A 843 -3.56 -0.10 41.43
N ARG A 844 -4.81 0.12 41.86
CA ARG A 844 -5.05 0.86 43.10
C ARG A 844 -4.53 0.11 44.32
N ALA A 845 -4.31 -1.21 44.23
CA ALA A 845 -3.79 -1.95 45.37
C ALA A 845 -2.33 -1.62 45.62
N ASP A 846 -1.52 -1.53 44.55
CA ASP A 846 -0.12 -1.19 44.70
C ASP A 846 0.05 0.20 45.30
N LEU A 847 -0.75 1.16 44.84
CA LEU A 847 -0.63 2.54 45.32
C LEU A 847 -0.99 2.68 46.78
N ARG A 848 -1.65 1.68 47.38
CA ARG A 848 -1.90 1.71 48.81
C ARG A 848 -0.80 1.03 49.62
N ALA A 849 -0.08 0.08 49.03
CA ALA A 849 1.04 -0.54 49.73
C ALA A 849 2.08 0.49 50.13
N VAL A 850 2.51 1.30 49.18
CA VAL A 850 3.31 2.50 49.48
C VAL A 850 2.36 3.63 49.81
N ASN A 851 2.64 4.35 50.90
CA ASN A 851 1.70 5.33 51.43
C ASN A 851 1.68 6.54 50.50
N ILE A 852 0.92 6.41 49.40
CA ILE A 852 0.85 7.46 48.40
C ILE A 852 0.17 8.71 48.94
N ASN A 853 -0.60 8.59 50.02
CA ASN A 853 -1.23 9.76 50.63
C ASN A 853 -0.28 10.50 51.56
N LEU A 854 0.91 9.97 51.81
CA LEU A 854 1.96 10.66 52.56
C LEU A 854 3.19 10.72 51.67
N CYS A 855 3.23 11.72 50.79
CA CYS A 855 4.32 11.88 49.85
C CYS A 855 4.62 13.35 49.66
N ASP A 856 5.72 13.63 48.96
CA ASP A 856 6.04 14.98 48.54
C ASP A 856 5.72 15.21 47.07
N MET A 857 6.00 14.24 46.21
CA MET A 857 5.59 14.26 44.81
C MET A 857 5.30 12.84 44.38
N CYS A 858 4.67 12.72 43.21
CA CYS A 858 4.40 11.41 42.58
C CYS A 858 4.60 11.61 41.08
N VAL A 859 5.81 11.33 40.61
CA VAL A 859 6.17 11.57 39.22
C VAL A 859 5.59 10.47 38.34
N ILE A 860 5.05 10.86 37.19
CA ILE A 860 4.49 9.92 36.22
C ILE A 860 5.23 10.12 34.90
N LEU A 861 5.84 9.05 34.39
CA LEU A 861 6.63 9.11 33.17
C LEU A 861 6.24 7.95 32.25
N SER A 862 6.44 8.16 30.96
CA SER A 862 6.23 7.12 29.95
C SER A 862 7.44 7.08 29.04
N ALA A 863 7.76 5.87 28.56
CA ALA A 863 8.96 5.66 27.75
C ALA A 863 8.67 5.37 26.29
N ASN A 864 7.52 4.78 25.96
CA ASN A 864 7.18 4.41 24.58
C ASN A 864 6.23 5.41 23.95
N GLN A 865 6.36 6.70 24.29
CA GLN A 865 5.43 7.70 23.78
C GLN A 865 5.63 7.98 22.29
N ASN A 866 6.86 7.86 21.79
CA ASN A 866 7.12 8.15 20.39
C ASN A 866 6.64 7.05 19.46
N ASN A 867 6.57 5.81 19.95
CA ASN A 867 6.22 4.69 19.08
C ASN A 867 4.79 4.79 18.58
N ILE A 868 3.89 5.34 19.40
CA ILE A 868 2.47 5.41 19.03
C ILE A 868 2.30 6.33 17.83
N ASP A 869 1.52 5.86 16.85
CA ASP A 869 1.21 6.67 15.69
C ASP A 869 -0.06 7.49 15.84
N ASP A 870 -1.00 7.02 16.66
CA ASP A 870 -2.24 7.75 16.88
C ASP A 870 -1.99 8.96 17.76
N THR A 871 -2.47 10.12 17.30
CA THR A 871 -2.34 11.34 18.10
C THR A 871 -3.16 11.25 19.39
N SER A 872 -4.38 10.72 19.30
CA SER A 872 -5.26 10.69 20.46
C SER A 872 -4.80 9.66 21.49
N LEU A 873 -4.40 8.48 21.03
CA LEU A 873 -4.07 7.39 21.94
C LEU A 873 -2.73 7.58 22.64
N GLN A 874 -1.93 8.55 22.22
CA GLN A 874 -0.78 8.95 23.01
C GLN A 874 -1.24 9.53 24.34
N ASP A 875 -0.42 9.36 25.38
CA ASP A 875 -0.68 9.81 26.73
C ASP A 875 -1.85 9.10 27.38
N LYS A 876 -2.28 7.96 26.83
CA LYS A 876 -3.39 7.22 27.43
C LYS A 876 -3.04 6.75 28.83
N GLU A 877 -1.82 6.24 29.01
CA GLU A 877 -1.42 5.72 30.32
C GLU A 877 -1.28 6.85 31.32
N CYS A 878 -0.59 7.93 30.95
CA CYS A 878 -0.32 9.01 31.89
C CYS A 878 -1.60 9.68 32.35
N ILE A 879 -2.52 9.98 31.42
CA ILE A 879 -3.75 10.66 31.79
C ILE A 879 -4.62 9.76 32.66
N LEU A 880 -4.72 8.48 32.30
CA LEU A 880 -5.56 7.56 33.07
C LEU A 880 -4.98 7.29 34.45
N ALA A 881 -3.65 7.16 34.54
CA ALA A 881 -3.01 6.95 35.84
C ALA A 881 -3.18 8.17 36.74
N SER A 882 -3.07 9.37 36.17
CA SER A 882 -3.23 10.58 36.96
C SER A 882 -4.65 10.69 37.51
N LEU A 883 -5.65 10.36 36.70
CA LEU A 883 -7.04 10.44 37.16
C LEU A 883 -7.34 9.37 38.20
N ASN A 884 -6.62 8.24 38.16
CA ASN A 884 -6.84 7.18 39.14
C ASN A 884 -6.52 7.66 40.55
N ILE A 885 -5.41 8.39 40.71
CA ILE A 885 -5.03 8.86 42.04
C ILE A 885 -6.03 9.87 42.58
N LYS A 886 -6.58 10.71 41.70
CA LYS A 886 -7.51 11.74 42.14
C LYS A 886 -8.80 11.15 42.70
N SER A 887 -9.17 9.94 42.28
CA SER A 887 -10.43 9.34 42.70
C SER A 887 -10.28 8.42 43.90
N MET A 888 -9.06 8.19 44.38
CA MET A 888 -8.88 7.25 45.48
C MET A 888 -9.39 7.86 46.79
N GLN A 889 -9.75 6.98 47.72
CA GLN A 889 -10.33 7.37 49.00
C GLN A 889 -9.49 6.83 50.14
N PHE A 890 -9.30 7.64 51.17
CA PHE A 890 -8.55 7.25 52.35
C PHE A 890 -9.40 7.49 53.59
N ASP A 891 -9.12 6.71 54.63
CA ASP A 891 -9.88 6.82 55.88
C ASP A 891 -9.69 8.18 56.54
N ILE A 928 -4.95 12.19 51.81
CA ILE A 928 -5.55 12.84 52.96
C ILE A 928 -7.07 12.91 52.78
N THR A 929 -7.73 11.77 53.02
CA THR A 929 -9.18 11.63 53.02
C THR A 929 -9.74 11.70 51.60
N THR A 930 -8.92 12.15 50.66
CA THR A 930 -9.29 12.23 49.25
C THR A 930 -8.02 12.38 48.43
N GLY A 931 -8.04 11.81 47.23
CA GLY A 931 -6.89 11.84 46.36
C GLY A 931 -6.69 13.12 45.58
N VAL A 932 -7.57 14.11 45.75
CA VAL A 932 -7.43 15.36 45.00
C VAL A 932 -6.21 16.14 45.48
N ASN A 933 -5.93 16.10 46.77
CA ASN A 933 -4.86 16.91 47.34
C ASN A 933 -3.47 16.28 47.17
N ILE A 934 -3.38 15.08 46.61
CA ILE A 934 -2.07 14.46 46.43
C ILE A 934 -1.27 15.25 45.40
N PRO A 935 -0.03 15.64 45.69
CA PRO A 935 0.77 16.38 44.70
C PRO A 935 1.29 15.45 43.62
N ILE A 936 1.00 15.80 42.36
CA ILE A 936 1.34 14.96 41.23
C ILE A 936 1.94 15.84 40.13
N ILE A 937 2.96 15.32 39.45
CA ILE A 937 3.49 15.93 38.24
C ILE A 937 3.58 14.84 37.16
N THR A 938 3.16 15.18 35.96
CA THR A 938 3.17 14.23 34.85
C THR A 938 3.64 14.92 33.57
N GLU A 939 4.48 14.23 32.82
CA GLU A 939 4.93 14.76 31.55
C GLU A 939 3.97 14.39 30.43
N LEU A 940 3.96 15.19 29.37
CA LEU A 940 3.08 14.99 28.25
C LEU A 940 3.87 15.06 26.95
N VAL A 941 3.50 14.23 25.99
CA VAL A 941 4.13 14.26 24.67
C VAL A 941 3.34 15.14 23.70
N ASN A 942 2.04 15.33 23.93
CA ASN A 942 1.21 16.18 23.09
C ASN A 942 0.50 17.16 24.02
N ASP A 943 0.95 18.42 24.02
CA ASP A 943 0.52 19.38 25.02
C ASP A 943 -0.95 19.78 24.90
N THR A 944 -1.60 19.44 23.78
CA THR A 944 -3.03 19.73 23.67
C THR A 944 -3.87 18.84 24.57
N ASN A 945 -3.30 17.77 25.12
CA ASN A 945 -3.99 16.89 26.05
C ASN A 945 -3.98 17.42 27.48
N VAL A 946 -3.41 18.62 27.70
CA VAL A 946 -3.34 19.18 29.04
C VAL A 946 -4.73 19.50 29.59
N GLN A 947 -5.74 19.58 28.72
CA GLN A 947 -7.09 19.90 29.17
C GLN A 947 -7.71 18.80 30.00
N PHE A 948 -7.24 17.56 29.86
CA PHE A 948 -7.86 16.41 30.52
C PHE A 948 -7.35 16.20 31.94
N LEU A 949 -6.40 17.00 32.40
CA LEU A 949 -5.80 16.78 33.71
C LEU A 949 -6.60 17.37 34.87
N ASP A 950 -7.57 18.23 34.60
CA ASP A 950 -8.36 18.86 35.65
C ASP A 950 -9.83 18.87 35.26
N GLN A 951 -10.69 18.86 36.28
CA GLN A 951 -12.13 18.86 36.08
C GLN A 951 -12.76 20.24 36.19
N ASP A 952 -12.31 21.06 37.14
CA ASP A 952 -12.90 22.38 37.37
C ASP A 952 -12.34 23.46 36.47
N ASP A 953 -11.35 23.14 35.63
CA ASP A 953 -10.80 24.13 34.72
C ASP A 953 -11.81 24.46 33.62
N ASP A 954 -11.55 25.56 32.92
CA ASP A 954 -12.34 25.98 31.77
C ASP A 954 -11.49 25.73 30.52
N ASP A 955 -11.60 24.52 29.98
CA ASP A 955 -10.77 24.12 28.85
C ASP A 955 -11.08 24.94 27.62
N ASP A 956 -10.04 25.22 26.83
CA ASP A 956 -10.17 25.95 25.59
C ASP A 956 -9.02 25.45 24.71
N PRO A 957 -9.30 25.01 23.48
CA PRO A 957 -8.24 24.47 22.62
C PRO A 957 -7.41 25.52 21.91
N ASP A 958 -7.47 26.78 22.32
CA ASP A 958 -6.70 27.84 21.68
C ASP A 958 -5.68 28.49 22.60
N THR A 959 -5.90 28.48 23.92
CA THR A 959 -4.94 29.05 24.84
C THR A 959 -3.64 28.25 24.83
N GLU A 960 -2.52 28.95 24.96
CA GLU A 960 -1.23 28.29 24.95
C GLU A 960 -1.00 27.54 26.27
N LEU A 961 -0.05 26.60 26.22
CA LEU A 961 0.20 25.73 27.36
C LEU A 961 0.65 26.52 28.59
N TYR A 962 1.34 27.64 28.39
CA TYR A 962 1.87 28.39 29.53
C TYR A 962 0.79 29.09 30.34
N LEU A 963 -0.46 29.14 29.85
CA LEU A 963 -1.51 29.89 30.51
C LEU A 963 -2.59 29.01 31.12
N THR A 964 -2.66 27.73 30.76
CA THR A 964 -3.67 26.86 31.32
C THR A 964 -3.38 26.58 32.79
N GLN A 965 -4.43 26.19 33.51
CA GLN A 965 -4.31 26.03 34.96
C GLN A 965 -3.32 24.94 35.38
N PRO A 966 -3.32 23.74 34.81
CA PRO A 966 -2.36 22.72 35.28
C PRO A 966 -0.91 23.13 35.11
N PHE A 967 -0.56 23.86 34.06
CA PHE A 967 0.81 24.32 33.93
C PHE A 967 1.13 25.42 34.92
N ALA A 968 0.19 26.34 35.12
CA ALA A 968 0.40 27.43 36.09
C ALA A 968 0.54 26.91 37.51
N CYS A 969 -0.01 25.74 37.81
CA CYS A 969 0.08 25.17 39.14
C CYS A 969 1.30 24.28 39.35
N GLY A 970 2.05 24.00 38.29
CA GLY A 970 3.24 23.18 38.41
C GLY A 970 2.98 21.69 38.43
N THR A 971 1.80 21.25 38.00
CA THR A 971 1.46 19.84 37.99
C THR A 971 1.52 19.23 36.59
N ALA A 972 2.19 19.92 35.65
CA ALA A 972 2.37 19.39 34.31
C ALA A 972 3.65 19.97 33.72
N PHE A 973 4.20 19.26 32.75
CA PHE A 973 5.45 19.67 32.11
C PHE A 973 5.59 18.98 30.77
N ALA A 974 5.63 19.75 29.69
CA ALA A 974 5.89 19.23 28.37
C ALA A 974 7.24 19.74 27.88
N VAL A 975 7.90 18.94 27.05
CA VAL A 975 9.23 19.29 26.56
C VAL A 975 9.19 20.42 25.54
N SER A 976 8.01 20.76 25.03
CA SER A 976 7.91 21.83 24.04
C SER A 976 8.21 23.20 24.63
N VAL A 977 8.18 23.33 25.95
CA VAL A 977 8.48 24.62 26.58
C VAL A 977 9.98 24.92 26.62
N LEU A 978 10.81 23.94 26.31
CA LEU A 978 12.26 24.13 26.29
C LEU A 978 12.78 24.51 24.92
N ASP A 979 11.90 24.68 23.93
CA ASP A 979 12.34 25.14 22.62
C ASP A 979 12.89 26.55 22.67
N SER A 980 12.48 27.33 23.67
CA SER A 980 12.93 28.71 23.83
C SER A 980 14.36 28.81 24.34
N LEU A 981 14.97 27.71 24.78
CA LEU A 981 16.32 27.76 25.31
C LEU A 981 17.37 27.92 24.24
N MET A 982 17.04 27.63 22.98
CA MET A 982 18.00 27.81 21.89
C MET A 982 18.39 29.26 21.74
N SER A 983 17.41 30.15 21.62
CA SER A 983 17.72 31.56 21.39
C SER A 983 18.31 32.22 22.63
N ALA A 984 17.92 31.76 23.82
CA ALA A 984 18.48 32.34 25.04
C ALA A 984 19.96 32.05 25.18
N THR A 985 20.43 30.92 24.64
CA THR A 985 21.83 30.57 24.77
C THR A 985 22.73 31.42 23.88
N TYR A 986 22.23 31.81 22.70
CA TYR A 986 23.06 32.56 21.75
C TYR A 986 23.42 33.94 22.30
N PHE A 987 22.45 34.64 22.88
CA PHE A 987 22.68 36.03 23.24
C PHE A 987 23.58 36.18 24.45
N ASN A 988 23.65 35.17 25.31
CA ASN A 988 24.54 35.19 26.47
C ASN A 988 24.82 33.75 26.88
N ASP A 989 26.02 33.27 26.53
CA ASP A 989 26.33 31.85 26.67
C ASP A 989 26.34 31.39 28.11
N ASN A 990 26.57 32.29 29.07
CA ASN A 990 26.67 31.89 30.46
C ASN A 990 25.33 31.48 31.06
N ILE A 991 24.22 31.69 30.37
CA ILE A 991 22.93 31.24 30.89
C ILE A 991 22.90 29.72 30.99
N LEU A 992 23.36 29.03 29.94
CA LEU A 992 23.29 27.58 29.94
C LEU A 992 24.17 26.95 31.03
N THR A 993 25.14 27.70 31.55
CA THR A 993 25.94 27.19 32.66
C THR A 993 25.50 27.72 34.01
N LEU A 994 24.63 28.73 34.05
CA LEU A 994 23.99 29.11 35.31
C LEU A 994 22.92 28.09 35.68
N ILE A 995 21.91 27.93 34.81
CA ILE A 995 21.14 26.70 34.81
C ILE A 995 22.10 25.56 34.47
N ARG A 996 21.67 24.34 34.76
CA ARG A 996 22.43 23.09 34.65
C ARG A 996 23.39 22.94 35.82
N THR A 997 23.53 23.95 36.69
CA THR A 997 24.10 23.78 38.02
C THR A 997 23.09 24.07 39.11
N LEU A 998 22.15 24.98 38.87
CA LEU A 998 21.00 25.12 39.75
C LEU A 998 20.05 23.93 39.61
N VAL A 999 19.98 23.35 38.42
CA VAL A 999 19.04 22.29 38.13
C VAL A 999 19.69 20.95 38.42
N THR A 1000 20.79 20.66 37.75
CA THR A 1000 21.58 19.48 38.07
C THR A 1000 22.25 19.67 39.43
N GLY A 1001 22.54 18.56 40.10
CA GLY A 1001 23.11 18.61 41.44
C GLY A 1001 24.45 19.32 41.52
N GLY A 1002 25.00 19.76 40.40
CA GLY A 1002 26.30 20.43 40.42
C GLY A 1002 27.35 19.69 39.61
N ALA A 1003 26.90 18.96 38.59
CA ALA A 1003 27.81 18.18 37.76
C ALA A 1003 28.82 19.09 37.08
N THR A 1004 30.10 18.69 37.15
CA THR A 1004 31.20 19.41 36.55
C THR A 1004 31.74 18.65 35.35
N PRO A 1005 32.42 19.33 34.42
CA PRO A 1005 32.96 18.61 33.26
C PRO A 1005 33.94 17.51 33.62
N GLU A 1006 34.64 17.65 34.75
CA GLU A 1006 35.54 16.58 35.19
C GLU A 1006 34.76 15.32 35.52
N LEU A 1007 33.60 15.46 36.17
CA LEU A 1007 32.78 14.29 36.49
C LEU A 1007 32.25 13.63 35.23
N GLU A 1008 31.87 14.42 34.23
CA GLU A 1008 31.31 13.87 33.00
C GLU A 1008 32.32 12.99 32.27
N ALA A 1009 33.61 13.30 32.40
CA ALA A 1009 34.64 12.46 31.80
C ALA A 1009 34.65 11.07 32.44
N LEU A 1010 34.52 11.01 33.77
CA LEU A 1010 34.53 9.73 34.46
C LEU A 1010 33.37 8.84 34.03
N ILE A 1011 32.17 9.42 33.91
CA ILE A 1011 31.00 8.64 33.50
C ILE A 1011 31.16 8.15 32.07
N ALA A 1012 31.87 8.90 31.24
CA ALA A 1012 32.03 8.49 29.84
C ALA A 1012 32.74 7.15 29.73
N GLU A 1013 33.80 6.96 30.50
CA GLU A 1013 34.57 5.72 30.40
C GLU A 1013 33.95 4.60 31.23
N GLU A 1014 33.89 4.78 32.55
CA GLU A 1014 33.47 3.71 33.44
C GLU A 1014 31.95 3.53 33.47
N ASN A 1015 31.20 4.65 33.43
CA ASN A 1015 29.74 4.62 33.51
C ASN A 1015 29.28 3.92 34.79
N ALA A 1016 29.97 4.19 35.90
CA ALA A 1016 29.62 3.58 37.16
C ALA A 1016 29.61 4.54 38.35
N LEU A 1017 29.97 5.81 38.15
CA LEU A 1017 29.97 6.82 39.21
C LEU A 1017 30.86 6.38 40.38
N ARG A 1018 32.15 6.26 40.07
CA ARG A 1018 33.13 5.80 41.06
C ARG A 1018 33.14 6.70 42.28
N GLY A 1019 33.17 6.07 43.46
CA GLY A 1019 33.27 6.82 44.71
C GLY A 1019 34.72 7.02 45.13
N GLY A 1020 34.89 7.83 46.18
CA GLY A 1020 36.22 8.15 46.65
C GLY A 1020 36.28 8.46 48.14
N TYR A 1021 37.45 8.89 48.61
CA TYR A 1021 37.65 9.20 50.02
C TYR A 1021 37.38 10.68 50.28
N SER A 1022 37.48 11.07 51.55
CA SER A 1022 37.14 12.41 51.99
C SER A 1022 38.40 13.19 52.32
N THR A 1023 38.53 14.36 51.72
CA THR A 1023 39.64 15.29 51.95
C THR A 1023 39.06 16.67 52.21
N PRO A 1024 39.81 17.55 52.88
CA PRO A 1024 39.29 18.89 53.14
C PRO A 1024 38.87 19.64 51.89
N GLN A 1025 39.54 19.43 50.76
CA GLN A 1025 39.11 20.04 49.52
C GLN A 1025 37.75 19.50 49.07
N THR A 1026 37.53 18.20 49.23
CA THR A 1026 36.25 17.61 48.85
C THR A 1026 35.13 18.07 49.77
N LEU A 1027 35.37 18.09 51.08
CA LEU A 1027 34.35 18.52 52.02
C LEU A 1027 34.04 20.00 51.92
N ALA A 1028 34.89 20.79 51.25
CA ALA A 1028 34.60 22.20 51.04
C ALA A 1028 33.66 22.44 49.87
N ASN A 1029 33.38 21.42 49.06
CA ASN A 1029 32.45 21.55 47.96
C ASN A 1029 30.99 21.36 48.40
N ARG A 1030 30.76 20.92 49.63
CA ARG A 1030 29.39 20.74 50.10
C ARG A 1030 28.70 22.06 50.34
N ASP A 1031 29.46 23.12 50.61
CA ASP A 1031 28.90 24.41 51.00
C ASP A 1031 28.44 25.16 49.75
N ARG A 1032 27.20 24.92 49.36
CA ARG A 1032 26.57 25.67 48.27
C ARG A 1032 25.07 25.67 48.50
N CYS A 1033 24.42 26.74 48.05
CA CYS A 1033 23.03 26.96 48.36
C CYS A 1033 22.13 25.96 47.66
N ARG A 1034 20.95 25.75 48.24
CA ARG A 1034 19.98 24.78 47.74
C ARG A 1034 18.61 25.45 47.62
N VAL A 1035 17.71 24.78 46.90
CA VAL A 1035 16.36 25.28 46.71
C VAL A 1035 15.46 24.72 47.80
N ALA A 1036 14.75 25.61 48.50
CA ALA A 1036 13.85 25.22 49.56
C ALA A 1036 12.59 26.05 49.48
N GLN A 1037 11.54 25.57 50.14
CA GLN A 1037 10.25 26.25 50.18
C GLN A 1037 9.89 26.57 51.63
N LEU A 1038 9.59 27.83 51.89
CA LEU A 1038 9.32 28.30 53.24
C LEU A 1038 7.82 28.39 53.49
N ALA A 1039 7.46 28.61 54.75
CA ALA A 1039 6.07 28.75 55.15
C ALA A 1039 5.95 29.90 56.15
N LEU A 1040 4.98 30.77 55.92
CA LEU A 1040 4.78 31.95 56.76
C LEU A 1040 3.83 31.70 57.93
N LEU A 1041 3.33 30.48 58.08
CA LEU A 1041 2.34 30.22 59.13
C LEU A 1041 2.94 30.41 60.53
N ASP A 1042 4.17 29.93 60.73
CA ASP A 1042 4.82 30.07 62.02
C ASP A 1042 6.32 30.22 61.82
N GLY A 1043 6.99 30.71 62.86
CA GLY A 1043 8.41 30.93 62.82
C GLY A 1043 8.78 32.40 62.96
N PRO A 1044 9.99 32.75 62.53
CA PRO A 1044 10.41 34.16 62.62
C PRO A 1044 9.57 35.10 61.79
N PHE A 1045 9.03 34.64 60.67
CA PHE A 1045 8.32 35.49 59.73
C PHE A 1045 6.80 35.43 59.89
N ALA A 1046 6.30 34.81 60.96
CA ALA A 1046 4.87 34.68 61.13
C ALA A 1046 4.19 36.04 61.30
N ASP A 1047 4.91 37.03 61.86
CA ASP A 1047 4.33 38.34 62.06
C ASP A 1047 3.97 39.01 60.74
N LEU A 1048 4.83 38.88 59.74
CA LEU A 1048 4.62 39.49 58.43
C LEU A 1048 3.61 38.74 57.58
N GLY A 1049 2.96 37.71 58.12
CA GLY A 1049 2.02 36.93 57.33
C GLY A 1049 0.82 37.74 56.85
N ASP A 1050 0.35 38.69 57.67
CA ASP A 1050 -0.83 39.46 57.34
C ASP A 1050 -0.55 40.93 57.06
N GLY A 1051 0.60 41.46 57.49
CA GLY A 1051 0.91 42.86 57.24
C GLY A 1051 0.94 43.19 55.76
N GLY A 1052 1.60 42.34 54.96
CA GLY A 1052 1.55 42.47 53.52
C GLY A 1052 2.57 43.40 52.91
N CYS A 1053 3.84 43.20 53.21
CA CYS A 1053 4.93 43.93 52.57
C CYS A 1053 6.01 42.90 52.20
N TYR A 1054 5.97 42.43 50.96
CA TYR A 1054 6.95 41.44 50.51
C TYR A 1054 8.38 41.97 50.60
N GLY A 1055 8.56 43.28 50.40
CA GLY A 1055 9.89 43.84 50.50
C GLY A 1055 10.49 43.72 51.89
N ASP A 1056 9.66 43.88 52.91
CA ASP A 1056 10.16 43.74 54.29
C ASP A 1056 10.65 42.32 54.55
N LEU A 1057 9.92 41.32 54.06
CA LEU A 1057 10.36 39.94 54.23
C LEU A 1057 11.68 39.69 53.50
N PHE A 1058 11.81 40.21 52.27
CA PHE A 1058 13.01 39.98 51.49
C PHE A 1058 14.23 40.61 52.15
N CYS A 1059 14.08 41.85 52.62
CA CYS A 1059 15.21 42.54 53.25
C CYS A 1059 15.62 41.85 54.54
N LYS A 1060 14.65 41.40 55.34
CA LYS A 1060 14.97 40.75 56.60
C LYS A 1060 15.64 39.40 56.38
N ALA A 1061 15.25 38.69 55.31
CA ALA A 1061 15.82 37.37 55.04
C ALA A 1061 17.31 37.44 54.78
N LEU A 1062 17.75 38.42 53.98
CA LEU A 1062 19.16 38.52 53.64
C LEU A 1062 20.02 38.84 54.87
N LYS A 1063 19.64 39.87 55.62
CA LYS A 1063 20.47 40.34 56.72
C LYS A 1063 20.48 39.41 57.93
N THR A 1064 19.60 38.42 57.99
CA THR A 1064 19.50 37.55 59.16
C THR A 1064 19.96 36.14 58.86
N TYR A 1065 19.36 35.46 57.88
CA TYR A 1065 19.71 34.09 57.55
C TYR A 1065 20.37 33.95 56.18
N ASN A 1066 20.55 35.05 55.45
CA ASN A 1066 21.21 35.05 54.16
C ASN A 1066 20.52 34.12 53.17
N MET A 1067 19.19 34.12 53.16
CA MET A 1067 18.40 33.40 52.17
C MET A 1067 17.75 34.38 51.23
N LEU A 1068 17.66 33.99 49.95
CA LEU A 1068 17.13 34.85 48.91
C LEU A 1068 15.74 34.36 48.52
N CYS A 1069 14.74 35.23 48.67
CA CYS A 1069 13.36 34.92 48.32
C CYS A 1069 13.06 35.50 46.95
N PHE A 1070 12.50 34.67 46.07
CA PHE A 1070 12.26 35.11 44.69
C PHE A 1070 10.94 34.61 44.15
N GLY A 1071 9.93 34.45 45.00
CA GLY A 1071 8.62 34.05 44.50
C GLY A 1071 7.59 33.72 45.56
N ILE A 1072 6.32 33.73 45.17
CA ILE A 1072 5.20 33.36 46.04
C ILE A 1072 4.46 32.20 45.38
N TYR A 1073 4.02 31.25 46.20
CA TYR A 1073 3.23 30.12 45.74
C TYR A 1073 1.89 30.24 46.45
N ARG A 1074 0.95 30.92 45.80
CA ARG A 1074 -0.25 31.43 46.46
C ARG A 1074 -1.47 30.58 46.09
N LEU A 1075 -2.37 30.43 47.07
CA LEU A 1075 -3.58 29.65 46.86
C LEU A 1075 -4.41 30.20 45.71
N ARG A 1076 -5.02 29.30 44.95
CA ARG A 1076 -5.76 29.71 43.76
C ARG A 1076 -6.97 30.57 44.09
N ASP A 1077 -7.62 30.31 45.23
CA ASP A 1077 -8.83 31.01 45.61
C ASP A 1077 -8.61 31.85 46.87
N ALA A 1078 -7.42 32.45 46.98
CA ALA A 1078 -7.12 33.29 48.14
C ALA A 1078 -7.79 34.66 48.04
N HIS A 1079 -7.91 35.21 46.83
CA HIS A 1079 -8.49 36.54 46.67
C HIS A 1079 -10.01 36.53 46.80
N LEU A 1080 -10.66 35.41 46.51
CA LEU A 1080 -12.11 35.34 46.59
C LEU A 1080 -12.57 35.48 48.04
N SER A 1081 -13.71 36.15 48.23
CA SER A 1081 -14.28 36.31 49.56
C SER A 1081 -14.97 35.03 50.01
N THR A 1082 -15.59 34.31 49.10
CA THR A 1082 -16.28 33.07 49.46
C THR A 1082 -15.26 32.00 49.83
N PRO A 1083 -15.39 31.38 51.00
CA PRO A 1083 -14.48 30.30 51.36
C PRO A 1083 -14.61 29.11 50.41
N SER A 1084 -13.49 28.45 50.15
CA SER A 1084 -13.43 27.32 49.25
C SER A 1084 -12.63 26.20 49.91
N GLN A 1085 -12.55 25.05 49.22
CA GLN A 1085 -11.85 23.89 49.72
C GLN A 1085 -10.69 23.45 48.85
N CYS A 1086 -10.63 23.87 47.59
CA CYS A 1086 -9.51 23.49 46.74
C CYS A 1086 -8.21 24.08 47.26
N THR A 1087 -7.15 23.28 47.24
CA THR A 1087 -5.86 23.68 47.73
C THR A 1087 -4.83 23.90 46.61
N LYS A 1088 -5.31 24.08 45.38
CA LYS A 1088 -4.40 24.36 44.28
C LYS A 1088 -3.74 25.72 44.46
N ARG A 1089 -2.51 25.83 43.98
CA ARG A 1089 -1.74 27.06 44.08
C ARG A 1089 -1.06 27.34 42.75
N TYR A 1090 -0.63 28.59 42.58
CA TYR A 1090 0.08 29.01 41.38
C TYR A 1090 1.31 29.81 41.77
N VAL A 1091 2.17 30.07 40.80
CA VAL A 1091 3.48 30.68 41.04
C VAL A 1091 3.42 32.16 40.65
N ILE A 1092 3.96 33.00 41.51
CA ILE A 1092 4.15 34.43 41.22
C ILE A 1092 5.64 34.70 41.32
N THR A 1093 6.24 35.06 40.19
CA THR A 1093 7.70 35.20 40.11
C THR A 1093 8.09 36.67 40.33
N ASN A 1094 8.93 36.90 41.33
CA ASN A 1094 9.48 38.21 41.66
C ASN A 1094 8.36 39.24 41.80
N PRO A 1095 7.58 39.21 42.87
CA PRO A 1095 6.53 40.21 43.07
C PRO A 1095 7.12 41.57 43.40
N PRO A 1096 6.37 42.65 43.16
CA PRO A 1096 6.89 43.98 43.47
C PRO A 1096 7.15 44.17 44.95
N TYR A 1097 7.78 45.30 45.27
CA TYR A 1097 8.18 45.57 46.66
C TYR A 1097 6.97 45.73 47.57
N GLU A 1098 5.90 46.36 47.08
CA GLU A 1098 4.73 46.66 47.89
C GLU A 1098 3.65 45.58 47.77
N PHE A 1099 4.01 44.36 47.41
CA PHE A 1099 3.04 43.30 47.27
C PHE A 1099 2.46 42.91 48.63
N GLU A 1100 1.19 42.54 48.64
CA GLU A 1100 0.50 42.16 49.87
C GLU A 1100 0.63 40.66 50.10
N LEU A 1101 0.75 40.28 51.37
CA LEU A 1101 0.96 38.90 51.78
C LEU A 1101 -0.22 38.42 52.59
N VAL A 1102 -0.74 37.25 52.24
CA VAL A 1102 -1.77 36.58 53.04
C VAL A 1102 -1.07 35.52 53.88
N PRO A 1103 -1.56 35.20 55.07
CA PRO A 1103 -0.84 34.23 55.92
C PRO A 1103 -0.74 32.84 55.34
N THR A 1104 -1.65 32.45 54.44
CA THR A 1104 -1.67 31.10 53.87
C THR A 1104 -1.00 31.11 52.50
N ASP A 1105 0.33 31.16 52.51
CA ASP A 1105 1.10 31.04 51.28
C ASP A 1105 2.51 30.59 51.62
N LEU A 1106 3.22 30.12 50.60
CA LEU A 1106 4.57 29.61 50.73
C LEU A 1106 5.54 30.48 49.94
N ILE A 1107 6.79 30.50 50.40
CA ILE A 1107 7.83 31.34 49.82
C ILE A 1107 8.93 30.46 49.27
N PHE A 1108 9.37 30.75 48.04
CA PHE A 1108 10.54 30.11 47.48
C PHE A 1108 11.80 30.77 48.01
N CYS A 1109 12.80 29.96 48.37
CA CYS A 1109 14.01 30.48 48.98
C CYS A 1109 15.22 29.71 48.48
N LEU A 1110 16.37 30.37 48.57
CA LEU A 1110 17.68 29.76 48.37
C LEU A 1110 18.39 29.80 49.71
N MET A 1111 18.61 28.64 50.31
CA MET A 1111 19.09 28.55 51.69
C MET A 1111 20.57 28.17 51.70
N GLN A 1112 21.33 28.83 52.56
CA GLN A 1112 22.74 28.51 52.71
C GLN A 1112 22.91 27.15 53.37
N PHE A 1113 23.96 26.44 52.95
CA PHE A 1113 24.28 25.16 53.57
C PHE A 1113 24.86 25.40 54.96
N ASP A 1114 24.37 24.65 55.93
CA ASP A 1114 24.84 24.73 57.31
C ASP A 1114 25.69 23.51 57.60
N HIS A 1115 26.97 23.74 57.93
CA HIS A 1115 27.91 22.63 58.08
C HIS A 1115 27.50 21.70 59.22
N ASN A 1116 27.02 22.27 60.33
CA ASN A 1116 26.58 21.48 61.47
C ASN A 1116 25.07 21.64 61.65
N ALA A 1117 24.41 20.54 61.99
CA ALA A 1117 22.96 20.57 62.19
C ALA A 1117 22.56 19.39 63.06
N GLY A 1118 21.61 19.63 63.95
CA GLY A 1118 21.11 18.55 64.80
C GLY A 1118 20.39 17.49 63.98
N GLN A 1119 20.54 16.24 64.39
CA GLN A 1119 19.93 15.12 63.69
C GLN A 1119 18.61 14.72 64.34
N ASP B 15 -46.24 4.20 -60.37
CA ASP B 15 -47.64 4.19 -59.98
C ASP B 15 -48.21 5.60 -59.95
N SER B 16 -48.84 5.96 -58.82
CA SER B 16 -49.41 7.29 -58.68
C SER B 16 -48.31 8.35 -58.70
N ARG B 17 -48.54 9.43 -59.43
CA ARG B 17 -47.61 10.54 -59.53
C ARG B 17 -48.23 11.78 -58.92
N GLY B 18 -47.42 12.55 -58.21
CA GLY B 18 -47.89 13.72 -57.51
C GLY B 18 -48.53 13.45 -56.17
N GLN B 19 -48.65 12.20 -55.77
CA GLN B 19 -49.21 11.82 -54.47
C GLN B 19 -48.13 11.08 -53.69
N ARG B 20 -47.82 11.58 -52.50
CA ARG B 20 -46.75 11.01 -51.70
C ARG B 20 -47.20 9.71 -51.04
N MET B 21 -46.38 8.67 -51.17
CA MET B 21 -46.66 7.37 -50.58
C MET B 21 -45.67 7.00 -49.48
N TRP B 22 -45.05 8.01 -48.85
CA TRP B 22 -44.09 7.74 -47.79
C TRP B 22 -44.75 7.04 -46.60
N TRP B 23 -46.05 7.23 -46.41
CA TRP B 23 -46.73 6.60 -45.28
C TRP B 23 -46.90 5.10 -45.49
N ALA B 24 -46.99 4.66 -46.74
CA ALA B 24 -47.18 3.24 -47.01
C ALA B 24 -45.95 2.44 -46.59
N PHE B 25 -44.75 2.91 -46.94
CA PHE B 25 -43.53 2.20 -46.57
C PHE B 25 -43.34 2.17 -45.06
N LEU B 26 -43.62 3.30 -44.39
CA LEU B 26 -43.45 3.35 -42.94
C LEU B 26 -44.48 2.50 -42.23
N ALA B 27 -45.69 2.39 -42.78
CA ALA B 27 -46.74 1.59 -42.13
C ALA B 27 -46.39 0.12 -42.11
N SER B 28 -45.76 -0.38 -43.18
CA SER B 28 -45.41 -1.79 -43.25
C SER B 28 -44.44 -2.18 -42.15
N SER B 29 -43.47 -1.32 -41.85
CA SER B 29 -42.51 -1.60 -40.80
C SER B 29 -43.19 -1.64 -39.42
N MET B 30 -44.11 -0.70 -39.17
CA MET B 30 -44.78 -0.65 -37.88
C MET B 30 -45.68 -1.85 -37.65
N VAL B 31 -46.43 -2.27 -38.68
CA VAL B 31 -47.34 -3.39 -38.51
C VAL B 31 -46.58 -4.68 -38.28
N THR B 32 -45.37 -4.79 -38.84
CA THR B 32 -44.55 -5.97 -38.58
C THR B 32 -43.99 -5.96 -37.16
N PHE B 33 -43.45 -4.82 -36.72
CA PHE B 33 -42.84 -4.76 -35.41
C PHE B 33 -43.88 -4.87 -34.30
N PHE B 34 -44.95 -4.06 -34.38
CA PHE B 34 -45.97 -4.08 -33.34
C PHE B 34 -46.91 -5.26 -33.46
N GLY B 35 -47.18 -5.72 -34.69
CA GLY B 35 -48.05 -6.87 -34.86
C GLY B 35 -47.48 -8.13 -34.24
N GLY B 36 -46.20 -8.38 -34.46
CA GLY B 36 -45.56 -9.54 -33.84
C GLY B 36 -45.49 -9.42 -32.34
N LEU B 37 -45.22 -8.22 -31.82
CA LEU B 37 -45.18 -8.03 -30.37
C LEU B 37 -46.55 -8.28 -29.76
N PHE B 38 -47.61 -7.89 -30.44
CA PHE B 38 -48.96 -8.15 -29.95
C PHE B 38 -49.24 -9.64 -29.86
N ILE B 39 -48.83 -10.40 -30.88
CA ILE B 39 -49.07 -11.84 -30.89
C ILE B 39 -48.33 -12.52 -29.74
N ILE B 40 -47.08 -12.14 -29.51
CA ILE B 40 -46.27 -12.78 -28.48
C ILE B 40 -46.90 -12.57 -27.10
N LEU B 41 -47.30 -11.34 -26.80
CA LEU B 41 -47.94 -11.08 -25.52
C LEU B 41 -49.31 -11.73 -25.43
N LEU B 42 -50.02 -11.84 -26.55
CA LEU B 42 -51.31 -12.52 -26.55
C LEU B 42 -51.15 -14.00 -26.22
N TRP B 43 -50.13 -14.64 -26.78
CA TRP B 43 -49.94 -16.07 -26.57
C TRP B 43 -49.66 -16.39 -25.10
N ARG B 44 -48.84 -15.55 -24.45
CA ARG B 44 -48.51 -15.79 -23.04
C ARG B 44 -49.76 -15.67 -22.16
N THR B 45 -50.58 -14.65 -22.39
CA THR B 45 -51.80 -14.48 -21.60
C THR B 45 -52.79 -15.61 -21.89
N LEU B 46 -52.90 -16.03 -23.15
CA LEU B 46 -53.81 -17.12 -23.50
C LEU B 46 -53.43 -18.40 -22.77
N LYS B 47 -52.13 -18.71 -22.70
CA LYS B 47 -51.70 -19.89 -21.95
C LYS B 47 -51.85 -19.69 -20.46
N TYR B 48 -51.62 -18.46 -19.97
CA TYR B 48 -51.71 -18.19 -18.54
C TYR B 48 -53.12 -18.44 -18.01
N LEU B 49 -54.13 -17.96 -18.75
CA LEU B 49 -55.51 -18.24 -18.34
C LEU B 49 -55.87 -19.70 -18.57
N TRP B 50 -55.30 -20.33 -19.59
CA TRP B 50 -55.50 -21.76 -19.80
C TRP B 50 -54.95 -22.57 -18.63
N THR B 51 -53.84 -22.09 -18.04
CA THR B 51 -53.30 -22.75 -16.85
C THR B 51 -54.27 -22.69 -15.69
N VAL B 52 -54.91 -21.54 -15.48
CA VAL B 52 -55.86 -21.38 -14.39
C VAL B 52 -57.28 -21.23 -14.95
N VAL B 91 -37.32 -37.02 -27.45
CA VAL B 91 -36.76 -35.68 -27.33
C VAL B 91 -37.71 -34.65 -27.91
N GLY B 92 -38.35 -34.99 -29.01
CA GLY B 92 -39.29 -34.10 -29.66
C GLY B 92 -38.69 -33.50 -30.93
N TRP B 93 -39.55 -33.32 -31.94
CA TRP B 93 -39.07 -32.78 -33.20
C TRP B 93 -38.74 -31.30 -33.10
N MET B 94 -39.46 -30.56 -32.26
CA MET B 94 -39.21 -29.12 -32.13
C MET B 94 -37.81 -28.84 -31.60
N THR B 95 -37.37 -29.61 -30.59
CA THR B 95 -36.02 -29.41 -30.07
C THR B 95 -34.97 -29.78 -31.10
N SER B 96 -35.26 -30.76 -31.95
CA SER B 96 -34.31 -31.14 -33.00
C SER B 96 -34.06 -30.00 -33.97
N VAL B 97 -35.14 -29.39 -34.48
CA VAL B 97 -34.96 -28.26 -35.38
C VAL B 97 -34.39 -27.06 -34.66
N LYS B 98 -34.71 -26.90 -33.37
CA LYS B 98 -34.12 -25.80 -32.60
C LYS B 98 -32.61 -25.94 -32.52
N ASP B 99 -32.11 -27.13 -32.19
CA ASP B 99 -30.66 -27.30 -32.10
C ASP B 99 -30.01 -27.27 -33.47
N TRP B 100 -30.69 -27.74 -34.51
CA TRP B 100 -30.14 -27.62 -35.86
C TRP B 100 -30.00 -26.16 -36.25
N ALA B 101 -31.01 -25.35 -35.96
CA ALA B 101 -30.91 -23.92 -36.25
C ALA B 101 -29.80 -23.27 -35.45
N GLY B 102 -29.63 -23.68 -34.19
CA GLY B 102 -28.56 -23.12 -33.38
C GLY B 102 -27.19 -23.44 -33.94
N VAL B 103 -26.96 -24.70 -34.31
CA VAL B 103 -25.65 -25.07 -34.84
C VAL B 103 -25.43 -24.48 -36.22
N MET B 104 -26.50 -24.22 -36.98
CA MET B 104 -26.35 -23.54 -38.26
C MET B 104 -25.99 -22.08 -38.07
N ILE B 105 -26.64 -21.41 -37.12
CA ILE B 105 -26.33 -20.00 -36.85
C ILE B 105 -24.89 -19.86 -36.37
N SER B 106 -24.48 -20.72 -35.44
CA SER B 106 -23.09 -20.76 -35.04
C SER B 106 -22.26 -21.43 -36.13
N ALA B 107 -20.95 -21.53 -35.89
CA ALA B 107 -20.02 -22.07 -36.87
C ALA B 107 -19.58 -23.49 -36.51
N GLN B 108 -20.49 -24.31 -35.98
CA GLN B 108 -20.13 -25.66 -35.58
C GLN B 108 -19.70 -26.51 -36.77
N THR B 109 -20.45 -26.44 -37.87
CA THR B 109 -20.21 -27.29 -39.03
C THR B 109 -19.68 -26.44 -40.19
N LEU B 110 -19.46 -27.11 -41.31
CA LEU B 110 -18.94 -26.42 -42.49
C LEU B 110 -20.01 -25.53 -43.13
N THR B 111 -21.24 -26.04 -43.22
CA THR B 111 -22.31 -25.22 -43.79
C THR B 111 -22.57 -23.97 -42.96
N GLY B 112 -22.43 -24.07 -41.64
CA GLY B 112 -22.57 -22.88 -40.82
C GLY B 112 -21.47 -21.86 -41.07
N ARG B 113 -20.24 -22.34 -41.28
CA ARG B 113 -19.13 -21.42 -41.55
C ARG B 113 -19.34 -20.67 -42.86
N VAL B 114 -19.87 -21.34 -43.87
CA VAL B 114 -20.16 -20.67 -45.14
C VAL B 114 -21.23 -19.62 -44.96
N LEU B 115 -22.30 -19.96 -44.22
CA LEU B 115 -23.42 -19.03 -44.04
C LEU B 115 -22.97 -17.77 -43.31
N VAL B 116 -22.14 -17.92 -42.28
CA VAL B 116 -21.69 -16.75 -41.51
C VAL B 116 -20.85 -15.83 -42.39
N VAL B 117 -19.97 -16.39 -43.21
CA VAL B 117 -19.14 -15.58 -44.09
C VAL B 117 -20.01 -14.82 -45.08
N LEU B 118 -21.06 -15.48 -45.61
CA LEU B 118 -21.97 -14.80 -46.53
C LEU B 118 -22.64 -13.61 -45.86
N VAL B 119 -23.03 -13.75 -44.59
CA VAL B 119 -23.63 -12.64 -43.87
C VAL B 119 -22.66 -11.46 -43.79
N PHE B 120 -21.38 -11.76 -43.57
CA PHE B 120 -20.38 -10.69 -43.56
C PHE B 120 -20.27 -10.01 -44.91
N ALA B 121 -20.29 -10.78 -46.00
CA ALA B 121 -20.13 -10.19 -47.32
C ALA B 121 -21.38 -9.44 -47.76
N LEU B 122 -22.56 -10.01 -47.51
CA LEU B 122 -23.78 -9.38 -47.96
C LEU B 122 -24.15 -8.16 -47.13
N SER B 123 -23.65 -8.06 -45.89
CA SER B 123 -23.87 -6.86 -45.10
C SER B 123 -23.18 -5.66 -45.74
N ILE B 124 -21.96 -5.85 -46.22
CA ILE B 124 -21.27 -4.78 -46.94
C ILE B 124 -21.96 -4.49 -48.26
N GLY B 125 -22.39 -5.54 -48.97
CA GLY B 125 -23.05 -5.32 -50.24
C GLY B 125 -24.35 -4.54 -50.12
N ALA B 126 -25.14 -4.83 -49.08
CA ALA B 126 -26.38 -4.09 -48.88
C ALA B 126 -26.10 -2.65 -48.47
N LEU B 127 -24.98 -2.39 -47.81
CA LEU B 127 -24.64 -1.03 -47.43
C LEU B 127 -24.18 -0.21 -48.62
N VAL B 128 -23.43 -0.83 -49.54
CA VAL B 128 -22.93 -0.12 -50.71
C VAL B 128 -24.10 0.30 -51.60
N ILE B 129 -25.12 -0.54 -51.71
CA ILE B 129 -26.28 -0.22 -52.54
C ILE B 129 -26.95 1.05 -52.04
N TYR B 130 -26.99 1.24 -50.72
CA TYR B 130 -27.58 2.46 -50.16
C TYR B 130 -26.78 3.69 -50.58
N PHE B 131 -25.45 3.59 -50.59
CA PHE B 131 -24.63 4.71 -51.03
C PHE B 131 -24.90 5.04 -52.49
N ILE B 132 -25.04 4.03 -53.35
CA ILE B 132 -25.34 4.26 -54.75
C ILE B 132 -26.67 4.96 -54.92
N ASP B 133 -27.70 4.49 -54.20
CA ASP B 133 -29.05 5.00 -54.32
C ASP B 133 -29.27 6.25 -53.49
N SER B 134 -28.25 6.70 -52.75
CA SER B 134 -28.41 7.88 -51.91
C SER B 134 -28.64 9.13 -52.74
N SER B 135 -27.92 9.26 -53.86
CA SER B 135 -28.00 10.47 -54.67
C SER B 135 -29.30 10.59 -55.45
N ASN B 136 -30.12 9.55 -55.50
CA ASN B 136 -31.37 9.60 -56.21
C ASN B 136 -32.37 10.49 -55.46
N PRO B 137 -33.42 10.95 -56.14
CA PRO B 137 -34.45 11.75 -55.46
C PRO B 137 -35.09 10.99 -54.32
N ILE B 138 -35.70 11.75 -53.40
CA ILE B 138 -36.27 11.15 -52.19
C ILE B 138 -37.37 10.16 -52.56
N GLU B 139 -38.26 10.56 -53.47
CA GLU B 139 -39.30 9.67 -53.99
C GLU B 139 -39.13 9.59 -55.50
N SER B 140 -39.05 8.36 -56.02
CA SER B 140 -38.81 8.15 -57.45
C SER B 140 -39.63 6.96 -57.92
N CYS B 141 -39.77 6.85 -59.24
CA CYS B 141 -40.47 5.75 -59.87
C CYS B 141 -39.44 4.84 -60.55
N GLN B 142 -39.53 3.55 -60.27
CA GLN B 142 -38.60 2.56 -60.80
C GLN B 142 -39.38 1.48 -61.55
N ASN B 143 -38.64 0.53 -62.11
CA ASN B 143 -39.24 -0.60 -62.83
C ASN B 143 -38.44 -1.83 -62.49
N PHE B 144 -39.07 -2.80 -61.82
CA PHE B 144 -38.36 -3.97 -61.32
C PHE B 144 -37.80 -4.81 -62.46
N TYR B 145 -38.56 -4.97 -63.54
CA TYR B 145 -38.19 -5.88 -64.61
C TYR B 145 -37.09 -5.34 -65.53
N LYS B 146 -36.68 -4.07 -65.36
CA LYS B 146 -35.68 -3.48 -66.23
C LYS B 146 -34.47 -2.90 -65.50
N ASP B 147 -34.57 -2.67 -64.20
CA ASP B 147 -33.48 -2.05 -63.45
C ASP B 147 -32.53 -3.12 -62.92
N PHE B 148 -31.23 -2.93 -63.15
CA PHE B 148 -30.25 -3.86 -62.60
C PHE B 148 -30.28 -3.84 -61.09
N THR B 149 -30.24 -2.65 -60.49
CA THR B 149 -30.53 -2.50 -59.07
C THR B 149 -32.01 -2.74 -58.84
N LEU B 150 -32.36 -2.90 -57.55
CA LEU B 150 -33.70 -3.29 -57.10
C LEU B 150 -33.93 -4.76 -57.46
N GLN B 151 -33.00 -5.35 -58.20
CA GLN B 151 -32.91 -6.78 -58.41
C GLN B 151 -31.80 -7.41 -57.59
N ILE B 152 -30.62 -6.78 -57.57
CA ILE B 152 -29.58 -7.20 -56.65
C ILE B 152 -30.01 -6.96 -55.21
N ASP B 153 -30.63 -5.81 -54.95
CA ASP B 153 -31.15 -5.53 -53.62
C ASP B 153 -32.28 -6.48 -53.26
N MET B 154 -33.07 -6.90 -54.25
CA MET B 154 -34.11 -7.89 -53.99
C MET B 154 -33.52 -9.21 -53.51
N ALA B 155 -32.42 -9.64 -54.15
CA ALA B 155 -31.79 -10.89 -53.75
C ALA B 155 -31.21 -10.81 -52.33
N PHE B 156 -30.57 -9.69 -52.00
CA PHE B 156 -29.94 -9.56 -50.68
C PHE B 156 -30.98 -9.63 -49.57
N ASN B 157 -32.12 -8.95 -49.74
CA ASN B 157 -33.12 -8.89 -48.69
C ASN B 157 -33.85 -10.22 -48.52
N VAL B 158 -33.94 -11.01 -49.59
CA VAL B 158 -34.49 -12.37 -49.44
C VAL B 158 -33.59 -13.20 -48.55
N PHE B 159 -32.27 -13.08 -48.73
CA PHE B 159 -31.33 -13.80 -47.88
C PHE B 159 -31.46 -13.38 -46.42
N PHE B 160 -31.60 -12.07 -46.17
CA PHE B 160 -31.72 -11.59 -44.80
C PHE B 160 -33.03 -12.02 -44.14
N LEU B 161 -34.06 -12.30 -44.93
CA LEU B 161 -35.31 -12.80 -44.34
C LEU B 161 -35.16 -14.22 -43.85
N LEU B 162 -34.52 -15.09 -44.65
CA LEU B 162 -34.28 -16.46 -44.23
C LEU B 162 -33.35 -16.50 -43.02
N TYR B 163 -32.29 -15.69 -43.03
CA TYR B 163 -31.38 -15.63 -41.90
C TYR B 163 -32.07 -15.10 -40.65
N PHE B 164 -33.14 -14.32 -40.80
CA PHE B 164 -33.89 -13.86 -39.64
C PHE B 164 -34.71 -15.00 -39.03
N GLY B 165 -35.25 -15.88 -39.89
CA GLY B 165 -36.02 -17.00 -39.38
C GLY B 165 -35.18 -17.97 -38.58
N LEU B 166 -33.96 -18.24 -39.04
CA LEU B 166 -33.08 -19.16 -38.32
C LEU B 166 -32.73 -18.63 -36.94
N ARG B 167 -32.45 -17.33 -36.85
CA ARG B 167 -32.18 -16.73 -35.53
C ARG B 167 -33.41 -16.80 -34.65
N PHE B 168 -34.60 -16.61 -35.22
CA PHE B 168 -35.83 -16.66 -34.44
C PHE B 168 -36.07 -18.05 -33.87
N ILE B 169 -35.83 -19.10 -34.66
CA ILE B 169 -36.06 -20.46 -34.19
C ILE B 169 -35.13 -20.79 -33.03
N ALA B 170 -33.85 -20.44 -33.16
CA ALA B 170 -32.85 -20.79 -32.15
C ALA B 170 -32.95 -19.93 -30.89
N ALA B 171 -33.78 -18.90 -30.90
CA ALA B 171 -33.88 -18.01 -29.75
C ALA B 171 -34.52 -18.72 -28.57
N ASN B 172 -34.08 -18.34 -27.35
CA ASN B 172 -34.63 -18.91 -26.14
C ASN B 172 -35.95 -18.24 -25.76
N ASP B 173 -35.92 -16.93 -25.56
CA ASP B 173 -37.11 -16.16 -25.22
C ASP B 173 -37.48 -15.25 -26.39
N LYS B 174 -38.64 -15.51 -26.98
CA LYS B 174 -39.03 -14.81 -28.21
C LYS B 174 -39.24 -13.33 -27.98
N LEU B 175 -39.75 -12.93 -26.82
CA LEU B 175 -39.99 -11.51 -26.55
C LEU B 175 -38.67 -10.74 -26.53
N TRP B 176 -37.69 -11.24 -25.80
CA TRP B 176 -36.41 -10.55 -25.72
C TRP B 176 -35.58 -10.72 -26.99
N PHE B 177 -35.87 -11.73 -27.80
CA PHE B 177 -35.28 -11.76 -29.14
C PHE B 177 -35.90 -10.70 -30.03
N TRP B 178 -37.23 -10.52 -29.92
CA TRP B 178 -37.92 -9.51 -30.71
C TRP B 178 -37.42 -8.11 -30.37
N LEU B 179 -37.22 -7.84 -29.08
CA LEU B 179 -36.72 -6.53 -28.63
C LEU B 179 -35.20 -6.51 -28.65
N GLU B 180 -34.64 -6.62 -29.86
CA GLU B 180 -33.20 -6.61 -30.06
C GLU B 180 -32.86 -5.71 -31.24
N VAL B 181 -31.63 -5.21 -31.25
CA VAL B 181 -31.23 -4.21 -32.24
C VAL B 181 -31.25 -4.80 -33.64
N ASN B 182 -30.70 -6.00 -33.81
CA ASN B 182 -30.67 -6.62 -35.13
C ASN B 182 -32.08 -6.94 -35.61
N SER B 183 -32.94 -7.39 -34.70
CA SER B 183 -34.33 -7.64 -35.09
C SER B 183 -35.01 -6.34 -35.52
N VAL B 184 -34.76 -5.25 -34.81
CA VAL B 184 -35.38 -3.97 -35.17
C VAL B 184 -34.91 -3.49 -36.52
N VAL B 185 -33.60 -3.58 -36.79
CA VAL B 185 -33.11 -3.11 -38.09
C VAL B 185 -33.65 -4.00 -39.21
N ASP B 186 -33.77 -5.31 -38.97
CA ASP B 186 -34.39 -6.16 -39.97
C ASP B 186 -35.84 -5.76 -40.21
N PHE B 187 -36.59 -5.49 -39.15
CA PHE B 187 -37.99 -5.10 -39.27
C PHE B 187 -38.13 -3.81 -40.07
N PHE B 188 -37.24 -2.86 -39.83
CA PHE B 188 -37.35 -1.55 -40.47
C PHE B 188 -36.66 -1.49 -41.83
N THR B 189 -35.95 -2.53 -42.25
CA THR B 189 -35.33 -2.51 -43.57
C THR B 189 -35.90 -3.50 -44.57
N VAL B 190 -36.37 -4.68 -44.16
CA VAL B 190 -36.73 -5.71 -45.13
C VAL B 190 -38.10 -5.49 -45.77
N PRO B 191 -39.18 -5.25 -45.02
CA PRO B 191 -40.52 -5.13 -45.65
C PRO B 191 -40.63 -4.01 -46.68
N PRO B 192 -39.99 -2.85 -46.48
CA PRO B 192 -40.13 -1.79 -47.49
C PRO B 192 -39.67 -2.18 -48.88
N VAL B 193 -38.72 -3.11 -49.01
CA VAL B 193 -38.29 -3.53 -50.34
C VAL B 193 -39.41 -4.28 -51.06
N PHE B 194 -40.10 -5.17 -50.36
CA PHE B 194 -41.25 -5.83 -50.95
C PHE B 194 -42.36 -4.84 -51.27
N VAL B 195 -42.58 -3.87 -50.38
CA VAL B 195 -43.59 -2.86 -50.65
C VAL B 195 -43.24 -2.08 -51.91
N SER B 196 -41.96 -1.76 -52.09
CA SER B 196 -41.51 -1.03 -53.26
C SER B 196 -41.68 -1.86 -54.54
N VAL B 197 -41.29 -3.13 -54.50
CA VAL B 197 -41.43 -3.95 -55.71
C VAL B 197 -42.89 -4.21 -56.03
N TYR B 198 -43.78 -4.12 -55.03
CA TYR B 198 -45.20 -4.22 -55.32
C TYR B 198 -45.73 -2.94 -55.95
N LEU B 199 -45.47 -1.79 -55.32
CA LEU B 199 -46.02 -0.52 -55.78
C LEU B 199 -45.32 0.03 -57.02
N ASN B 200 -44.21 -0.57 -57.43
CA ASN B 200 -43.42 -0.08 -58.57
C ASN B 200 -42.97 1.36 -58.35
N ARG B 201 -42.62 1.68 -57.11
CA ARG B 201 -42.22 3.03 -56.74
C ARG B 201 -41.53 2.96 -55.39
N SER B 202 -40.45 3.71 -55.23
CA SER B 202 -39.58 3.58 -54.07
C SER B 202 -39.62 4.85 -53.21
N TRP B 203 -38.90 4.79 -52.10
CA TRP B 203 -38.76 5.92 -51.18
C TRP B 203 -37.50 5.71 -50.35
N LEU B 204 -36.66 6.75 -50.27
CA LEU B 204 -35.45 6.67 -49.45
C LEU B 204 -35.82 6.83 -47.98
N GLY B 205 -36.43 5.79 -47.40
CA GLY B 205 -36.88 5.87 -46.03
C GLY B 205 -35.77 5.59 -45.03
N LEU B 206 -36.04 4.70 -44.07
CA LEU B 206 -35.05 4.38 -43.06
C LEU B 206 -34.07 3.34 -43.58
N ARG B 207 -33.46 3.59 -44.73
CA ARG B 207 -32.46 2.69 -45.29
C ARG B 207 -31.07 2.94 -44.72
N PHE B 208 -30.87 4.05 -44.01
CA PHE B 208 -29.60 4.29 -43.35
C PHE B 208 -29.34 3.34 -42.19
N LEU B 209 -30.37 2.61 -41.75
CA LEU B 209 -30.20 1.65 -40.66
C LEU B 209 -29.34 0.46 -41.04
N ARG B 210 -29.05 0.27 -42.33
CA ARG B 210 -28.21 -0.85 -42.75
C ARG B 210 -26.81 -0.76 -42.20
N ALA B 211 -26.37 0.42 -41.75
CA ALA B 211 -25.06 0.57 -41.14
C ALA B 211 -24.99 -0.01 -39.75
N LEU B 212 -26.12 -0.38 -39.15
CA LEU B 212 -26.13 -1.00 -37.83
C LEU B 212 -25.80 -2.48 -37.87
N ARG B 213 -25.68 -3.07 -39.05
CA ARG B 213 -25.29 -4.47 -39.17
C ARG B 213 -23.80 -4.69 -39.00
N LEU B 214 -23.01 -3.62 -38.89
CA LEU B 214 -21.58 -3.76 -38.64
C LEU B 214 -21.26 -4.14 -37.21
N ILE B 215 -22.25 -4.13 -36.32
CA ILE B 215 -22.00 -4.50 -34.92
C ILE B 215 -21.62 -5.98 -34.81
N GLN B 216 -22.24 -6.83 -35.63
CA GLN B 216 -22.07 -8.27 -35.51
C GLN B 216 -20.73 -8.76 -36.02
N PHE B 217 -19.86 -7.88 -36.53
CA PHE B 217 -18.60 -8.34 -37.09
C PHE B 217 -17.72 -9.00 -36.04
N SER B 218 -17.62 -8.39 -34.86
CA SER B 218 -16.81 -8.98 -33.80
C SER B 218 -17.38 -10.32 -33.35
N GLU B 219 -18.70 -10.41 -33.23
CA GLU B 219 -19.32 -11.66 -32.79
C GLU B 219 -19.07 -12.78 -33.79
N ILE B 220 -19.20 -12.50 -35.09
CA ILE B 220 -18.97 -13.56 -36.07
C ILE B 220 -17.49 -13.86 -36.22
N LEU B 221 -16.62 -12.88 -35.96
CA LEU B 221 -15.18 -13.18 -35.95
C LEU B 221 -14.81 -14.08 -34.78
N GLN B 222 -15.46 -13.89 -33.63
CA GLN B 222 -15.26 -14.81 -32.52
C GLN B 222 -15.84 -16.19 -32.82
N PHE B 223 -16.96 -16.22 -33.54
CA PHE B 223 -17.52 -17.50 -33.98
C PHE B 223 -16.55 -18.24 -34.88
N LEU B 224 -15.92 -17.54 -35.82
CA LEU B 224 -14.98 -18.14 -36.76
C LEU B 224 -13.63 -18.46 -36.13
N ASN B 225 -13.49 -18.28 -34.81
CA ASN B 225 -12.26 -18.59 -34.09
C ASN B 225 -11.08 -17.78 -34.64
N ILE B 226 -11.34 -16.52 -35.00
CA ILE B 226 -10.28 -15.61 -35.41
C ILE B 226 -9.80 -14.76 -34.24
N LEU B 227 -10.72 -14.14 -33.51
CA LEU B 227 -10.38 -13.34 -32.35
C LEU B 227 -10.35 -14.24 -31.12
N LYS B 228 -9.22 -14.27 -30.44
CA LYS B 228 -9.07 -15.09 -29.24
C LYS B 228 -8.56 -14.30 -28.04
N THR B 229 -7.68 -13.33 -28.25
CA THR B 229 -7.16 -12.52 -27.17
C THR B 229 -8.16 -11.42 -26.81
N SER B 230 -7.80 -10.60 -25.81
CA SER B 230 -8.71 -9.58 -25.30
C SER B 230 -8.51 -8.22 -25.97
N ASN B 231 -7.26 -7.86 -26.24
CA ASN B 231 -6.99 -6.54 -26.85
C ASN B 231 -7.59 -6.45 -28.24
N SER B 232 -7.46 -7.52 -29.04
CA SER B 232 -8.05 -7.51 -30.38
C SER B 232 -9.56 -7.41 -30.32
N ILE B 233 -10.18 -8.14 -29.38
CA ILE B 233 -11.63 -8.10 -29.23
C ILE B 233 -12.08 -6.68 -28.88
N LYS B 234 -11.39 -6.06 -27.93
CA LYS B 234 -11.75 -4.70 -27.53
C LYS B 234 -11.60 -3.73 -28.70
N LEU B 235 -10.49 -3.85 -29.45
CA LEU B 235 -10.26 -2.96 -30.58
C LEU B 235 -11.36 -3.11 -31.63
N VAL B 236 -11.71 -4.34 -31.96
CA VAL B 236 -12.75 -4.56 -32.98
C VAL B 236 -14.09 -4.05 -32.49
N ASN B 237 -14.42 -4.28 -31.22
CA ASN B 237 -15.67 -3.77 -30.67
C ASN B 237 -15.75 -2.26 -30.80
N LEU B 238 -14.69 -1.56 -30.36
CA LEU B 238 -14.71 -0.11 -30.39
C LEU B 238 -14.82 0.41 -31.81
N LEU B 239 -14.03 -0.14 -32.74
CA LEU B 239 -14.05 0.33 -34.11
C LEU B 239 -15.42 0.12 -34.74
N SER B 240 -16.00 -1.07 -34.55
CA SER B 240 -17.30 -1.37 -35.14
C SER B 240 -18.37 -0.43 -34.61
N ILE B 241 -18.44 -0.26 -33.29
CA ILE B 241 -19.48 0.58 -32.71
C ILE B 241 -19.32 2.02 -33.22
N PHE B 242 -18.09 2.53 -33.20
CA PHE B 242 -17.85 3.90 -33.61
C PHE B 242 -18.28 4.14 -35.05
N ILE B 243 -17.81 3.29 -35.97
CA ILE B 243 -18.12 3.50 -37.38
C ILE B 243 -19.61 3.35 -37.63
N SER B 244 -20.24 2.33 -37.03
CA SER B 244 -21.65 2.08 -37.28
C SER B 244 -22.51 3.25 -36.83
N THR B 245 -22.27 3.75 -35.61
CA THR B 245 -23.11 4.85 -35.14
C THR B 245 -22.84 6.13 -35.91
N TRP B 246 -21.58 6.37 -36.30
CA TRP B 246 -21.27 7.55 -37.11
C TRP B 246 -22.05 7.53 -38.41
N LEU B 247 -22.00 6.40 -39.13
CA LEU B 247 -22.68 6.32 -40.42
C LEU B 247 -24.20 6.37 -40.25
N THR B 248 -24.74 5.75 -39.20
CA THR B 248 -26.18 5.78 -39.01
C THR B 248 -26.67 7.20 -38.74
N ALA B 249 -25.99 7.93 -37.86
CA ALA B 249 -26.38 9.30 -37.58
C ALA B 249 -26.26 10.16 -38.84
N ALA B 250 -25.19 9.93 -39.63
CA ALA B 250 -25.05 10.68 -40.88
C ALA B 250 -26.22 10.41 -41.82
N GLY B 251 -26.66 9.14 -41.90
CA GLY B 251 -27.79 8.83 -42.75
C GLY B 251 -29.08 9.49 -42.29
N PHE B 252 -29.31 9.51 -40.97
CA PHE B 252 -30.52 10.16 -40.48
C PHE B 252 -30.50 11.65 -40.78
N ILE B 253 -29.35 12.31 -40.57
CA ILE B 253 -29.24 13.72 -40.91
C ILE B 253 -29.48 13.95 -42.40
N HIS B 254 -28.91 13.08 -43.24
CA HIS B 254 -29.09 13.23 -44.69
C HIS B 254 -30.56 13.16 -45.06
N LEU B 255 -31.27 12.16 -44.54
CA LEU B 255 -32.69 12.02 -44.85
C LEU B 255 -33.47 13.23 -44.38
N VAL B 256 -33.28 13.62 -43.11
CA VAL B 256 -34.08 14.70 -42.54
C VAL B 256 -33.82 16.02 -43.27
N GLU B 257 -32.57 16.31 -43.58
CA GLU B 257 -32.25 17.58 -44.22
C GLU B 257 -32.69 17.62 -45.68
N ASN B 258 -32.46 16.53 -46.42
CA ASN B 258 -32.88 16.51 -47.82
C ASN B 258 -34.39 16.59 -47.96
N SER B 259 -35.12 15.88 -47.09
CA SER B 259 -36.55 16.10 -47.05
C SER B 259 -36.85 17.41 -46.30
N GLY B 260 -38.11 17.81 -46.34
CA GLY B 260 -38.55 18.99 -45.64
C GLY B 260 -39.10 18.67 -44.27
N ASP B 261 -40.00 19.52 -43.79
CA ASP B 261 -40.72 19.27 -42.56
C ASP B 261 -42.15 18.89 -42.89
N PRO B 262 -42.65 17.75 -42.40
CA PRO B 262 -43.99 17.31 -42.77
C PRO B 262 -45.08 18.31 -42.45
N TRP B 263 -44.95 19.07 -41.36
CA TRP B 263 -45.90 20.11 -41.02
C TRP B 263 -45.60 21.43 -41.70
N GLU B 264 -44.78 21.41 -42.76
CA GLU B 264 -44.53 22.59 -43.58
C GLU B 264 -44.73 22.31 -45.06
N ASN B 265 -45.35 21.16 -45.40
CA ASN B 265 -45.48 20.70 -46.78
C ASN B 265 -44.12 20.61 -47.47
N PHE B 266 -43.08 20.25 -46.72
CA PHE B 266 -41.74 20.00 -47.25
C PHE B 266 -41.21 21.21 -48.02
N GLN B 267 -41.37 22.40 -47.44
CA GLN B 267 -40.97 23.62 -48.11
C GLN B 267 -39.63 24.18 -47.64
N ASN B 268 -39.10 23.69 -46.53
CA ASN B 268 -37.84 24.20 -45.97
C ASN B 268 -36.71 23.19 -46.13
N ASN B 269 -36.68 22.49 -47.26
CA ASN B 269 -35.65 21.50 -47.50
C ASN B 269 -34.30 22.17 -47.78
N GLN B 270 -33.23 21.43 -47.53
CA GLN B 270 -31.87 21.87 -47.81
C GLN B 270 -31.16 20.79 -48.61
N ALA B 271 -30.39 21.20 -49.61
CA ALA B 271 -29.71 20.28 -50.50
C ALA B 271 -28.38 19.86 -49.87
N LEU B 272 -28.29 18.61 -49.46
CA LEU B 272 -27.09 18.06 -48.85
C LEU B 272 -26.80 16.69 -49.44
N THR B 273 -25.51 16.36 -49.52
CA THR B 273 -25.07 15.04 -49.92
C THR B 273 -24.67 14.24 -48.69
N TYR B 274 -24.59 12.92 -48.87
CA TYR B 274 -24.26 12.04 -47.75
C TYR B 274 -22.85 12.32 -47.24
N TRP B 275 -21.92 12.59 -48.15
CA TRP B 275 -20.56 12.95 -47.76
C TRP B 275 -20.54 14.25 -46.98
N GLU B 276 -21.33 15.23 -47.41
CA GLU B 276 -21.41 16.49 -46.67
C GLU B 276 -21.97 16.25 -45.27
N CYS B 277 -22.96 15.39 -45.15
CA CYS B 277 -23.50 15.07 -43.82
C CYS B 277 -22.47 14.36 -42.95
N VAL B 278 -21.68 13.46 -43.54
CA VAL B 278 -20.64 12.77 -42.79
C VAL B 278 -19.60 13.77 -42.29
N TYR B 279 -19.19 14.69 -43.15
CA TYR B 279 -18.24 15.73 -42.75
C TYR B 279 -18.82 16.61 -41.65
N LEU B 280 -20.09 17.00 -41.79
CA LEU B 280 -20.77 17.79 -40.76
C LEU B 280 -20.76 17.08 -39.43
N LEU B 281 -21.10 15.80 -39.42
CA LEU B 281 -21.17 15.09 -38.16
C LEU B 281 -19.79 14.85 -37.56
N MET B 282 -18.76 14.66 -38.38
CA MET B 282 -17.41 14.58 -37.84
C MET B 282 -17.01 15.88 -37.17
N VAL B 283 -17.27 17.01 -37.84
CA VAL B 283 -16.93 18.30 -37.26
C VAL B 283 -17.70 18.54 -35.96
N THR B 284 -18.99 18.17 -35.93
CA THR B 284 -19.77 18.34 -34.71
C THR B 284 -19.28 17.45 -33.59
N MET B 285 -19.01 16.17 -33.89
CA MET B 285 -18.59 15.21 -32.88
C MET B 285 -17.21 15.54 -32.33
N SER B 286 -16.37 16.21 -33.11
CA SER B 286 -15.06 16.62 -32.61
C SER B 286 -15.10 17.92 -31.83
N THR B 287 -16.28 18.53 -31.68
CA THR B 287 -16.44 19.82 -30.99
C THR B 287 -15.61 20.91 -31.63
N VAL B 288 -15.51 20.89 -32.96
CA VAL B 288 -14.83 21.94 -33.70
C VAL B 288 -15.85 23.00 -34.10
N GLY B 289 -16.83 22.60 -34.91
CA GLY B 289 -17.92 23.49 -35.25
C GLY B 289 -17.53 24.66 -36.11
N TYR B 290 -17.13 24.40 -37.35
CA TYR B 290 -16.80 25.49 -38.26
C TYR B 290 -18.01 26.39 -38.50
N GLY B 291 -19.16 25.79 -38.78
CA GLY B 291 -20.35 26.54 -39.08
C GLY B 291 -20.60 26.79 -40.55
N ASP B 292 -19.78 26.21 -41.44
CA ASP B 292 -20.01 26.37 -42.86
C ASP B 292 -21.23 25.57 -43.32
N VAL B 293 -21.43 24.38 -42.76
CA VAL B 293 -22.62 23.57 -43.01
C VAL B 293 -23.26 23.23 -41.67
N TYR B 294 -24.59 23.28 -41.61
CA TYR B 294 -25.32 22.95 -40.40
C TYR B 294 -26.75 22.64 -40.76
N ALA B 295 -27.47 22.05 -39.80
CA ALA B 295 -28.86 21.71 -40.00
C ALA B 295 -29.75 22.91 -39.76
N LYS B 296 -30.75 23.09 -40.61
CA LYS B 296 -31.67 24.21 -40.53
C LYS B 296 -33.11 23.82 -40.25
N THR B 297 -33.49 22.56 -40.47
CA THR B 297 -34.85 22.14 -40.18
C THR B 297 -35.03 21.91 -38.70
N THR B 298 -36.29 21.94 -38.26
CA THR B 298 -36.60 21.72 -36.85
C THR B 298 -36.19 20.33 -36.41
N LEU B 299 -36.52 19.31 -37.21
CA LEU B 299 -36.13 17.94 -36.87
C LEU B 299 -34.61 17.79 -36.87
N GLY B 300 -33.93 18.41 -37.83
CA GLY B 300 -32.48 18.34 -37.85
C GLY B 300 -31.85 18.95 -36.62
N ARG B 301 -32.32 20.14 -36.22
CA ARG B 301 -31.79 20.78 -35.03
C ARG B 301 -32.08 19.95 -33.78
N LEU B 302 -33.29 19.39 -33.69
CA LEU B 302 -33.63 18.57 -32.54
C LEU B 302 -32.74 17.34 -32.45
N PHE B 303 -32.51 16.68 -33.58
CA PHE B 303 -31.66 15.50 -33.57
C PHE B 303 -30.23 15.86 -33.24
N MET B 304 -29.74 17.01 -33.72
CA MET B 304 -28.39 17.42 -33.35
C MET B 304 -28.30 17.69 -31.86
N VAL B 305 -29.32 18.32 -31.28
CA VAL B 305 -29.32 18.60 -29.84
C VAL B 305 -29.25 17.31 -29.04
N PHE B 306 -30.04 16.31 -29.43
CA PHE B 306 -29.98 15.04 -28.70
C PHE B 306 -28.71 14.25 -29.02
N PHE B 307 -28.17 14.39 -30.23
CA PHE B 307 -27.00 13.60 -30.61
C PHE B 307 -25.73 14.12 -29.95
N ILE B 308 -25.66 15.42 -29.67
CA ILE B 308 -24.47 15.99 -29.04
C ILE B 308 -24.16 15.27 -27.73
N LEU B 309 -25.18 15.13 -26.88
CA LEU B 309 -25.02 14.58 -25.53
C LEU B 309 -24.28 13.25 -25.55
N GLY B 310 -24.69 12.35 -26.45
CA GLY B 310 -24.06 11.04 -26.52
C GLY B 310 -22.80 11.02 -27.33
N GLY B 311 -22.82 11.69 -28.49
CA GLY B 311 -21.70 11.59 -29.42
C GLY B 311 -20.43 12.20 -28.89
N LEU B 312 -20.52 13.35 -28.22
CA LEU B 312 -19.30 13.97 -27.71
C LEU B 312 -18.61 13.08 -26.69
N ALA B 313 -19.40 12.53 -25.75
CA ALA B 313 -18.84 11.63 -24.76
C ALA B 313 -18.27 10.37 -25.41
N MET B 314 -18.98 9.82 -26.39
CA MET B 314 -18.50 8.62 -27.07
C MET B 314 -17.17 8.88 -27.75
N PHE B 315 -17.05 9.99 -28.47
CA PHE B 315 -15.81 10.32 -29.15
C PHE B 315 -14.67 10.49 -28.15
N ALA B 316 -14.89 11.33 -27.14
CA ALA B 316 -13.85 11.61 -26.16
C ALA B 316 -13.44 10.39 -25.37
N SER B 317 -14.32 9.39 -25.25
CA SER B 317 -13.97 8.18 -24.51
C SER B 317 -13.37 7.10 -25.40
N TYR B 318 -13.70 7.10 -26.69
CA TYR B 318 -13.27 6.01 -27.56
C TYR B 318 -11.98 6.31 -28.30
N VAL B 319 -11.81 7.54 -28.82
CA VAL B 319 -10.65 7.83 -29.65
C VAL B 319 -9.33 7.65 -28.90
N PRO B 320 -9.14 8.19 -27.69
CA PRO B 320 -7.88 7.92 -26.98
C PRO B 320 -7.64 6.45 -26.70
N GLU B 321 -8.69 5.68 -26.41
CA GLU B 321 -8.52 4.26 -26.12
C GLU B 321 -8.06 3.50 -27.37
N ILE B 322 -8.65 3.81 -28.53
CA ILE B 322 -8.21 3.18 -29.77
C ILE B 322 -6.77 3.58 -30.08
N ILE B 323 -6.45 4.86 -29.91
CA ILE B 323 -5.09 5.32 -30.18
C ILE B 323 -4.09 4.59 -29.28
N GLU B 324 -4.46 4.35 -28.02
CA GLU B 324 -3.58 3.64 -27.11
C GLU B 324 -3.44 2.17 -27.50
N LEU B 325 -4.55 1.50 -27.79
CA LEU B 325 -4.49 0.08 -28.12
C LEU B 325 -3.69 -0.17 -29.39
N ILE B 326 -3.96 0.59 -30.44
CA ILE B 326 -3.14 0.49 -31.63
C ILE B 326 -1.78 1.13 -31.38
N GLY B 327 -0.78 0.69 -32.13
CA GLY B 327 0.55 1.20 -31.94
C GLY B 327 1.22 0.79 -30.64
N ASN B 328 0.62 -0.13 -29.90
CA ASN B 328 1.22 -0.67 -28.68
C ASN B 328 2.12 -1.82 -29.10
N ARG B 329 3.43 -1.55 -29.16
CA ARG B 329 4.36 -2.49 -29.76
C ARG B 329 5.68 -2.44 -29.00
N LYS B 330 6.50 -3.48 -29.23
CA LYS B 330 7.84 -3.54 -28.68
C LYS B 330 8.82 -2.97 -29.69
N LYS B 331 9.61 -1.98 -29.26
CA LYS B 331 10.57 -1.35 -30.15
C LYS B 331 11.80 -2.22 -30.38
N TYR B 332 12.22 -2.99 -29.37
CA TYR B 332 13.47 -3.72 -29.42
C TYR B 332 13.30 -5.20 -29.71
N GLY B 333 12.14 -5.61 -30.22
CA GLY B 333 12.02 -6.96 -30.74
C GLY B 333 12.93 -7.16 -31.93
N GLY B 334 13.45 -8.37 -32.07
CA GLY B 334 14.37 -8.66 -33.15
C GLY B 334 15.33 -9.76 -32.73
N SER B 335 16.34 -9.97 -33.58
CA SER B 335 17.32 -11.01 -33.37
C SER B 335 18.68 -10.55 -33.83
N TYR B 336 19.71 -10.92 -33.07
CA TYR B 336 21.08 -10.60 -33.44
C TYR B 336 21.51 -11.44 -34.63
N SER B 337 22.31 -10.85 -35.51
CA SER B 337 22.83 -11.53 -36.68
C SER B 337 24.34 -11.65 -36.54
N ALA B 338 24.84 -12.88 -36.53
CA ALA B 338 26.26 -13.11 -36.31
C ALA B 338 27.09 -12.62 -37.48
N VAL B 339 28.31 -12.19 -37.17
CA VAL B 339 29.26 -11.72 -38.16
C VAL B 339 30.46 -12.66 -38.14
N SER B 340 30.79 -13.23 -39.30
CA SER B 340 31.91 -14.15 -39.37
C SER B 340 33.22 -13.43 -39.09
N GLY B 341 34.04 -14.03 -38.24
CA GLY B 341 35.33 -13.48 -37.88
C GLY B 341 35.32 -12.53 -36.70
N ARG B 342 34.16 -12.24 -36.13
CA ARG B 342 34.05 -11.34 -34.99
C ARG B 342 33.22 -12.01 -33.91
N LYS B 343 33.74 -12.01 -32.68
CA LYS B 343 33.08 -12.65 -31.56
C LYS B 343 32.11 -11.69 -30.88
N HIS B 344 31.27 -12.24 -30.00
CA HIS B 344 30.31 -11.43 -29.27
C HIS B 344 29.99 -12.10 -27.95
N ILE B 345 29.55 -11.30 -26.98
CA ILE B 345 29.20 -11.79 -25.66
C ILE B 345 27.80 -11.28 -25.31
N VAL B 346 27.19 -11.92 -24.31
CA VAL B 346 25.84 -11.62 -23.87
C VAL B 346 25.89 -11.21 -22.41
N VAL B 347 25.24 -10.09 -22.08
CA VAL B 347 25.19 -9.56 -20.72
C VAL B 347 23.74 -9.50 -20.29
N CYS B 348 23.45 -10.05 -19.10
CA CYS B 348 22.10 -10.08 -18.57
C CYS B 348 22.12 -9.90 -17.06
N GLY B 349 20.99 -9.45 -16.52
CA GLY B 349 20.84 -9.33 -15.08
C GLY B 349 21.22 -7.97 -14.53
N HIS B 350 20.26 -7.29 -13.91
CA HIS B 350 20.47 -5.98 -13.28
C HIS B 350 21.12 -5.00 -14.24
N ILE B 351 20.39 -4.67 -15.31
CA ILE B 351 20.85 -3.73 -16.31
C ILE B 351 20.31 -2.35 -15.93
N THR B 352 21.17 -1.50 -15.39
CA THR B 352 20.83 -0.13 -15.04
C THR B 352 21.87 0.81 -15.62
N LEU B 353 21.59 2.11 -15.54
CA LEU B 353 22.45 3.10 -16.16
C LEU B 353 23.84 3.10 -15.54
N GLU B 354 23.92 3.13 -14.21
CA GLU B 354 25.23 3.20 -13.55
C GLU B 354 26.06 1.96 -13.83
N SER B 355 25.44 0.77 -13.70
CA SER B 355 26.17 -0.47 -13.92
C SER B 355 26.64 -0.58 -15.37
N VAL B 356 25.77 -0.24 -16.32
CA VAL B 356 26.17 -0.32 -17.72
C VAL B 356 27.28 0.68 -18.01
N SER B 357 27.18 1.90 -17.48
CA SER B 357 28.19 2.91 -17.73
C SER B 357 29.56 2.48 -17.21
N ASN B 358 29.62 2.08 -15.93
CA ASN B 358 30.92 1.75 -15.35
C ASN B 358 31.36 0.34 -15.70
N PHE B 359 30.55 -0.43 -16.42
CA PHE B 359 31.03 -1.66 -17.03
C PHE B 359 31.62 -1.41 -18.41
N LEU B 360 30.96 -0.58 -19.22
CA LEU B 360 31.50 -0.23 -20.52
C LEU B 360 32.80 0.54 -20.40
N LYS B 361 32.89 1.40 -19.37
CA LYS B 361 34.10 2.19 -19.18
C LYS B 361 35.33 1.31 -19.01
N ASP B 362 35.17 0.17 -18.32
CA ASP B 362 36.28 -0.75 -18.12
C ASP B 362 36.42 -1.75 -19.26
N PHE B 363 35.33 -2.10 -19.94
CA PHE B 363 35.41 -3.07 -21.02
C PHE B 363 36.00 -2.50 -22.28
N LEU B 364 35.75 -1.23 -22.58
CA LEU B 364 36.21 -0.60 -23.81
C LEU B 364 37.36 0.39 -23.56
N HIS B 365 38.14 0.15 -22.52
CA HIS B 365 39.26 1.03 -22.22
C HIS B 365 40.32 0.94 -23.32
N LYS B 366 41.07 2.02 -23.48
CA LYS B 366 42.06 2.09 -24.55
C LYS B 366 43.36 1.36 -24.22
N ASP B 367 43.59 1.04 -22.95
CA ASP B 367 44.83 0.35 -22.58
C ASP B 367 44.82 -1.09 -23.04
N ARG B 368 43.64 -1.70 -23.16
CA ARG B 368 43.56 -3.06 -23.69
C ARG B 368 44.00 -3.08 -25.15
N ASP B 369 44.49 -4.23 -25.59
CA ASP B 369 44.79 -4.42 -27.00
C ASP B 369 43.52 -4.25 -27.83
N ASP B 370 43.70 -4.12 -29.15
CA ASP B 370 42.56 -3.92 -30.02
C ASP B 370 41.56 -5.06 -29.87
N VAL B 371 40.30 -4.70 -29.66
CA VAL B 371 39.26 -5.68 -29.38
C VAL B 371 38.19 -5.59 -30.47
N ASN B 372 37.57 -6.73 -30.75
CA ASN B 372 36.52 -6.81 -31.75
C ASN B 372 35.24 -7.44 -31.21
N VAL B 373 35.21 -7.86 -29.95
CA VAL B 373 34.00 -8.47 -29.40
C VAL B 373 32.89 -7.44 -29.35
N GLU B 374 31.67 -7.89 -29.60
CA GLU B 374 30.49 -7.03 -29.62
C GLU B 374 29.58 -7.39 -28.46
N ILE B 375 29.21 -6.39 -27.68
CA ILE B 375 28.42 -6.60 -26.47
C ILE B 375 26.95 -6.57 -26.83
N VAL B 376 26.21 -7.59 -26.38
CA VAL B 376 24.78 -7.71 -26.64
C VAL B 376 24.07 -7.84 -25.31
N PHE B 377 23.22 -6.87 -24.98
CA PHE B 377 22.47 -6.90 -23.74
C PHE B 377 21.14 -7.62 -23.94
N LEU B 378 20.55 -8.04 -22.82
CA LEU B 378 19.29 -8.77 -22.86
C LEU B 378 18.57 -8.55 -21.54
N HIS B 379 17.54 -7.72 -21.55
CA HIS B 379 16.79 -7.39 -20.34
C HIS B 379 15.31 -7.41 -20.66
N ASN B 380 14.49 -7.62 -19.63
CA ASN B 380 13.04 -7.72 -19.78
C ASN B 380 12.33 -6.42 -19.44
N ILE B 381 13.07 -5.33 -19.22
CA ILE B 381 12.50 -4.03 -18.93
C ILE B 381 12.99 -3.07 -20.01
N SER B 382 12.06 -2.33 -20.61
CA SER B 382 12.42 -1.39 -21.66
C SER B 382 13.30 -0.29 -21.09
N PRO B 383 14.42 0.04 -21.74
CA PRO B 383 15.30 1.07 -21.19
C PRO B 383 14.68 2.45 -21.28
N ASN B 384 15.10 3.32 -20.38
CA ASN B 384 14.61 4.69 -20.34
C ASN B 384 15.41 5.57 -21.30
N LEU B 385 15.04 6.85 -21.37
CA LEU B 385 15.65 7.76 -22.32
C LEU B 385 17.14 7.97 -22.02
N GLU B 386 17.48 8.10 -20.73
CA GLU B 386 18.86 8.40 -20.38
C GLU B 386 19.78 7.23 -20.67
N LEU B 387 19.26 6.01 -20.67
CA LEU B 387 20.03 4.83 -21.05
C LEU B 387 20.06 4.62 -22.55
N GLU B 388 18.95 4.93 -23.24
CA GLU B 388 18.95 4.92 -24.69
C GLU B 388 19.98 5.90 -25.24
N ALA B 389 20.18 7.02 -24.55
CA ALA B 389 21.20 7.97 -24.97
C ALA B 389 22.60 7.34 -24.92
N LEU B 390 22.90 6.60 -23.85
CA LEU B 390 24.19 5.94 -23.77
C LEU B 390 24.35 4.88 -24.86
N PHE B 391 23.29 4.09 -25.09
CA PHE B 391 23.36 3.09 -26.15
C PHE B 391 23.57 3.74 -27.51
N LYS B 392 22.95 4.90 -27.74
CA LYS B 392 23.19 5.63 -28.98
C LYS B 392 24.62 6.14 -29.05
N ARG B 393 25.18 6.55 -27.91
CA ARG B 393 26.58 6.98 -27.89
C ARG B 393 27.50 5.85 -28.31
N HIS B 394 27.27 4.65 -27.79
CA HIS B 394 28.04 3.47 -28.21
C HIS B 394 27.29 2.72 -29.31
N PHE B 395 27.01 3.45 -30.39
CA PHE B 395 26.12 2.94 -31.42
C PHE B 395 26.67 1.72 -32.14
N THR B 396 27.97 1.71 -32.42
CA THR B 396 28.57 0.68 -33.26
C THR B 396 29.22 -0.44 -32.46
N GLN B 397 29.03 -0.48 -31.14
CA GLN B 397 29.68 -1.48 -30.30
C GLN B 397 28.74 -2.28 -29.42
N VAL B 398 27.54 -1.79 -29.13
CA VAL B 398 26.60 -2.52 -28.29
C VAL B 398 25.25 -2.60 -28.99
N GLU B 399 24.48 -3.60 -28.61
CA GLU B 399 23.11 -3.79 -29.10
C GLU B 399 22.23 -4.20 -27.93
N PHE B 400 20.95 -3.84 -28.01
CA PHE B 400 19.99 -4.15 -26.96
C PHE B 400 18.82 -4.92 -27.55
N TYR B 401 18.38 -5.94 -26.83
CA TYR B 401 17.23 -6.74 -27.21
C TYR B 401 16.39 -7.02 -25.98
N GLN B 402 15.07 -6.89 -26.13
CA GLN B 402 14.16 -7.07 -25.01
C GLN B 402 13.72 -8.53 -24.93
N GLY B 403 13.83 -9.11 -23.74
CA GLY B 403 13.45 -10.50 -23.55
C GLY B 403 13.87 -10.96 -22.18
N SER B 404 13.66 -12.25 -21.94
CA SER B 404 13.96 -12.87 -20.66
C SER B 404 14.94 -14.02 -20.87
N VAL B 405 15.92 -14.12 -19.98
CA VAL B 405 16.93 -15.17 -20.07
C VAL B 405 16.37 -16.53 -19.70
N LEU B 406 15.16 -16.59 -19.16
CA LEU B 406 14.49 -17.84 -18.82
C LEU B 406 13.60 -18.34 -19.95
N ASN B 407 13.79 -17.84 -21.16
CA ASN B 407 12.97 -18.21 -22.31
C ASN B 407 13.85 -18.74 -23.43
N PRO B 408 13.69 -20.00 -23.84
CA PRO B 408 14.54 -20.53 -24.92
C PRO B 408 14.43 -19.77 -26.22
N HIS B 409 13.26 -19.23 -26.54
CA HIS B 409 13.13 -18.46 -27.78
C HIS B 409 14.00 -17.21 -27.73
N ASP B 410 14.00 -16.50 -26.61
CA ASP B 410 14.87 -15.33 -26.46
C ASP B 410 16.34 -15.74 -26.49
N LEU B 411 16.68 -16.83 -25.81
CA LEU B 411 18.07 -17.30 -25.83
C LEU B 411 18.53 -17.62 -27.24
N ALA B 412 17.63 -18.15 -28.08
CA ALA B 412 17.97 -18.37 -29.48
C ALA B 412 17.98 -17.07 -30.26
N ARG B 413 17.19 -16.09 -29.84
CA ARG B 413 17.21 -14.78 -30.51
C ARG B 413 18.56 -14.10 -30.33
N VAL B 414 19.16 -14.20 -29.16
CA VAL B 414 20.42 -13.50 -28.91
C VAL B 414 21.61 -14.35 -29.35
N LYS B 415 21.33 -15.47 -30.02
CA LYS B 415 22.36 -16.36 -30.56
C LYS B 415 23.35 -16.79 -29.49
N ILE B 416 22.83 -17.49 -28.49
CA ILE B 416 23.69 -18.01 -27.42
C ILE B 416 24.64 -19.08 -27.97
N GLU B 417 24.18 -19.88 -28.93
CA GLU B 417 24.93 -21.04 -29.38
C GLU B 417 26.31 -20.65 -29.92
N SER B 418 26.44 -19.46 -30.48
CA SER B 418 27.71 -19.00 -31.04
C SER B 418 28.35 -17.90 -30.21
N ALA B 419 27.80 -17.59 -29.04
CA ALA B 419 28.40 -16.59 -28.17
C ALA B 419 29.70 -17.10 -27.57
N ASP B 420 30.53 -16.17 -27.13
CA ASP B 420 31.79 -16.52 -26.49
C ASP B 420 31.68 -16.67 -24.99
N ALA B 421 30.83 -15.85 -24.35
CA ALA B 421 30.63 -15.94 -22.91
C ALA B 421 29.33 -15.24 -22.56
N CYS B 422 28.82 -15.54 -21.37
CA CYS B 422 27.63 -14.89 -20.84
C CYS B 422 27.96 -14.32 -19.48
N LEU B 423 27.76 -13.02 -19.30
CA LEU B 423 28.10 -12.31 -18.08
C LEU B 423 26.81 -11.95 -17.35
N ILE B 424 26.76 -12.24 -16.06
CA ILE B 424 25.57 -11.99 -15.24
C ILE B 424 25.96 -11.00 -14.15
N LEU B 425 25.49 -9.77 -14.27
CA LEU B 425 25.69 -8.78 -13.24
C LEU B 425 24.73 -9.02 -12.08
N ALA B 426 25.12 -8.52 -10.90
CA ALA B 426 24.33 -8.71 -9.70
C ALA B 426 24.06 -7.37 -9.04
N ASN B 427 23.03 -7.35 -8.20
CA ASN B 427 22.62 -6.15 -7.46
C ASN B 427 23.27 -6.22 -6.09
N LYS B 428 24.42 -5.56 -5.93
CA LYS B 428 25.14 -5.61 -4.67
C LYS B 428 24.35 -4.96 -3.55
N TYR B 429 23.65 -3.87 -3.84
CA TYR B 429 22.90 -3.13 -2.82
C TYR B 429 21.47 -3.64 -2.73
N CYS B 430 21.35 -4.94 -2.46
CA CYS B 430 20.06 -5.61 -2.41
C CYS B 430 19.58 -5.75 -0.97
N ALA B 431 18.25 -5.71 -0.81
CA ALA B 431 17.67 -5.84 0.52
C ALA B 431 17.83 -7.26 1.06
N ASP B 432 17.50 -8.26 0.24
CA ASP B 432 17.55 -9.66 0.66
C ASP B 432 18.60 -10.39 -0.18
N PRO B 433 19.77 -10.67 0.37
CA PRO B 433 20.83 -11.31 -0.44
C PRO B 433 20.46 -12.68 -0.97
N ASP B 434 19.59 -13.42 -0.29
CA ASP B 434 19.32 -14.80 -0.69
C ASP B 434 18.49 -14.87 -1.96
N ALA B 435 17.52 -13.98 -2.10
CA ALA B 435 16.65 -14.01 -3.28
C ALA B 435 17.44 -13.70 -4.55
N GLU B 436 18.36 -12.75 -4.48
CA GLU B 436 19.19 -12.43 -5.64
C GLU B 436 20.05 -13.61 -6.04
N ASP B 437 20.63 -14.30 -5.06
CA ASP B 437 21.43 -15.49 -5.37
C ASP B 437 20.57 -16.58 -5.99
N ALA B 438 19.35 -16.76 -5.48
CA ALA B 438 18.45 -17.75 -6.06
C ALA B 438 18.12 -17.41 -7.51
N SER B 439 17.85 -16.14 -7.78
CA SER B 439 17.56 -15.73 -9.17
C SER B 439 18.75 -15.96 -10.08
N ASN B 440 19.95 -15.64 -9.59
CA ASN B 440 21.15 -15.87 -10.40
C ASN B 440 21.36 -17.36 -10.66
N ILE B 441 21.09 -18.20 -9.66
CA ILE B 441 21.21 -19.65 -9.85
C ILE B 441 20.22 -20.13 -10.90
N MET B 442 18.99 -19.62 -10.85
CA MET B 442 18.00 -19.99 -11.87
C MET B 442 18.46 -19.56 -13.26
N ARG B 443 19.02 -18.36 -13.38
CA ARG B 443 19.50 -17.90 -14.68
C ARG B 443 20.62 -18.79 -15.20
N VAL B 444 21.57 -19.15 -14.34
CA VAL B 444 22.67 -20.03 -14.75
C VAL B 444 22.13 -21.38 -15.18
N ILE B 445 21.18 -21.93 -14.42
CA ILE B 445 20.59 -23.21 -14.76
C ILE B 445 19.92 -23.14 -16.14
N SER B 446 19.18 -22.06 -16.40
CA SER B 446 18.51 -21.93 -17.69
C SER B 446 19.51 -21.84 -18.84
N ILE B 447 20.57 -21.05 -18.65
CA ILE B 447 21.56 -20.88 -19.73
C ILE B 447 22.26 -22.20 -20.02
N LYS B 448 22.68 -22.92 -18.97
CA LYS B 448 23.35 -24.19 -19.19
C LYS B 448 22.39 -25.25 -19.71
N ASN B 449 21.10 -25.13 -19.40
CA ASN B 449 20.10 -26.02 -19.98
C ASN B 449 20.00 -25.81 -21.48
N TYR B 450 19.97 -24.55 -21.91
CA TYR B 450 19.90 -24.29 -23.34
C TYR B 450 21.17 -24.73 -24.05
N HIS B 451 22.34 -24.37 -23.53
CA HIS B 451 23.58 -24.75 -24.17
C HIS B 451 24.63 -25.11 -23.12
N PRO B 452 24.95 -26.40 -22.96
CA PRO B 452 25.81 -26.83 -21.86
C PRO B 452 27.30 -26.57 -22.05
N LYS B 453 27.72 -26.03 -23.19
CA LYS B 453 29.13 -25.77 -23.45
C LYS B 453 29.49 -24.30 -23.35
N ILE B 454 28.54 -23.44 -22.99
CA ILE B 454 28.83 -22.01 -22.89
C ILE B 454 29.69 -21.72 -21.67
N ARG B 455 30.34 -20.57 -21.68
CA ARG B 455 31.16 -20.10 -20.57
C ARG B 455 30.42 -18.99 -19.84
N ILE B 456 30.35 -19.10 -18.52
CA ILE B 456 29.51 -18.25 -17.68
C ILE B 456 30.38 -17.59 -16.62
N ILE B 457 30.20 -16.28 -16.44
CA ILE B 457 30.85 -15.52 -15.38
C ILE B 457 29.76 -14.80 -14.61
N THR B 458 29.72 -14.99 -13.29
CA THR B 458 28.62 -14.49 -12.49
C THR B 458 29.15 -13.94 -11.17
N GLN B 459 28.30 -13.18 -10.48
CA GLN B 459 28.60 -12.59 -9.19
C GLN B 459 27.68 -13.16 -8.14
N MET B 460 28.25 -13.58 -7.01
CA MET B 460 27.47 -14.08 -5.88
C MET B 460 27.70 -13.21 -4.66
N LEU B 461 26.70 -13.21 -3.77
CA LEU B 461 26.76 -12.40 -2.57
C LEU B 461 27.06 -13.18 -1.31
N GLN B 462 26.78 -14.48 -1.29
CA GLN B 462 27.02 -15.32 -0.12
C GLN B 462 27.80 -16.55 -0.52
N TYR B 463 28.73 -16.97 0.35
CA TYR B 463 29.58 -18.11 0.05
C TYR B 463 28.78 -19.40 -0.03
N HIS B 464 27.87 -19.62 0.91
CA HIS B 464 27.08 -20.85 0.91
C HIS B 464 26.15 -20.93 -0.29
N ASN B 465 25.73 -19.80 -0.85
CA ASN B 465 24.99 -19.82 -2.10
C ASN B 465 25.89 -20.16 -3.28
N LYS B 466 27.13 -19.66 -3.26
CA LYS B 466 28.09 -20.04 -4.29
C LYS B 466 28.38 -21.53 -4.25
N ALA B 467 28.30 -22.14 -3.08
CA ALA B 467 28.53 -23.58 -2.98
C ALA B 467 27.53 -24.39 -3.78
N HIS B 468 26.36 -23.82 -4.10
CA HIS B 468 25.36 -24.57 -4.88
C HIS B 468 25.79 -24.76 -6.32
N LEU B 469 26.49 -23.79 -6.91
CA LEU B 469 26.88 -23.89 -8.31
C LEU B 469 27.79 -25.08 -8.58
N LEU B 470 28.48 -25.59 -7.57
CA LEU B 470 29.37 -26.73 -7.77
C LEU B 470 28.60 -28.02 -8.08
N ASN B 471 27.28 -28.04 -7.92
CA ASN B 471 26.49 -29.23 -8.14
C ASN B 471 25.72 -29.22 -9.45
N ILE B 472 25.83 -28.14 -10.23
CA ILE B 472 25.21 -28.15 -11.56
C ILE B 472 25.93 -29.18 -12.42
N PRO B 473 25.21 -30.04 -13.15
CA PRO B 473 25.88 -31.14 -13.86
C PRO B 473 26.91 -30.69 -14.88
N SER B 474 26.70 -29.57 -15.55
CA SER B 474 27.57 -29.13 -16.63
C SER B 474 28.44 -27.93 -16.25
N TRP B 475 28.50 -27.57 -14.97
CA TRP B 475 29.33 -26.46 -14.53
C TRP B 475 30.75 -26.95 -14.34
N ASN B 476 31.64 -26.59 -15.26
CA ASN B 476 33.02 -27.06 -15.29
C ASN B 476 33.94 -25.89 -14.97
N TRP B 477 34.44 -25.85 -13.74
CA TRP B 477 35.29 -24.73 -13.32
C TRP B 477 36.75 -24.91 -13.70
N LYS B 478 37.14 -26.09 -14.19
CA LYS B 478 38.47 -26.21 -14.78
C LYS B 478 38.61 -25.33 -16.00
N GLU B 479 37.57 -25.23 -16.81
CA GLU B 479 37.50 -24.28 -17.90
C GLU B 479 37.10 -22.91 -17.33
N GLY B 480 36.74 -21.98 -18.21
CA GLY B 480 36.52 -20.61 -17.79
C GLY B 480 35.20 -20.32 -17.11
N ASP B 481 34.66 -21.28 -16.34
CA ASP B 481 33.46 -21.04 -15.55
C ASP B 481 33.89 -20.47 -14.20
N ASP B 482 33.64 -19.18 -13.99
CA ASP B 482 34.11 -18.47 -12.81
C ASP B 482 32.93 -17.87 -12.07
N ALA B 483 32.87 -18.07 -10.76
CA ALA B 483 31.90 -17.44 -9.89
C ALA B 483 32.62 -16.53 -8.92
N ILE B 484 32.22 -15.27 -8.88
CA ILE B 484 32.88 -14.24 -8.08
C ILE B 484 32.04 -14.01 -6.84
N CYS B 485 32.52 -14.50 -5.70
CA CYS B 485 31.87 -14.27 -4.42
C CYS B 485 32.41 -12.99 -3.82
N LEU B 486 31.53 -12.00 -3.63
CA LEU B 486 31.98 -10.69 -3.17
C LEU B 486 32.40 -10.72 -1.71
N ALA B 487 31.63 -11.39 -0.85
CA ALA B 487 31.96 -11.43 0.57
C ALA B 487 33.30 -12.11 0.80
N GLU B 488 33.54 -13.24 0.13
CA GLU B 488 34.79 -13.95 0.29
C GLU B 488 35.98 -13.08 -0.10
N LEU B 489 35.90 -12.44 -1.27
CA LEU B 489 37.01 -11.62 -1.74
C LEU B 489 37.23 -10.41 -0.84
N LYS B 490 36.16 -9.76 -0.39
CA LYS B 490 36.30 -8.59 0.46
C LYS B 490 36.94 -8.96 1.80
N LEU B 491 36.43 -10.01 2.45
CA LEU B 491 36.99 -10.42 3.73
C LEU B 491 38.42 -10.93 3.57
N GLY B 492 38.74 -11.57 2.44
CA GLY B 492 40.11 -11.97 2.20
C GLY B 492 41.04 -10.79 2.03
N PHE B 493 40.59 -9.76 1.31
CA PHE B 493 41.38 -8.54 1.19
C PHE B 493 41.65 -7.92 2.56
N ILE B 494 40.62 -7.85 3.39
CA ILE B 494 40.80 -7.29 4.73
C ILE B 494 41.77 -8.13 5.55
N ALA B 495 41.61 -9.46 5.50
CA ALA B 495 42.48 -10.34 6.27
C ALA B 495 43.93 -10.23 5.83
N GLN B 496 44.16 -10.13 4.53
CA GLN B 496 45.53 -9.91 4.05
C GLN B 496 46.04 -8.53 4.42
N SER B 497 45.15 -7.53 4.52
CA SER B 497 45.57 -6.23 5.02
C SER B 497 45.98 -6.29 6.48
N CYS B 498 45.42 -7.23 7.24
CA CYS B 498 45.85 -7.39 8.63
C CYS B 498 47.34 -7.77 8.70
N LEU B 499 47.81 -8.58 7.75
CA LEU B 499 49.22 -8.93 7.73
C LEU B 499 50.08 -7.77 7.25
N ALA B 500 49.61 -7.04 6.25
CA ALA B 500 50.35 -5.90 5.69
C ALA B 500 49.35 -4.82 5.29
N GLN B 501 49.45 -3.66 5.94
CA GLN B 501 48.51 -2.58 5.70
C GLN B 501 48.69 -2.01 4.30
N GLY B 502 47.57 -1.59 3.71
CA GLY B 502 47.56 -1.04 2.36
C GLY B 502 47.45 -2.08 1.26
N LEU B 503 47.53 -3.36 1.59
CA LEU B 503 47.51 -4.41 0.57
C LEU B 503 46.17 -4.45 -0.14
N SER B 504 45.07 -4.21 0.58
CA SER B 504 43.76 -4.20 -0.05
C SER B 504 43.68 -3.11 -1.11
N THR B 505 44.13 -1.90 -0.78
CA THR B 505 44.12 -0.80 -1.74
C THR B 505 44.99 -1.13 -2.94
N MET B 506 46.21 -1.61 -2.69
CA MET B 506 47.14 -1.88 -3.78
C MET B 506 46.62 -2.98 -4.70
N LEU B 507 46.00 -4.01 -4.12
CA LEU B 507 45.41 -5.08 -4.94
C LEU B 507 44.22 -4.57 -5.74
N ALA B 508 43.30 -3.84 -5.09
CA ALA B 508 42.13 -3.34 -5.78
C ALA B 508 42.47 -2.32 -6.86
N ASN B 509 43.65 -1.71 -6.79
CA ASN B 509 44.06 -0.79 -7.84
C ASN B 509 44.68 -1.50 -9.04
N LEU B 510 44.85 -2.81 -8.97
CA LEU B 510 45.45 -3.58 -10.05
C LEU B 510 44.43 -4.12 -11.05
N PHE B 511 43.14 -3.85 -10.85
CA PHE B 511 42.11 -4.38 -11.74
C PHE B 511 41.27 -3.30 -12.40
N SER B 512 41.50 -2.03 -12.09
CA SER B 512 40.83 -0.93 -12.77
C SER B 512 41.74 -0.42 -13.88
N MET B 513 41.24 -0.43 -15.11
CA MET B 513 42.05 0.01 -16.25
C MET B 513 42.16 1.52 -16.21
N ARG B 514 43.38 2.03 -16.02
CA ARG B 514 43.61 3.44 -15.81
C ARG B 514 44.82 3.88 -16.61
N SER B 515 44.81 5.15 -17.03
CA SER B 515 45.89 5.72 -17.80
C SER B 515 46.83 6.48 -16.87
N PHE B 516 47.90 7.04 -17.45
CA PHE B 516 48.90 7.76 -16.70
C PHE B 516 48.49 9.24 -16.60
N ILE B 517 48.19 9.69 -15.40
CA ILE B 517 47.84 11.08 -15.14
C ILE B 517 49.06 11.77 -14.54
N LYS B 518 49.49 12.87 -15.17
CA LYS B 518 50.72 13.55 -14.79
C LYS B 518 50.38 14.83 -14.02
N ILE B 519 50.98 14.97 -12.85
CA ILE B 519 50.79 16.12 -11.98
C ILE B 519 52.16 16.79 -11.78
N GLU B 520 52.21 18.09 -11.99
CA GLU B 520 53.49 18.82 -11.93
C GLU B 520 53.80 19.34 -10.54
N GLU B 521 52.80 19.83 -9.81
CA GLU B 521 53.05 20.30 -8.46
C GLU B 521 53.38 19.13 -7.54
N ASP B 522 54.29 19.36 -6.61
CA ASP B 522 54.84 18.29 -5.78
C ASP B 522 53.89 17.98 -4.64
N THR B 523 53.03 16.98 -4.84
CA THR B 523 52.15 16.45 -3.80
C THR B 523 52.29 14.94 -3.77
N TRP B 524 51.59 14.31 -2.84
CA TRP B 524 51.63 12.84 -2.77
C TRP B 524 50.81 12.21 -3.89
N GLN B 525 49.81 12.93 -4.41
CA GLN B 525 49.06 12.43 -5.55
C GLN B 525 49.96 12.21 -6.75
N LYS B 526 51.00 13.02 -6.91
CA LYS B 526 51.90 12.89 -8.04
C LYS B 526 52.59 11.54 -8.06
N TYR B 527 53.02 11.06 -6.88
CA TYR B 527 53.62 9.74 -6.80
C TYR B 527 52.59 8.62 -6.78
N TYR B 528 51.41 8.88 -6.19
CA TYR B 528 50.38 7.84 -6.12
C TYR B 528 49.84 7.51 -7.51
N LEU B 529 49.63 8.51 -8.35
CA LEU B 529 49.07 8.27 -9.67
C LEU B 529 50.07 7.60 -10.61
N GLU B 530 51.36 7.67 -10.30
CA GLU B 530 52.34 6.93 -11.09
C GLU B 530 52.24 5.43 -10.85
N GLY B 531 51.67 5.00 -9.73
CA GLY B 531 51.51 3.60 -9.45
C GLY B 531 50.10 3.12 -9.71
N VAL B 532 49.14 4.05 -9.66
CA VAL B 532 47.76 3.69 -9.99
C VAL B 532 47.65 3.21 -11.43
N SER B 533 48.50 3.70 -12.33
CA SER B 533 48.39 3.41 -13.74
C SER B 533 48.67 1.96 -14.10
N ASN B 534 49.22 1.16 -13.18
CA ASN B 534 49.58 -0.20 -13.51
C ASN B 534 48.37 -1.12 -13.51
N GLU B 535 48.52 -2.24 -14.21
CA GLU B 535 47.51 -3.29 -14.28
C GLU B 535 48.22 -4.64 -14.34
N MET B 536 47.46 -5.72 -14.15
CA MET B 536 47.99 -7.06 -14.20
C MET B 536 47.55 -7.76 -15.47
N TYR B 537 48.49 -8.44 -16.13
CA TYR B 537 48.25 -9.07 -17.42
C TYR B 537 48.84 -10.47 -17.42
N THR B 538 48.31 -11.31 -18.29
CA THR B 538 48.82 -12.65 -18.50
C THR B 538 49.41 -12.76 -19.91
N GLU B 539 50.47 -13.57 -20.03
CA GLU B 539 51.18 -13.68 -21.30
C GLU B 539 51.97 -14.98 -21.32
N TYR B 540 51.97 -15.63 -22.48
CA TYR B 540 52.76 -16.86 -22.64
C TYR B 540 54.24 -16.52 -22.70
N LEU B 541 55.04 -17.29 -21.97
CA LEU B 541 56.48 -17.07 -21.95
C LEU B 541 57.13 -17.49 -23.26
N SER B 542 58.23 -16.82 -23.60
CA SER B 542 58.97 -17.17 -24.80
C SER B 542 59.68 -18.51 -24.62
N SER B 543 60.19 -19.04 -25.74
CA SER B 543 60.90 -20.31 -25.72
C SER B 543 62.33 -20.18 -25.21
N ALA B 544 62.83 -18.96 -25.01
CA ALA B 544 64.18 -18.77 -24.52
C ALA B 544 64.31 -19.05 -23.03
N PHE B 545 63.20 -19.04 -22.29
CA PHE B 545 63.21 -19.21 -20.85
C PHE B 545 62.92 -20.64 -20.41
N VAL B 546 62.92 -21.59 -21.34
CA VAL B 546 62.62 -22.97 -20.97
C VAL B 546 63.69 -23.54 -20.05
N GLY B 547 64.96 -23.27 -20.35
CA GLY B 547 66.03 -23.81 -19.53
C GLY B 547 66.16 -23.12 -18.19
N LEU B 548 65.93 -21.81 -18.14
CA LEU B 548 66.26 -21.01 -16.98
C LEU B 548 65.30 -21.26 -15.83
N SER B 549 65.68 -20.77 -14.65
CA SER B 549 64.89 -20.91 -13.43
C SER B 549 64.13 -19.61 -13.14
N PHE B 550 63.18 -19.69 -12.21
CA PHE B 550 62.30 -18.56 -11.94
C PHE B 550 63.04 -17.32 -11.43
N PRO B 551 63.93 -17.40 -10.44
CA PRO B 551 64.61 -16.16 -10.01
C PRO B 551 65.38 -15.50 -11.13
N THR B 552 66.13 -16.28 -11.91
CA THR B 552 66.92 -15.71 -13.01
C THR B 552 66.02 -15.09 -14.07
N VAL B 553 64.93 -15.78 -14.45
CA VAL B 553 64.08 -15.25 -15.49
C VAL B 553 63.35 -14.00 -15.01
N CYS B 554 62.97 -13.97 -13.73
CA CYS B 554 62.32 -12.78 -13.18
C CYS B 554 63.26 -11.59 -13.16
N GLU B 555 64.50 -11.80 -12.70
CA GLU B 555 65.46 -10.71 -12.69
C GLU B 555 65.75 -10.22 -14.11
N LEU B 556 65.88 -11.15 -15.06
CA LEU B 556 66.12 -10.76 -16.45
C LEU B 556 64.94 -9.95 -16.99
N CYS B 557 63.72 -10.44 -16.78
CA CYS B 557 62.53 -9.72 -17.24
C CYS B 557 62.51 -8.31 -16.67
N PHE B 558 62.69 -8.18 -15.35
CA PHE B 558 62.69 -6.86 -14.73
C PHE B 558 63.73 -5.96 -15.39
N VAL B 559 65.01 -6.32 -15.26
CA VAL B 559 66.09 -5.41 -15.63
C VAL B 559 66.09 -5.11 -17.12
N LYS B 560 65.55 -6.00 -17.96
CA LYS B 560 65.60 -5.80 -19.40
C LYS B 560 64.32 -5.22 -19.96
N LEU B 561 63.19 -5.89 -19.75
CA LEU B 561 61.93 -5.51 -20.37
C LEU B 561 61.08 -4.60 -19.50
N LYS B 562 61.57 -4.20 -18.32
CA LYS B 562 60.81 -3.33 -17.42
C LYS B 562 59.45 -3.95 -17.07
N LEU B 563 59.45 -5.26 -16.86
CA LEU B 563 58.24 -5.99 -16.51
C LEU B 563 58.44 -6.73 -15.20
N LEU B 564 57.40 -6.74 -14.37
CA LEU B 564 57.42 -7.42 -13.08
C LEU B 564 56.55 -8.67 -13.18
N MET B 565 57.14 -9.83 -12.95
CA MET B 565 56.45 -11.12 -13.06
C MET B 565 56.24 -11.70 -11.67
N ILE B 566 54.99 -12.08 -11.39
CA ILE B 566 54.60 -12.49 -10.05
C ILE B 566 54.53 -14.01 -9.91
N ALA B 567 53.86 -14.68 -10.84
CA ALA B 567 53.51 -16.08 -10.65
C ALA B 567 53.68 -16.86 -11.96
N ILE B 568 53.74 -18.17 -11.81
CA ILE B 568 53.84 -19.12 -12.92
C ILE B 568 52.62 -20.01 -12.90
N GLU B 569 51.98 -20.18 -14.06
CA GLU B 569 50.71 -20.89 -14.12
C GLU B 569 50.90 -22.40 -14.07
N TYR B 570 51.59 -22.96 -15.06
CA TYR B 570 51.72 -24.40 -15.19
C TYR B 570 53.04 -24.86 -14.57
N LYS B 571 52.93 -25.72 -13.55
CA LYS B 571 54.11 -26.29 -12.91
C LYS B 571 54.03 -27.80 -12.81
N SER B 572 52.82 -28.33 -12.67
CA SER B 572 52.64 -29.75 -12.39
C SER B 572 52.80 -30.57 -13.67
N ALA B 573 53.61 -31.63 -13.59
CA ALA B 573 53.76 -32.53 -14.73
C ALA B 573 52.43 -33.20 -15.07
N ASN B 574 51.60 -33.48 -14.07
CA ASN B 574 50.29 -34.03 -14.32
C ASN B 574 49.37 -32.96 -14.92
N ARG B 575 48.20 -33.39 -15.38
CA ARG B 575 47.34 -32.53 -16.18
C ARG B 575 46.73 -31.38 -15.37
N GLU B 576 46.62 -31.52 -14.05
CA GLU B 576 46.11 -30.42 -13.25
C GLU B 576 47.10 -29.26 -13.23
N SER B 577 46.58 -28.04 -13.30
CA SER B 577 47.39 -26.83 -13.31
C SER B 577 47.27 -26.14 -11.96
N ARG B 578 48.41 -25.80 -11.36
CA ARG B 578 48.45 -25.16 -10.05
C ARG B 578 49.28 -23.90 -10.14
N ILE B 579 48.70 -22.78 -9.72
CA ILE B 579 49.41 -21.51 -9.72
C ILE B 579 50.47 -21.53 -8.63
N LEU B 580 51.68 -21.09 -8.97
CA LEU B 580 52.77 -20.96 -8.02
C LEU B 580 53.19 -19.51 -7.96
N ILE B 581 53.15 -18.93 -6.75
CA ILE B 581 53.48 -17.53 -6.53
C ILE B 581 54.90 -17.47 -5.97
N ASN B 582 55.79 -16.80 -6.69
CA ASN B 582 57.18 -16.67 -6.32
C ASN B 582 57.82 -18.03 -5.99
N PRO B 583 57.96 -18.91 -6.98
CA PRO B 583 58.54 -20.23 -6.71
C PRO B 583 60.00 -20.13 -6.32
N GLY B 584 60.45 -21.14 -5.60
CA GLY B 584 61.82 -21.19 -5.12
C GLY B 584 62.82 -21.39 -6.25
N ASN B 585 64.10 -21.45 -5.85
CA ASN B 585 65.18 -21.58 -6.82
C ASN B 585 65.21 -22.96 -7.47
N HIS B 586 64.61 -23.97 -6.84
CA HIS B 586 64.67 -25.31 -7.40
C HIS B 586 63.83 -25.45 -8.66
N LEU B 587 62.72 -24.73 -8.75
CA LEU B 587 61.80 -24.89 -9.88
C LEU B 587 62.44 -24.39 -11.17
N LYS B 588 62.14 -25.08 -12.27
CA LYS B 588 62.60 -24.71 -13.59
C LYS B 588 61.40 -24.59 -14.52
N ILE B 589 61.46 -23.62 -15.44
CA ILE B 589 60.33 -23.35 -16.32
C ILE B 589 60.18 -24.47 -17.34
N GLN B 590 58.94 -24.76 -17.72
CA GLN B 590 58.63 -25.77 -18.72
C GLN B 590 58.12 -25.10 -19.99
N GLU B 591 58.00 -25.90 -21.04
CA GLU B 591 57.49 -25.42 -22.31
C GLU B 591 56.00 -25.10 -22.21
N GLY B 592 55.57 -24.06 -22.94
CA GLY B 592 54.18 -23.65 -22.92
C GLY B 592 53.74 -23.14 -21.56
N THR B 593 54.55 -22.29 -20.95
CA THR B 593 54.31 -21.79 -19.61
C THR B 593 53.65 -20.41 -19.66
N LEU B 594 52.56 -20.27 -18.93
CA LEU B 594 51.88 -18.99 -18.80
C LEU B 594 52.42 -18.23 -17.59
N GLY B 595 52.55 -16.91 -17.73
CA GLY B 595 53.05 -16.08 -16.67
C GLY B 595 52.20 -14.84 -16.47
N PHE B 596 52.17 -14.38 -15.23
CA PHE B 596 51.40 -13.20 -14.85
C PHE B 596 52.34 -12.03 -14.64
N PHE B 597 52.02 -10.90 -15.26
CA PHE B 597 52.90 -9.74 -15.25
C PHE B 597 52.15 -8.51 -14.76
N ILE B 598 52.92 -7.51 -14.33
CA ILE B 598 52.39 -6.20 -13.97
C ILE B 598 53.07 -5.18 -14.89
N ALA B 599 52.26 -4.41 -15.61
CA ALA B 599 52.80 -3.45 -16.56
C ALA B 599 51.82 -2.31 -16.76
N SER B 600 52.32 -1.22 -17.32
CA SER B 600 51.50 -0.03 -17.52
C SER B 600 50.47 -0.22 -18.63
N ASP B 601 50.80 -1.04 -19.63
CA ASP B 601 49.95 -1.19 -20.80
C ASP B 601 49.94 -2.64 -21.24
N ALA B 602 48.89 -3.02 -21.97
CA ALA B 602 48.77 -4.39 -22.45
C ALA B 602 49.75 -4.69 -23.58
N LYS B 603 50.16 -3.67 -24.33
CA LYS B 603 51.09 -3.90 -25.42
C LYS B 603 52.49 -4.23 -24.92
N GLU B 604 52.84 -3.75 -23.72
CA GLU B 604 54.19 -3.93 -23.22
C GLU B 604 54.51 -5.38 -22.90
N VAL B 605 53.52 -6.12 -22.37
CA VAL B 605 53.78 -7.49 -21.94
C VAL B 605 54.10 -8.40 -23.11
N LYS B 606 53.78 -8.01 -24.34
CA LYS B 606 54.11 -8.83 -25.51
C LYS B 606 55.61 -8.97 -25.69
N ARG B 607 56.41 -8.11 -25.08
CA ARG B 607 57.86 -8.23 -25.16
C ARG B 607 58.34 -9.55 -24.57
N ALA B 608 57.59 -10.10 -23.60
CA ALA B 608 57.95 -11.40 -23.05
C ALA B 608 57.85 -12.49 -24.09
N PHE B 609 56.80 -12.46 -24.90
CA PHE B 609 56.61 -13.48 -25.93
C PHE B 609 57.58 -13.28 -27.10
N PHE B 610 57.74 -12.05 -27.56
CA PHE B 610 58.59 -11.75 -28.71
C PHE B 610 60.02 -11.44 -28.26
N TYR B 611 60.63 -12.42 -27.61
CA TYR B 611 61.99 -12.28 -27.11
C TYR B 611 62.86 -13.37 -27.71
N CYS B 612 63.94 -12.97 -28.37
CA CYS B 612 64.94 -13.88 -28.90
C CYS B 612 66.28 -13.57 -28.24
N LYS B 613 66.96 -14.61 -27.76
CA LYS B 613 68.23 -14.40 -27.05
C LYS B 613 69.27 -13.77 -27.97
N ALA B 614 69.50 -14.36 -29.13
CA ALA B 614 70.54 -13.86 -30.03
C ALA B 614 70.16 -12.49 -30.60
N CYS B 615 68.91 -12.32 -31.01
CA CYS B 615 68.52 -11.11 -31.73
C CYS B 615 68.40 -9.90 -30.82
N HIS B 616 67.81 -10.07 -29.63
CA HIS B 616 67.41 -8.95 -28.79
C HIS B 616 68.41 -8.61 -27.69
N ASP B 617 69.58 -9.24 -27.68
CA ASP B 617 70.60 -8.84 -26.73
C ASP B 617 71.17 -7.48 -27.08
N ASP B 618 71.76 -6.82 -26.07
CA ASP B 618 72.41 -5.52 -26.17
C ASP B 618 71.44 -4.39 -26.48
N ILE B 619 70.14 -4.63 -26.40
CA ILE B 619 69.12 -3.62 -26.67
C ILE B 619 68.68 -3.04 -25.33
N THR B 620 69.15 -1.84 -25.01
CA THR B 620 68.85 -1.23 -23.72
C THR B 620 67.39 -0.80 -23.64
N ASP B 621 66.90 -0.12 -24.66
CA ASP B 621 65.54 0.42 -24.64
C ASP B 621 64.54 -0.69 -24.97
N PRO B 622 63.59 -0.98 -24.08
CA PRO B 622 62.57 -2.00 -24.42
C PRO B 622 61.71 -1.62 -25.60
N LYS B 623 61.56 -0.32 -25.89
CA LYS B 623 60.74 0.10 -27.02
C LYS B 623 61.29 -0.43 -28.34
N ARG B 624 62.61 -0.61 -28.44
CA ARG B 624 63.20 -1.13 -29.66
C ARG B 624 62.85 -2.60 -29.85
N ILE B 625 62.73 -3.35 -28.75
CA ILE B 625 62.44 -4.78 -28.85
C ILE B 625 61.08 -4.99 -29.50
N LYS B 626 61.03 -5.87 -30.49
CA LYS B 626 59.82 -6.09 -31.27
C LYS B 626 59.93 -7.45 -31.96
N LYS B 627 58.90 -7.75 -32.75
CA LYS B 627 58.75 -9.01 -33.50
C LYS B 627 59.22 -10.23 -32.72
N VAL B 741 48.85 -35.50 15.80
CA VAL B 741 47.78 -35.49 16.80
C VAL B 741 46.72 -34.49 16.33
N LYS B 742 46.51 -34.47 15.01
CA LYS B 742 45.50 -33.63 14.37
C LYS B 742 45.73 -32.14 14.63
N LYS B 743 46.91 -31.68 14.22
CA LYS B 743 47.21 -30.25 14.27
C LYS B 743 46.64 -29.53 13.06
N TYR B 744 46.72 -30.13 11.88
CA TYR B 744 46.21 -29.56 10.65
C TYR B 744 44.98 -30.34 10.18
N ASP B 745 44.36 -29.83 9.12
CA ASP B 745 43.22 -30.52 8.53
C ASP B 745 43.71 -31.64 7.61
N SER B 746 42.76 -32.27 6.91
CA SER B 746 43.09 -33.43 6.09
C SER B 746 44.04 -33.06 4.96
N THR B 747 43.80 -31.93 4.28
CA THR B 747 44.63 -31.55 3.14
C THR B 747 45.92 -30.86 3.55
N GLY B 748 46.01 -30.35 4.77
CA GLY B 748 47.20 -29.66 5.22
C GLY B 748 47.28 -28.20 4.84
N MET B 749 46.19 -27.60 4.35
CA MET B 749 46.21 -26.20 3.95
C MET B 749 46.09 -25.26 5.15
N PHE B 750 45.42 -25.67 6.22
CA PHE B 750 45.10 -24.79 7.32
C PHE B 750 45.33 -25.49 8.64
N HIS B 751 45.54 -24.69 9.69
CA HIS B 751 45.61 -25.23 11.04
C HIS B 751 44.23 -25.72 11.49
N TRP B 752 44.24 -26.68 12.41
CA TRP B 752 43.00 -27.30 12.86
C TRP B 752 43.06 -27.52 14.36
N CYS B 753 41.89 -27.64 14.98
CA CYS B 753 41.78 -27.89 16.40
C CYS B 753 40.47 -28.60 16.68
N ALA B 754 40.42 -29.28 17.82
CA ALA B 754 39.22 -30.00 18.19
C ALA B 754 38.07 -29.03 18.45
N PRO B 755 36.84 -29.41 18.11
CA PRO B 755 35.70 -28.51 18.33
C PRO B 755 35.57 -28.12 19.80
N LYS B 756 35.34 -26.84 20.04
CA LYS B 756 35.19 -26.30 21.38
C LYS B 756 33.74 -25.94 21.63
N GLU B 757 33.48 -25.39 22.82
CA GLU B 757 32.15 -24.95 23.22
C GLU B 757 32.16 -23.44 23.34
N ILE B 758 31.04 -22.80 22.98
CA ILE B 758 31.00 -21.35 22.93
C ILE B 758 31.25 -20.74 24.30
N GLU B 759 30.80 -21.40 25.36
CA GLU B 759 31.06 -20.90 26.71
C GLU B 759 32.52 -21.07 27.12
N LYS B 760 33.26 -21.95 26.43
CA LYS B 760 34.67 -22.13 26.76
C LYS B 760 35.52 -20.98 26.26
N VAL B 761 35.12 -20.35 25.15
CA VAL B 761 35.88 -19.24 24.59
C VAL B 761 35.32 -17.88 24.97
N ILE B 762 34.14 -17.83 25.58
CA ILE B 762 33.57 -16.55 25.99
C ILE B 762 34.45 -15.92 27.06
N LEU B 763 34.41 -14.60 27.14
CA LEU B 763 35.25 -13.85 28.07
C LEU B 763 34.41 -12.78 28.76
N THR B 764 34.86 -12.40 29.95
CA THR B 764 34.29 -11.29 30.70
C THR B 764 35.28 -10.13 30.72
N ARG B 765 34.77 -8.94 31.05
CA ARG B 765 35.61 -7.75 31.06
C ARG B 765 36.76 -7.89 32.03
N SER B 766 36.54 -8.53 33.17
CA SER B 766 37.61 -8.73 34.14
C SER B 766 38.58 -9.80 33.66
N GLU B 767 38.07 -10.87 33.05
CA GLU B 767 38.94 -11.95 32.59
C GLU B 767 39.89 -11.47 31.50
N ALA B 768 39.39 -10.67 30.56
CA ALA B 768 40.23 -10.18 29.47
C ALA B 768 41.35 -9.29 29.99
N ALA B 769 41.12 -8.60 31.11
CA ALA B 769 42.17 -7.79 31.71
C ALA B 769 43.32 -8.66 32.21
N MET B 770 43.01 -9.82 32.78
CA MET B 770 44.05 -10.69 33.31
C MET B 770 44.97 -11.19 32.19
N THR B 771 44.39 -11.67 31.10
CA THR B 771 45.19 -12.09 29.96
C THR B 771 45.84 -10.88 29.30
N VAL B 772 47.06 -11.07 28.81
CA VAL B 772 47.82 -10.02 28.15
C VAL B 772 47.84 -10.31 26.66
N LEU B 773 47.27 -9.42 25.86
CA LEU B 773 47.21 -9.55 24.42
C LEU B 773 48.09 -8.49 23.78
N SER B 774 48.97 -8.92 22.88
CA SER B 774 49.86 -8.01 22.17
C SER B 774 50.06 -8.51 20.75
N GLY B 775 50.04 -7.59 19.80
CA GLY B 775 50.14 -7.97 18.40
C GLY B 775 49.03 -8.87 17.93
N HIS B 776 47.81 -8.63 18.41
CA HIS B 776 46.66 -9.44 18.08
C HIS B 776 45.79 -8.70 17.05
N VAL B 777 44.63 -9.26 16.75
CA VAL B 777 43.67 -8.66 15.84
C VAL B 777 42.32 -8.62 16.55
N VAL B 778 41.69 -7.45 16.54
CA VAL B 778 40.39 -7.25 17.19
C VAL B 778 39.39 -6.84 16.14
N VAL B 779 38.21 -7.48 16.15
CA VAL B 779 37.17 -7.26 15.17
C VAL B 779 35.94 -6.72 15.89
N CYS B 780 35.43 -5.58 15.43
CA CYS B 780 34.24 -4.97 16.00
C CYS B 780 33.06 -5.23 15.07
N ILE B 781 31.99 -5.80 15.61
CA ILE B 781 30.84 -6.24 14.83
C ILE B 781 29.60 -5.51 15.32
N PHE B 782 28.87 -4.91 14.39
CA PHE B 782 27.56 -4.33 14.67
C PHE B 782 26.50 -5.25 14.09
N GLY B 783 25.53 -5.63 14.91
CA GLY B 783 24.49 -6.51 14.45
C GLY B 783 23.69 -7.06 15.62
N ASP B 784 22.64 -7.79 15.27
CA ASP B 784 21.74 -8.39 16.25
C ASP B 784 21.19 -9.69 15.65
N VAL B 785 20.12 -10.20 16.26
CA VAL B 785 19.54 -11.46 15.79
C VAL B 785 18.97 -11.30 14.38
N SER B 786 18.27 -10.20 14.12
CA SER B 786 17.59 -10.04 12.84
C SER B 786 18.55 -9.74 11.70
N SER B 787 19.77 -9.30 12.00
CA SER B 787 20.72 -8.94 10.95
C SER B 787 21.12 -10.17 10.13
N ALA B 788 21.38 -9.94 8.85
CA ALA B 788 21.83 -11.00 7.96
C ALA B 788 23.26 -11.40 8.30
N LEU B 789 23.61 -12.63 7.94
CA LEU B 789 24.93 -13.15 8.24
C LEU B 789 25.99 -12.48 7.38
N ILE B 790 27.23 -12.53 7.86
CA ILE B 790 28.37 -11.93 7.18
C ILE B 790 29.27 -12.99 6.54
N GLY B 791 29.52 -14.09 7.25
CA GLY B 791 30.46 -15.07 6.77
C GLY B 791 31.85 -14.86 7.36
N LEU B 792 31.91 -14.76 8.69
CA LEU B 792 33.17 -14.44 9.35
C LEU B 792 34.23 -15.52 9.15
N ARG B 793 33.84 -16.73 8.77
CA ARG B 793 34.83 -17.77 8.52
C ARG B 793 35.76 -17.43 7.37
N ASN B 794 35.36 -16.49 6.51
CA ASN B 794 36.23 -16.04 5.43
C ASN B 794 37.25 -15.02 5.89
N LEU B 795 37.16 -14.55 7.13
CA LEU B 795 38.13 -13.62 7.68
C LEU B 795 39.23 -14.32 8.48
N VAL B 796 38.88 -15.41 9.17
CA VAL B 796 39.87 -16.11 9.99
C VAL B 796 40.63 -17.17 9.19
N MET B 797 40.00 -17.74 8.16
CA MET B 797 40.67 -18.78 7.38
C MET B 797 41.95 -18.30 6.70
N PRO B 798 41.98 -17.13 6.04
CA PRO B 798 43.28 -16.65 5.51
C PRO B 798 44.31 -16.38 6.59
N LEU B 799 43.89 -16.16 7.82
CA LEU B 799 44.81 -15.91 8.93
C LEU B 799 45.23 -17.19 9.63
N ARG B 800 44.75 -18.35 9.18
CA ARG B 800 45.10 -19.63 9.78
C ARG B 800 45.76 -20.55 8.76
N ALA B 801 46.44 -19.98 7.78
CA ALA B 801 47.11 -20.76 6.77
C ALA B 801 48.23 -21.60 7.39
N SER B 802 48.55 -22.71 6.73
CA SER B 802 49.55 -23.63 7.26
C SER B 802 50.98 -23.14 7.02
N ASN B 803 51.18 -22.12 6.19
CA ASN B 803 52.50 -21.55 6.00
C ASN B 803 52.89 -20.57 7.11
N PHE B 804 52.13 -20.51 8.19
CA PHE B 804 52.46 -19.73 9.38
C PHE B 804 52.90 -20.66 10.48
N HIS B 805 54.04 -20.36 11.09
CA HIS B 805 54.45 -21.08 12.30
C HIS B 805 53.45 -20.83 13.41
N TYR B 806 53.24 -21.84 14.25
CA TYR B 806 52.18 -21.76 15.25
C TYR B 806 52.41 -20.60 16.22
N HIS B 807 53.66 -20.28 16.52
CA HIS B 807 53.95 -19.14 17.37
C HIS B 807 53.76 -17.80 16.67
N GLU B 808 53.66 -17.79 15.34
CA GLU B 808 53.44 -16.57 14.58
C GLU B 808 51.97 -16.27 14.36
N LEU B 809 51.08 -17.13 14.83
CA LEU B 809 49.65 -16.89 14.66
C LEU B 809 49.21 -15.66 15.46
N LYS B 810 48.22 -14.96 14.93
CA LYS B 810 47.69 -13.75 15.55
C LYS B 810 46.40 -14.06 16.29
N HIS B 811 46.36 -13.72 17.57
CA HIS B 811 45.15 -13.94 18.35
C HIS B 811 44.03 -13.04 17.83
N ILE B 812 42.83 -13.60 17.75
CA ILE B 812 41.66 -12.90 17.22
C ILE B 812 40.64 -12.76 18.33
N VAL B 813 40.17 -11.53 18.56
CA VAL B 813 39.20 -11.22 19.60
C VAL B 813 37.99 -10.57 18.96
N PHE B 814 36.81 -11.13 19.20
CA PHE B 814 35.57 -10.55 18.70
C PHE B 814 34.90 -9.71 19.78
N VAL B 815 34.48 -8.51 19.40
CA VAL B 815 33.81 -7.58 20.30
C VAL B 815 32.48 -7.22 19.68
N GLY B 816 31.39 -7.77 20.21
CA GLY B 816 30.08 -7.51 19.65
C GLY B 816 29.02 -8.24 20.45
N SER B 817 27.79 -8.13 19.96
CA SER B 817 26.66 -8.77 20.63
C SER B 817 26.81 -10.28 20.59
N ILE B 818 26.56 -10.93 21.72
CA ILE B 818 26.64 -12.39 21.79
C ILE B 818 25.51 -13.02 20.99
N GLU B 819 24.38 -12.33 20.85
CA GLU B 819 23.25 -12.89 20.10
C GLU B 819 23.62 -13.12 18.64
N TYR B 820 24.31 -12.15 18.02
CA TYR B 820 24.69 -12.30 16.62
C TYR B 820 25.74 -13.39 16.45
N LEU B 821 26.81 -13.34 17.25
CA LEU B 821 27.92 -14.28 17.09
C LEU B 821 27.50 -15.71 17.40
N LYS B 822 26.45 -15.91 18.18
CA LYS B 822 25.96 -17.27 18.43
C LYS B 822 25.43 -17.91 17.16
N ARG B 823 24.80 -17.11 16.29
CA ARG B 823 24.26 -17.62 15.04
C ARG B 823 25.34 -18.08 14.08
N GLU B 824 26.59 -17.67 14.29
CA GLU B 824 27.64 -17.85 13.29
C GLU B 824 28.83 -18.65 13.81
N TRP B 825 28.81 -19.10 15.05
CA TRP B 825 29.98 -19.76 15.62
C TRP B 825 30.11 -21.22 15.21
N GLU B 826 29.09 -21.81 14.59
CA GLU B 826 29.16 -23.20 14.19
C GLU B 826 30.23 -23.46 13.13
N THR B 827 30.57 -22.44 12.33
CA THR B 827 31.61 -22.56 11.33
C THR B 827 32.97 -22.10 11.84
N LEU B 828 33.09 -21.75 13.12
CA LEU B 828 34.30 -21.16 13.66
C LEU B 828 34.98 -21.98 14.73
N HIS B 829 34.33 -23.04 15.25
CA HIS B 829 34.87 -23.72 16.42
C HIS B 829 36.09 -24.57 16.11
N ASN B 830 36.47 -24.72 14.85
CA ASN B 830 37.63 -25.53 14.50
C ASN B 830 38.91 -24.72 14.36
N PHE B 831 38.88 -23.42 14.62
CA PHE B 831 40.11 -22.68 14.49
C PHE B 831 40.69 -22.33 15.85
N PRO B 832 42.01 -22.42 16.00
CA PRO B 832 42.64 -22.09 17.29
C PRO B 832 42.77 -20.58 17.49
N LYS B 833 42.92 -20.21 18.76
CA LYS B 833 43.14 -18.82 19.17
C LYS B 833 42.03 -17.90 18.68
N VAL B 834 40.82 -18.16 19.17
CA VAL B 834 39.66 -17.34 18.88
C VAL B 834 38.94 -17.07 20.19
N SER B 835 38.65 -15.79 20.47
CA SER B 835 37.98 -15.39 21.69
C SER B 835 36.84 -14.43 21.36
N ILE B 836 35.84 -14.41 22.24
CA ILE B 836 34.67 -13.57 22.08
C ILE B 836 34.46 -12.78 23.37
N LEU B 837 34.30 -11.46 23.23
CA LEU B 837 34.01 -10.58 24.37
C LEU B 837 32.69 -9.89 24.11
N PRO B 838 31.59 -10.32 24.74
CA PRO B 838 30.31 -9.63 24.56
C PRO B 838 30.39 -8.19 25.04
N GLY B 839 29.70 -7.31 24.34
CA GLY B 839 29.72 -5.89 24.68
C GLY B 839 29.31 -5.00 23.54
N THR B 840 30.03 -3.89 23.37
CA THR B 840 29.70 -2.92 22.34
C THR B 840 30.98 -2.20 21.92
N PRO B 841 31.27 -2.10 20.62
CA PRO B 841 32.49 -1.40 20.18
C PRO B 841 32.48 0.08 20.45
N LEU B 842 31.35 0.66 20.88
CA LEU B 842 31.27 2.07 21.22
C LEU B 842 31.57 2.33 22.69
N SER B 843 31.95 1.31 23.45
CA SER B 843 32.21 1.45 24.88
C SER B 843 33.72 1.49 25.10
N ARG B 844 34.20 2.60 25.67
CA ARG B 844 35.63 2.74 25.94
C ARG B 844 36.10 1.79 27.04
N ALA B 845 35.18 1.23 27.83
CA ALA B 845 35.59 0.29 28.86
C ALA B 845 35.98 -1.06 28.26
N ASP B 846 35.19 -1.55 27.30
CA ASP B 846 35.53 -2.82 26.65
C ASP B 846 36.83 -2.71 25.87
N LEU B 847 37.01 -1.61 25.12
CA LEU B 847 38.16 -1.49 24.25
C LEU B 847 39.46 -1.38 25.03
N ARG B 848 39.42 -0.81 26.24
CA ARG B 848 40.61 -0.77 27.06
C ARG B 848 40.94 -2.12 27.67
N ALA B 849 39.97 -3.03 27.74
CA ALA B 849 40.22 -4.34 28.31
C ALA B 849 41.01 -5.24 27.36
N VAL B 850 40.84 -5.04 26.06
CA VAL B 850 41.49 -5.89 25.06
C VAL B 850 42.80 -5.27 24.56
N ASN B 851 43.31 -4.26 25.26
CA ASN B 851 44.56 -3.59 24.90
C ASN B 851 44.51 -3.10 23.45
N ILE B 852 43.55 -2.21 23.18
CA ILE B 852 43.36 -1.70 21.83
C ILE B 852 44.59 -0.96 21.32
N ASN B 853 45.43 -0.45 22.21
CA ASN B 853 46.63 0.27 21.78
C ASN B 853 47.77 -0.65 21.39
N LEU B 854 47.68 -1.94 21.72
CA LEU B 854 48.73 -2.90 21.40
C LEU B 854 48.35 -3.83 20.26
N CYS B 855 47.21 -3.60 19.62
CA CYS B 855 46.77 -4.48 18.55
C CYS B 855 47.56 -4.22 17.27
N ASP B 856 47.48 -5.18 16.35
CA ASP B 856 48.12 -5.05 15.04
C ASP B 856 47.17 -4.54 13.97
N MET B 857 45.87 -4.70 14.16
CA MET B 857 44.86 -4.19 13.25
C MET B 857 43.50 -4.25 13.94
N CYS B 858 42.67 -3.27 13.65
CA CYS B 858 41.31 -3.20 14.19
C CYS B 858 40.34 -3.10 13.04
N VAL B 859 39.56 -4.15 12.83
CA VAL B 859 38.60 -4.20 11.74
C VAL B 859 37.22 -3.82 12.26
N ILE B 860 36.52 -2.99 11.50
CA ILE B 860 35.16 -2.55 11.85
C ILE B 860 34.23 -2.94 10.71
N LEU B 861 33.26 -3.81 11.02
CA LEU B 861 32.30 -4.28 10.04
C LEU B 861 30.89 -4.09 10.58
N SER B 862 29.94 -3.95 9.65
CA SER B 862 28.53 -3.80 10.00
C SER B 862 27.73 -4.84 9.23
N ALA B 863 26.97 -5.65 9.97
CA ALA B 863 26.14 -6.67 9.33
C ALA B 863 24.81 -6.12 8.83
N ASN B 864 24.34 -5.02 9.40
CA ASN B 864 23.04 -4.44 9.07
C ASN B 864 23.14 -3.30 8.08
N GLN B 865 24.10 -3.35 7.16
CA GLN B 865 24.35 -2.22 6.28
C GLN B 865 23.31 -2.11 5.16
N ASN B 866 22.74 -3.23 4.71
CA ASN B 866 21.83 -3.21 3.57
C ASN B 866 20.37 -3.24 3.96
N ASN B 867 20.02 -3.88 5.08
CA ASN B 867 18.62 -3.91 5.51
C ASN B 867 18.12 -2.50 5.83
N ILE B 868 18.97 -1.69 6.47
CA ILE B 868 18.62 -0.30 6.71
C ILE B 868 18.52 0.44 5.38
N ASP B 869 17.54 1.32 5.27
CA ASP B 869 17.27 2.04 4.02
C ASP B 869 17.29 3.55 4.20
N ASP B 870 17.79 4.04 5.33
CA ASP B 870 17.85 5.48 5.59
C ASP B 870 19.27 5.99 5.38
N THR B 871 19.39 7.11 4.68
CA THR B 871 20.70 7.75 4.53
C THR B 871 21.26 8.15 5.88
N SER B 872 20.40 8.64 6.78
CA SER B 872 20.78 8.97 8.15
C SER B 872 21.05 7.73 9.00
N LEU B 873 21.01 6.53 8.41
CA LEU B 873 21.32 5.30 9.12
C LEU B 873 22.54 4.58 8.58
N GLN B 874 22.91 4.82 7.32
CA GLN B 874 24.00 4.08 6.69
C GLN B 874 25.35 4.61 7.17
N ASP B 875 26.19 3.71 7.67
CA ASP B 875 27.56 3.97 8.09
C ASP B 875 27.66 4.92 9.27
N LYS B 876 26.54 5.27 9.90
CA LYS B 876 26.59 6.21 11.01
C LYS B 876 27.36 5.63 12.18
N GLU B 877 27.12 4.36 12.51
CA GLU B 877 27.79 3.75 13.65
C GLU B 877 29.26 3.47 13.39
N CYS B 878 29.62 3.14 12.15
CA CYS B 878 31.01 2.81 11.84
C CYS B 878 31.90 4.05 11.97
N ILE B 879 31.40 5.21 11.55
CA ILE B 879 32.20 6.43 11.65
C ILE B 879 32.38 6.82 13.11
N LEU B 880 31.34 6.68 13.92
CA LEU B 880 31.45 7.03 15.33
C LEU B 880 32.43 6.11 16.06
N ALA B 881 32.42 4.82 15.71
CA ALA B 881 33.33 3.88 16.37
C ALA B 881 34.78 4.21 16.06
N SER B 882 35.09 4.51 14.80
CA SER B 882 36.46 4.86 14.44
C SER B 882 36.88 6.17 15.08
N LEU B 883 35.99 7.16 15.11
CA LEU B 883 36.31 8.44 15.71
C LEU B 883 36.53 8.30 17.21
N ASN B 884 35.85 7.34 17.86
CA ASN B 884 36.05 7.13 19.28
C ASN B 884 37.44 6.59 19.58
N ILE B 885 37.95 5.70 18.73
CA ILE B 885 39.28 5.13 18.94
C ILE B 885 40.33 6.22 18.87
N LYS B 886 40.17 7.16 17.94
CA LYS B 886 41.21 8.16 17.70
C LYS B 886 41.45 9.05 18.91
N SER B 887 40.38 9.39 19.63
CA SER B 887 40.45 10.39 20.68
C SER B 887 40.83 9.82 22.05
N MET B 888 41.05 8.50 22.14
CA MET B 888 41.41 7.92 23.42
C MET B 888 42.82 8.34 23.83
N GLN B 889 43.12 8.14 25.11
CA GLN B 889 44.44 8.43 25.66
C GLN B 889 44.86 7.27 26.55
N PHE B 890 46.11 6.85 26.41
CA PHE B 890 46.67 5.73 27.16
C PHE B 890 47.94 6.17 27.87
N ASP B 891 48.52 5.25 28.63
CA ASP B 891 49.77 5.52 29.34
C ASP B 891 50.69 4.31 29.28
N ILE B 928 52.88 6.42 22.52
CA ILE B 928 51.54 6.08 22.06
C ILE B 928 50.55 6.46 23.18
N THR B 929 50.83 7.58 23.84
CA THR B 929 49.94 8.05 24.90
C THR B 929 48.54 8.34 24.36
N THR B 930 48.47 8.99 23.21
CA THR B 930 47.20 9.21 22.53
C THR B 930 46.96 8.14 21.48
N GLY B 931 45.69 7.81 21.27
CA GLY B 931 45.35 6.75 20.36
C GLY B 931 45.07 7.20 18.94
N VAL B 932 45.96 8.04 18.39
CA VAL B 932 45.80 8.53 17.02
C VAL B 932 46.60 7.70 16.01
N ASN B 933 47.47 6.81 16.47
CA ASN B 933 48.26 5.96 15.60
C ASN B 933 47.73 4.54 15.51
N ILE B 934 46.55 4.28 16.05
CA ILE B 934 46.00 2.91 16.01
C ILE B 934 45.67 2.55 14.57
N PRO B 935 46.06 1.36 14.10
CA PRO B 935 45.71 0.95 12.72
C PRO B 935 44.26 0.50 12.66
N ILE B 936 43.46 1.19 11.86
CA ILE B 936 42.03 0.92 11.74
C ILE B 936 41.67 0.80 10.26
N ILE B 937 40.92 -0.23 9.91
CA ILE B 937 40.34 -0.39 8.59
C ILE B 937 38.86 -0.63 8.75
N THR B 938 38.04 0.14 8.01
CA THR B 938 36.60 0.08 8.14
C THR B 938 35.96 -0.08 6.77
N GLU B 939 34.91 -0.89 6.71
CA GLU B 939 34.17 -1.13 5.48
C GLU B 939 33.01 -0.16 5.37
N LEU B 940 32.78 0.35 4.16
CA LEU B 940 31.70 1.29 3.90
C LEU B 940 30.75 0.72 2.86
N VAL B 941 29.46 0.99 3.04
CA VAL B 941 28.45 0.58 2.06
C VAL B 941 28.04 1.73 1.16
N ASN B 942 28.26 2.98 1.56
CA ASN B 942 27.97 4.15 0.75
C ASN B 942 29.25 4.98 0.73
N ASP B 943 29.99 4.89 -0.38
CA ASP B 943 31.34 5.42 -0.43
C ASP B 943 31.41 6.94 -0.39
N THR B 944 30.28 7.65 -0.51
CA THR B 944 30.32 9.09 -0.37
C THR B 944 30.53 9.53 1.08
N ASN B 945 30.46 8.61 2.02
CA ASN B 945 30.71 8.91 3.43
C ASN B 945 32.20 8.88 3.79
N VAL B 946 33.08 8.69 2.79
CA VAL B 946 34.50 8.62 3.07
C VAL B 946 35.07 9.94 3.57
N GLN B 947 34.34 11.04 3.38
CA GLN B 947 34.85 12.35 3.79
C GLN B 947 34.92 12.49 5.30
N PHE B 948 34.16 11.70 6.06
CA PHE B 948 34.11 11.85 7.51
C PHE B 948 35.21 11.10 8.24
N LEU B 949 36.01 10.28 7.54
CA LEU B 949 37.00 9.45 8.24
C LEU B 949 38.21 10.26 8.66
N ASP B 950 38.64 11.22 7.86
CA ASP B 950 39.84 11.99 8.16
C ASP B 950 39.50 13.48 8.22
N GLN B 951 40.30 14.22 8.98
CA GLN B 951 40.06 15.64 9.18
C GLN B 951 41.08 16.54 8.52
N ASP B 952 42.32 16.09 8.34
CA ASP B 952 43.33 16.89 7.65
C ASP B 952 43.38 16.57 6.16
N ASP B 953 42.22 16.66 5.52
CA ASP B 953 42.09 16.36 4.09
C ASP B 953 41.15 17.37 3.46
N ASP B 954 41.19 17.42 2.12
CA ASP B 954 40.37 18.34 1.35
C ASP B 954 39.18 17.56 0.79
N ASP B 955 38.10 17.51 1.57
CA ASP B 955 36.90 16.80 1.14
C ASP B 955 36.27 17.48 -0.06
N ASP B 956 35.76 16.67 -0.98
CA ASP B 956 35.10 17.16 -2.19
C ASP B 956 34.21 16.07 -2.77
N PRO B 957 32.95 16.38 -3.10
CA PRO B 957 32.03 15.36 -3.59
C PRO B 957 32.20 15.00 -5.06
N ASP B 958 33.24 15.48 -5.72
CA ASP B 958 33.46 15.20 -7.14
C ASP B 958 34.57 14.18 -7.38
N THR B 959 35.55 14.10 -6.49
CA THR B 959 36.64 13.15 -6.66
C THR B 959 36.13 11.73 -6.50
N GLU B 960 36.66 10.81 -7.31
CA GLU B 960 36.31 9.41 -7.20
C GLU B 960 36.94 8.78 -5.97
N LEU B 961 36.40 7.63 -5.57
CA LEU B 961 36.81 7.00 -4.32
C LEU B 961 38.29 6.68 -4.30
N TYR B 962 38.86 6.34 -5.46
CA TYR B 962 40.26 5.91 -5.52
C TYR B 962 41.24 7.06 -5.29
N LEU B 963 40.76 8.31 -5.29
CA LEU B 963 41.62 9.46 -5.06
C LEU B 963 41.59 9.98 -3.64
N THR B 964 40.62 9.57 -2.83
CA THR B 964 40.51 10.07 -1.47
C THR B 964 41.69 9.59 -0.63
N GLN B 965 42.07 10.40 0.35
CA GLN B 965 43.16 10.04 1.23
C GLN B 965 42.90 8.77 2.05
N PRO B 966 41.71 8.56 2.64
CA PRO B 966 41.51 7.30 3.38
C PRO B 966 41.69 6.06 2.52
N PHE B 967 41.28 6.10 1.26
CA PHE B 967 41.48 4.93 0.40
C PHE B 967 42.93 4.78 -0.03
N ALA B 968 43.59 5.90 -0.33
CA ALA B 968 44.98 5.84 -0.77
C ALA B 968 45.92 5.43 0.35
N CYS B 969 45.46 5.44 1.60
CA CYS B 969 46.26 5.03 2.74
C CYS B 969 45.89 3.64 3.25
N GLY B 970 44.95 2.97 2.59
CA GLY B 970 44.51 1.66 3.06
C GLY B 970 43.76 1.68 4.36
N THR B 971 42.92 2.71 4.57
CA THR B 971 42.11 2.83 5.77
C THR B 971 40.65 2.51 5.53
N ALA B 972 40.10 2.87 4.38
CA ALA B 972 38.73 2.55 4.03
C ALA B 972 38.72 1.51 2.92
N PHE B 973 37.55 0.89 2.74
CA PHE B 973 37.38 -0.13 1.71
C PHE B 973 35.91 -0.30 1.44
N ALA B 974 35.51 -0.24 0.17
CA ALA B 974 34.14 -0.43 -0.25
C ALA B 974 34.08 -1.49 -1.34
N VAL B 975 32.99 -2.26 -1.32
CA VAL B 975 32.80 -3.31 -2.31
C VAL B 975 32.61 -2.76 -3.72
N SER B 976 32.34 -1.47 -3.85
CA SER B 976 32.14 -0.86 -5.17
C SER B 976 33.39 -0.91 -6.02
N VAL B 977 34.58 -1.06 -5.42
CA VAL B 977 35.81 -1.09 -6.20
C VAL B 977 36.09 -2.46 -6.81
N LEU B 978 35.29 -3.47 -6.48
CA LEU B 978 35.47 -4.80 -7.04
C LEU B 978 34.60 -5.05 -8.26
N ASP B 979 33.86 -4.04 -8.71
CA ASP B 979 33.02 -4.20 -9.91
C ASP B 979 33.84 -4.37 -11.18
N SER B 980 35.08 -3.87 -11.19
CA SER B 980 35.93 -4.00 -12.37
C SER B 980 36.43 -5.43 -12.58
N LEU B 981 36.21 -6.32 -11.62
CA LEU B 981 36.70 -7.68 -11.73
C LEU B 981 35.89 -8.50 -12.74
N MET B 982 34.71 -8.03 -13.15
CA MET B 982 33.92 -8.76 -14.13
C MET B 982 34.63 -8.78 -15.48
N SER B 983 35.07 -7.62 -15.97
CA SER B 983 35.71 -7.55 -17.27
C SER B 983 37.14 -8.09 -17.23
N ALA B 984 37.83 -7.92 -16.10
CA ALA B 984 39.20 -8.41 -16.00
C ALA B 984 39.25 -9.93 -16.07
N THR B 985 38.19 -10.61 -15.62
CA THR B 985 38.16 -12.06 -15.66
C THR B 985 37.92 -12.59 -17.07
N TYR B 986 37.20 -11.84 -17.91
CA TYR B 986 36.91 -12.32 -19.25
C TYR B 986 38.16 -12.30 -20.12
N PHE B 987 38.90 -11.18 -20.12
CA PHE B 987 40.02 -11.04 -21.04
C PHE B 987 41.19 -11.93 -20.65
N ASN B 988 41.52 -11.96 -19.37
CA ASN B 988 42.60 -12.81 -18.87
C ASN B 988 42.02 -14.16 -18.44
N ASP B 989 42.73 -15.23 -18.77
CA ASP B 989 42.17 -16.57 -18.68
C ASP B 989 41.76 -16.92 -17.25
N ASN B 990 42.73 -17.00 -16.34
CA ASN B 990 42.49 -17.50 -15.00
C ASN B 990 43.09 -16.57 -13.95
N ILE B 991 42.83 -15.27 -14.07
CA ILE B 991 43.23 -14.33 -13.04
C ILE B 991 42.53 -14.64 -11.72
N LEU B 992 41.24 -14.97 -11.80
CA LEU B 992 40.47 -15.23 -10.57
C LEU B 992 41.09 -16.35 -9.74
N THR B 993 41.72 -17.33 -10.38
CA THR B 993 42.38 -18.38 -9.62
C THR B 993 43.63 -17.83 -8.94
N LEU B 994 44.37 -16.96 -9.63
CA LEU B 994 45.55 -16.34 -9.02
C LEU B 994 45.17 -15.47 -7.84
N ILE B 995 44.09 -14.69 -7.97
CA ILE B 995 43.69 -13.78 -6.90
C ILE B 995 43.30 -14.56 -5.65
N ARG B 996 42.50 -15.61 -5.82
CA ARG B 996 42.08 -16.41 -4.67
C ARG B 996 43.29 -17.08 -4.01
N THR B 997 44.21 -17.61 -4.81
CA THR B 997 45.41 -18.22 -4.25
C THR B 997 46.21 -17.21 -3.44
N LEU B 998 46.33 -15.98 -3.94
CA LEU B 998 47.10 -14.95 -3.25
C LEU B 998 46.37 -14.42 -2.03
N VAL B 999 45.04 -14.48 -2.03
CA VAL B 999 44.24 -13.78 -1.02
C VAL B 999 43.74 -14.74 0.05
N THR B 1000 43.00 -15.77 -0.34
CA THR B 1000 42.36 -16.63 0.64
C THR B 1000 43.31 -17.69 1.21
N GLY B 1001 44.56 -17.72 0.75
CA GLY B 1001 45.54 -18.65 1.28
C GLY B 1001 45.24 -20.10 0.95
N GLY B 1002 45.22 -20.43 -0.34
CA GLY B 1002 44.99 -21.79 -0.75
C GLY B 1002 43.71 -22.00 -1.54
N ALA B 1003 43.87 -22.28 -2.83
CA ALA B 1003 42.75 -22.59 -3.72
C ALA B 1003 43.10 -23.77 -4.60
N THR B 1004 43.80 -24.76 -4.04
CA THR B 1004 44.25 -25.90 -4.81
C THR B 1004 43.06 -26.74 -5.27
N PRO B 1005 43.19 -27.44 -6.39
CA PRO B 1005 42.09 -28.31 -6.86
C PRO B 1005 41.73 -29.41 -5.88
N GLU B 1006 42.71 -29.95 -5.15
CA GLU B 1006 42.41 -31.02 -4.21
C GLU B 1006 41.53 -30.52 -3.06
N LEU B 1007 41.69 -29.26 -2.66
CA LEU B 1007 40.80 -28.70 -1.65
C LEU B 1007 39.43 -28.41 -2.23
N GLU B 1008 39.35 -28.09 -3.52
CA GLU B 1008 38.08 -27.78 -4.14
C GLU B 1008 37.15 -29.00 -4.13
N ALA B 1009 37.70 -30.18 -4.40
CA ALA B 1009 36.88 -31.39 -4.41
C ALA B 1009 36.32 -31.69 -3.03
N LEU B 1010 37.12 -31.50 -1.99
CA LEU B 1010 36.68 -31.79 -0.63
C LEU B 1010 35.53 -30.86 -0.22
N ILE B 1011 35.61 -29.60 -0.63
CA ILE B 1011 34.55 -28.63 -0.30
C ILE B 1011 33.24 -29.02 -0.98
N ALA B 1012 33.32 -29.69 -2.14
CA ALA B 1012 32.12 -29.95 -2.92
C ALA B 1012 31.13 -30.84 -2.16
N GLU B 1013 31.62 -31.88 -1.49
CA GLU B 1013 30.74 -32.84 -0.82
C GLU B 1013 30.62 -32.58 0.68
N GLU B 1014 31.75 -32.56 1.39
CA GLU B 1014 31.70 -32.39 2.84
C GLU B 1014 31.21 -31.00 3.22
N ASN B 1015 31.57 -29.98 2.44
CA ASN B 1015 31.19 -28.59 2.69
C ASN B 1015 31.72 -28.09 4.03
N ALA B 1016 32.81 -28.69 4.50
CA ALA B 1016 33.46 -28.29 5.74
C ALA B 1016 34.83 -28.93 5.79
N LEU B 1017 35.71 -28.35 6.60
CA LEU B 1017 37.04 -28.90 6.79
C LEU B 1017 37.00 -30.04 7.81
N ARG B 1018 37.86 -31.03 7.58
CA ARG B 1018 37.94 -32.20 8.45
C ARG B 1018 39.37 -32.41 8.88
N GLY B 1019 39.59 -32.59 10.18
CA GLY B 1019 40.93 -32.82 10.68
C GLY B 1019 41.47 -34.17 10.25
N GLY B 1020 42.80 -34.25 10.14
CA GLY B 1020 43.45 -35.47 9.73
C GLY B 1020 44.85 -35.54 10.28
N TYR B 1021 45.45 -36.73 10.16
CA TYR B 1021 46.79 -36.94 10.67
C TYR B 1021 47.82 -36.38 9.70
N SER B 1022 49.08 -36.36 10.14
CA SER B 1022 50.16 -35.71 9.42
C SER B 1022 51.08 -36.75 8.79
N THR B 1023 51.36 -36.57 7.51
CA THR B 1023 52.26 -37.41 6.73
C THR B 1023 53.23 -36.51 5.98
N PRO B 1024 54.39 -37.03 5.59
CA PRO B 1024 55.35 -36.19 4.84
C PRO B 1024 54.80 -35.66 3.53
N GLN B 1025 53.80 -36.32 2.94
CA GLN B 1025 53.20 -35.81 1.71
C GLN B 1025 52.39 -34.54 1.99
N THR B 1026 51.65 -34.52 3.10
CA THR B 1026 50.86 -33.34 3.43
C THR B 1026 51.74 -32.20 3.91
N LEU B 1027 52.76 -32.50 4.71
CA LEU B 1027 53.62 -31.46 5.26
C LEU B 1027 54.46 -30.76 4.19
N ALA B 1028 54.57 -31.33 3.00
CA ALA B 1028 55.23 -30.65 1.89
C ALA B 1028 54.37 -29.55 1.28
N ASN B 1029 53.10 -29.47 1.66
CA ASN B 1029 52.19 -28.45 1.17
C ASN B 1029 52.29 -27.16 1.98
N ARG B 1030 53.11 -27.12 3.02
CA ARG B 1030 53.30 -25.92 3.82
C ARG B 1030 54.42 -25.03 3.30
N ASP B 1031 54.77 -25.15 2.02
CA ASP B 1031 55.90 -24.44 1.46
C ASP B 1031 55.48 -23.30 0.54
N ARG B 1032 54.26 -22.78 0.71
CA ARG B 1032 53.80 -21.65 -0.08
C ARG B 1032 54.52 -20.38 0.36
N CYS B 1033 54.34 -19.32 -0.43
CA CYS B 1033 54.86 -18.01 -0.07
C CYS B 1033 53.86 -17.25 0.79
N ARG B 1034 54.36 -16.20 1.43
CA ARG B 1034 53.60 -15.43 2.39
C ARG B 1034 53.74 -13.94 2.11
N VAL B 1035 52.66 -13.20 2.27
CA VAL B 1035 52.69 -11.74 2.15
C VAL B 1035 53.23 -11.15 3.43
N ALA B 1036 54.23 -10.28 3.31
CA ALA B 1036 54.88 -9.71 4.48
C ALA B 1036 55.29 -8.28 4.18
N GLN B 1037 55.47 -7.51 5.25
CA GLN B 1037 55.89 -6.12 5.17
C GLN B 1037 57.25 -5.98 5.86
N LEU B 1038 58.16 -5.25 5.22
CA LEU B 1038 59.56 -5.22 5.62
C LEU B 1038 59.98 -3.82 6.04
N ALA B 1039 60.63 -3.73 7.19
CA ALA B 1039 61.24 -2.48 7.63
C ALA B 1039 62.60 -2.29 6.94
N LEU B 1040 63.05 -1.04 6.90
CA LEU B 1040 64.24 -0.68 6.15
C LEU B 1040 65.35 -0.06 6.98
N LEU B 1041 65.05 0.50 8.15
CA LEU B 1041 66.05 1.28 8.87
C LEU B 1041 67.14 0.43 9.51
N ASP B 1042 66.92 -0.87 9.67
CA ASP B 1042 67.92 -1.73 10.26
C ASP B 1042 67.87 -3.11 9.62
N GLY B 1043 69.04 -3.73 9.46
CA GLY B 1043 69.13 -5.05 8.88
C GLY B 1043 70.05 -5.09 7.68
N PRO B 1044 69.91 -6.13 6.86
CA PRO B 1044 70.76 -6.25 5.66
C PRO B 1044 70.58 -5.10 4.69
N PHE B 1045 69.40 -4.50 4.65
CA PHE B 1045 69.10 -3.43 3.71
C PHE B 1045 69.29 -2.04 4.31
N ALA B 1046 69.84 -1.95 5.52
CA ALA B 1046 70.09 -0.65 6.13
C ALA B 1046 71.07 0.18 5.30
N ASP B 1047 71.95 -0.47 4.54
CA ASP B 1047 72.88 0.26 3.69
C ASP B 1047 72.13 1.07 2.63
N LEU B 1048 71.10 0.47 2.03
CA LEU B 1048 70.26 1.18 1.06
C LEU B 1048 69.14 1.96 1.77
N GLY B 1049 69.53 2.77 2.74
CA GLY B 1049 68.57 3.63 3.42
C GLY B 1049 68.41 4.96 2.72
N ASP B 1050 69.49 5.41 2.08
CA ASP B 1050 69.49 6.67 1.35
C ASP B 1050 70.14 6.57 -0.02
N GLY B 1051 70.58 5.38 -0.43
CA GLY B 1051 71.19 5.24 -1.74
C GLY B 1051 70.26 5.60 -2.88
N GLY B 1052 68.95 5.42 -2.68
CA GLY B 1052 67.98 5.83 -3.67
C GLY B 1052 68.02 5.06 -4.97
N CYS B 1053 68.15 3.73 -4.90
CA CYS B 1053 68.12 2.86 -6.07
C CYS B 1053 67.21 1.68 -5.75
N TYR B 1054 65.94 1.79 -6.14
CA TYR B 1054 64.98 0.72 -5.84
C TYR B 1054 65.34 -0.57 -6.55
N GLY B 1055 65.96 -0.47 -7.73
CA GLY B 1055 66.35 -1.68 -8.45
C GLY B 1055 67.40 -2.48 -7.73
N ASP B 1056 68.36 -1.80 -7.10
CA ASP B 1056 69.43 -2.50 -6.40
C ASP B 1056 68.87 -3.33 -5.25
N LEU B 1057 67.92 -2.77 -4.50
CA LEU B 1057 67.28 -3.53 -3.43
C LEU B 1057 66.50 -4.71 -3.99
N PHE B 1058 65.82 -4.51 -5.11
CA PHE B 1058 65.01 -5.57 -5.70
C PHE B 1058 65.88 -6.76 -6.09
N CYS B 1059 66.99 -6.51 -6.79
CA CYS B 1059 67.86 -7.59 -7.21
C CYS B 1059 68.53 -8.26 -6.01
N LYS B 1060 68.96 -7.47 -5.02
CA LYS B 1060 69.66 -8.02 -3.88
C LYS B 1060 68.78 -8.98 -3.08
N ALA B 1061 67.51 -8.60 -2.87
CA ALA B 1061 66.62 -9.42 -2.06
C ALA B 1061 66.29 -10.73 -2.76
N LEU B 1062 65.91 -10.66 -4.03
CA LEU B 1062 65.49 -11.85 -4.75
C LEU B 1062 66.64 -12.81 -4.99
N LYS B 1063 67.83 -12.29 -5.27
CA LYS B 1063 68.97 -13.15 -5.60
C LYS B 1063 69.39 -14.00 -4.41
N THR B 1064 69.41 -13.43 -3.20
CA THR B 1064 69.95 -14.12 -2.04
C THR B 1064 68.88 -14.70 -1.12
N TYR B 1065 67.72 -14.08 -1.02
CA TYR B 1065 66.66 -14.57 -0.14
C TYR B 1065 65.46 -15.12 -0.88
N ASN B 1066 65.44 -15.06 -2.21
CA ASN B 1066 64.26 -15.42 -3.00
C ASN B 1066 63.04 -14.62 -2.54
N MET B 1067 63.27 -13.35 -2.22
CA MET B 1067 62.23 -12.45 -1.73
C MET B 1067 61.86 -11.49 -2.86
N LEU B 1068 60.58 -11.47 -3.22
CA LEU B 1068 60.08 -10.63 -4.29
C LEU B 1068 59.38 -9.42 -3.71
N CYS B 1069 59.89 -8.23 -4.01
CA CYS B 1069 59.34 -6.98 -3.50
C CYS B 1069 58.74 -6.19 -4.65
N PHE B 1070 57.53 -5.67 -4.42
CA PHE B 1070 56.77 -5.03 -5.50
C PHE B 1070 56.07 -3.75 -5.11
N GLY B 1071 56.23 -3.24 -3.88
CA GLY B 1071 55.57 -2.02 -3.49
C GLY B 1071 56.36 -1.27 -2.43
N ILE B 1072 55.97 -0.01 -2.25
CA ILE B 1072 56.55 0.85 -1.22
C ILE B 1072 55.41 1.51 -0.46
N TYR B 1073 55.52 1.53 0.87
CA TYR B 1073 54.49 2.10 1.73
C TYR B 1073 55.14 3.31 2.42
N ARG B 1074 54.99 4.48 1.80
CA ARG B 1074 55.77 5.66 2.12
C ARG B 1074 54.95 6.67 2.91
N LEU B 1075 55.63 7.43 3.77
CA LEU B 1075 54.97 8.47 4.55
C LEU B 1075 54.40 9.55 3.64
N ARG B 1076 53.32 10.18 4.11
CA ARG B 1076 52.63 11.17 3.29
C ARG B 1076 53.44 12.44 3.13
N ASP B 1077 54.17 12.84 4.17
CA ASP B 1077 54.90 14.10 4.16
C ASP B 1077 56.42 13.89 4.07
N ALA B 1078 56.83 12.78 3.48
CA ALA B 1078 58.26 12.53 3.30
C ALA B 1078 58.88 13.51 2.33
N HIS B 1079 58.15 13.86 1.27
CA HIS B 1079 58.69 14.76 0.25
C HIS B 1079 58.79 16.20 0.72
N LEU B 1080 58.01 16.58 1.72
CA LEU B 1080 58.05 17.95 2.22
C LEU B 1080 59.37 18.23 2.92
N SER B 1081 59.89 19.45 2.73
CA SER B 1081 61.13 19.83 3.38
C SER B 1081 60.94 20.08 4.86
N THR B 1082 59.86 20.75 5.24
CA THR B 1082 59.60 21.04 6.64
C THR B 1082 59.29 19.76 7.40
N PRO B 1083 59.72 19.66 8.66
CA PRO B 1083 59.42 18.46 9.45
C PRO B 1083 57.96 18.44 9.88
N SER B 1084 57.50 17.23 10.21
CA SER B 1084 56.13 17.02 10.65
C SER B 1084 56.07 15.78 11.53
N GLN B 1085 54.91 15.55 12.13
CA GLN B 1085 54.71 14.42 13.03
C GLN B 1085 53.60 13.50 12.53
N CYS B 1086 53.02 13.77 11.36
CA CYS B 1086 51.99 12.88 10.82
C CYS B 1086 52.59 11.54 10.47
N THR B 1087 51.90 10.47 10.85
CA THR B 1087 52.38 9.11 10.61
C THR B 1087 51.57 8.36 9.57
N LYS B 1088 50.75 9.07 8.78
CA LYS B 1088 50.01 8.42 7.72
C LYS B 1088 50.93 8.04 6.58
N ARG B 1089 50.60 6.92 5.92
CA ARG B 1089 51.38 6.42 4.80
C ARG B 1089 50.45 6.05 3.65
N TYR B 1090 50.96 6.13 2.44
CA TYR B 1090 50.24 5.71 1.25
C TYR B 1090 51.07 4.68 0.49
N VAL B 1091 50.46 4.09 -0.53
CA VAL B 1091 51.01 2.93 -1.23
C VAL B 1091 51.46 3.35 -2.62
N ILE B 1092 52.66 2.93 -3.00
CA ILE B 1092 53.19 3.12 -4.34
C ILE B 1092 53.43 1.74 -4.95
N THR B 1093 52.84 1.49 -6.11
CA THR B 1093 52.87 0.17 -6.73
C THR B 1093 53.88 0.15 -7.86
N ASN B 1094 54.85 -0.77 -7.77
CA ASN B 1094 55.84 -1.05 -8.80
C ASN B 1094 56.55 0.23 -9.25
N PRO B 1095 57.42 0.79 -8.42
CA PRO B 1095 58.19 1.97 -8.84
C PRO B 1095 59.24 1.60 -9.87
N PRO B 1096 59.72 2.56 -10.67
CA PRO B 1096 60.75 2.24 -11.67
C PRO B 1096 62.08 1.86 -11.05
N TYR B 1097 63.08 1.57 -11.89
CA TYR B 1097 64.35 1.08 -11.41
C TYR B 1097 65.09 2.12 -10.60
N GLU B 1098 65.03 3.39 -11.02
CA GLU B 1098 65.83 4.45 -10.43
C GLU B 1098 65.08 5.24 -9.36
N PHE B 1099 64.09 4.62 -8.72
CA PHE B 1099 63.34 5.30 -7.67
C PHE B 1099 64.20 5.51 -6.44
N GLU B 1100 64.00 6.65 -5.77
CA GLU B 1100 64.74 6.97 -4.56
C GLU B 1100 64.10 6.34 -3.34
N LEU B 1101 64.93 6.07 -2.34
CA LEU B 1101 64.48 5.47 -1.08
C LEU B 1101 64.87 6.36 0.09
N VAL B 1102 63.97 6.47 1.06
CA VAL B 1102 64.24 7.20 2.30
C VAL B 1102 64.31 6.20 3.44
N PRO B 1103 65.01 6.49 4.53
CA PRO B 1103 65.12 5.50 5.62
C PRO B 1103 63.78 5.13 6.23
N THR B 1104 62.79 6.03 6.18
CA THR B 1104 61.48 5.74 6.75
C THR B 1104 60.53 5.22 5.66
N ASP B 1105 60.88 4.05 5.12
CA ASP B 1105 60.09 3.41 4.09
C ASP B 1105 59.88 1.95 4.45
N LEU B 1106 58.70 1.44 4.07
CA LEU B 1106 58.34 0.04 4.29
C LEU B 1106 58.00 -0.59 2.95
N ILE B 1107 58.52 -1.79 2.71
CA ILE B 1107 58.45 -2.44 1.41
C ILE B 1107 57.58 -3.68 1.52
N PHE B 1108 56.61 -3.80 0.63
CA PHE B 1108 55.83 -5.03 0.53
C PHE B 1108 56.70 -6.14 -0.04
N CYS B 1109 56.55 -7.34 0.49
CA CYS B 1109 57.41 -8.44 0.08
C CYS B 1109 56.63 -9.75 0.11
N LEU B 1110 57.14 -10.72 -0.63
CA LEU B 1110 56.69 -12.11 -0.57
C LEU B 1110 57.86 -12.96 -0.11
N MET B 1111 57.65 -13.72 0.97
CA MET B 1111 58.72 -14.45 1.62
C MET B 1111 58.53 -15.95 1.48
N GLN B 1112 59.63 -16.65 1.24
CA GLN B 1112 59.60 -18.11 1.19
C GLN B 1112 59.39 -18.68 2.58
N PHE B 1113 58.62 -19.77 2.65
CA PHE B 1113 58.42 -20.45 3.92
C PHE B 1113 59.73 -21.13 4.35
N ASP B 1114 60.03 -21.04 5.64
CA ASP B 1114 61.20 -21.68 6.22
C ASP B 1114 60.75 -22.80 7.14
N HIS B 1115 61.27 -24.00 6.91
CA HIS B 1115 60.81 -25.17 7.65
C HIS B 1115 61.12 -25.07 9.14
N ASN B 1116 62.32 -24.57 9.48
CA ASN B 1116 62.78 -24.51 10.86
C ASN B 1116 63.28 -23.10 11.19
N ALA B 1117 62.33 -22.24 11.60
CA ALA B 1117 62.70 -20.89 12.01
C ALA B 1117 63.24 -20.86 13.44
N GLY B 1118 62.74 -21.72 14.30
CA GLY B 1118 63.15 -21.74 15.69
C GLY B 1118 62.20 -20.96 16.58
N GLN B 1119 62.06 -21.42 17.82
CA GLN B 1119 61.15 -20.80 18.76
C GLN B 1119 61.90 -20.01 19.83
N ASP C 15 -54.47 49.14 -17.94
CA ASP C 15 -54.33 50.45 -17.31
C ASP C 15 -53.85 51.49 -18.33
N SER C 16 -52.55 51.70 -18.40
CA SER C 16 -51.94 52.64 -19.33
C SER C 16 -51.43 51.86 -20.54
N ARG C 17 -52.09 52.04 -21.68
CA ARG C 17 -51.71 51.32 -22.89
C ARG C 17 -50.35 51.79 -23.41
N GLY C 18 -50.17 53.10 -23.52
CA GLY C 18 -48.95 53.62 -24.11
C GLY C 18 -47.71 53.37 -23.28
N GLN C 19 -47.80 53.59 -21.97
CA GLN C 19 -46.63 53.53 -21.12
C GLN C 19 -46.22 52.08 -20.83
N ARG C 20 -44.92 51.87 -20.69
CA ARG C 20 -44.41 50.58 -20.25
C ARG C 20 -44.52 50.49 -18.73
N MET C 21 -45.01 49.35 -18.24
CA MET C 21 -45.26 49.14 -16.82
C MET C 21 -44.43 48.01 -16.26
N TRP C 22 -43.26 47.75 -16.86
CA TRP C 22 -42.42 46.65 -16.40
C TRP C 22 -41.85 46.93 -15.02
N TRP C 23 -41.63 48.20 -14.68
CA TRP C 23 -41.01 48.54 -13.40
C TRP C 23 -41.90 48.16 -12.23
N ALA C 24 -43.22 48.18 -12.42
CA ALA C 24 -44.14 47.84 -11.34
C ALA C 24 -43.98 46.38 -10.91
N PHE C 25 -43.88 45.47 -11.88
CA PHE C 25 -43.75 44.05 -11.56
C PHE C 25 -42.43 43.76 -10.86
N LEU C 26 -41.34 44.36 -11.32
CA LEU C 26 -40.04 44.11 -10.71
C LEU C 26 -39.98 44.69 -9.29
N ALA C 27 -40.57 45.86 -9.09
CA ALA C 27 -40.54 46.48 -7.77
C ALA C 27 -41.30 45.67 -6.73
N SER C 28 -42.35 44.95 -7.15
CA SER C 28 -43.12 44.15 -6.22
C SER C 28 -42.26 43.04 -5.61
N SER C 29 -41.46 42.36 -6.43
CA SER C 29 -40.63 41.27 -5.92
C SER C 29 -39.54 41.78 -4.99
N MET C 30 -38.94 42.93 -5.34
CA MET C 30 -37.85 43.47 -4.51
C MET C 30 -38.35 43.95 -3.17
N VAL C 31 -39.60 44.42 -3.09
CA VAL C 31 -40.14 44.88 -1.82
C VAL C 31 -40.29 43.71 -0.83
N THR C 32 -40.84 42.60 -1.30
CA THR C 32 -41.06 41.46 -0.42
C THR C 32 -39.74 40.88 0.08
N PHE C 33 -38.75 40.79 -0.80
CA PHE C 33 -37.47 40.19 -0.43
C PHE C 33 -36.69 41.10 0.52
N PHE C 34 -36.32 42.28 0.05
CA PHE C 34 -35.50 43.18 0.87
C PHE C 34 -36.30 43.75 2.05
N GLY C 35 -37.53 44.19 1.81
CA GLY C 35 -38.33 44.74 2.88
C GLY C 35 -38.63 43.72 3.97
N GLY C 36 -39.00 42.51 3.57
CA GLY C 36 -39.23 41.46 4.55
C GLY C 36 -37.97 41.05 5.27
N LEU C 37 -36.82 41.14 4.60
CA LEU C 37 -35.56 40.75 5.23
C LEU C 37 -35.21 41.66 6.40
N PHE C 38 -35.45 42.96 6.25
CA PHE C 38 -35.11 43.90 7.32
C PHE C 38 -35.98 43.70 8.55
N ILE C 39 -37.21 43.20 8.36
CA ILE C 39 -38.06 42.90 9.51
C ILE C 39 -37.41 41.85 10.39
N ILE C 40 -36.78 40.84 9.77
CA ILE C 40 -36.06 39.83 10.54
C ILE C 40 -34.88 40.46 11.27
N LEU C 41 -34.11 41.30 10.58
CA LEU C 41 -32.94 41.91 11.20
C LEU C 41 -33.33 42.91 12.28
N LEU C 42 -34.39 43.69 12.04
CA LEU C 42 -34.85 44.64 13.05
C LEU C 42 -35.35 43.93 14.30
N TRP C 43 -36.07 42.82 14.11
CA TRP C 43 -36.59 42.06 15.25
C TRP C 43 -35.46 41.53 16.11
N ARG C 44 -34.40 41.02 15.49
CA ARG C 44 -33.27 40.47 16.25
C ARG C 44 -32.60 41.56 17.07
N THR C 45 -32.36 42.73 16.48
CA THR C 45 -31.71 43.81 17.20
C THR C 45 -32.62 44.40 18.26
N LEU C 46 -33.92 44.48 17.99
CA LEU C 46 -34.86 45.05 18.97
C LEU C 46 -34.86 44.24 20.26
N LYS C 47 -34.87 42.92 20.16
CA LYS C 47 -34.80 42.09 21.36
C LYS C 47 -33.41 42.15 21.99
N TYR C 48 -32.37 42.39 21.20
CA TYR C 48 -31.02 42.51 21.74
C TYR C 48 -30.94 43.68 22.72
N LEU C 49 -31.55 44.81 22.38
CA LEU C 49 -31.59 45.94 23.30
C LEU C 49 -32.59 45.71 24.42
N TRP C 50 -33.63 44.90 24.17
CA TRP C 50 -34.55 44.52 25.23
C TRP C 50 -33.82 43.71 26.30
N THR C 51 -32.92 42.82 25.89
CA THR C 51 -32.09 42.09 26.84
C THR C 51 -31.02 42.99 27.44
N VAL C 52 -30.73 44.13 26.81
CA VAL C 52 -29.72 45.07 27.27
C VAL C 52 -28.36 44.40 27.35
N GLU C 90 -44.11 21.63 30.14
CA GLU C 90 -44.72 21.24 28.88
C GLU C 90 -44.38 22.21 27.75
N VAL C 91 -44.56 21.77 26.51
CA VAL C 91 -44.25 22.62 25.37
C VAL C 91 -45.31 23.70 25.21
N GLY C 92 -44.88 24.87 24.74
CA GLY C 92 -45.81 25.95 24.46
C GLY C 92 -46.65 25.66 23.23
N TRP C 93 -47.67 26.50 23.04
CA TRP C 93 -48.56 26.32 21.90
C TRP C 93 -47.84 26.55 20.58
N MET C 94 -46.87 27.47 20.56
CA MET C 94 -46.11 27.71 19.34
C MET C 94 -45.31 26.48 18.91
N THR C 95 -44.73 25.77 19.88
CA THR C 95 -43.96 24.58 19.56
C THR C 95 -44.83 23.49 18.94
N SER C 96 -46.05 23.34 19.45
CA SER C 96 -46.97 22.35 18.88
C SER C 96 -47.30 22.69 17.43
N VAL C 97 -47.56 23.97 17.15
CA VAL C 97 -47.84 24.40 15.78
C VAL C 97 -46.63 24.15 14.89
N LYS C 98 -45.43 24.45 15.39
CA LYS C 98 -44.22 24.26 14.59
C LYS C 98 -44.00 22.79 14.26
N ASP C 99 -44.18 21.90 15.24
CA ASP C 99 -43.96 20.49 14.95
C ASP C 99 -45.07 19.91 14.07
N TRP C 100 -46.30 20.43 14.20
CA TRP C 100 -47.35 20.04 13.27
C TRP C 100 -47.01 20.45 11.85
N ALA C 101 -46.48 21.67 11.68
CA ALA C 101 -46.08 22.14 10.36
C ALA C 101 -44.94 21.28 9.80
N GLY C 102 -43.99 20.91 10.65
CA GLY C 102 -42.91 20.05 10.20
C GLY C 102 -43.40 18.67 9.77
N VAL C 103 -44.32 18.10 10.55
CA VAL C 103 -44.89 16.80 10.19
C VAL C 103 -45.65 16.90 8.87
N MET C 104 -46.40 17.99 8.69
CA MET C 104 -47.14 18.18 7.45
C MET C 104 -46.19 18.31 6.25
N ILE C 105 -45.10 19.05 6.43
CA ILE C 105 -44.13 19.24 5.35
C ILE C 105 -43.50 17.90 4.98
N SER C 106 -43.11 17.12 5.99
CA SER C 106 -42.63 15.77 5.71
C SER C 106 -43.81 14.88 5.31
N ALA C 107 -43.47 13.71 4.76
CA ALA C 107 -44.49 12.74 4.38
C ALA C 107 -44.68 11.69 5.49
N GLN C 108 -45.08 12.18 6.66
CA GLN C 108 -45.29 11.35 7.83
C GLN C 108 -46.77 11.13 8.13
N THR C 109 -47.65 11.56 7.24
CA THR C 109 -49.08 11.42 7.45
C THR C 109 -49.74 11.30 6.08
N LEU C 110 -50.93 10.71 6.06
CA LEU C 110 -51.68 10.61 4.80
C LEU C 110 -51.98 12.00 4.24
N THR C 111 -52.31 12.95 5.11
CA THR C 111 -52.50 14.33 4.67
C THR C 111 -51.20 14.90 4.12
N GLY C 112 -50.08 14.60 4.77
CA GLY C 112 -48.80 15.07 4.29
C GLY C 112 -48.41 14.46 2.95
N ARG C 113 -48.78 13.20 2.72
CA ARG C 113 -48.42 12.56 1.46
C ARG C 113 -49.11 13.21 0.26
N VAL C 114 -50.40 13.53 0.41
CA VAL C 114 -51.12 14.11 -0.73
C VAL C 114 -50.65 15.55 -0.99
N LEU C 115 -50.24 16.26 0.05
CA LEU C 115 -49.72 17.62 -0.14
C LEU C 115 -48.43 17.60 -0.95
N VAL C 116 -47.54 16.67 -0.66
CA VAL C 116 -46.27 16.60 -1.36
C VAL C 116 -46.48 16.20 -2.82
N VAL C 117 -47.40 15.27 -3.07
CA VAL C 117 -47.69 14.86 -4.44
C VAL C 117 -48.23 16.03 -5.25
N LEU C 118 -49.11 16.83 -4.65
CA LEU C 118 -49.64 18.00 -5.34
C LEU C 118 -48.52 18.99 -5.67
N VAL C 119 -47.54 19.13 -4.78
CA VAL C 119 -46.40 20.00 -5.05
C VAL C 119 -45.63 19.50 -6.27
N PHE C 120 -45.46 18.19 -6.38
CA PHE C 120 -44.80 17.62 -7.56
C PHE C 120 -45.60 17.92 -8.83
N ALA C 121 -46.92 17.76 -8.77
CA ALA C 121 -47.74 17.94 -9.96
C ALA C 121 -47.85 19.40 -10.36
N LEU C 122 -48.09 20.28 -9.38
CA LEU C 122 -48.32 21.69 -9.70
C LEU C 122 -47.04 22.42 -10.10
N SER C 123 -45.87 21.96 -9.64
CA SER C 123 -44.62 22.58 -10.06
C SER C 123 -44.39 22.37 -11.56
N ILE C 124 -44.74 21.19 -12.08
CA ILE C 124 -44.65 20.95 -13.51
C ILE C 124 -45.73 21.73 -14.24
N GLY C 125 -46.95 21.77 -13.69
CA GLY C 125 -48.03 22.49 -14.33
C GLY C 125 -47.75 23.97 -14.47
N ALA C 126 -47.13 24.57 -13.46
CA ALA C 126 -46.75 25.98 -13.56
C ALA C 126 -45.68 26.20 -14.61
N LEU C 127 -44.76 25.25 -14.75
CA LEU C 127 -43.71 25.36 -15.76
C LEU C 127 -44.29 25.27 -17.17
N VAL C 128 -45.25 24.35 -17.38
CA VAL C 128 -45.83 24.18 -18.71
C VAL C 128 -46.57 25.45 -19.12
N ILE C 129 -47.24 26.12 -18.18
CA ILE C 129 -47.94 27.35 -18.49
C ILE C 129 -46.97 28.42 -18.99
N TYR C 130 -45.78 28.46 -18.40
CA TYR C 130 -44.77 29.41 -18.86
C TYR C 130 -44.36 29.14 -20.29
N PHE C 131 -44.24 27.87 -20.67
CA PHE C 131 -43.89 27.52 -22.04
C PHE C 131 -44.92 28.06 -23.03
N ILE C 132 -46.21 27.88 -22.72
CA ILE C 132 -47.27 28.31 -23.63
C ILE C 132 -47.28 29.82 -23.76
N ASP C 133 -47.07 30.54 -22.66
CA ASP C 133 -47.21 31.99 -22.63
C ASP C 133 -45.94 32.69 -23.09
N SER C 134 -44.88 31.94 -23.42
CA SER C 134 -43.63 32.55 -23.84
C SER C 134 -43.67 33.05 -25.29
N SER C 135 -44.66 32.64 -26.07
CA SER C 135 -44.77 33.10 -27.45
C SER C 135 -45.58 34.39 -27.57
N ASN C 136 -46.22 34.85 -26.50
CA ASN C 136 -46.93 36.10 -26.51
C ASN C 136 -45.94 37.27 -26.51
N PRO C 137 -46.41 38.47 -26.86
CA PRO C 137 -45.51 39.64 -26.79
C PRO C 137 -44.96 39.84 -25.39
N ILE C 138 -43.85 40.58 -25.33
CA ILE C 138 -43.10 40.68 -24.08
C ILE C 138 -43.96 41.29 -22.98
N GLU C 139 -44.64 42.40 -23.28
CA GLU C 139 -45.51 43.06 -22.32
C GLU C 139 -46.86 43.28 -22.98
N SER C 140 -47.88 42.56 -22.52
CA SER C 140 -49.19 42.54 -23.15
C SER C 140 -50.27 42.84 -22.13
N CYS C 141 -51.51 42.96 -22.63
CA CYS C 141 -52.66 43.27 -21.81
C CYS C 141 -53.68 42.13 -21.91
N GLN C 142 -54.09 41.62 -20.75
CA GLN C 142 -55.07 40.55 -20.68
C GLN C 142 -55.93 40.74 -19.45
N ASN C 143 -57.22 40.41 -19.57
CA ASN C 143 -58.15 40.54 -18.46
C ASN C 143 -58.34 39.21 -17.74
N PHE C 144 -58.65 39.29 -16.45
CA PHE C 144 -58.71 38.12 -15.59
C PHE C 144 -60.02 37.34 -15.72
N TYR C 145 -61.08 37.96 -16.24
CA TYR C 145 -62.40 37.35 -16.23
C TYR C 145 -62.72 36.55 -17.49
N LYS C 146 -61.85 36.58 -18.50
CA LYS C 146 -62.16 35.94 -19.78
C LYS C 146 -60.95 35.19 -20.32
N ASP C 147 -60.27 34.43 -19.47
CA ASP C 147 -59.10 33.68 -19.90
C ASP C 147 -58.89 32.50 -18.95
N PHE C 148 -58.84 31.28 -19.51
CA PHE C 148 -58.50 30.12 -18.70
C PHE C 148 -57.12 30.27 -18.08
N THR C 149 -56.14 30.61 -18.91
CA THR C 149 -54.85 31.03 -18.39
C THR C 149 -55.03 32.34 -17.62
N LEU C 150 -54.16 32.55 -16.62
CA LEU C 150 -54.24 33.67 -15.68
C LEU C 150 -55.39 33.47 -14.71
N GLN C 151 -56.19 32.43 -14.92
CA GLN C 151 -57.15 31.94 -13.95
C GLN C 151 -56.73 30.61 -13.35
N ILE C 152 -56.28 29.67 -14.19
CA ILE C 152 -55.64 28.46 -13.68
C ILE C 152 -54.34 28.83 -12.95
N ASP C 153 -53.59 29.79 -13.51
CA ASP C 153 -52.36 30.23 -12.86
C ASP C 153 -52.63 30.83 -11.48
N MET C 154 -53.81 31.43 -11.28
CA MET C 154 -54.17 31.92 -9.95
C MET C 154 -54.26 30.78 -8.95
N ALA C 155 -54.85 29.66 -9.35
CA ALA C 155 -54.96 28.52 -8.44
C ALA C 155 -53.58 27.99 -8.06
N PHE C 156 -52.67 27.90 -9.03
CA PHE C 156 -51.34 27.37 -8.76
C PHE C 156 -50.58 28.28 -7.80
N ASN C 157 -50.62 29.59 -8.04
CA ASN C 157 -49.80 30.52 -7.25
C ASN C 157 -50.37 30.75 -5.87
N VAL C 158 -51.68 30.66 -5.69
CA VAL C 158 -52.25 30.71 -4.36
C VAL C 158 -51.81 29.50 -3.54
N PHE C 159 -51.79 28.33 -4.17
CA PHE C 159 -51.31 27.14 -3.49
C PHE C 159 -49.84 27.27 -3.10
N PHE C 160 -49.01 27.83 -3.99
CA PHE C 160 -47.61 28.02 -3.67
C PHE C 160 -47.39 29.02 -2.55
N LEU C 161 -48.36 29.92 -2.31
CA LEU C 161 -48.24 30.84 -1.20
C LEU C 161 -48.47 30.14 0.13
N LEU C 162 -49.50 29.28 0.19
CA LEU C 162 -49.75 28.53 1.41
C LEU C 162 -48.62 27.57 1.74
N TYR C 163 -48.10 26.88 0.73
CA TYR C 163 -46.98 25.96 0.95
C TYR C 163 -45.74 26.71 1.44
N PHE C 164 -45.56 27.96 1.01
CA PHE C 164 -44.46 28.76 1.52
C PHE C 164 -44.67 29.12 2.99
N GLY C 165 -45.92 29.33 3.41
CA GLY C 165 -46.18 29.62 4.80
C GLY C 165 -45.85 28.46 5.71
N LEU C 166 -46.20 27.24 5.29
CA LEU C 166 -45.89 26.05 6.10
C LEU C 166 -44.39 25.86 6.24
N ARG C 167 -43.65 26.07 5.15
CA ARG C 167 -42.19 25.93 5.22
C ARG C 167 -41.57 26.98 6.13
N PHE C 168 -42.13 28.20 6.15
CA PHE C 168 -41.60 29.25 7.00
C PHE C 168 -41.74 28.90 8.47
N ILE C 169 -42.89 28.34 8.86
CA ILE C 169 -43.12 28.00 10.26
C ILE C 169 -42.15 26.93 10.73
N ALA C 170 -41.94 25.89 9.92
CA ALA C 170 -41.13 24.76 10.32
C ALA C 170 -39.64 25.06 10.34
N ALA C 171 -39.21 26.22 9.85
CA ALA C 171 -37.80 26.53 9.79
C ALA C 171 -37.24 26.84 11.17
N ASN C 172 -35.95 26.59 11.35
CA ASN C 172 -35.27 26.87 12.62
C ASN C 172 -34.79 28.31 12.69
N ASP C 173 -33.96 28.72 11.74
CA ASP C 173 -33.44 30.09 11.66
C ASP C 173 -34.12 30.79 10.49
N LYS C 174 -34.97 31.77 10.80
CA LYS C 174 -35.76 32.43 9.78
C LYS C 174 -34.88 33.18 8.79
N LEU C 175 -33.76 33.73 9.24
CA LEU C 175 -32.88 34.48 8.32
C LEU C 175 -32.30 33.55 7.26
N TRP C 176 -31.75 32.42 7.67
CA TRP C 176 -31.17 31.49 6.71
C TRP C 176 -32.21 30.71 5.94
N PHE C 177 -33.46 30.66 6.42
CA PHE C 177 -34.53 30.16 5.59
C PHE C 177 -34.92 31.17 4.51
N TRP C 178 -34.94 32.45 4.88
CA TRP C 178 -35.23 33.51 3.92
C TRP C 178 -34.18 33.55 2.83
N LEU C 179 -32.92 33.39 3.19
CA LEU C 179 -31.83 33.40 2.21
C LEU C 179 -31.65 32.02 1.59
N GLU C 180 -32.72 31.46 1.03
CA GLU C 180 -32.68 30.13 0.42
C GLU C 180 -33.20 30.22 -1.01
N VAL C 181 -32.78 29.25 -1.83
CA VAL C 181 -33.09 29.31 -3.26
C VAL C 181 -34.58 29.16 -3.51
N ASN C 182 -35.24 28.23 -2.80
CA ASN C 182 -36.68 28.05 -3.00
C ASN C 182 -37.46 29.27 -2.53
N SER C 183 -37.06 29.85 -1.41
CA SER C 183 -37.71 31.07 -0.95
C SER C 183 -37.51 32.20 -1.96
N VAL C 184 -36.31 32.30 -2.53
CA VAL C 184 -36.03 33.37 -3.50
C VAL C 184 -36.88 33.20 -4.75
N VAL C 185 -36.99 31.97 -5.27
CA VAL C 185 -37.79 31.77 -6.46
C VAL C 185 -39.27 32.03 -6.16
N ASP C 186 -39.73 31.68 -4.96
CA ASP C 186 -41.10 32.02 -4.59
C ASP C 186 -41.30 33.53 -4.55
N PHE C 187 -40.32 34.25 -3.99
CA PHE C 187 -40.42 35.71 -3.91
C PHE C 187 -40.48 36.33 -5.29
N PHE C 188 -39.68 35.83 -6.22
CA PHE C 188 -39.62 36.40 -7.55
C PHE C 188 -40.67 35.84 -8.50
N THR C 189 -41.47 34.87 -8.06
CA THR C 189 -42.52 34.30 -8.90
C THR C 189 -43.94 34.67 -8.47
N VAL C 190 -44.25 34.66 -7.17
CA VAL C 190 -45.64 34.74 -6.74
C VAL C 190 -46.22 36.16 -6.80
N PRO C 191 -45.59 37.18 -6.20
CA PRO C 191 -46.25 38.52 -6.13
C PRO C 191 -46.59 39.11 -7.49
N PRO C 192 -45.75 38.94 -8.53
CA PRO C 192 -46.10 39.55 -9.82
C PRO C 192 -47.42 39.08 -10.40
N VAL C 193 -47.87 37.86 -10.08
CA VAL C 193 -49.17 37.40 -10.59
C VAL C 193 -50.29 38.26 -10.02
N PHE C 194 -50.27 38.49 -8.70
CA PHE C 194 -51.27 39.36 -8.09
C PHE C 194 -51.16 40.78 -8.61
N VAL C 195 -49.93 41.27 -8.81
CA VAL C 195 -49.75 42.61 -9.35
C VAL C 195 -50.36 42.71 -10.74
N SER C 196 -50.13 41.70 -11.59
CA SER C 196 -50.69 41.70 -12.93
C SER C 196 -52.22 41.65 -12.88
N VAL C 197 -52.77 40.87 -11.97
CA VAL C 197 -54.23 40.79 -11.86
C VAL C 197 -54.81 42.14 -11.44
N TYR C 198 -54.15 42.83 -10.50
CA TYR C 198 -54.64 44.14 -10.10
C TYR C 198 -54.53 45.15 -11.23
N LEU C 199 -53.40 45.15 -11.95
CA LEU C 199 -53.16 46.15 -12.98
C LEU C 199 -53.86 45.83 -14.29
N ASN C 200 -54.41 44.63 -14.45
CA ASN C 200 -55.05 44.19 -15.68
C ASN C 200 -54.04 44.20 -16.84
N ARG C 201 -52.76 44.00 -16.51
CA ARG C 201 -51.70 43.94 -17.50
C ARG C 201 -50.87 42.68 -17.29
N SER C 202 -49.76 42.56 -18.01
CA SER C 202 -48.87 41.43 -17.84
C SER C 202 -47.49 41.79 -18.36
N TRP C 203 -46.49 41.03 -17.92
CA TRP C 203 -45.12 41.23 -18.36
C TRP C 203 -44.37 39.91 -18.21
N LEU C 204 -43.71 39.48 -19.29
CA LEU C 204 -42.91 38.27 -19.23
C LEU C 204 -41.62 38.54 -18.47
N GLY C 205 -41.71 38.68 -17.15
CA GLY C 205 -40.56 39.04 -16.35
C GLY C 205 -39.70 37.85 -16.01
N LEU C 206 -39.36 37.70 -14.73
CA LEU C 206 -38.52 36.58 -14.31
C LEU C 206 -39.37 35.32 -14.14
N ARG C 207 -40.16 34.98 -15.15
CA ARG C 207 -40.94 33.76 -15.12
C ARG C 207 -40.11 32.51 -15.38
N PHE C 208 -38.93 32.67 -16.00
CA PHE C 208 -38.09 31.52 -16.29
C PHE C 208 -37.59 30.84 -15.01
N LEU C 209 -37.68 31.53 -13.87
CA LEU C 209 -37.26 30.94 -12.60
C LEU C 209 -38.15 29.79 -12.16
N ARG C 210 -39.32 29.61 -12.79
CA ARG C 210 -40.20 28.50 -12.42
C ARG C 210 -39.55 27.15 -12.71
N ALA C 211 -38.53 27.11 -13.55
CA ALA C 211 -37.79 25.88 -13.80
C ALA C 211 -36.85 25.51 -12.66
N LEU C 212 -36.64 26.42 -11.71
CA LEU C 212 -35.78 26.12 -10.57
C LEU C 212 -36.48 25.28 -9.51
N ARG C 213 -37.78 25.03 -9.66
CA ARG C 213 -38.51 24.19 -8.72
C ARG C 213 -38.27 22.71 -8.96
N LEU C 214 -37.60 22.34 -10.05
CA LEU C 214 -37.32 20.94 -10.33
C LEU C 214 -36.30 20.34 -9.39
N ILE C 215 -35.58 21.17 -8.63
CA ILE C 215 -34.55 20.65 -7.72
C ILE C 215 -35.18 19.89 -6.56
N GLN C 216 -36.37 20.32 -6.10
CA GLN C 216 -37.00 19.71 -4.94
C GLN C 216 -37.51 18.30 -5.20
N PHE C 217 -37.50 17.84 -6.45
CA PHE C 217 -38.03 16.52 -6.76
C PHE C 217 -37.24 15.42 -6.06
N SER C 218 -35.91 15.52 -6.08
CA SER C 218 -35.07 14.49 -5.49
C SER C 218 -35.24 14.39 -3.98
N GLU C 219 -35.67 15.48 -3.34
CA GLU C 219 -35.90 15.46 -1.90
C GLU C 219 -37.32 15.00 -1.56
N ILE C 220 -38.31 15.41 -2.35
CA ILE C 220 -39.67 14.97 -2.05
C ILE C 220 -39.86 13.50 -2.41
N LEU C 221 -39.07 12.98 -3.36
CA LEU C 221 -39.12 11.54 -3.61
C LEU C 221 -38.53 10.75 -2.46
N GLN C 222 -37.52 11.31 -1.78
CA GLN C 222 -37.00 10.65 -0.58
C GLN C 222 -37.98 10.77 0.57
N PHE C 223 -38.67 11.90 0.67
CA PHE C 223 -39.75 12.02 1.65
C PHE C 223 -40.82 10.95 1.43
N LEU C 224 -41.19 10.72 0.18
CA LEU C 224 -42.20 9.70 -0.13
C LEU C 224 -41.67 8.28 -0.02
N ASN C 225 -40.42 8.10 0.41
CA ASN C 225 -39.81 6.77 0.57
C ASN C 225 -39.81 5.99 -0.74
N ILE C 226 -39.56 6.70 -1.84
CA ILE C 226 -39.43 6.07 -3.15
C ILE C 226 -37.98 5.80 -3.50
N LEU C 227 -37.11 6.77 -3.26
CA LEU C 227 -35.68 6.61 -3.51
C LEU C 227 -34.98 6.20 -2.23
N LYS C 228 -34.23 5.10 -2.30
CA LYS C 228 -33.51 4.59 -1.13
C LYS C 228 -32.06 4.26 -1.38
N THR C 229 -31.62 4.08 -2.62
CA THR C 229 -30.26 3.66 -2.91
C THR C 229 -29.43 4.81 -3.47
N SER C 230 -28.13 4.74 -3.21
CA SER C 230 -27.22 5.85 -3.50
C SER C 230 -27.14 6.13 -5.00
N ASN C 231 -27.08 5.07 -5.82
CA ASN C 231 -26.96 5.27 -7.26
C ASN C 231 -28.15 6.01 -7.83
N SER C 232 -29.36 5.58 -7.45
CA SER C 232 -30.57 6.26 -7.92
C SER C 232 -30.64 7.69 -7.41
N ILE C 233 -30.27 7.91 -6.14
CA ILE C 233 -30.31 9.26 -5.60
C ILE C 233 -29.36 10.17 -6.38
N LYS C 234 -28.14 9.69 -6.65
CA LYS C 234 -27.18 10.49 -7.39
C LYS C 234 -27.67 10.77 -8.81
N LEU C 235 -28.23 9.76 -9.47
CA LEU C 235 -28.72 9.95 -10.84
C LEU C 235 -29.82 11.00 -10.88
N VAL C 236 -30.78 10.92 -9.95
CA VAL C 236 -31.87 11.88 -9.94
C VAL C 236 -31.36 13.28 -9.64
N ASN C 237 -30.43 13.40 -8.69
CA ASN C 237 -29.86 14.72 -8.39
C ASN C 237 -29.21 15.33 -9.62
N LEU C 238 -28.35 14.56 -10.30
CA LEU C 238 -27.65 15.08 -11.47
C LEU C 238 -28.62 15.49 -12.55
N LEU C 239 -29.60 14.62 -12.86
CA LEU C 239 -30.54 14.93 -13.94
C LEU C 239 -31.33 16.19 -13.63
N SER C 240 -31.86 16.29 -12.40
CA SER C 240 -32.68 17.43 -12.05
C SER C 240 -31.88 18.73 -12.11
N ILE C 241 -30.67 18.73 -11.55
CA ILE C 241 -29.88 19.95 -11.55
C ILE C 241 -29.54 20.38 -12.97
N PHE C 242 -29.10 19.43 -13.79
CA PHE C 242 -28.70 19.74 -15.15
C PHE C 242 -29.87 20.33 -15.95
N ILE C 243 -31.01 19.64 -15.93
CA ILE C 243 -32.15 20.10 -16.72
C ILE C 243 -32.63 21.46 -16.22
N SER C 244 -32.71 21.63 -14.89
CA SER C 244 -33.23 22.87 -14.34
C SER C 244 -32.36 24.06 -14.74
N THR C 245 -31.04 23.94 -14.57
CA THR C 245 -30.18 25.07 -14.89
C THR C 245 -30.16 25.34 -16.40
N TRP C 246 -30.20 24.28 -17.22
CA TRP C 246 -30.25 24.48 -18.66
C TRP C 246 -31.49 25.30 -19.05
N LEU C 247 -32.65 24.90 -18.55
CA LEU C 247 -33.89 25.60 -18.91
C LEU C 247 -33.90 27.03 -18.37
N THR C 248 -33.36 27.23 -17.17
CA THR C 248 -33.33 28.58 -16.61
C THR C 248 -32.46 29.51 -17.44
N ALA C 249 -31.27 29.04 -17.84
CA ALA C 249 -30.41 29.85 -18.68
C ALA C 249 -31.07 30.15 -20.02
N ALA C 250 -31.73 29.16 -20.61
CA ALA C 250 -32.42 29.39 -21.87
C ALA C 250 -33.50 30.45 -21.71
N GLY C 251 -34.26 30.40 -20.62
CA GLY C 251 -35.29 31.40 -20.40
C GLY C 251 -34.72 32.79 -20.24
N PHE C 252 -33.61 32.92 -19.51
CA PHE C 252 -33.00 34.23 -19.32
C PHE C 252 -32.52 34.80 -20.66
N ILE C 253 -31.87 33.97 -21.47
CA ILE C 253 -31.46 34.43 -22.80
C ILE C 253 -32.66 34.86 -23.62
N HIS C 254 -33.74 34.08 -23.57
CA HIS C 254 -34.93 34.43 -24.34
C HIS C 254 -35.46 35.80 -23.93
N LEU C 255 -35.60 36.03 -22.63
CA LEU C 255 -36.11 37.32 -22.17
C LEU C 255 -35.21 38.46 -22.61
N VAL C 256 -33.91 38.33 -22.34
CA VAL C 256 -32.98 39.43 -22.62
C VAL C 256 -32.95 39.74 -24.11
N GLU C 257 -32.90 38.71 -24.95
CA GLU C 257 -32.78 38.94 -26.38
C GLU C 257 -34.07 39.51 -26.96
N ASN C 258 -35.22 38.94 -26.60
CA ASN C 258 -36.47 39.42 -27.17
C ASN C 258 -36.84 40.81 -26.65
N SER C 259 -36.40 41.19 -25.45
CA SER C 259 -36.78 42.49 -24.92
C SER C 259 -35.97 43.61 -25.56
N GLY C 260 -34.65 43.58 -25.38
CA GLY C 260 -33.80 44.64 -25.89
C GLY C 260 -32.91 45.22 -24.80
N ASP C 261 -32.39 46.44 -25.02
CA ASP C 261 -31.56 47.11 -24.04
C ASP C 261 -32.29 48.31 -23.48
N PRO C 262 -32.52 48.37 -22.16
CA PRO C 262 -33.27 49.50 -21.60
C PRO C 262 -32.64 50.86 -21.87
N TRP C 263 -31.31 50.96 -21.82
CA TRP C 263 -30.65 52.23 -22.08
C TRP C 263 -30.53 52.55 -23.57
N GLU C 264 -30.82 51.58 -24.43
CA GLU C 264 -30.88 51.81 -25.87
C GLU C 264 -32.28 52.13 -26.34
N ASN C 265 -33.23 52.34 -25.42
CA ASN C 265 -34.64 52.58 -25.73
C ASN C 265 -35.25 51.41 -26.49
N PHE C 266 -34.76 50.20 -26.22
CA PHE C 266 -35.32 48.96 -26.76
C PHE C 266 -35.32 48.98 -28.29
N GLN C 267 -34.12 49.06 -28.87
CA GLN C 267 -33.96 49.03 -30.32
C GLN C 267 -33.07 47.90 -30.80
N ASN C 268 -32.51 47.10 -29.90
CA ASN C 268 -31.70 45.94 -30.27
C ASN C 268 -32.50 44.65 -30.30
N ASN C 269 -33.83 44.73 -30.26
CA ASN C 269 -34.67 43.56 -30.17
C ASN C 269 -34.43 42.59 -31.31
N GLN C 270 -33.90 41.42 -31.00
CA GLN C 270 -33.68 40.35 -31.96
C GLN C 270 -34.72 39.27 -31.73
N ALA C 271 -35.44 38.91 -32.79
CA ALA C 271 -36.55 37.97 -32.68
C ALA C 271 -36.02 36.55 -32.50
N LEU C 272 -36.28 35.95 -31.35
CA LEU C 272 -35.86 34.59 -31.05
C LEU C 272 -37.00 33.86 -30.36
N THR C 273 -37.02 32.55 -30.52
CA THR C 273 -37.98 31.69 -29.85
C THR C 273 -37.31 30.90 -28.73
N TYR C 274 -38.14 30.34 -27.84
CA TYR C 274 -37.60 29.61 -26.70
C TYR C 274 -36.85 28.37 -27.15
N TRP C 275 -37.36 27.68 -28.17
CA TRP C 275 -36.65 26.51 -28.70
C TRP C 275 -35.30 26.90 -29.28
N GLU C 276 -35.24 28.02 -30.00
CA GLU C 276 -33.98 28.49 -30.55
C GLU C 276 -33.00 28.85 -29.44
N CYS C 277 -33.50 29.46 -28.37
CA CYS C 277 -32.63 29.79 -27.24
C CYS C 277 -32.11 28.53 -26.56
N VAL C 278 -32.96 27.51 -26.43
CA VAL C 278 -32.52 26.23 -25.86
C VAL C 278 -31.42 25.63 -26.73
N TYR C 279 -31.61 25.67 -28.05
CA TYR C 279 -30.59 25.19 -28.97
C TYR C 279 -29.28 25.96 -28.82
N LEU C 280 -29.38 27.29 -28.68
CA LEU C 280 -28.18 28.11 -28.51
C LEU C 280 -27.44 27.75 -27.23
N LEU C 281 -28.16 27.59 -26.12
CA LEU C 281 -27.50 27.22 -24.87
C LEU C 281 -26.87 25.84 -24.95
N MET C 282 -27.54 24.89 -25.61
CA MET C 282 -26.95 23.56 -25.77
C MET C 282 -25.66 23.63 -26.57
N VAL C 283 -25.67 24.36 -27.68
CA VAL C 283 -24.47 24.48 -28.51
C VAL C 283 -23.36 25.18 -27.74
N THR C 284 -23.70 26.16 -26.91
CA THR C 284 -22.68 26.85 -26.12
C THR C 284 -22.08 25.94 -25.06
N MET C 285 -22.92 25.20 -24.34
CA MET C 285 -22.41 24.30 -23.31
C MET C 285 -21.55 23.20 -23.92
N SER C 286 -21.93 22.69 -25.09
CA SER C 286 -21.17 21.63 -25.72
C SER C 286 -19.83 22.09 -26.25
N THR C 287 -19.57 23.40 -26.26
CA THR C 287 -18.34 24.00 -26.80
C THR C 287 -18.18 23.71 -28.28
N VAL C 288 -19.28 23.46 -28.98
CA VAL C 288 -19.22 23.31 -30.44
C VAL C 288 -19.19 24.67 -31.11
N GLY C 289 -20.22 25.48 -30.87
CA GLY C 289 -20.22 26.86 -31.28
C GLY C 289 -20.30 27.13 -32.76
N TYR C 290 -21.43 26.82 -33.38
CA TYR C 290 -21.68 27.30 -34.73
C TYR C 290 -21.92 28.81 -34.71
N GLY C 291 -21.93 29.41 -35.89
CA GLY C 291 -22.24 30.80 -36.06
C GLY C 291 -23.65 31.10 -36.52
N ASP C 292 -24.54 30.11 -36.48
CA ASP C 292 -25.90 30.33 -36.98
C ASP C 292 -26.69 31.25 -36.07
N VAL C 293 -26.63 31.04 -34.76
CA VAL C 293 -27.35 31.86 -33.78
C VAL C 293 -26.41 32.22 -32.65
N TYR C 294 -26.49 33.46 -32.20
CA TYR C 294 -25.66 33.94 -31.10
C TYR C 294 -26.31 35.18 -30.51
N ALA C 295 -25.89 35.51 -29.29
CA ALA C 295 -26.41 36.72 -28.63
C ALA C 295 -25.82 37.95 -29.28
N LYS C 296 -26.66 38.99 -29.45
CA LYS C 296 -26.24 40.20 -30.11
C LYS C 296 -26.43 41.47 -29.27
N THR C 297 -27.07 41.37 -28.12
CA THR C 297 -27.25 42.53 -27.24
C THR C 297 -26.20 42.50 -26.14
N THR C 298 -26.03 43.67 -25.50
CA THR C 298 -24.98 43.83 -24.50
C THR C 298 -25.24 42.94 -23.28
N LEU C 299 -26.46 42.97 -22.76
CA LEU C 299 -26.78 42.15 -21.59
C LEU C 299 -26.67 40.66 -21.92
N GLY C 300 -27.14 40.27 -23.11
CA GLY C 300 -27.02 38.87 -23.50
C GLY C 300 -25.57 38.43 -23.60
N ARG C 301 -24.71 39.26 -24.19
CA ARG C 301 -23.30 38.91 -24.28
C ARG C 301 -22.65 38.84 -22.90
N LEU C 302 -23.00 39.77 -22.02
CA LEU C 302 -22.43 39.76 -20.66
C LEU C 302 -22.82 38.47 -19.93
N PHE C 303 -24.10 38.11 -20.01
CA PHE C 303 -24.54 36.90 -19.34
C PHE C 303 -23.91 35.67 -19.96
N MET C 304 -23.73 35.67 -21.28
CA MET C 304 -23.08 34.54 -21.94
C MET C 304 -21.64 34.40 -21.46
N VAL C 305 -20.93 35.51 -21.33
CA VAL C 305 -19.56 35.47 -20.84
C VAL C 305 -19.51 34.91 -19.43
N PHE C 306 -20.43 35.34 -18.56
CA PHE C 306 -20.41 34.81 -17.20
C PHE C 306 -20.88 33.36 -17.11
N PHE C 307 -21.77 32.94 -18.01
CA PHE C 307 -22.24 31.56 -18.01
C PHE C 307 -21.20 30.60 -18.58
N ILE C 308 -20.33 31.09 -19.46
CA ILE C 308 -19.30 30.23 -20.03
C ILE C 308 -18.36 29.72 -18.94
N LEU C 309 -18.18 30.50 -17.88
CA LEU C 309 -17.28 30.09 -16.80
C LEU C 309 -17.78 28.82 -16.11
N GLY C 310 -19.07 28.75 -15.83
CA GLY C 310 -19.60 27.66 -15.03
C GLY C 310 -20.29 26.54 -15.78
N GLY C 311 -21.13 26.89 -16.77
CA GLY C 311 -21.87 25.88 -17.49
C GLY C 311 -20.99 24.91 -18.24
N LEU C 312 -19.86 25.38 -18.77
CA LEU C 312 -18.95 24.49 -19.49
C LEU C 312 -18.40 23.42 -18.57
N ALA C 313 -17.93 23.82 -17.38
CA ALA C 313 -17.44 22.84 -16.42
C ALA C 313 -18.53 21.89 -15.98
N MET C 314 -19.73 22.41 -15.74
CA MET C 314 -20.83 21.56 -15.32
C MET C 314 -21.15 20.51 -16.38
N PHE C 315 -21.19 20.92 -17.66
CA PHE C 315 -21.45 19.97 -18.73
C PHE C 315 -20.32 18.95 -18.85
N ALA C 316 -19.09 19.41 -18.71
CA ALA C 316 -17.95 18.49 -18.82
C ALA C 316 -17.95 17.46 -17.69
N SER C 317 -18.48 17.81 -16.53
CA SER C 317 -18.44 16.88 -15.41
C SER C 317 -19.67 15.98 -15.31
N TYR C 318 -20.87 16.53 -15.54
CA TYR C 318 -22.09 15.78 -15.21
C TYR C 318 -22.39 14.69 -16.23
N VAL C 319 -22.28 15.01 -17.53
CA VAL C 319 -22.78 14.09 -18.56
C VAL C 319 -22.08 12.74 -18.53
N PRO C 320 -20.74 12.65 -18.46
CA PRO C 320 -20.13 11.32 -18.34
C PRO C 320 -20.59 10.56 -17.11
N GLU C 321 -20.81 11.26 -16.00
CA GLU C 321 -21.29 10.58 -14.79
C GLU C 321 -22.68 10.00 -14.99
N ILE C 322 -23.58 10.75 -15.63
CA ILE C 322 -24.92 10.23 -15.90
C ILE C 322 -24.84 9.03 -16.82
N ILE C 323 -24.03 9.12 -17.88
CA ILE C 323 -23.91 8.03 -18.84
C ILE C 323 -23.34 6.79 -18.15
N GLU C 324 -22.40 6.98 -17.23
CA GLU C 324 -21.83 5.84 -16.51
C GLU C 324 -22.83 5.24 -15.55
N LEU C 325 -23.61 6.08 -14.87
CA LEU C 325 -24.62 5.56 -13.94
C LEU C 325 -25.68 4.74 -14.68
N ILE C 326 -26.12 5.22 -15.83
CA ILE C 326 -26.95 4.37 -16.68
C ILE C 326 -26.08 3.28 -17.32
N GLY C 327 -26.73 2.20 -17.74
CA GLY C 327 -26.01 1.11 -18.37
C GLY C 327 -25.37 0.13 -17.43
N ASN C 328 -25.52 0.30 -16.11
CA ASN C 328 -25.05 -0.69 -15.14
C ASN C 328 -26.15 -1.73 -15.00
N ARG C 329 -25.98 -2.86 -15.67
CA ARG C 329 -26.99 -3.90 -15.73
C ARG C 329 -26.36 -5.25 -15.41
N LYS C 330 -27.19 -6.18 -14.96
CA LYS C 330 -26.79 -7.57 -14.77
C LYS C 330 -27.09 -8.29 -16.08
N LYS C 331 -26.06 -8.50 -16.90
CA LYS C 331 -26.26 -9.07 -18.22
C LYS C 331 -26.63 -10.55 -18.13
N TYR C 332 -26.08 -11.27 -17.17
CA TYR C 332 -26.28 -12.70 -17.06
C TYR C 332 -27.35 -13.08 -16.05
N GLY C 333 -28.05 -12.11 -15.47
CA GLY C 333 -29.21 -12.45 -14.68
C GLY C 333 -30.28 -13.11 -15.54
N GLY C 334 -30.99 -14.05 -14.94
CA GLY C 334 -31.98 -14.81 -15.67
C GLY C 334 -32.08 -16.21 -15.10
N SER C 335 -32.89 -17.03 -15.76
CA SER C 335 -33.18 -18.38 -15.28
C SER C 335 -33.02 -19.38 -16.41
N TYR C 336 -32.58 -20.58 -16.06
CA TYR C 336 -32.48 -21.67 -17.02
C TYR C 336 -33.83 -22.34 -17.20
N SER C 337 -34.12 -22.75 -18.43
CA SER C 337 -35.37 -23.42 -18.76
C SER C 337 -35.06 -24.85 -19.18
N ALA C 338 -35.58 -25.81 -18.43
CA ALA C 338 -35.29 -27.21 -18.69
C ALA C 338 -35.99 -27.67 -19.97
N VAL C 339 -35.34 -28.58 -20.68
CA VAL C 339 -35.88 -29.18 -21.90
C VAL C 339 -36.18 -30.64 -21.61
N SER C 340 -37.44 -31.03 -21.82
CA SER C 340 -37.85 -32.41 -21.57
C SER C 340 -37.12 -33.36 -22.50
N GLY C 341 -36.60 -34.45 -21.93
CA GLY C 341 -35.88 -35.45 -22.70
C GLY C 341 -34.39 -35.22 -22.80
N ARG C 342 -33.87 -34.12 -22.27
CA ARG C 342 -32.44 -33.83 -22.28
C ARG C 342 -32.01 -33.40 -20.89
N LYS C 343 -31.00 -34.05 -20.35
CA LYS C 343 -30.52 -33.76 -19.01
C LYS C 343 -29.47 -32.66 -19.05
N HIS C 344 -29.21 -32.07 -17.88
CA HIS C 344 -28.22 -31.01 -17.74
C HIS C 344 -27.50 -31.18 -16.41
N ILE C 345 -26.31 -30.58 -16.33
CA ILE C 345 -25.50 -30.60 -15.12
C ILE C 345 -25.14 -29.17 -14.75
N VAL C 346 -24.77 -28.99 -13.48
CA VAL C 346 -24.43 -27.69 -12.93
C VAL C 346 -22.98 -27.74 -12.45
N VAL C 347 -22.18 -26.76 -12.84
CA VAL C 347 -20.78 -26.66 -12.46
C VAL C 347 -20.57 -25.39 -11.66
N CYS C 348 -19.98 -25.52 -10.48
CA CYS C 348 -19.72 -24.39 -9.60
C CYS C 348 -18.31 -24.52 -9.04
N GLY C 349 -17.94 -23.59 -8.16
CA GLY C 349 -16.64 -23.65 -7.53
C GLY C 349 -15.68 -22.61 -8.06
N HIS C 350 -14.40 -23.00 -8.21
CA HIS C 350 -13.37 -22.10 -8.70
C HIS C 350 -13.38 -22.12 -10.22
N ILE C 351 -13.89 -21.05 -10.82
CA ILE C 351 -14.11 -20.98 -12.27
C ILE C 351 -13.19 -19.91 -12.84
N THR C 352 -12.39 -20.29 -13.83
CA THR C 352 -11.51 -19.36 -14.53
C THR C 352 -11.30 -19.88 -15.95
N LEU C 353 -10.62 -19.08 -16.76
CA LEU C 353 -10.50 -19.40 -18.18
C LEU C 353 -9.80 -20.73 -18.41
N GLU C 354 -8.66 -20.94 -17.74
CA GLU C 354 -7.87 -22.15 -17.97
C GLU C 354 -8.62 -23.39 -17.50
N SER C 355 -9.18 -23.33 -16.29
CA SER C 355 -9.90 -24.48 -15.77
C SER C 355 -11.12 -24.81 -16.62
N VAL C 356 -11.86 -23.78 -17.03
CA VAL C 356 -13.04 -24.00 -17.86
C VAL C 356 -12.64 -24.60 -19.21
N SER C 357 -11.57 -24.09 -19.83
CA SER C 357 -11.14 -24.63 -21.11
C SER C 357 -10.71 -26.08 -20.99
N ASN C 358 -9.93 -26.41 -19.95
CA ASN C 358 -9.51 -27.80 -19.76
C ASN C 358 -10.71 -28.71 -19.53
N PHE C 359 -11.65 -28.29 -18.68
CA PHE C 359 -12.82 -29.10 -18.40
C PHE C 359 -13.65 -29.32 -19.66
N LEU C 360 -13.85 -28.25 -20.44
CA LEU C 360 -14.65 -28.38 -21.66
C LEU C 360 -13.97 -29.29 -22.68
N LYS C 361 -12.65 -29.17 -22.84
CA LYS C 361 -11.94 -30.03 -23.77
C LYS C 361 -12.01 -31.49 -23.35
N ASP C 362 -11.92 -31.74 -22.04
CA ASP C 362 -12.01 -33.13 -21.56
C ASP C 362 -13.44 -33.66 -21.64
N PHE C 363 -14.43 -32.79 -21.50
CA PHE C 363 -15.82 -33.24 -21.40
C PHE C 363 -16.45 -33.45 -22.77
N LEU C 364 -16.32 -32.47 -23.66
CA LEU C 364 -16.96 -32.52 -24.96
C LEU C 364 -16.09 -33.14 -26.04
N HIS C 365 -15.14 -33.98 -25.66
CA HIS C 365 -14.25 -34.60 -26.65
C HIS C 365 -15.02 -35.54 -27.55
N LYS C 366 -14.67 -35.51 -28.85
CA LYS C 366 -15.37 -36.31 -29.83
C LYS C 366 -15.04 -37.80 -29.72
N ASP C 367 -13.96 -38.15 -29.03
CA ASP C 367 -13.51 -39.54 -29.02
C ASP C 367 -14.47 -40.44 -28.26
N ARG C 368 -15.18 -39.89 -27.28
CA ARG C 368 -16.16 -40.67 -26.54
C ARG C 368 -17.48 -40.69 -27.30
N ASP C 369 -18.44 -41.47 -26.79
CA ASP C 369 -19.74 -41.57 -27.43
C ASP C 369 -20.43 -40.21 -27.42
N ASP C 370 -21.26 -39.97 -28.43
CA ASP C 370 -21.93 -38.68 -28.56
C ASP C 370 -22.82 -38.42 -27.35
N VAL C 371 -22.70 -37.22 -26.79
CA VAL C 371 -23.43 -36.85 -25.58
C VAL C 371 -24.37 -35.70 -25.90
N ASN C 372 -25.43 -35.60 -25.11
CA ASN C 372 -26.42 -34.54 -25.29
C ASN C 372 -26.66 -33.76 -24.01
N VAL C 373 -25.84 -33.97 -22.97
CA VAL C 373 -25.99 -33.22 -21.74
C VAL C 373 -25.60 -31.77 -21.97
N GLU C 374 -26.21 -30.87 -21.20
CA GLU C 374 -25.99 -29.44 -21.32
C GLU C 374 -25.33 -28.93 -20.05
N ILE C 375 -24.25 -28.17 -20.20
CA ILE C 375 -23.49 -27.68 -19.07
C ILE C 375 -24.00 -26.29 -18.70
N VAL C 376 -24.27 -26.08 -17.42
CA VAL C 376 -24.80 -24.81 -16.92
C VAL C 376 -23.86 -24.35 -15.80
N PHE C 377 -23.03 -23.36 -16.10
CA PHE C 377 -22.13 -22.83 -15.09
C PHE C 377 -22.88 -21.89 -14.16
N LEU C 378 -22.28 -21.65 -12.99
CA LEU C 378 -22.89 -20.76 -12.00
C LEU C 378 -21.77 -20.21 -11.13
N HIS C 379 -21.44 -18.94 -11.32
CA HIS C 379 -20.37 -18.30 -10.57
C HIS C 379 -20.75 -16.85 -10.32
N ASN C 380 -20.13 -16.24 -9.31
CA ASN C 380 -20.55 -14.93 -8.84
C ASN C 380 -19.67 -13.79 -9.36
N ILE C 381 -18.87 -14.05 -10.39
CA ILE C 381 -18.03 -13.04 -11.02
C ILE C 381 -18.32 -13.04 -12.51
N SER C 382 -18.58 -11.86 -13.06
CA SER C 382 -18.88 -11.74 -14.48
C SER C 382 -17.66 -12.14 -15.33
N PRO C 383 -17.86 -12.89 -16.40
CA PRO C 383 -16.72 -13.32 -17.22
C PRO C 383 -16.09 -12.16 -17.96
N ASN C 384 -14.81 -12.32 -18.29
CA ASN C 384 -14.09 -11.35 -19.10
C ASN C 384 -14.28 -11.66 -20.58
N LEU C 385 -13.59 -10.88 -21.42
CA LEU C 385 -13.85 -10.94 -22.86
C LEU C 385 -13.50 -12.29 -23.46
N GLU C 386 -12.35 -12.85 -23.08
CA GLU C 386 -11.93 -14.10 -23.69
C GLU C 386 -12.72 -15.31 -23.17
N LEU C 387 -13.11 -15.31 -21.90
CA LEU C 387 -14.00 -16.35 -21.42
C LEU C 387 -15.37 -16.26 -22.09
N GLU C 388 -15.85 -15.03 -22.30
CA GLU C 388 -17.08 -14.85 -23.05
C GLU C 388 -16.94 -15.34 -24.48
N ALA C 389 -15.77 -15.13 -25.08
CA ALA C 389 -15.52 -15.66 -26.43
C ALA C 389 -15.55 -17.18 -26.43
N LEU C 390 -14.98 -17.82 -25.42
CA LEU C 390 -15.05 -19.27 -25.31
C LEU C 390 -16.49 -19.75 -25.20
N PHE C 391 -17.28 -19.06 -24.36
CA PHE C 391 -18.70 -19.40 -24.24
C PHE C 391 -19.42 -19.24 -25.57
N LYS C 392 -19.08 -18.19 -26.32
CA LYS C 392 -19.68 -17.99 -27.64
C LYS C 392 -19.29 -19.11 -28.59
N ARG C 393 -18.04 -19.58 -28.50
CA ARG C 393 -17.62 -20.71 -29.33
C ARG C 393 -18.42 -21.96 -29.01
N HIS C 394 -18.68 -22.20 -27.73
CA HIS C 394 -19.58 -23.29 -27.34
C HIS C 394 -20.98 -22.73 -27.10
N PHE C 395 -21.57 -22.27 -28.21
CA PHE C 395 -22.82 -21.51 -28.12
C PHE C 395 -24.01 -22.40 -27.77
N THR C 396 -24.11 -23.55 -28.42
CA THR C 396 -25.33 -24.36 -28.35
C THR C 396 -25.30 -25.41 -27.25
N GLN C 397 -24.24 -25.47 -26.43
CA GLN C 397 -24.17 -26.50 -25.40
C GLN C 397 -23.60 -25.99 -24.08
N VAL C 398 -23.48 -24.69 -23.88
CA VAL C 398 -22.95 -24.10 -22.65
C VAL C 398 -23.75 -22.85 -22.32
N GLU C 399 -24.11 -22.69 -21.05
CA GLU C 399 -24.80 -21.49 -20.59
C GLU C 399 -24.15 -21.01 -19.30
N PHE C 400 -24.24 -19.71 -19.05
CA PHE C 400 -23.67 -19.09 -17.87
C PHE C 400 -24.74 -18.30 -17.15
N TYR C 401 -24.68 -18.31 -15.81
CA TYR C 401 -25.61 -17.55 -15.00
C TYR C 401 -24.88 -17.03 -13.78
N GLN C 402 -25.05 -15.75 -13.49
CA GLN C 402 -24.36 -15.12 -12.37
C GLN C 402 -25.15 -15.34 -11.08
N GLY C 403 -24.47 -15.87 -10.07
CA GLY C 403 -25.11 -16.14 -8.80
C GLY C 403 -24.17 -16.87 -7.87
N SER C 404 -24.73 -17.32 -6.75
CA SER C 404 -23.97 -18.04 -5.74
C SER C 404 -24.72 -19.29 -5.33
N VAL C 405 -23.98 -20.39 -5.13
CA VAL C 405 -24.60 -21.65 -4.76
C VAL C 405 -25.12 -21.63 -3.33
N LEU C 406 -24.62 -20.71 -2.50
CA LEU C 406 -25.06 -20.65 -1.11
C LEU C 406 -26.45 -20.04 -0.97
N ASN C 407 -26.80 -19.10 -1.84
CA ASN C 407 -28.13 -18.50 -1.80
C ASN C 407 -29.14 -19.46 -2.38
N PRO C 408 -30.20 -19.83 -1.64
CA PRO C 408 -31.11 -20.88 -2.13
C PRO C 408 -32.02 -20.45 -3.27
N HIS C 409 -32.01 -19.18 -3.67
CA HIS C 409 -32.82 -18.76 -4.80
C HIS C 409 -32.13 -19.05 -6.13
N ASP C 410 -30.80 -18.92 -6.18
CA ASP C 410 -30.07 -19.27 -7.39
C ASP C 410 -30.18 -20.76 -7.70
N LEU C 411 -30.29 -21.60 -6.67
CA LEU C 411 -30.44 -23.03 -6.90
C LEU C 411 -31.72 -23.34 -7.65
N ALA C 412 -32.82 -22.69 -7.27
CA ALA C 412 -34.06 -22.82 -8.03
C ALA C 412 -33.96 -22.11 -9.36
N ARG C 413 -33.12 -21.08 -9.45
CA ARG C 413 -32.94 -20.36 -10.70
C ARG C 413 -32.32 -21.26 -11.77
N VAL C 414 -31.37 -22.11 -11.38
CA VAL C 414 -30.68 -22.98 -12.31
C VAL C 414 -31.31 -24.37 -12.37
N LYS C 415 -32.44 -24.57 -11.68
CA LYS C 415 -33.22 -25.81 -11.76
C LYS C 415 -32.38 -27.03 -11.38
N ILE C 416 -31.92 -27.04 -10.13
CA ILE C 416 -31.23 -28.22 -9.61
C ILE C 416 -32.21 -29.36 -9.37
N GLU C 417 -33.48 -29.05 -9.08
CA GLU C 417 -34.45 -30.09 -8.77
C GLU C 417 -34.62 -31.08 -9.91
N SER C 418 -34.28 -30.70 -11.14
CA SER C 418 -34.32 -31.61 -12.27
C SER C 418 -32.94 -31.85 -12.87
N ALA C 419 -31.89 -31.38 -12.23
CA ALA C 419 -30.54 -31.59 -12.74
C ALA C 419 -30.11 -33.05 -12.55
N ASP C 420 -29.05 -33.43 -13.25
CA ASP C 420 -28.55 -34.79 -13.17
C ASP C 420 -27.41 -34.92 -12.17
N ALA C 421 -26.51 -33.93 -12.11
CA ALA C 421 -25.39 -33.97 -11.19
C ALA C 421 -24.84 -32.57 -11.02
N CYS C 422 -24.08 -32.37 -9.95
CA CYS C 422 -23.42 -31.10 -9.68
C CYS C 422 -21.94 -31.34 -9.46
N LEU C 423 -21.10 -30.55 -10.14
CA LEU C 423 -19.66 -30.67 -10.06
C LEU C 423 -19.08 -29.44 -9.38
N ILE C 424 -18.16 -29.65 -8.45
CA ILE C 424 -17.56 -28.57 -7.67
C ILE C 424 -16.07 -28.61 -7.91
N LEU C 425 -15.57 -27.71 -8.75
CA LEU C 425 -14.14 -27.59 -8.96
C LEU C 425 -13.48 -26.94 -7.74
N ALA C 426 -12.19 -27.18 -7.60
CA ALA C 426 -11.42 -26.71 -6.46
C ALA C 426 -10.22 -25.90 -6.92
N ASN C 427 -9.75 -25.03 -6.03
CA ASN C 427 -8.58 -24.19 -6.29
C ASN C 427 -7.36 -24.90 -5.74
N LYS C 428 -6.60 -25.54 -6.63
CA LYS C 428 -5.43 -26.31 -6.18
C LYS C 428 -4.37 -25.42 -5.56
N TYR C 429 -4.13 -24.24 -6.13
CA TYR C 429 -3.07 -23.36 -5.67
C TYR C 429 -3.69 -22.26 -4.81
N CYS C 430 -3.88 -22.59 -3.53
CA CYS C 430 -4.45 -21.67 -2.56
C CYS C 430 -3.53 -21.59 -1.36
N ALA C 431 -3.62 -20.46 -0.64
CA ALA C 431 -2.76 -20.25 0.52
C ALA C 431 -3.04 -21.26 1.62
N ASP C 432 -4.31 -21.50 1.92
CA ASP C 432 -4.69 -22.39 3.01
C ASP C 432 -5.57 -23.52 2.48
N PRO C 433 -5.06 -24.75 2.43
CA PRO C 433 -5.88 -25.86 1.92
C PRO C 433 -7.13 -26.12 2.75
N ASP C 434 -7.09 -25.90 4.06
CA ASP C 434 -8.23 -26.22 4.91
C ASP C 434 -9.42 -25.32 4.62
N ALA C 435 -9.17 -24.04 4.32
CA ALA C 435 -10.26 -23.12 4.05
C ALA C 435 -11.03 -23.52 2.81
N GLU C 436 -10.33 -23.95 1.76
CA GLU C 436 -11.00 -24.40 0.55
C GLU C 436 -11.87 -25.63 0.83
N ASP C 437 -11.36 -26.57 1.62
CA ASP C 437 -12.14 -27.74 1.97
C ASP C 437 -13.39 -27.36 2.75
N ALA C 438 -13.26 -26.43 3.70
CA ALA C 438 -14.42 -25.99 4.47
C ALA C 438 -15.45 -25.32 3.57
N SER C 439 -14.99 -24.49 2.63
CA SER C 439 -15.92 -23.84 1.70
C SER C 439 -16.65 -24.86 0.84
N ASN C 440 -15.93 -25.87 0.34
CA ASN C 440 -16.56 -26.91 -0.46
C ASN C 440 -17.57 -27.71 0.36
N ILE C 441 -17.25 -27.96 1.63
CA ILE C 441 -18.19 -28.67 2.50
C ILE C 441 -19.45 -27.84 2.73
N MET C 442 -19.28 -26.52 2.90
CA MET C 442 -20.45 -25.66 3.02
C MET C 442 -21.30 -25.70 1.76
N ARG C 443 -20.65 -25.67 0.59
CA ARG C 443 -21.38 -25.72 -0.67
C ARG C 443 -22.18 -27.01 -0.80
N VAL C 444 -21.54 -28.16 -0.50
CA VAL C 444 -22.25 -29.42 -0.63
C VAL C 444 -23.37 -29.51 0.40
N ILE C 445 -23.17 -28.94 1.59
CA ILE C 445 -24.24 -28.90 2.59
C ILE C 445 -25.44 -28.14 2.03
N SER C 446 -25.19 -26.97 1.44
CA SER C 446 -26.28 -26.17 0.88
C SER C 446 -27.00 -26.94 -0.23
N ILE C 447 -26.25 -27.57 -1.13
CA ILE C 447 -26.86 -28.25 -2.25
C ILE C 447 -27.71 -29.43 -1.77
N LYS C 448 -27.18 -30.24 -0.86
CA LYS C 448 -27.94 -31.38 -0.36
C LYS C 448 -29.12 -30.94 0.49
N ASN C 449 -29.02 -29.79 1.14
CA ASN C 449 -30.18 -29.23 1.84
C ASN C 449 -31.28 -28.89 0.86
N TYR C 450 -30.93 -28.24 -0.25
CA TYR C 450 -31.95 -27.89 -1.24
C TYR C 450 -32.57 -29.14 -1.88
N HIS C 451 -31.73 -30.12 -2.23
CA HIS C 451 -32.26 -31.32 -2.88
C HIS C 451 -31.49 -32.56 -2.42
N PRO C 452 -32.12 -33.41 -1.62
CA PRO C 452 -31.40 -34.57 -1.06
C PRO C 452 -30.88 -35.56 -2.09
N LYS C 453 -31.60 -35.77 -3.19
CA LYS C 453 -31.30 -36.87 -4.11
C LYS C 453 -30.30 -36.50 -5.20
N ILE C 454 -29.78 -35.27 -5.20
CA ILE C 454 -28.80 -34.89 -6.21
C ILE C 454 -27.52 -35.68 -6.02
N ARG C 455 -26.79 -35.89 -7.10
CA ARG C 455 -25.50 -36.57 -7.08
C ARG C 455 -24.40 -35.53 -7.26
N ILE C 456 -23.41 -35.54 -6.36
CA ILE C 456 -22.42 -34.49 -6.26
C ILE C 456 -21.03 -35.10 -6.41
N ILE C 457 -20.20 -34.46 -7.23
CA ILE C 457 -18.80 -34.83 -7.41
C ILE C 457 -17.95 -33.62 -7.06
N THR C 458 -16.96 -33.82 -6.18
CA THR C 458 -16.17 -32.71 -5.66
C THR C 458 -14.71 -33.12 -5.58
N GLN C 459 -13.85 -32.11 -5.43
CA GLN C 459 -12.42 -32.29 -5.27
C GLN C 459 -12.01 -31.85 -3.88
N MET C 460 -11.20 -32.66 -3.20
CA MET C 460 -10.72 -32.37 -1.86
C MET C 460 -9.20 -32.29 -1.89
N LEU C 461 -8.65 -31.26 -1.24
CA LEU C 461 -7.20 -31.08 -1.24
C LEU C 461 -6.54 -31.99 -0.21
N GLN C 462 -6.91 -31.84 1.06
CA GLN C 462 -6.37 -32.69 2.10
C GLN C 462 -7.11 -34.02 2.16
N TYR C 463 -6.61 -34.93 2.98
CA TYR C 463 -7.21 -36.26 3.12
C TYR C 463 -8.09 -36.38 4.36
N HIS C 464 -7.71 -35.73 5.45
CA HIS C 464 -8.53 -35.81 6.66
C HIS C 464 -9.86 -35.10 6.49
N ASN C 465 -9.88 -33.98 5.74
CA ASN C 465 -11.13 -33.29 5.48
C ASN C 465 -12.10 -34.12 4.66
N LYS C 466 -11.61 -35.14 3.95
CA LYS C 466 -12.47 -36.00 3.17
C LYS C 466 -13.46 -36.78 4.03
N ALA C 467 -13.14 -36.97 5.31
CA ALA C 467 -14.03 -37.69 6.22
C ALA C 467 -15.22 -36.85 6.68
N HIS C 468 -15.11 -35.51 6.63
CA HIS C 468 -16.21 -34.67 7.06
C HIS C 468 -17.44 -34.81 6.17
N LEU C 469 -17.27 -35.27 4.93
CA LEU C 469 -18.42 -35.47 4.06
C LEU C 469 -19.33 -36.57 4.58
N LEU C 470 -18.79 -37.50 5.36
CA LEU C 470 -19.61 -38.55 5.95
C LEU C 470 -20.59 -38.00 6.97
N ASN C 471 -20.24 -36.88 7.61
CA ASN C 471 -21.10 -36.32 8.64
C ASN C 471 -22.41 -35.77 8.10
N ILE C 472 -22.46 -35.43 6.81
CA ILE C 472 -23.68 -34.95 6.19
C ILE C 472 -24.68 -36.10 6.13
N PRO C 473 -25.88 -35.94 6.69
CA PRO C 473 -26.82 -37.07 6.73
C PRO C 473 -27.23 -37.59 5.38
N SER C 474 -27.30 -36.73 4.36
CA SER C 474 -27.81 -37.12 3.05
C SER C 474 -26.72 -37.59 2.09
N TRP C 475 -25.45 -37.56 2.49
CA TRP C 475 -24.37 -37.96 1.62
C TRP C 475 -24.20 -39.47 1.72
N ASN C 476 -24.55 -40.20 0.65
CA ASN C 476 -24.40 -41.64 0.59
C ASN C 476 -23.73 -42.00 -0.74
N TRP C 477 -22.70 -42.85 -0.67
CA TRP C 477 -21.89 -43.14 -1.86
C TRP C 477 -22.44 -44.29 -2.69
N LYS C 478 -23.44 -45.01 -2.19
CA LYS C 478 -24.00 -46.12 -2.96
C LYS C 478 -24.68 -45.64 -4.22
N GLU C 479 -25.37 -44.50 -4.15
CA GLU C 479 -26.11 -43.97 -5.28
C GLU C 479 -25.30 -43.02 -6.15
N GLY C 480 -24.04 -42.75 -5.82
CA GLY C 480 -23.19 -42.05 -6.75
C GLY C 480 -22.36 -40.89 -6.25
N ASP C 481 -22.52 -40.51 -4.99
CA ASP C 481 -21.74 -39.40 -4.46
C ASP C 481 -20.27 -39.80 -4.33
N ASP C 482 -19.38 -38.94 -4.83
CA ASP C 482 -17.96 -39.24 -4.87
C ASP C 482 -17.15 -38.02 -4.47
N ALA C 483 -15.99 -38.27 -3.86
CA ALA C 483 -15.02 -37.23 -3.52
C ALA C 483 -13.65 -37.64 -4.06
N ILE C 484 -12.99 -36.72 -4.75
CA ILE C 484 -11.71 -36.99 -5.38
C ILE C 484 -10.64 -36.28 -4.58
N CYS C 485 -9.90 -37.04 -3.77
CA CYS C 485 -8.80 -36.49 -2.99
C CYS C 485 -7.55 -36.42 -3.85
N LEU C 486 -7.03 -35.22 -4.05
CA LEU C 486 -5.88 -35.04 -4.95
C LEU C 486 -4.60 -35.57 -4.33
N ALA C 487 -4.36 -35.27 -3.06
CA ALA C 487 -3.12 -35.68 -2.41
C ALA C 487 -3.00 -37.19 -2.34
N GLU C 488 -4.10 -37.87 -1.98
CA GLU C 488 -4.07 -39.33 -1.88
C GLU C 488 -3.75 -39.96 -3.23
N LEU C 489 -4.40 -39.50 -4.29
CA LEU C 489 -4.15 -40.06 -5.61
C LEU C 489 -2.74 -39.76 -6.09
N LYS C 490 -2.23 -38.55 -5.83
CA LYS C 490 -0.87 -38.21 -6.21
C LYS C 490 0.14 -39.12 -5.51
N LEU C 491 0.04 -39.25 -4.19
CA LEU C 491 0.98 -40.07 -3.47
C LEU C 491 0.86 -41.54 -3.84
N GLY C 492 -0.36 -42.00 -4.11
CA GLY C 492 -0.52 -43.38 -4.55
C GLY C 492 0.07 -43.63 -5.92
N PHE C 493 -0.09 -42.68 -6.85
CA PHE C 493 0.54 -42.82 -8.15
C PHE C 493 2.05 -42.88 -8.03
N ILE C 494 2.63 -42.02 -7.18
CA ILE C 494 4.07 -42.03 -6.99
C ILE C 494 4.53 -43.36 -6.40
N ALA C 495 3.79 -43.85 -5.39
CA ALA C 495 4.16 -45.12 -4.76
C ALA C 495 4.07 -46.27 -5.75
N GLN C 496 3.04 -46.30 -6.58
CA GLN C 496 2.94 -47.33 -7.60
C GLN C 496 4.07 -47.21 -8.63
N SER C 497 4.49 -45.98 -8.93
CA SER C 497 5.64 -45.79 -9.81
C SER C 497 6.92 -46.32 -9.17
N CYS C 498 6.98 -46.32 -7.83
CA CYS C 498 8.15 -46.90 -7.16
C CYS C 498 8.25 -48.40 -7.42
N LEU C 499 7.11 -49.08 -7.49
CA LEU C 499 7.12 -50.52 -7.76
C LEU C 499 7.60 -50.81 -9.17
N ALA C 500 7.03 -50.12 -10.15
CA ALA C 500 7.40 -50.28 -11.55
C ALA C 500 7.46 -48.90 -12.17
N GLN C 501 8.65 -48.48 -12.59
CA GLN C 501 8.82 -47.13 -13.09
C GLN C 501 8.02 -46.92 -14.37
N GLY C 502 7.45 -45.72 -14.51
CA GLY C 502 6.61 -45.38 -15.63
C GLY C 502 5.13 -45.68 -15.44
N LEU C 503 4.77 -46.37 -14.37
CA LEU C 503 3.35 -46.69 -14.15
C LEU C 503 2.53 -45.45 -13.88
N SER C 504 3.12 -44.45 -13.21
CA SER C 504 2.38 -43.22 -12.94
C SER C 504 2.03 -42.50 -14.24
N THR C 505 3.01 -42.36 -15.14
CA THR C 505 2.75 -41.67 -16.40
C THR C 505 1.92 -42.52 -17.35
N MET C 506 1.89 -43.84 -17.19
CA MET C 506 0.95 -44.63 -17.96
C MET C 506 -0.48 -44.45 -17.46
N LEU C 507 -0.68 -44.47 -16.14
CA LEU C 507 -2.02 -44.34 -15.60
C LEU C 507 -2.58 -42.94 -15.82
N ALA C 508 -1.74 -41.91 -15.73
CA ALA C 508 -2.21 -40.55 -15.94
C ALA C 508 -2.64 -40.30 -17.38
N ASN C 509 -2.20 -41.14 -18.32
CA ASN C 509 -2.56 -40.97 -19.72
C ASN C 509 -3.82 -41.74 -20.11
N LEU C 510 -4.34 -42.59 -19.23
CA LEU C 510 -5.54 -43.36 -19.53
C LEU C 510 -6.82 -42.59 -19.28
N PHE C 511 -6.74 -41.42 -18.64
CA PHE C 511 -7.92 -40.64 -18.31
C PHE C 511 -8.01 -39.32 -19.04
N SER C 512 -6.99 -38.97 -19.83
CA SER C 512 -7.03 -37.78 -20.66
C SER C 512 -7.46 -38.17 -22.07
N MET C 513 -8.51 -37.54 -22.56
CA MET C 513 -9.06 -37.90 -23.86
C MET C 513 -8.14 -37.38 -24.97
N ARG C 514 -7.61 -38.30 -25.77
CA ARG C 514 -6.68 -37.96 -26.84
C ARG C 514 -7.08 -38.71 -28.11
N SER C 515 -6.74 -38.12 -29.25
CA SER C 515 -7.00 -38.71 -30.55
C SER C 515 -5.69 -39.15 -31.18
N PHE C 516 -5.78 -40.14 -32.08
CA PHE C 516 -4.60 -40.68 -32.73
C PHE C 516 -3.94 -39.61 -33.60
N ILE C 517 -2.63 -39.49 -33.47
CA ILE C 517 -1.84 -38.51 -34.22
C ILE C 517 -0.65 -39.21 -34.85
N LYS C 518 -0.40 -38.94 -36.13
CA LYS C 518 0.60 -39.64 -36.91
C LYS C 518 1.84 -38.76 -37.07
N ILE C 519 3.01 -39.36 -36.85
CA ILE C 519 4.30 -38.72 -37.08
C ILE C 519 5.08 -39.59 -38.06
N GLU C 520 5.65 -38.95 -39.08
CA GLU C 520 6.26 -39.71 -40.17
C GLU C 520 7.73 -40.02 -39.93
N GLU C 521 8.50 -39.09 -39.37
CA GLU C 521 9.90 -39.36 -39.11
C GLU C 521 10.04 -40.38 -37.98
N ASP C 522 11.16 -41.11 -38.00
CA ASP C 522 11.37 -42.21 -37.07
C ASP C 522 12.00 -41.68 -35.79
N THR C 523 11.16 -41.11 -34.94
CA THR C 523 11.53 -40.68 -33.60
C THR C 523 10.71 -41.47 -32.59
N TRP C 524 11.00 -41.27 -31.31
CA TRP C 524 10.24 -41.95 -30.26
C TRP C 524 8.87 -41.33 -30.07
N GLN C 525 8.66 -40.11 -30.56
CA GLN C 525 7.34 -39.48 -30.46
C GLN C 525 6.29 -40.29 -31.21
N LYS C 526 6.65 -40.84 -32.37
CA LYS C 526 5.67 -41.57 -33.15
C LYS C 526 5.24 -42.86 -32.46
N TYR C 527 6.13 -43.48 -31.68
CA TYR C 527 5.74 -44.66 -30.92
C TYR C 527 5.01 -44.30 -29.63
N TYR C 528 5.37 -43.16 -29.03
CA TYR C 528 4.73 -42.75 -27.79
C TYR C 528 3.29 -42.29 -28.02
N LEU C 529 3.06 -41.57 -29.13
CA LEU C 529 1.75 -41.01 -29.41
C LEU C 529 0.74 -42.08 -29.81
N GLU C 530 1.20 -43.25 -30.27
CA GLU C 530 0.27 -44.35 -30.50
C GLU C 530 -0.29 -44.86 -29.18
N GLY C 531 0.55 -45.03 -28.17
CA GLY C 531 0.06 -45.44 -26.86
C GLY C 531 -0.77 -44.36 -26.19
N VAL C 532 -0.40 -43.09 -26.37
CA VAL C 532 -1.10 -42.00 -25.71
C VAL C 532 -2.58 -41.98 -26.09
N SER C 533 -2.91 -42.44 -27.29
CA SER C 533 -4.27 -42.30 -27.81
C SER C 533 -5.28 -43.19 -27.10
N ASN C 534 -4.84 -44.14 -26.26
CA ASN C 534 -5.79 -45.06 -25.64
C ASN C 534 -6.45 -44.42 -24.41
N GLU C 535 -7.63 -44.94 -24.08
CA GLU C 535 -8.39 -44.54 -22.91
C GLU C 535 -8.99 -45.78 -22.27
N MET C 536 -9.76 -45.57 -21.19
CA MET C 536 -10.41 -46.65 -20.47
C MET C 536 -11.92 -46.49 -20.53
N TYR C 537 -12.63 -47.57 -20.85
CA TYR C 537 -14.07 -47.53 -21.02
C TYR C 537 -14.69 -48.75 -20.34
N THR C 538 -16.01 -48.69 -20.12
CA THR C 538 -16.77 -49.78 -19.54
C THR C 538 -17.90 -50.18 -20.46
N GLU C 539 -18.26 -51.46 -20.41
CA GLU C 539 -19.32 -51.99 -21.28
C GLU C 539 -19.79 -53.33 -20.72
N TYR C 540 -21.07 -53.61 -20.87
CA TYR C 540 -21.63 -54.87 -20.43
C TYR C 540 -21.25 -55.99 -21.37
N LEU C 541 -20.92 -57.15 -20.80
CA LEU C 541 -20.48 -58.28 -21.60
C LEU C 541 -21.65 -58.91 -22.35
N SER C 542 -21.33 -59.49 -23.52
CA SER C 542 -22.32 -60.21 -24.29
C SER C 542 -22.69 -61.53 -23.61
N SER C 543 -23.82 -62.09 -24.04
CA SER C 543 -24.28 -63.35 -23.49
C SER C 543 -23.44 -64.54 -23.92
N ALA C 544 -22.52 -64.36 -24.87
CA ALA C 544 -21.69 -65.48 -25.31
C ALA C 544 -20.62 -65.87 -24.31
N PHE C 545 -20.27 -64.97 -23.37
CA PHE C 545 -19.20 -65.21 -22.42
C PHE C 545 -19.71 -65.59 -21.04
N VAL C 546 -20.98 -65.99 -20.92
CA VAL C 546 -21.57 -66.17 -19.59
C VAL C 546 -20.94 -67.35 -18.86
N GLY C 547 -20.77 -68.48 -19.54
CA GLY C 547 -20.35 -69.69 -18.86
C GLY C 547 -18.87 -69.96 -18.86
N LEU C 548 -18.05 -69.07 -19.39
CA LEU C 548 -16.62 -69.30 -19.55
C LEU C 548 -15.84 -68.66 -18.40
N SER C 549 -14.57 -69.04 -18.31
CA SER C 549 -13.65 -68.42 -17.38
C SER C 549 -13.11 -67.12 -17.95
N PHE C 550 -12.54 -66.29 -17.07
CA PHE C 550 -11.99 -65.01 -17.49
C PHE C 550 -10.82 -65.22 -18.46
N PRO C 551 -9.68 -65.77 -18.03
CA PRO C 551 -8.51 -65.77 -18.92
C PRO C 551 -8.63 -66.74 -20.08
N THR C 552 -9.43 -67.79 -19.94
CA THR C 552 -9.54 -68.79 -21.00
C THR C 552 -10.06 -68.18 -22.28
N VAL C 553 -11.17 -67.43 -22.19
CA VAL C 553 -11.81 -66.90 -23.39
C VAL C 553 -11.97 -65.39 -23.31
N CYS C 554 -12.47 -64.89 -22.18
CA CYS C 554 -12.91 -63.49 -22.14
C CYS C 554 -11.74 -62.55 -22.33
N GLU C 555 -10.60 -62.86 -21.72
CA GLU C 555 -9.41 -62.06 -21.94
C GLU C 555 -8.77 -62.35 -23.28
N LEU C 556 -8.73 -63.63 -23.67
CA LEU C 556 -8.05 -64.05 -24.90
C LEU C 556 -8.74 -63.57 -26.16
N CYS C 557 -9.99 -63.11 -26.08
CA CYS C 557 -10.73 -62.74 -27.28
C CYS C 557 -10.31 -61.41 -27.88
N PHE C 558 -9.17 -60.85 -27.46
CA PHE C 558 -8.69 -59.66 -28.14
C PHE C 558 -8.11 -59.98 -29.51
N VAL C 559 -7.80 -61.25 -29.77
CA VAL C 559 -7.41 -61.64 -31.13
C VAL C 559 -8.56 -61.37 -32.09
N LYS C 560 -9.79 -61.59 -31.64
CA LYS C 560 -10.96 -61.37 -32.47
C LYS C 560 -11.49 -59.95 -32.37
N LEU C 561 -11.49 -59.34 -31.18
CA LEU C 561 -12.16 -58.06 -30.98
C LEU C 561 -11.21 -56.87 -30.89
N LYS C 562 -9.91 -57.11 -30.68
CA LYS C 562 -8.92 -56.05 -30.45
C LYS C 562 -9.34 -55.14 -29.29
N LEU C 563 -9.74 -55.76 -28.18
CA LEU C 563 -10.11 -55.06 -26.96
C LEU C 563 -9.38 -55.71 -25.79
N LEU C 564 -8.67 -54.89 -25.01
CA LEU C 564 -7.94 -55.37 -23.85
C LEU C 564 -8.78 -55.21 -22.60
N MET C 565 -9.02 -56.31 -21.89
CA MET C 565 -9.78 -56.31 -20.65
C MET C 565 -8.83 -56.42 -19.47
N ILE C 566 -9.13 -55.69 -18.40
CA ILE C 566 -8.23 -55.70 -17.24
C ILE C 566 -8.98 -56.06 -15.96
N ALA C 567 -10.29 -55.80 -15.92
CA ALA C 567 -11.04 -56.02 -14.69
C ALA C 567 -12.51 -56.19 -15.01
N ILE C 568 -13.24 -56.77 -14.06
CA ILE C 568 -14.68 -56.94 -14.14
C ILE C 568 -15.31 -56.53 -12.82
N GLU C 569 -16.60 -56.25 -12.86
CA GLU C 569 -17.38 -55.89 -11.67
C GLU C 569 -18.23 -57.09 -11.28
N TYR C 570 -17.90 -57.71 -10.15
CA TYR C 570 -18.56 -58.94 -9.71
C TYR C 570 -19.84 -58.57 -8.96
N LYS C 571 -20.82 -58.11 -9.72
CA LYS C 571 -22.07 -57.64 -9.13
C LYS C 571 -22.81 -58.77 -8.42
N SER C 572 -22.84 -59.95 -9.02
CA SER C 572 -23.65 -61.05 -8.50
C SER C 572 -23.14 -61.63 -7.19
N ALA C 573 -22.06 -61.10 -6.62
CA ALA C 573 -21.62 -61.55 -5.30
C ALA C 573 -22.68 -61.25 -4.25
N ASN C 574 -23.15 -60.01 -4.19
CA ASN C 574 -24.24 -59.58 -3.33
C ASN C 574 -24.67 -58.20 -3.80
N ARG C 575 -25.53 -57.54 -3.04
CA ARG C 575 -25.97 -56.20 -3.39
C ARG C 575 -24.82 -55.21 -3.40
N GLU C 576 -23.74 -55.49 -2.67
CA GLU C 576 -22.52 -54.68 -2.72
C GLU C 576 -21.60 -55.26 -3.78
N SER C 577 -21.58 -54.62 -4.95
CA SER C 577 -20.74 -55.11 -6.04
C SER C 577 -19.27 -54.94 -5.69
N ARG C 578 -18.44 -55.81 -6.26
CA ARG C 578 -17.02 -55.84 -5.97
C ARG C 578 -16.22 -55.81 -7.26
N ILE C 579 -15.07 -55.13 -7.22
CA ILE C 579 -14.19 -55.00 -8.38
C ILE C 579 -13.07 -56.01 -8.25
N LEU C 580 -12.86 -56.79 -9.30
CA LEU C 580 -11.82 -57.80 -9.34
C LEU C 580 -10.88 -57.51 -10.51
N ILE C 581 -9.59 -57.43 -10.23
CA ILE C 581 -8.57 -57.10 -11.23
C ILE C 581 -7.81 -58.38 -11.55
N ASN C 582 -7.91 -58.81 -12.80
CA ASN C 582 -7.26 -60.02 -13.30
C ASN C 582 -7.56 -61.22 -12.42
N PRO C 583 -8.80 -61.70 -12.38
CA PRO C 583 -9.11 -62.88 -11.58
C PRO C 583 -8.49 -64.13 -12.18
N GLY C 584 -8.27 -65.12 -11.32
CA GLY C 584 -7.71 -66.38 -11.76
C GLY C 584 -8.68 -67.18 -12.58
N ASN C 585 -8.18 -68.29 -13.14
CA ASN C 585 -9.00 -69.13 -13.99
C ASN C 585 -10.08 -69.89 -13.22
N HIS C 586 -10.01 -69.91 -11.89
CA HIS C 586 -11.05 -70.56 -11.11
C HIS C 586 -12.39 -69.82 -11.21
N LEU C 587 -12.35 -68.52 -11.48
CA LEU C 587 -13.56 -67.71 -11.54
C LEU C 587 -14.25 -67.88 -12.88
N LYS C 588 -15.58 -67.83 -12.86
CA LYS C 588 -16.39 -67.91 -14.06
C LYS C 588 -17.32 -66.70 -14.14
N ILE C 589 -17.63 -66.30 -15.37
CA ILE C 589 -18.49 -65.13 -15.57
C ILE C 589 -19.92 -65.46 -15.18
N GLN C 590 -20.70 -64.41 -14.95
CA GLN C 590 -22.12 -64.51 -14.66
C GLN C 590 -22.91 -63.67 -15.68
N GLU C 591 -24.21 -63.55 -15.45
CA GLU C 591 -25.06 -62.79 -16.34
C GLU C 591 -25.02 -61.31 -15.98
N GLY C 592 -24.79 -60.46 -16.99
CA GLY C 592 -24.82 -59.03 -16.78
C GLY C 592 -23.60 -58.42 -16.12
N THR C 593 -22.47 -59.13 -16.12
CA THR C 593 -21.27 -58.58 -15.52
C THR C 593 -20.73 -57.41 -16.34
N LEU C 594 -20.13 -56.45 -15.66
CA LEU C 594 -19.58 -55.25 -16.28
C LEU C 594 -18.06 -55.38 -16.34
N GLY C 595 -17.51 -55.14 -17.53
CA GLY C 595 -16.08 -55.29 -17.76
C GLY C 595 -15.43 -53.95 -18.09
N PHE C 596 -14.16 -53.82 -17.72
CA PHE C 596 -13.39 -52.62 -18.00
C PHE C 596 -12.44 -52.89 -19.16
N PHE C 597 -12.40 -51.98 -20.13
CA PHE C 597 -11.62 -52.16 -21.33
C PHE C 597 -10.69 -50.97 -21.55
N ILE C 598 -9.59 -51.24 -22.24
CA ILE C 598 -8.69 -50.20 -22.75
C ILE C 598 -8.81 -50.22 -24.26
N ALA C 599 -9.20 -49.09 -24.84
CA ALA C 599 -9.46 -49.04 -26.27
C ALA C 599 -9.21 -47.63 -26.79
N SER C 600 -9.06 -47.53 -28.11
CA SER C 600 -8.75 -46.25 -28.73
C SER C 600 -9.97 -45.33 -28.76
N ASP C 601 -11.17 -45.89 -28.83
CA ASP C 601 -12.38 -45.09 -29.00
C ASP C 601 -13.55 -45.83 -28.37
N ALA C 602 -14.59 -45.06 -28.04
CA ALA C 602 -15.76 -45.66 -27.40
C ALA C 602 -16.54 -46.57 -28.35
N LYS C 603 -16.46 -46.31 -29.65
CA LYS C 603 -17.18 -47.15 -30.62
C LYS C 603 -16.66 -48.58 -30.60
N GLU C 604 -15.34 -48.75 -30.51
CA GLU C 604 -14.76 -50.09 -30.53
C GLU C 604 -15.21 -50.93 -29.34
N VAL C 605 -15.49 -50.29 -28.20
CA VAL C 605 -15.86 -51.04 -27.01
C VAL C 605 -17.20 -51.72 -27.19
N LYS C 606 -18.06 -51.17 -28.05
CA LYS C 606 -19.38 -51.76 -28.29
C LYS C 606 -19.29 -53.17 -28.87
N ARG C 607 -18.17 -53.52 -29.49
CA ARG C 607 -18.05 -54.84 -30.11
C ARG C 607 -18.17 -55.96 -29.08
N ALA C 608 -17.78 -55.70 -27.83
CA ALA C 608 -17.93 -56.73 -26.80
C ALA C 608 -19.39 -57.05 -26.55
N PHE C 609 -20.26 -56.05 -26.61
CA PHE C 609 -21.67 -56.26 -26.34
C PHE C 609 -22.36 -56.99 -27.49
N PHE C 610 -22.02 -56.64 -28.73
CA PHE C 610 -22.71 -57.19 -29.90
C PHE C 610 -22.19 -58.54 -30.34
N TYR C 611 -21.10 -59.05 -29.75
CA TYR C 611 -20.48 -60.27 -30.23
C TYR C 611 -21.43 -61.46 -30.13
N CYS C 612 -21.49 -62.25 -31.20
CA CYS C 612 -22.29 -63.47 -31.24
C CYS C 612 -21.46 -64.59 -31.84
N LYS C 613 -21.57 -65.78 -31.26
CA LYS C 613 -20.84 -66.93 -31.78
C LYS C 613 -21.36 -67.36 -33.14
N ALA C 614 -22.67 -67.24 -33.36
CA ALA C 614 -23.29 -67.74 -34.58
C ALA C 614 -22.70 -67.11 -35.83
N CYS C 615 -22.81 -65.78 -35.94
CA CYS C 615 -22.45 -65.07 -37.16
C CYS C 615 -21.04 -64.48 -37.11
N HIS C 616 -20.68 -63.82 -36.01
CA HIS C 616 -19.45 -63.06 -35.95
C HIS C 616 -18.21 -63.92 -35.80
N ASP C 617 -18.35 -65.23 -35.61
CA ASP C 617 -17.19 -66.08 -35.36
C ASP C 617 -16.23 -66.08 -36.55
N ASP C 618 -16.77 -66.16 -37.77
CA ASP C 618 -15.91 -66.29 -38.94
C ASP C 618 -15.22 -64.97 -39.29
N ILE C 619 -15.81 -63.84 -38.89
CA ILE C 619 -15.26 -62.53 -39.26
C ILE C 619 -13.86 -62.38 -38.68
N THR C 620 -12.94 -61.91 -39.51
CA THR C 620 -11.54 -61.75 -39.12
C THR C 620 -11.20 -60.32 -38.71
N ASP C 621 -11.50 -59.34 -39.57
CA ASP C 621 -11.19 -57.96 -39.25
C ASP C 621 -12.02 -57.47 -38.06
N PRO C 622 -11.47 -56.56 -37.26
CA PRO C 622 -12.23 -56.08 -36.09
C PRO C 622 -13.55 -55.42 -36.46
N LYS C 623 -13.61 -54.72 -37.59
CA LYS C 623 -14.86 -54.15 -38.03
C LYS C 623 -15.75 -55.22 -38.65
N ARG C 624 -16.95 -54.82 -39.05
CA ARG C 624 -17.98 -55.68 -39.65
C ARG C 624 -18.51 -56.72 -38.66
N ILE C 625 -18.18 -56.58 -37.38
CA ILE C 625 -18.70 -57.49 -36.35
C ILE C 625 -19.94 -56.82 -35.77
N LYS C 626 -20.37 -55.72 -36.40
CA LYS C 626 -21.53 -54.97 -35.94
C LYS C 626 -22.79 -55.81 -36.05
N LYS C 627 -23.53 -55.92 -34.95
CA LYS C 627 -24.81 -56.63 -34.89
C LYS C 627 -24.75 -58.02 -35.51
N VAL C 741 1.58 -63.39 15.37
CA VAL C 741 1.26 -62.57 16.52
C VAL C 741 0.94 -61.15 16.03
N LYS C 742 -0.28 -60.99 15.51
CA LYS C 742 -0.76 -59.72 14.97
C LYS C 742 0.21 -59.17 13.92
N LYS C 743 0.40 -59.96 12.86
CA LYS C 743 1.26 -59.54 11.76
C LYS C 743 0.57 -58.52 10.86
N TYR C 744 -0.73 -58.67 10.66
CA TYR C 744 -1.51 -57.82 9.76
C TYR C 744 -2.46 -56.94 10.57
N ASP C 745 -3.10 -56.01 9.88
CA ASP C 745 -4.03 -55.10 10.53
C ASP C 745 -5.38 -55.79 10.72
N SER C 746 -6.38 -55.02 11.15
CA SER C 746 -7.70 -55.59 11.40
C SER C 746 -8.34 -56.14 10.13
N THR C 747 -8.26 -55.39 9.03
CA THR C 747 -8.87 -55.83 7.78
C THR C 747 -8.06 -56.91 7.09
N GLY C 748 -6.77 -57.00 7.39
CA GLY C 748 -5.90 -57.96 6.73
C GLY C 748 -5.34 -57.51 5.40
N MET C 749 -5.44 -56.22 5.07
CA MET C 749 -4.97 -55.70 3.80
C MET C 749 -3.55 -55.14 3.85
N PHE C 750 -2.95 -55.04 5.04
CA PHE C 750 -1.65 -54.40 5.16
C PHE C 750 -0.81 -55.12 6.22
N HIS C 751 0.49 -54.93 6.13
CA HIS C 751 1.41 -55.43 7.14
C HIS C 751 1.38 -54.52 8.36
N TRP C 752 1.63 -55.10 9.53
CA TRP C 752 1.50 -54.38 10.78
C TRP C 752 2.59 -54.83 11.75
N CYS C 753 2.88 -53.96 12.72
CA CYS C 753 3.87 -54.24 13.74
C CYS C 753 3.54 -53.41 14.98
N ALA C 754 4.17 -53.77 16.09
CA ALA C 754 3.93 -53.06 17.33
C ALA C 754 4.46 -51.62 17.24
N PRO C 755 3.80 -50.69 17.91
CA PRO C 755 4.24 -49.28 17.84
C PRO C 755 5.66 -49.12 18.36
N LYS C 756 6.41 -48.25 17.70
CA LYS C 756 7.79 -47.96 18.04
C LYS C 756 7.91 -46.52 18.54
N GLU C 757 9.14 -46.10 18.79
CA GLU C 757 9.45 -44.74 19.19
C GLU C 757 10.36 -44.11 18.15
N ILE C 758 10.31 -42.77 18.09
CA ILE C 758 11.05 -42.06 17.06
C ILE C 758 12.56 -42.27 17.19
N GLU C 759 13.05 -42.45 18.42
CA GLU C 759 14.49 -42.59 18.61
C GLU C 759 15.00 -43.94 18.12
N LYS C 760 14.13 -44.94 18.06
CA LYS C 760 14.57 -46.27 17.63
C LYS C 760 14.96 -46.28 16.16
N VAL C 761 14.28 -45.50 15.33
CA VAL C 761 14.51 -45.55 13.89
C VAL C 761 15.51 -44.51 13.39
N ILE C 762 15.81 -43.49 14.19
CA ILE C 762 16.71 -42.44 13.74
C ILE C 762 18.12 -42.99 13.56
N LEU C 763 18.74 -42.63 12.45
CA LEU C 763 20.12 -42.98 12.15
C LEU C 763 20.95 -41.71 12.02
N THR C 764 22.28 -41.89 12.01
CA THR C 764 23.22 -40.83 11.69
C THR C 764 24.13 -41.33 10.58
N ARG C 765 25.07 -40.47 10.16
CA ARG C 765 25.97 -40.83 9.08
C ARG C 765 26.82 -42.04 9.41
N SER C 766 27.06 -42.32 10.69
CA SER C 766 27.85 -43.47 11.07
C SER C 766 27.10 -44.77 10.84
N GLU C 767 25.94 -44.93 11.50
CA GLU C 767 25.19 -46.17 11.40
C GLU C 767 24.74 -46.45 9.97
N ALA C 768 24.41 -45.39 9.23
CA ALA C 768 24.02 -45.57 7.84
C ALA C 768 25.14 -46.22 7.02
N ALA C 769 26.39 -46.04 7.43
CA ALA C 769 27.49 -46.69 6.73
C ALA C 769 27.52 -48.19 7.00
N MET C 770 27.38 -48.60 8.27
CA MET C 770 27.39 -50.02 8.58
C MET C 770 26.18 -50.73 7.98
N THR C 771 24.99 -50.14 8.10
CA THR C 771 23.82 -50.73 7.48
C THR C 771 23.96 -50.72 5.97
N VAL C 772 23.75 -51.87 5.35
CA VAL C 772 23.88 -52.03 3.91
C VAL C 772 22.49 -52.01 3.31
N LEU C 773 22.21 -51.00 2.50
CA LEU C 773 20.90 -50.83 1.88
C LEU C 773 21.01 -51.10 0.39
N SER C 774 20.12 -51.95 -0.12
CA SER C 774 20.10 -52.30 -1.54
C SER C 774 18.66 -52.54 -1.96
N GLY C 775 18.28 -51.97 -3.09
CA GLY C 775 16.91 -52.06 -3.54
C GLY C 775 15.91 -51.42 -2.60
N HIS C 776 16.30 -50.33 -1.94
CA HIS C 776 15.45 -49.65 -0.99
C HIS C 776 14.77 -48.46 -1.67
N VAL C 777 14.06 -47.66 -0.88
CA VAL C 777 13.43 -46.44 -1.36
C VAL C 777 13.87 -45.30 -0.45
N VAL C 778 14.40 -44.24 -1.03
CA VAL C 778 14.86 -43.07 -0.29
C VAL C 778 13.94 -41.91 -0.63
N VAL C 779 13.48 -41.19 0.39
CA VAL C 779 12.51 -40.13 0.25
C VAL C 779 13.15 -38.82 0.73
N CYS C 780 13.25 -37.85 -0.16
CA CYS C 780 13.79 -36.53 0.17
C CYS C 780 12.63 -35.57 0.40
N ILE C 781 12.59 -34.93 1.57
CA ILE C 781 11.48 -34.09 1.97
C ILE C 781 12.01 -32.73 2.40
N PHE C 782 11.44 -31.67 1.86
CA PHE C 782 11.70 -30.31 2.29
C PHE C 782 10.49 -29.81 3.06
N GLY C 783 10.70 -29.36 4.29
CA GLY C 783 9.59 -28.94 5.12
C GLY C 783 10.07 -28.34 6.42
N ASP C 784 9.11 -27.85 7.19
CA ASP C 784 9.38 -27.19 8.45
C ASP C 784 8.13 -27.26 9.31
N VAL C 785 8.26 -26.79 10.56
CA VAL C 785 7.13 -26.83 11.48
C VAL C 785 5.99 -25.96 10.96
N SER C 786 6.31 -24.82 10.35
CA SER C 786 5.29 -23.93 9.83
C SER C 786 4.69 -24.43 8.52
N SER C 787 5.38 -25.32 7.81
CA SER C 787 4.91 -25.78 6.51
C SER C 787 3.64 -26.62 6.66
N ALA C 788 2.91 -26.74 5.55
CA ALA C 788 1.68 -27.50 5.54
C ALA C 788 1.98 -28.99 5.75
N LEU C 789 0.92 -29.75 6.05
CA LEU C 789 1.04 -31.15 6.40
C LEU C 789 0.77 -32.03 5.19
N ILE C 790 1.66 -32.97 4.94
CA ILE C 790 1.50 -33.96 3.88
C ILE C 790 1.07 -35.29 4.49
N GLY C 791 0.07 -35.92 3.88
CA GLY C 791 -0.40 -37.20 4.36
C GLY C 791 0.50 -38.34 3.94
N LEU C 792 1.67 -38.46 4.57
CA LEU C 792 2.62 -39.50 4.21
C LEU C 792 2.10 -40.92 4.45
N ARG C 793 1.01 -41.06 5.21
CA ARG C 793 0.38 -42.37 5.33
C ARG C 793 -0.04 -42.89 3.97
N ASN C 794 -0.46 -42.00 3.07
CA ASN C 794 -0.89 -42.40 1.74
C ASN C 794 0.27 -42.83 0.84
N LEU C 795 1.51 -42.57 1.24
CA LEU C 795 2.67 -42.97 0.45
C LEU C 795 3.23 -44.32 0.88
N VAL C 796 3.31 -44.57 2.19
CA VAL C 796 3.91 -45.82 2.66
C VAL C 796 2.89 -46.94 2.78
N MET C 797 1.59 -46.63 2.84
CA MET C 797 0.59 -47.68 2.91
C MET C 797 0.55 -48.55 1.65
N PRO C 798 0.53 -47.99 0.43
CA PRO C 798 0.57 -48.87 -0.75
C PRO C 798 1.83 -49.72 -0.83
N LEU C 799 2.92 -49.27 -0.21
CA LEU C 799 4.16 -50.02 -0.23
C LEU C 799 4.19 -51.16 0.79
N ARG C 800 3.16 -51.28 1.63
CA ARG C 800 3.11 -52.28 2.68
C ARG C 800 1.88 -53.17 2.57
N ALA C 801 1.41 -53.39 1.35
CA ALA C 801 0.23 -54.22 1.13
C ALA C 801 0.52 -55.67 1.49
N SER C 802 -0.55 -56.44 1.66
CA SER C 802 -0.44 -57.82 2.12
C SER C 802 -0.23 -58.82 0.99
N ASN C 803 -0.27 -58.39 -0.27
CA ASN C 803 0.05 -59.30 -1.37
C ASN C 803 1.55 -59.42 -1.60
N PHE C 804 2.36 -58.75 -0.78
CA PHE C 804 3.80 -58.88 -0.82
C PHE C 804 4.26 -59.73 0.35
N HIS C 805 5.15 -60.68 0.08
CA HIS C 805 5.77 -61.42 1.17
C HIS C 805 6.66 -60.49 1.98
N TYR C 806 6.92 -60.88 3.23
CA TYR C 806 7.64 -60.00 4.15
C TYR C 806 9.04 -59.69 3.64
N HIS C 807 9.71 -60.68 3.05
CA HIS C 807 11.06 -60.45 2.54
C HIS C 807 11.07 -59.62 1.26
N GLU C 808 9.93 -59.43 0.61
CA GLU C 808 9.86 -58.63 -0.61
C GLU C 808 9.63 -57.15 -0.32
N LEU C 809 9.42 -56.77 0.93
CA LEU C 809 9.18 -55.38 1.26
C LEU C 809 10.44 -54.55 1.02
N LYS C 810 10.23 -53.30 0.62
CA LYS C 810 11.31 -52.38 0.33
C LYS C 810 11.57 -51.48 1.54
N HIS C 811 12.82 -51.39 1.95
CA HIS C 811 13.18 -50.51 3.04
C HIS C 811 12.94 -49.05 2.65
N ILE C 812 12.41 -48.28 3.59
CA ILE C 812 12.07 -46.88 3.36
C ILE C 812 12.89 -46.03 4.33
N VAL C 813 13.56 -45.02 3.80
CA VAL C 813 14.36 -44.10 4.61
C VAL C 813 14.04 -42.68 4.18
N PHE C 814 13.75 -41.82 5.15
CA PHE C 814 13.46 -40.42 4.91
C PHE C 814 14.70 -39.58 5.18
N VAL C 815 14.87 -38.52 4.40
CA VAL C 815 15.98 -37.59 4.53
C VAL C 815 15.38 -36.20 4.58
N GLY C 816 15.22 -35.66 5.78
CA GLY C 816 14.62 -34.35 5.93
C GLY C 816 14.81 -33.82 7.32
N SER C 817 14.12 -32.71 7.60
CA SER C 817 14.17 -32.11 8.93
C SER C 817 13.51 -33.02 9.95
N ILE C 818 14.19 -33.25 11.07
CA ILE C 818 13.67 -34.17 12.08
C ILE C 818 12.42 -33.62 12.74
N GLU C 819 12.33 -32.30 12.93
CA GLU C 819 11.17 -31.73 13.60
C GLU C 819 9.91 -31.91 12.77
N TYR C 820 10.03 -31.82 11.44
CA TYR C 820 8.87 -31.99 10.59
C TYR C 820 8.39 -33.45 10.59
N LEU C 821 9.32 -34.40 10.45
CA LEU C 821 8.95 -35.81 10.46
C LEU C 821 8.35 -36.22 11.79
N LYS C 822 8.88 -35.68 12.89
CA LYS C 822 8.32 -35.95 14.22
C LYS C 822 6.85 -35.59 14.27
N ARG C 823 6.44 -34.53 13.56
CA ARG C 823 5.04 -34.15 13.51
C ARG C 823 4.21 -35.23 12.82
N GLU C 824 4.77 -35.87 11.79
CA GLU C 824 4.05 -36.85 10.98
C GLU C 824 4.20 -38.28 11.47
N TRP C 825 5.14 -38.56 12.36
CA TRP C 825 5.46 -39.94 12.70
C TRP C 825 4.38 -40.61 13.54
N GLU C 826 3.39 -39.86 14.01
CA GLU C 826 2.30 -40.47 14.77
C GLU C 826 1.54 -41.50 13.94
N THR C 827 1.29 -41.18 12.67
CA THR C 827 0.47 -42.05 11.83
C THR C 827 1.26 -43.26 11.33
N LEU C 828 2.45 -43.02 10.77
CA LEU C 828 3.23 -44.08 10.15
C LEU C 828 4.23 -44.72 11.10
N HIS C 829 3.76 -45.09 12.29
CA HIS C 829 4.63 -45.73 13.29
C HIS C 829 4.22 -47.18 13.55
N ASN C 830 3.40 -47.76 12.68
CA ASN C 830 3.01 -49.17 12.80
C ASN C 830 3.47 -50.00 11.63
N PHE C 831 4.20 -49.42 10.67
CA PHE C 831 4.69 -50.16 9.51
C PHE C 831 6.13 -50.59 9.73
N PRO C 832 6.48 -51.81 9.32
CA PRO C 832 7.86 -52.29 9.50
C PRO C 832 8.80 -51.68 8.47
N LYS C 833 10.10 -51.76 8.80
CA LYS C 833 11.18 -51.37 7.90
C LYS C 833 11.06 -49.91 7.47
N VAL C 834 11.16 -49.02 8.44
CA VAL C 834 11.17 -47.58 8.20
C VAL C 834 12.33 -46.97 8.98
N SER C 835 13.09 -46.10 8.33
CA SER C 835 14.24 -45.45 8.94
C SER C 835 14.19 -43.96 8.65
N ILE C 836 14.91 -43.19 9.46
CA ILE C 836 14.98 -41.74 9.33
C ILE C 836 16.43 -41.30 9.49
N LEU C 837 16.89 -40.44 8.59
CA LEU C 837 18.23 -39.84 8.68
C LEU C 837 18.08 -38.33 8.61
N PRO C 838 18.14 -37.62 9.74
CA PRO C 838 18.02 -36.16 9.71
C PRO C 838 19.15 -35.53 8.91
N GLY C 839 18.81 -34.46 8.19
CA GLY C 839 19.78 -33.78 7.36
C GLY C 839 19.15 -32.91 6.29
N THR C 840 19.70 -32.98 5.07
CA THR C 840 19.24 -32.15 3.98
C THR C 840 19.50 -32.89 2.68
N PRO C 841 18.49 -32.99 1.79
CA PRO C 841 18.72 -33.68 0.51
C PRO C 841 19.80 -33.03 -0.35
N LEU C 842 20.03 -31.73 -0.18
CA LEU C 842 21.07 -31.05 -0.95
C LEU C 842 22.48 -31.40 -0.49
N SER C 843 22.62 -32.08 0.64
CA SER C 843 23.93 -32.44 1.17
C SER C 843 24.43 -33.68 0.44
N ARG C 844 25.46 -33.52 -0.39
CA ARG C 844 26.01 -34.64 -1.13
C ARG C 844 26.64 -35.69 -0.23
N ALA C 845 26.99 -35.33 1.01
CA ALA C 845 27.54 -36.30 1.93
C ALA C 845 26.47 -37.24 2.46
N ASP C 846 25.28 -36.72 2.74
CA ASP C 846 24.20 -37.55 3.26
C ASP C 846 23.77 -38.60 2.24
N LEU C 847 23.68 -38.23 0.96
CA LEU C 847 23.21 -39.15 -0.06
C LEU C 847 24.14 -40.34 -0.22
N ARG C 848 25.44 -40.14 -0.02
CA ARG C 848 26.38 -41.26 -0.09
C ARG C 848 26.21 -42.22 1.08
N ALA C 849 25.73 -41.72 2.23
CA ALA C 849 25.57 -42.57 3.39
C ALA C 849 24.47 -43.60 3.20
N VAL C 850 23.43 -43.26 2.43
CA VAL C 850 22.28 -44.15 2.25
C VAL C 850 22.41 -44.98 0.97
N ASN C 851 23.58 -45.01 0.34
CA ASN C 851 23.83 -45.79 -0.86
C ASN C 851 22.81 -45.46 -1.96
N ILE C 852 22.73 -44.16 -2.28
CA ILE C 852 21.72 -43.69 -3.23
C ILE C 852 21.92 -44.25 -4.63
N ASN C 853 23.07 -44.85 -4.92
CA ASN C 853 23.31 -45.44 -6.22
C ASN C 853 22.85 -46.90 -6.30
N LEU C 854 22.25 -47.42 -5.23
CA LEU C 854 21.72 -48.78 -5.22
C LEU C 854 20.23 -48.83 -4.97
N CYS C 855 19.58 -47.68 -4.75
CA CYS C 855 18.15 -47.67 -4.48
C CYS C 855 17.36 -47.98 -5.74
N ASP C 856 16.07 -48.29 -5.55
CA ASP C 856 15.16 -48.55 -6.66
C ASP C 856 14.37 -47.32 -7.08
N MET C 857 14.26 -46.32 -6.22
CA MET C 857 13.57 -45.09 -6.58
C MET C 857 14.03 -44.01 -5.61
N CYS C 858 13.82 -42.74 -6.00
CA CYS C 858 14.19 -41.62 -5.16
C CYS C 858 13.18 -40.50 -5.42
N VAL C 859 12.19 -40.40 -4.55
CA VAL C 859 11.13 -39.41 -4.70
C VAL C 859 11.57 -38.11 -4.05
N ILE C 860 11.12 -36.99 -4.62
CA ILE C 860 11.42 -35.66 -4.11
C ILE C 860 10.11 -34.91 -3.94
N LEU C 861 9.85 -34.43 -2.72
CA LEU C 861 8.61 -33.74 -2.41
C LEU C 861 8.91 -32.44 -1.67
N SER C 862 7.98 -31.50 -1.77
CA SER C 862 8.06 -30.24 -1.03
C SER C 862 6.70 -29.94 -0.41
N ALA C 863 6.71 -29.38 0.79
CA ALA C 863 5.48 -29.07 1.52
C ALA C 863 5.09 -27.61 1.42
N ASN C 864 6.05 -26.70 1.25
CA ASN C 864 5.79 -25.27 1.20
C ASN C 864 5.79 -24.74 -0.22
N GLN C 865 5.26 -25.51 -1.17
CA GLN C 865 5.23 -25.06 -2.56
C GLN C 865 4.14 -24.04 -2.82
N ASN C 866 3.01 -24.13 -2.10
CA ASN C 866 1.87 -23.26 -2.39
C ASN C 866 2.10 -21.84 -1.89
N ASN C 867 2.61 -21.68 -0.67
CA ASN C 867 2.69 -20.36 -0.06
C ASN C 867 3.68 -19.45 -0.78
N ILE C 868 4.62 -20.00 -1.54
CA ILE C 868 5.54 -19.17 -2.32
C ILE C 868 4.77 -18.49 -3.45
N ASP C 869 5.21 -17.30 -3.83
CA ASP C 869 4.52 -16.48 -4.81
C ASP C 869 5.17 -16.53 -6.19
N ASP C 870 6.49 -16.39 -6.27
CA ASP C 870 7.15 -16.33 -7.57
C ASP C 870 7.15 -17.71 -8.23
N THR C 871 6.82 -17.72 -9.53
CA THR C 871 6.84 -18.97 -10.29
C THR C 871 8.24 -19.53 -10.39
N SER C 872 9.23 -18.66 -10.66
CA SER C 872 10.61 -19.12 -10.84
C SER C 872 11.22 -19.62 -9.53
N LEU C 873 10.87 -19.00 -8.40
CA LEU C 873 11.42 -19.42 -7.12
C LEU C 873 10.71 -20.64 -6.54
N GLN C 874 9.50 -20.94 -7.01
CA GLN C 874 8.89 -22.22 -6.70
C GLN C 874 9.67 -23.34 -7.37
N ASP C 875 9.72 -24.49 -6.71
CA ASP C 875 10.42 -25.68 -7.19
C ASP C 875 11.92 -25.47 -7.31
N LYS C 876 12.47 -24.44 -6.68
CA LYS C 876 13.91 -24.22 -6.74
C LYS C 876 14.68 -25.34 -6.07
N GLU C 877 14.23 -25.76 -4.89
CA GLU C 877 14.93 -26.82 -4.16
C GLU C 877 14.69 -28.18 -4.82
N CYS C 878 13.50 -28.39 -5.37
CA CYS C 878 13.22 -29.66 -6.05
C CYS C 878 14.11 -29.83 -7.28
N ILE C 879 14.30 -28.76 -8.05
CA ILE C 879 15.16 -28.84 -9.22
C ILE C 879 16.61 -29.02 -8.81
N LEU C 880 17.06 -28.27 -7.80
CA LEU C 880 18.45 -28.38 -7.36
C LEU C 880 18.75 -29.76 -6.80
N ALA C 881 17.82 -30.34 -6.04
CA ALA C 881 18.03 -31.67 -5.49
C ALA C 881 18.18 -32.71 -6.59
N SER C 882 17.35 -32.62 -7.63
CA SER C 882 17.45 -33.58 -8.73
C SER C 882 18.73 -33.39 -9.52
N LEU C 883 19.15 -32.13 -9.74
CA LEU C 883 20.38 -31.88 -10.47
C LEU C 883 21.61 -32.29 -9.66
N ASN C 884 21.52 -32.21 -8.32
CA ASN C 884 22.64 -32.62 -7.48
C ASN C 884 22.96 -34.10 -7.67
N ILE C 885 21.92 -34.93 -7.71
CA ILE C 885 22.13 -36.37 -7.88
C ILE C 885 22.70 -36.67 -9.26
N LYS C 886 22.28 -35.93 -10.28
CA LYS C 886 22.75 -36.19 -11.63
C LYS C 886 24.24 -35.88 -11.81
N SER C 887 24.84 -35.15 -10.88
CA SER C 887 26.23 -34.76 -10.98
C SER C 887 27.15 -35.59 -10.10
N MET C 888 26.61 -36.40 -9.20
CA MET C 888 27.45 -37.22 -8.34
C MET C 888 28.18 -38.29 -9.14
N GLN C 889 29.35 -38.68 -8.64
CA GLN C 889 30.17 -39.70 -9.27
C GLN C 889 30.49 -40.78 -8.26
N PHE C 890 30.44 -42.04 -8.71
CA PHE C 890 30.74 -43.18 -7.87
C PHE C 890 31.80 -44.05 -8.54
N ASP C 891 32.62 -44.69 -7.72
CA ASP C 891 33.70 -45.54 -8.23
C ASP C 891 33.15 -46.71 -9.05
N ILE C 928 27.37 -48.70 -11.97
CA ILE C 928 26.64 -47.45 -12.05
C ILE C 928 27.56 -46.30 -12.50
N THR C 929 28.55 -45.96 -11.67
CA THR C 929 29.70 -45.13 -12.04
C THR C 929 29.31 -43.67 -12.26
N THR C 930 28.02 -43.36 -12.23
CA THR C 930 27.58 -41.99 -12.45
C THR C 930 26.14 -41.83 -11.96
N GLY C 931 25.74 -40.58 -11.77
CA GLY C 931 24.44 -40.26 -11.24
C GLY C 931 23.31 -40.10 -12.23
N VAL C 932 23.62 -40.07 -13.53
CA VAL C 932 22.55 -39.89 -14.51
C VAL C 932 21.67 -41.12 -14.59
N ASN C 933 22.21 -42.30 -14.32
CA ASN C 933 21.46 -43.55 -14.45
C ASN C 933 20.60 -43.85 -13.23
N ILE C 934 20.72 -43.08 -12.16
CA ILE C 934 19.93 -43.34 -10.94
C ILE C 934 18.46 -43.04 -11.23
N PRO C 935 17.54 -43.96 -10.95
CA PRO C 935 16.12 -43.66 -11.15
C PRO C 935 15.62 -42.67 -10.10
N ILE C 936 14.90 -41.65 -10.58
CA ILE C 936 14.46 -40.56 -9.70
C ILE C 936 13.18 -39.97 -10.27
N ILE C 937 12.23 -39.67 -9.38
CA ILE C 937 10.99 -39.01 -9.74
C ILE C 937 10.79 -37.82 -8.82
N THR C 938 10.44 -36.68 -9.40
CA THR C 938 10.26 -35.45 -8.64
C THR C 938 8.86 -34.89 -8.87
N GLU C 939 8.27 -34.36 -7.80
CA GLU C 939 6.92 -33.81 -7.85
C GLU C 939 7.04 -32.29 -7.91
N LEU C 940 6.71 -31.72 -9.07
CA LEU C 940 6.80 -30.29 -9.31
C LEU C 940 5.41 -29.69 -9.43
N VAL C 941 5.31 -28.40 -9.07
CA VAL C 941 4.01 -27.74 -8.94
C VAL C 941 3.74 -26.87 -10.17
N ASN C 942 4.80 -26.41 -10.83
CA ASN C 942 4.68 -25.53 -11.98
C ASN C 942 5.10 -26.29 -13.23
N ASP C 943 4.17 -26.42 -14.18
CA ASP C 943 4.41 -27.25 -15.35
C ASP C 943 5.54 -26.70 -16.22
N THR C 944 5.65 -25.37 -16.31
CA THR C 944 6.67 -24.78 -17.17
C THR C 944 8.09 -25.13 -16.72
N ASN C 945 8.28 -25.48 -15.45
CA ASN C 945 9.60 -25.83 -14.95
C ASN C 945 10.04 -27.23 -15.33
N VAL C 946 9.24 -27.96 -16.11
CA VAL C 946 9.63 -29.30 -16.51
C VAL C 946 10.80 -29.28 -17.47
N GLN C 947 11.07 -28.14 -18.10
CA GLN C 947 12.16 -28.05 -19.07
C GLN C 947 13.53 -28.12 -18.44
N PHE C 948 13.65 -27.86 -17.14
CA PHE C 948 14.94 -27.80 -16.47
C PHE C 948 15.40 -29.14 -15.94
N LEU C 949 14.63 -30.20 -16.13
CA LEU C 949 14.96 -31.50 -15.56
C LEU C 949 15.92 -32.32 -16.41
N ASP C 950 16.13 -31.95 -17.67
CA ASP C 950 16.99 -32.72 -18.56
C ASP C 950 17.86 -31.77 -19.38
N GLN C 951 19.02 -32.26 -19.79
CA GLN C 951 19.96 -31.49 -20.60
C GLN C 951 19.86 -31.79 -22.09
N ASP C 952 19.71 -33.05 -22.46
CA ASP C 952 19.67 -33.44 -23.88
C ASP C 952 18.26 -33.47 -24.44
N ASP C 953 17.54 -32.37 -24.29
CA ASP C 953 16.19 -32.25 -24.81
C ASP C 953 16.01 -30.88 -25.47
N ASP C 954 15.06 -30.81 -26.40
CA ASP C 954 14.72 -29.56 -27.07
C ASP C 954 13.54 -28.93 -26.34
N ASP C 955 13.85 -28.18 -25.29
CA ASP C 955 12.82 -27.53 -24.49
C ASP C 955 12.06 -26.51 -25.33
N ASP C 956 10.74 -26.49 -25.17
CA ASP C 956 9.89 -25.55 -25.88
C ASP C 956 8.75 -25.16 -24.94
N PRO C 957 8.46 -23.86 -24.80
CA PRO C 957 7.39 -23.45 -23.87
C PRO C 957 5.99 -23.77 -24.36
N ASP C 958 5.79 -23.95 -25.67
CA ASP C 958 4.45 -24.19 -26.18
C ASP C 958 4.01 -25.64 -26.00
N THR C 959 4.95 -26.58 -26.07
CA THR C 959 4.62 -27.99 -25.91
C THR C 959 4.04 -28.25 -24.52
N GLU C 960 2.92 -28.96 -24.48
CA GLU C 960 2.25 -29.25 -23.22
C GLU C 960 2.93 -30.41 -22.49
N LEU C 961 2.54 -30.60 -21.23
CA LEU C 961 3.31 -31.44 -20.31
C LEU C 961 3.35 -32.90 -20.77
N TYR C 962 2.24 -33.41 -21.30
CA TYR C 962 2.18 -34.84 -21.59
C TYR C 962 3.12 -35.26 -22.73
N LEU C 963 3.69 -34.32 -23.47
CA LEU C 963 4.53 -34.63 -24.61
C LEU C 963 6.01 -34.38 -24.35
N THR C 964 6.37 -33.75 -23.24
CA THR C 964 7.77 -33.51 -22.93
C THR C 964 8.48 -34.82 -22.59
N GLN C 965 9.79 -34.82 -22.78
CA GLN C 965 10.56 -36.03 -22.53
C GLN C 965 10.55 -36.48 -21.07
N PRO C 966 10.77 -35.61 -20.07
CA PRO C 966 10.75 -36.09 -18.69
C PRO C 966 9.43 -36.71 -18.26
N PHE C 967 8.29 -36.18 -18.74
CA PHE C 967 7.02 -36.79 -18.40
C PHE C 967 6.83 -38.13 -19.11
N ALA C 968 7.21 -38.20 -20.38
CA ALA C 968 7.09 -39.45 -21.11
C ALA C 968 7.97 -40.55 -20.54
N CYS C 969 9.04 -40.19 -19.83
CA CYS C 969 9.93 -41.17 -19.24
C CYS C 969 9.53 -41.58 -17.82
N GLY C 970 8.54 -40.91 -17.24
CA GLY C 970 8.11 -41.26 -15.90
C GLY C 970 8.93 -40.66 -14.79
N THR C 971 9.67 -39.58 -15.06
CA THR C 971 10.53 -38.96 -14.07
C THR C 971 9.96 -37.64 -13.56
N ALA C 972 8.67 -37.39 -13.77
CA ALA C 972 8.03 -36.18 -13.28
C ALA C 972 6.55 -36.45 -13.11
N PHE C 973 5.92 -35.63 -12.27
CA PHE C 973 4.48 -35.76 -12.01
C PHE C 973 3.98 -34.46 -11.42
N ALA C 974 3.02 -33.84 -12.10
CA ALA C 974 2.37 -32.63 -11.61
C ALA C 974 0.90 -32.93 -11.34
N VAL C 975 0.34 -32.29 -10.31
CA VAL C 975 -1.05 -32.53 -9.94
C VAL C 975 -2.03 -32.01 -10.99
N SER C 976 -1.56 -31.18 -11.91
CA SER C 976 -2.43 -30.65 -12.95
C SER C 976 -2.89 -31.71 -13.95
N VAL C 977 -2.26 -32.90 -13.95
CA VAL C 977 -2.68 -33.95 -14.86
C VAL C 977 -3.87 -34.74 -14.33
N LEU C 978 -4.24 -34.54 -13.07
CA LEU C 978 -5.35 -35.27 -12.46
C LEU C 978 -6.66 -34.52 -12.52
N ASP C 979 -6.69 -33.32 -13.11
CA ASP C 979 -7.94 -32.56 -13.20
C ASP C 979 -8.90 -33.14 -14.23
N SER C 980 -8.47 -34.13 -15.01
CA SER C 980 -9.34 -34.77 -16.00
C SER C 980 -10.19 -35.88 -15.40
N LEU C 981 -10.07 -36.15 -14.10
CA LEU C 981 -10.87 -37.19 -13.47
C LEU C 981 -12.30 -36.76 -13.22
N MET C 982 -12.59 -35.46 -13.26
CA MET C 982 -13.97 -35.00 -13.13
C MET C 982 -14.84 -35.54 -14.27
N SER C 983 -14.38 -35.36 -15.51
CA SER C 983 -15.15 -35.86 -16.65
C SER C 983 -15.23 -37.37 -16.65
N ALA C 984 -14.12 -38.04 -16.34
CA ALA C 984 -14.10 -39.50 -16.38
C ALA C 984 -15.01 -40.11 -15.32
N THR C 985 -15.17 -39.44 -14.17
CA THR C 985 -16.00 -39.98 -13.12
C THR C 985 -17.49 -39.86 -13.43
N TYR C 986 -17.88 -38.78 -14.10
CA TYR C 986 -19.30 -38.57 -14.39
C TYR C 986 -19.84 -39.61 -15.36
N PHE C 987 -19.08 -39.94 -16.40
CA PHE C 987 -19.59 -40.82 -17.44
C PHE C 987 -19.54 -42.29 -17.05
N ASN C 988 -18.74 -42.65 -16.04
CA ASN C 988 -18.70 -44.00 -15.51
C ASN C 988 -18.49 -43.89 -14.01
N ASP C 989 -19.51 -44.25 -13.24
CA ASP C 989 -19.49 -43.99 -11.80
C ASP C 989 -18.39 -44.75 -11.08
N ASN C 990 -18.02 -45.93 -11.58
CA ASN C 990 -17.14 -46.82 -10.84
C ASN C 990 -15.71 -46.86 -11.37
N ILE C 991 -15.31 -45.87 -12.18
CA ILE C 991 -13.89 -45.75 -12.52
C ILE C 991 -13.09 -45.36 -11.29
N LEU C 992 -13.59 -44.39 -10.52
CA LEU C 992 -12.86 -43.96 -9.33
C LEU C 992 -12.68 -45.10 -8.34
N THR C 993 -13.64 -46.03 -8.29
CA THR C 993 -13.49 -47.20 -7.42
C THR C 993 -12.35 -48.09 -7.90
N LEU C 994 -12.23 -48.28 -9.21
CA LEU C 994 -11.19 -49.19 -9.73
C LEU C 994 -9.80 -48.62 -9.49
N ILE C 995 -9.59 -47.35 -9.81
CA ILE C 995 -8.25 -46.79 -9.71
C ILE C 995 -7.84 -46.66 -8.24
N ARG C 996 -8.79 -46.40 -7.35
CA ARG C 996 -8.47 -46.39 -5.92
C ARG C 996 -8.04 -47.77 -5.46
N THR C 997 -8.72 -48.81 -5.93
CA THR C 997 -8.31 -50.18 -5.59
C THR C 997 -6.95 -50.50 -6.16
N LEU C 998 -6.69 -50.11 -7.41
CA LEU C 998 -5.43 -50.44 -8.07
C LEU C 998 -4.25 -49.67 -7.50
N VAL C 999 -4.50 -48.54 -6.83
CA VAL C 999 -3.45 -47.61 -6.44
C VAL C 999 -3.22 -47.63 -4.93
N THR C 1000 -4.29 -47.59 -4.13
CA THR C 1000 -4.14 -47.51 -2.69
C THR C 1000 -3.88 -48.85 -2.03
N GLY C 1001 -3.84 -49.93 -2.79
CA GLY C 1001 -3.57 -51.24 -2.22
C GLY C 1001 -4.76 -51.93 -1.59
N GLY C 1002 -5.97 -51.41 -1.76
CA GLY C 1002 -7.14 -52.04 -1.20
C GLY C 1002 -7.67 -51.34 0.04
N ALA C 1003 -7.73 -50.02 0.00
CA ALA C 1003 -8.25 -49.23 1.13
C ALA C 1003 -9.76 -49.37 1.14
N THR C 1004 -10.24 -50.38 1.87
CA THR C 1004 -11.67 -50.62 1.96
C THR C 1004 -12.35 -49.53 2.79
N PRO C 1005 -13.63 -49.25 2.54
CA PRO C 1005 -14.33 -48.24 3.36
C PRO C 1005 -14.36 -48.57 4.84
N GLU C 1006 -14.35 -49.86 5.20
CA GLU C 1006 -14.32 -50.23 6.61
C GLU C 1006 -13.06 -49.71 7.28
N LEU C 1007 -11.92 -49.81 6.60
CA LEU C 1007 -10.66 -49.30 7.16
C LEU C 1007 -10.71 -47.79 7.33
N GLU C 1008 -11.31 -47.08 6.36
CA GLU C 1008 -11.38 -45.64 6.45
C GLU C 1008 -12.20 -45.18 7.65
N ALA C 1009 -13.21 -45.97 8.03
CA ALA C 1009 -13.98 -45.63 9.23
C ALA C 1009 -13.13 -45.70 10.48
N LEU C 1010 -12.29 -46.74 10.59
CA LEU C 1010 -11.47 -46.90 11.79
C LEU C 1010 -10.47 -45.76 11.94
N ILE C 1011 -9.90 -45.30 10.83
CA ILE C 1011 -8.94 -44.20 10.89
C ILE C 1011 -9.59 -42.91 11.37
N ALA C 1012 -10.90 -42.75 11.16
CA ALA C 1012 -11.58 -41.55 11.63
C ALA C 1012 -11.52 -41.42 13.14
N GLU C 1013 -11.73 -42.52 13.86
CA GLU C 1013 -11.76 -42.46 15.31
C GLU C 1013 -10.35 -42.47 15.92
N GLU C 1014 -9.61 -43.55 15.69
CA GLU C 1014 -8.34 -43.74 16.36
C GLU C 1014 -7.18 -43.02 15.70
N ASN C 1015 -7.31 -42.68 14.41
CA ASN C 1015 -6.24 -42.02 13.65
C ASN C 1015 -4.96 -42.87 13.65
N ALA C 1016 -5.13 -44.18 13.61
CA ALA C 1016 -4.01 -45.12 13.58
C ALA C 1016 -4.55 -46.50 13.26
N LEU C 1017 -3.79 -47.26 12.48
CA LEU C 1017 -4.16 -48.64 12.20
C LEU C 1017 -4.08 -49.49 13.46
N ARG C 1018 -4.98 -50.46 13.57
CA ARG C 1018 -5.03 -51.36 14.71
C ARG C 1018 -4.84 -52.78 14.22
N GLY C 1019 -3.91 -53.50 14.84
CA GLY C 1019 -3.65 -54.87 14.43
C GLY C 1019 -4.74 -55.82 14.88
N GLY C 1020 -4.76 -56.99 14.22
CA GLY C 1020 -5.73 -58.01 14.54
C GLY C 1020 -5.14 -59.39 14.36
N TYR C 1021 -5.67 -60.34 15.13
CA TYR C 1021 -5.19 -61.71 15.05
C TYR C 1021 -5.67 -62.37 13.76
N SER C 1022 -4.76 -63.06 13.09
CA SER C 1022 -5.06 -63.65 11.79
C SER C 1022 -6.10 -64.76 11.93
N THR C 1023 -7.02 -64.80 10.96
CA THR C 1023 -8.06 -65.80 10.87
C THR C 1023 -8.09 -66.35 9.45
N PRO C 1024 -8.60 -67.57 9.25
CA PRO C 1024 -8.66 -68.13 7.89
C PRO C 1024 -9.41 -67.26 6.91
N GLN C 1025 -10.46 -66.56 7.35
CA GLN C 1025 -11.14 -65.63 6.48
C GLN C 1025 -10.25 -64.43 6.15
N THR C 1026 -9.49 -63.95 7.13
CA THR C 1026 -8.61 -62.81 6.91
C THR C 1026 -7.51 -63.14 5.89
N LEU C 1027 -6.96 -64.35 5.96
CA LEU C 1027 -5.88 -64.74 5.06
C LEU C 1027 -6.34 -64.88 3.62
N ALA C 1028 -7.64 -64.87 3.35
CA ALA C 1028 -8.14 -64.88 1.99
C ALA C 1028 -8.15 -63.50 1.36
N ASN C 1029 -7.93 -62.45 2.15
CA ASN C 1029 -7.92 -61.09 1.63
C ASN C 1029 -6.57 -60.68 1.04
N ARG C 1030 -5.51 -61.47 1.25
CA ARG C 1030 -4.19 -61.18 0.74
C ARG C 1030 -3.88 -61.94 -0.55
N ASP C 1031 -4.90 -62.20 -1.37
CA ASP C 1031 -4.75 -62.93 -2.62
C ASP C 1031 -5.30 -62.04 -3.74
N ARG C 1032 -4.45 -61.16 -4.25
CA ARG C 1032 -4.85 -60.25 -5.32
C ARG C 1032 -3.61 -59.82 -6.09
N CYS C 1033 -3.81 -59.51 -7.37
CA CYS C 1033 -2.70 -59.20 -8.25
C CYS C 1033 -2.04 -57.87 -7.89
N ARG C 1034 -0.75 -57.78 -8.16
CA ARG C 1034 0.01 -56.54 -8.01
C ARG C 1034 0.75 -56.25 -9.31
N VAL C 1035 1.29 -55.04 -9.40
CA VAL C 1035 2.01 -54.62 -10.60
C VAL C 1035 3.47 -55.05 -10.47
N ALA C 1036 4.08 -55.35 -11.61
CA ALA C 1036 5.47 -55.78 -11.65
C ALA C 1036 6.01 -55.57 -13.06
N GLN C 1037 7.32 -55.73 -13.20
CA GLN C 1037 7.99 -55.59 -14.49
C GLN C 1037 8.81 -56.84 -14.77
N LEU C 1038 8.89 -57.21 -16.05
CA LEU C 1038 9.61 -58.39 -16.48
C LEU C 1038 10.63 -58.01 -17.55
N ALA C 1039 11.76 -58.72 -17.53
CA ALA C 1039 12.85 -58.49 -18.47
C ALA C 1039 12.89 -59.62 -19.48
N LEU C 1040 12.99 -59.27 -20.77
CA LEU C 1040 12.96 -60.26 -21.83
C LEU C 1040 14.32 -60.85 -22.16
N LEU C 1041 15.42 -60.27 -21.66
CA LEU C 1041 16.72 -60.83 -21.98
C LEU C 1041 17.02 -62.12 -21.23
N ASP C 1042 16.22 -62.47 -20.23
CA ASP C 1042 16.42 -63.70 -19.49
C ASP C 1042 15.06 -64.20 -19.00
N GLY C 1043 14.96 -65.51 -18.83
CA GLY C 1043 13.75 -66.12 -18.34
C GLY C 1043 13.07 -66.99 -19.38
N PRO C 1044 11.84 -67.42 -19.09
CA PRO C 1044 11.10 -68.23 -20.08
C PRO C 1044 10.76 -67.48 -21.35
N PHE C 1045 10.77 -66.15 -21.32
CA PHE C 1045 10.44 -65.33 -22.48
C PHE C 1045 11.67 -64.85 -23.22
N ALA C 1046 12.86 -65.39 -22.90
CA ALA C 1046 14.08 -64.96 -23.56
C ALA C 1046 14.06 -65.26 -25.05
N ASP C 1047 13.49 -66.42 -25.43
CA ASP C 1047 13.42 -66.78 -26.84
C ASP C 1047 12.60 -65.78 -27.65
N LEU C 1048 11.57 -65.21 -27.06
CA LEU C 1048 10.70 -64.27 -27.75
C LEU C 1048 11.23 -62.85 -27.75
N GLY C 1049 12.37 -62.59 -27.13
CA GLY C 1049 12.90 -61.24 -27.08
C GLY C 1049 13.16 -60.66 -28.46
N ASP C 1050 13.64 -61.49 -29.38
CA ASP C 1050 13.88 -61.08 -30.76
C ASP C 1050 12.81 -61.60 -31.71
N GLY C 1051 11.79 -62.29 -31.21
CA GLY C 1051 10.76 -62.81 -32.09
C GLY C 1051 10.00 -61.72 -32.81
N GLY C 1052 9.64 -60.65 -32.11
CA GLY C 1052 9.00 -59.52 -32.73
C GLY C 1052 7.49 -59.59 -32.84
N CYS C 1053 6.83 -60.45 -32.07
CA CYS C 1053 5.37 -60.54 -32.05
C CYS C 1053 4.92 -60.34 -30.60
N TYR C 1054 4.49 -59.12 -30.27
CA TYR C 1054 4.06 -58.84 -28.91
C TYR C 1054 2.85 -59.68 -28.53
N GLY C 1055 1.90 -59.84 -29.45
CA GLY C 1055 0.72 -60.65 -29.18
C GLY C 1055 1.06 -62.09 -28.91
N ASP C 1056 2.08 -62.62 -29.57
CA ASP C 1056 2.50 -64.00 -29.31
C ASP C 1056 2.98 -64.17 -27.88
N LEU C 1057 3.73 -63.18 -27.37
CA LEU C 1057 4.16 -63.22 -25.98
C LEU C 1057 2.98 -63.13 -25.03
N PHE C 1058 1.99 -62.31 -25.37
CA PHE C 1058 0.86 -62.08 -24.47
C PHE C 1058 0.12 -63.38 -24.17
N CYS C 1059 -0.22 -64.15 -25.20
CA CYS C 1059 -0.93 -65.40 -24.99
C CYS C 1059 -0.08 -66.41 -24.22
N LYS C 1060 1.24 -66.34 -24.35
CA LYS C 1060 2.11 -67.24 -23.62
C LYS C 1060 1.99 -67.02 -22.11
N ALA C 1061 1.84 -65.75 -21.69
CA ALA C 1061 1.76 -65.45 -20.27
C ALA C 1061 0.45 -65.93 -19.65
N LEU C 1062 -0.66 -65.74 -20.36
CA LEU C 1062 -1.98 -66.03 -19.79
C LEU C 1062 -2.14 -67.52 -19.50
N LYS C 1063 -1.86 -68.37 -20.48
CA LYS C 1063 -2.12 -69.79 -20.32
C LYS C 1063 -1.27 -70.40 -19.22
N THR C 1064 0.00 -70.01 -19.14
CA THR C 1064 0.92 -70.64 -18.21
C THR C 1064 1.01 -69.95 -16.85
N TYR C 1065 0.79 -68.63 -16.80
CA TYR C 1065 0.97 -67.90 -15.56
C TYR C 1065 -0.19 -67.00 -15.18
N ASN C 1066 -1.20 -66.85 -16.02
CA ASN C 1066 -2.32 -65.92 -15.78
C ASN C 1066 -1.79 -64.52 -15.48
N MET C 1067 -1.04 -63.99 -16.44
CA MET C 1067 -0.31 -62.73 -16.30
C MET C 1067 -0.73 -61.79 -17.41
N LEU C 1068 -1.22 -60.62 -17.06
CA LEU C 1068 -1.64 -59.63 -18.04
C LEU C 1068 -0.50 -58.66 -18.31
N CYS C 1069 -0.15 -58.48 -19.58
CA CYS C 1069 0.82 -57.49 -20.00
C CYS C 1069 0.10 -56.36 -20.70
N PHE C 1070 0.34 -55.13 -20.27
CA PHE C 1070 -0.42 -54.00 -20.79
C PHE C 1070 0.48 -52.82 -21.11
N GLY C 1071 1.72 -53.07 -21.49
CA GLY C 1071 2.60 -52.00 -21.89
C GLY C 1071 4.00 -52.49 -22.14
N ILE C 1072 4.78 -51.63 -22.78
CA ILE C 1072 6.20 -51.85 -23.01
C ILE C 1072 6.94 -50.59 -22.60
N TYR C 1073 8.05 -50.76 -21.88
CA TYR C 1073 8.84 -49.64 -21.39
C TYR C 1073 10.23 -49.81 -22.00
N ARG C 1074 10.40 -49.23 -23.19
CA ARG C 1074 11.53 -49.52 -24.06
C ARG C 1074 12.49 -48.33 -24.10
N LEU C 1075 13.75 -48.63 -24.42
CA LEU C 1075 14.80 -47.62 -24.43
C LEU C 1075 14.49 -46.52 -25.44
N ARG C 1076 14.90 -45.30 -25.10
CA ARG C 1076 14.59 -44.15 -25.96
C ARG C 1076 15.31 -44.26 -27.29
N ASP C 1077 16.55 -44.73 -27.29
CA ASP C 1077 17.37 -44.78 -28.50
C ASP C 1077 17.51 -46.21 -29.02
N ALA C 1078 16.48 -47.02 -28.88
CA ALA C 1078 16.51 -48.40 -29.37
C ALA C 1078 16.21 -48.51 -30.85
N HIS C 1079 15.71 -47.45 -31.48
CA HIS C 1079 15.35 -47.46 -32.89
C HIS C 1079 16.41 -46.79 -33.77
N LEU C 1080 17.56 -46.45 -33.20
CA LEU C 1080 18.64 -45.81 -33.95
C LEU C 1080 19.72 -46.82 -34.28
N SER C 1081 20.32 -46.67 -35.47
CA SER C 1081 21.35 -47.60 -35.91
C SER C 1081 22.60 -47.48 -35.05
N THR C 1082 23.09 -46.27 -34.85
CA THR C 1082 24.30 -46.07 -34.07
C THR C 1082 24.06 -46.39 -32.60
N PRO C 1083 25.03 -47.01 -31.93
CA PRO C 1083 24.88 -47.24 -30.48
C PRO C 1083 24.94 -45.94 -29.70
N SER C 1084 24.29 -45.94 -28.54
CA SER C 1084 24.22 -44.79 -27.67
C SER C 1084 24.55 -45.21 -26.24
N GLN C 1085 24.63 -44.20 -25.35
CA GLN C 1085 24.96 -44.44 -23.95
C GLN C 1085 23.80 -44.20 -22.99
N CYS C 1086 22.83 -43.37 -23.36
CA CYS C 1086 21.72 -43.08 -22.47
C CYS C 1086 20.85 -44.32 -22.27
N THR C 1087 20.32 -44.47 -21.05
CA THR C 1087 19.46 -45.58 -20.71
C THR C 1087 18.04 -45.13 -20.38
N LYS C 1088 17.65 -43.95 -20.82
CA LYS C 1088 16.29 -43.46 -20.58
C LYS C 1088 15.30 -44.27 -21.39
N ARG C 1089 14.09 -44.39 -20.86
CA ARG C 1089 13.05 -45.22 -21.46
C ARG C 1089 11.74 -44.45 -21.43
N TYR C 1090 10.80 -44.87 -22.27
CA TYR C 1090 9.47 -44.28 -22.31
C TYR C 1090 8.42 -45.39 -22.34
N VAL C 1091 7.17 -45.01 -22.15
CA VAL C 1091 6.08 -45.95 -21.96
C VAL C 1091 5.30 -46.09 -23.27
N ILE C 1092 5.05 -47.32 -23.66
CA ILE C 1092 4.18 -47.65 -24.80
C ILE C 1092 3.08 -48.55 -24.26
N THR C 1093 1.88 -48.00 -24.10
CA THR C 1093 0.78 -48.74 -23.47
C THR C 1093 -0.11 -49.37 -24.54
N ASN C 1094 -0.45 -50.63 -24.31
CA ASN C 1094 -1.32 -51.42 -25.19
C ASN C 1094 -0.85 -51.36 -26.64
N PRO C 1095 0.27 -51.99 -26.98
CA PRO C 1095 0.71 -52.00 -28.37
C PRO C 1095 -0.10 -52.99 -29.18
N PRO C 1096 -0.14 -52.83 -30.51
CA PRO C 1096 -0.92 -53.75 -31.34
C PRO C 1096 -0.37 -55.17 -31.29
N TYR C 1097 -1.12 -56.09 -31.91
CA TYR C 1097 -0.79 -57.50 -31.82
C TYR C 1097 0.54 -57.82 -32.50
N GLU C 1098 0.81 -57.17 -33.64
CA GLU C 1098 1.99 -57.45 -34.44
C GLU C 1098 3.16 -56.52 -34.13
N PHE C 1099 3.20 -55.97 -32.90
CA PHE C 1099 4.27 -55.08 -32.53
C PHE C 1099 5.59 -55.85 -32.39
N GLU C 1100 6.68 -55.22 -32.81
CA GLU C 1100 7.98 -55.86 -32.79
C GLU C 1100 8.65 -55.69 -31.43
N LEU C 1101 9.33 -56.74 -30.98
CA LEU C 1101 9.99 -56.76 -29.68
C LEU C 1101 11.50 -56.73 -29.87
N VAL C 1102 12.15 -55.79 -29.20
CA VAL C 1102 13.61 -55.75 -29.14
C VAL C 1102 14.06 -56.61 -27.96
N PRO C 1103 15.29 -57.14 -27.97
CA PRO C 1103 15.72 -57.99 -26.84
C PRO C 1103 15.93 -57.24 -25.55
N THR C 1104 15.97 -55.91 -25.55
CA THR C 1104 16.24 -55.11 -24.36
C THR C 1104 15.08 -54.14 -24.14
N ASP C 1105 14.06 -54.60 -23.42
CA ASP C 1105 12.96 -53.74 -23.02
C ASP C 1105 12.23 -54.40 -21.86
N LEU C 1106 11.43 -53.59 -21.17
CA LEU C 1106 10.69 -54.03 -19.99
C LEU C 1106 9.20 -54.04 -20.30
N ILE C 1107 8.49 -55.02 -19.75
CA ILE C 1107 7.06 -55.18 -19.97
C ILE C 1107 6.36 -55.11 -18.62
N PHE C 1108 5.32 -54.29 -18.54
CA PHE C 1108 4.50 -54.21 -17.34
C PHE C 1108 3.62 -55.45 -17.23
N CYS C 1109 3.38 -55.89 -16.01
CA CYS C 1109 2.65 -57.14 -15.79
C CYS C 1109 1.79 -57.03 -14.54
N LEU C 1110 0.77 -57.89 -14.48
CA LEU C 1110 -0.06 -58.08 -13.31
C LEU C 1110 0.08 -59.54 -12.88
N MET C 1111 0.64 -59.76 -11.69
CA MET C 1111 1.03 -61.09 -11.27
C MET C 1111 0.14 -61.58 -10.14
N GLN C 1112 -0.28 -62.84 -10.23
CA GLN C 1112 -1.09 -63.45 -9.19
C GLN C 1112 -0.25 -63.71 -7.94
N PHE C 1113 -0.90 -63.63 -6.79
CA PHE C 1113 -0.25 -63.92 -5.52
C PHE C 1113 -0.12 -65.43 -5.34
N ASP C 1114 1.03 -65.86 -4.84
CA ASP C 1114 1.30 -67.26 -4.56
C ASP C 1114 1.49 -67.44 -3.06
N HIS C 1115 0.71 -68.34 -2.47
CA HIS C 1115 0.79 -68.57 -1.03
C HIS C 1115 2.16 -69.13 -0.65
N ASN C 1116 2.67 -70.09 -1.43
CA ASN C 1116 3.97 -70.66 -1.15
C ASN C 1116 5.08 -69.66 -1.45
N ALA C 1117 6.07 -69.61 -0.57
CA ALA C 1117 7.17 -68.67 -0.68
C ALA C 1117 8.48 -69.43 -0.87
N GLY C 1118 9.32 -68.92 -1.77
CA GLY C 1118 10.62 -69.54 -1.99
C GLY C 1118 11.50 -69.50 -0.75
N GLN C 1119 11.46 -68.39 -0.02
CA GLN C 1119 12.27 -68.25 1.19
C GLN C 1119 11.38 -68.29 2.43
N ASP D 15 0.92 70.05 -31.62
CA ASP D 15 2.08 70.21 -32.48
C ASP D 15 1.73 69.91 -33.94
N SER D 16 2.59 69.18 -34.62
CA SER D 16 2.38 68.82 -36.02
C SER D 16 1.28 67.76 -36.08
N ARG D 17 0.07 68.18 -36.47
CA ARG D 17 -1.06 67.27 -36.50
C ARG D 17 -0.94 66.25 -37.62
N GLY D 18 -0.31 66.63 -38.74
CA GLY D 18 -0.26 65.73 -39.89
C GLY D 18 0.56 64.48 -39.65
N GLN D 19 1.73 64.63 -39.03
CA GLN D 19 2.65 63.51 -38.87
C GLN D 19 2.17 62.56 -37.78
N ARG D 20 2.82 61.40 -37.72
CA ARG D 20 2.55 60.40 -36.69
C ARG D 20 3.74 60.35 -35.74
N MET D 21 3.48 60.52 -34.45
CA MET D 21 4.51 60.52 -33.41
C MET D 21 4.48 59.24 -32.58
N TRP D 22 3.95 58.16 -33.13
CA TRP D 22 3.89 56.91 -32.38
C TRP D 22 5.27 56.36 -32.07
N TRP D 23 6.25 56.65 -32.92
CA TRP D 23 7.60 56.13 -32.70
C TRP D 23 8.29 56.84 -31.53
N ALA D 24 7.92 58.09 -31.25
CA ALA D 24 8.55 58.82 -30.16
C ALA D 24 8.24 58.19 -28.81
N PHE D 25 6.97 57.84 -28.58
CA PHE D 25 6.60 57.26 -27.29
C PHE D 25 7.25 55.91 -27.07
N LEU D 26 7.30 55.07 -28.12
CA LEU D 26 7.92 53.75 -27.99
C LEU D 26 9.43 53.86 -27.79
N ALA D 27 10.06 54.89 -28.36
CA ALA D 27 11.50 55.05 -28.22
C ALA D 27 11.90 55.31 -26.78
N SER D 28 11.12 56.10 -26.06
CA SER D 28 11.47 56.44 -24.68
C SER D 28 11.50 55.19 -23.80
N SER D 29 10.55 54.28 -23.98
CA SER D 29 10.55 53.04 -23.22
C SER D 29 11.77 52.19 -23.52
N MET D 30 12.14 52.11 -24.81
CA MET D 30 13.30 51.29 -25.19
C MET D 30 14.59 51.88 -24.66
N VAL D 31 14.73 53.21 -24.69
CA VAL D 31 15.94 53.85 -24.18
C VAL D 31 16.08 53.60 -22.68
N THR D 32 14.99 53.77 -21.93
CA THR D 32 15.05 53.60 -20.49
C THR D 32 15.36 52.15 -20.11
N PHE D 33 14.72 51.18 -20.79
CA PHE D 33 14.92 49.78 -20.45
C PHE D 33 16.33 49.33 -20.81
N PHE D 34 16.79 49.65 -22.01
CA PHE D 34 18.12 49.21 -22.44
C PHE D 34 19.23 50.11 -21.90
N GLY D 35 18.91 51.37 -21.60
CA GLY D 35 19.93 52.25 -21.04
C GLY D 35 20.41 51.77 -19.68
N GLY D 36 19.48 51.40 -18.80
CA GLY D 36 19.86 50.88 -17.50
C GLY D 36 20.57 49.53 -17.61
N LEU D 37 20.11 48.68 -18.52
CA LEU D 37 20.77 47.40 -18.73
C LEU D 37 22.20 47.60 -19.23
N PHE D 38 22.41 48.58 -20.12
CA PHE D 38 23.75 48.88 -20.59
C PHE D 38 24.63 49.39 -19.47
N ILE D 39 24.11 50.28 -18.63
CA ILE D 39 24.91 50.85 -17.55
C ILE D 39 25.30 49.78 -16.55
N ILE D 40 24.35 48.91 -16.18
CA ILE D 40 24.62 47.88 -15.19
C ILE D 40 25.67 46.91 -15.70
N LEU D 41 25.52 46.42 -16.93
CA LEU D 41 26.47 45.48 -17.49
C LEU D 41 27.84 46.13 -17.68
N LEU D 42 27.86 47.41 -18.08
CA LEU D 42 29.13 48.12 -18.21
C LEU D 42 29.80 48.28 -16.85
N TRP D 43 29.06 48.77 -15.86
CA TRP D 43 29.64 49.01 -14.54
C TRP D 43 30.05 47.70 -13.87
N ARG D 44 29.25 46.64 -14.03
CA ARG D 44 29.60 45.36 -13.45
C ARG D 44 30.89 44.80 -14.06
N THR D 45 31.03 44.90 -15.38
CA THR D 45 32.25 44.42 -16.03
C THR D 45 33.42 45.35 -15.76
N LEU D 46 33.16 46.65 -15.67
CA LEU D 46 34.24 47.60 -15.39
C LEU D 46 34.87 47.33 -14.03
N LYS D 47 34.06 46.96 -13.04
CA LYS D 47 34.60 46.62 -11.72
C LYS D 47 35.47 45.38 -11.78
N TYR D 48 35.13 44.44 -12.69
CA TYR D 48 35.90 43.21 -12.79
C TYR D 48 37.34 43.47 -13.22
N LEU D 49 37.54 44.34 -14.20
CA LEU D 49 38.90 44.64 -14.65
C LEU D 49 39.68 45.43 -13.61
N TRP D 50 38.99 46.26 -12.82
CA TRP D 50 39.66 46.94 -11.72
C TRP D 50 40.19 45.94 -10.70
N THR D 51 39.41 44.91 -10.41
CA THR D 51 39.87 43.85 -9.51
C THR D 51 41.07 43.12 -10.09
N VAL D 52 41.03 42.80 -11.37
CA VAL D 52 42.12 42.08 -12.03
C VAL D 52 42.86 43.00 -13.00
N VAL D 91 28.58 50.26 10.20
CA VAL D 91 27.58 50.26 9.14
C VAL D 91 27.60 51.58 8.39
N GLY D 92 27.80 51.51 7.08
CA GLY D 92 27.85 52.70 6.26
C GLY D 92 26.49 53.37 6.09
N TRP D 93 26.53 54.58 5.55
CA TRP D 93 25.29 55.31 5.31
C TRP D 93 24.42 54.63 4.26
N MET D 94 25.04 54.01 3.26
CA MET D 94 24.27 53.34 2.21
C MET D 94 23.47 52.18 2.78
N THR D 95 24.06 51.40 3.69
CA THR D 95 23.36 50.26 4.27
C THR D 95 22.15 50.72 5.09
N SER D 96 22.29 51.84 5.82
CA SER D 96 21.15 52.37 6.56
C SER D 96 20.02 52.77 5.61
N VAL D 97 20.37 53.40 4.48
CA VAL D 97 19.36 53.77 3.50
C VAL D 97 18.67 52.52 2.94
N LYS D 98 19.45 51.48 2.65
CA LYS D 98 18.87 50.23 2.15
C LYS D 98 17.92 49.62 3.16
N ASP D 99 18.31 49.60 4.44
CA ASP D 99 17.44 49.04 5.47
C ASP D 99 16.15 49.86 5.60
N TRP D 100 16.27 51.18 5.58
CA TRP D 100 15.08 52.03 5.65
C TRP D 100 14.16 51.79 4.46
N ALA D 101 14.74 51.68 3.26
CA ALA D 101 13.93 51.44 2.07
C ALA D 101 13.21 50.09 2.15
N GLY D 102 13.91 49.06 2.61
CA GLY D 102 13.27 47.77 2.76
C GLY D 102 12.14 47.79 3.77
N VAL D 103 12.37 48.46 4.91
CA VAL D 103 11.32 48.56 5.92
C VAL D 103 10.11 49.31 5.38
N MET D 104 10.35 50.40 4.65
CA MET D 104 9.26 51.17 4.07
C MET D 104 8.48 50.33 3.05
N ILE D 105 9.19 49.58 2.21
CA ILE D 105 8.54 48.74 1.21
C ILE D 105 7.67 47.68 1.88
N SER D 106 8.20 47.04 2.93
CA SER D 106 7.40 46.12 3.70
C SER D 106 6.42 46.89 4.58
N ALA D 107 5.62 46.16 5.36
CA ALA D 107 4.63 46.77 6.24
C ALA D 107 5.09 46.75 7.69
N GLN D 108 6.40 46.96 7.91
CA GLN D 108 6.94 46.89 9.27
C GLN D 108 6.36 47.99 10.15
N THR D 109 6.27 49.21 9.63
CA THR D 109 5.84 50.36 10.41
C THR D 109 4.49 50.87 9.92
N LEU D 110 3.97 51.88 10.62
CA LEU D 110 2.70 52.48 10.22
C LEU D 110 2.82 53.19 8.88
N THR D 111 3.93 53.90 8.65
CA THR D 111 4.11 54.60 7.40
C THR D 111 4.19 53.64 6.22
N GLY D 112 4.77 52.45 6.44
CA GLY D 112 4.79 51.44 5.40
C GLY D 112 3.41 50.91 5.07
N ARG D 113 2.54 50.82 6.08
CA ARG D 113 1.21 50.27 5.86
C ARG D 113 0.39 51.15 4.93
N VAL D 114 0.43 52.47 5.14
CA VAL D 114 -0.36 53.36 4.28
C VAL D 114 0.20 53.39 2.87
N LEU D 115 1.52 53.30 2.72
CA LEU D 115 2.12 53.28 1.39
C LEU D 115 1.66 52.07 0.58
N VAL D 116 1.62 50.90 1.22
CA VAL D 116 1.19 49.69 0.53
C VAL D 116 -0.28 49.78 0.14
N VAL D 117 -1.12 50.32 1.02
CA VAL D 117 -2.54 50.43 0.73
C VAL D 117 -2.79 51.37 -0.44
N LEU D 118 -2.03 52.47 -0.49
CA LEU D 118 -2.17 53.40 -1.62
C LEU D 118 -1.82 52.72 -2.94
N VAL D 119 -0.79 51.87 -2.93
CA VAL D 119 -0.42 51.14 -4.15
C VAL D 119 -1.58 50.29 -4.63
N PHE D 120 -2.28 49.65 -3.69
CA PHE D 120 -3.49 48.89 -4.05
C PHE D 120 -4.54 49.80 -4.67
N ALA D 121 -4.76 50.98 -4.08
CA ALA D 121 -5.80 51.86 -4.57
C ALA D 121 -5.40 52.54 -5.88
N LEU D 122 -4.16 53.02 -5.97
CA LEU D 122 -3.75 53.77 -7.16
C LEU D 122 -3.56 52.87 -8.37
N SER D 123 -3.24 51.59 -8.15
CA SER D 123 -3.13 50.67 -9.28
C SER D 123 -4.49 50.46 -9.95
N ILE D 124 -5.56 50.38 -9.14
CA ILE D 124 -6.90 50.29 -9.69
C ILE D 124 -7.27 51.61 -10.36
N GLY D 125 -6.94 52.73 -9.72
CA GLY D 125 -7.26 54.03 -10.31
C GLY D 125 -6.58 54.26 -11.65
N ALA D 126 -5.32 53.84 -11.78
CA ALA D 126 -4.64 53.94 -13.06
C ALA D 126 -5.26 53.03 -14.10
N LEU D 127 -5.83 51.90 -13.67
CA LEU D 127 -6.49 50.99 -14.61
C LEU D 127 -7.81 51.58 -15.11
N VAL D 128 -8.57 52.21 -14.22
CA VAL D 128 -9.85 52.79 -14.62
C VAL D 128 -9.64 53.92 -15.61
N ILE D 129 -8.56 54.70 -15.43
CA ILE D 129 -8.26 55.78 -16.36
C ILE D 129 -8.04 55.23 -17.77
N TYR D 130 -7.39 54.06 -17.86
CA TYR D 130 -7.16 53.45 -19.17
C TYR D 130 -8.49 53.05 -19.83
N PHE D 131 -9.43 52.53 -19.04
CA PHE D 131 -10.73 52.17 -19.59
C PHE D 131 -11.45 53.37 -20.16
N ILE D 132 -11.41 54.50 -19.45
CA ILE D 132 -12.07 55.72 -19.93
C ILE D 132 -11.42 56.22 -21.22
N ASP D 133 -10.09 56.21 -21.27
CA ASP D 133 -9.36 56.80 -22.39
C ASP D 133 -9.28 55.87 -23.59
N SER D 134 -9.69 54.61 -23.47
CA SER D 134 -9.59 53.68 -24.59
C SER D 134 -10.55 54.04 -25.72
N SER D 135 -11.59 54.83 -25.45
CA SER D 135 -12.54 55.22 -26.48
C SER D 135 -12.04 56.36 -27.36
N ASN D 136 -10.97 57.03 -26.97
CA ASN D 136 -10.42 58.11 -27.76
C ASN D 136 -9.73 57.55 -29.01
N PRO D 137 -9.51 58.41 -30.02
CA PRO D 137 -8.76 57.96 -31.19
C PRO D 137 -7.36 57.49 -30.81
N ILE D 138 -6.76 56.71 -31.71
CA ILE D 138 -5.45 56.12 -31.44
C ILE D 138 -4.42 57.19 -31.19
N GLU D 139 -4.38 58.21 -32.04
CA GLU D 139 -3.50 59.36 -31.87
C GLU D 139 -4.36 60.61 -31.80
N SER D 140 -4.18 61.39 -30.73
CA SER D 140 -5.01 62.57 -30.51
C SER D 140 -4.19 63.65 -29.82
N CYS D 141 -4.65 64.89 -29.96
CA CYS D 141 -4.02 66.02 -29.32
C CYS D 141 -4.85 66.48 -28.12
N GLN D 142 -4.19 66.73 -27.00
CA GLN D 142 -4.86 67.19 -25.80
C GLN D 142 -3.95 68.17 -25.07
N ASN D 143 -4.57 69.08 -24.33
CA ASN D 143 -3.85 70.12 -23.60
C ASN D 143 -3.76 69.74 -22.14
N PHE D 144 -2.55 69.80 -21.58
CA PHE D 144 -2.32 69.37 -20.21
C PHE D 144 -2.99 70.32 -19.22
N TYR D 145 -3.05 71.61 -19.54
CA TYR D 145 -3.55 72.62 -18.61
C TYR D 145 -5.06 72.72 -18.57
N LYS D 146 -5.79 71.96 -19.38
CA LYS D 146 -7.24 72.11 -19.43
C LYS D 146 -7.96 70.78 -19.27
N ASP D 147 -7.29 69.68 -19.57
CA ASP D 147 -7.91 68.37 -19.45
C ASP D 147 -7.82 67.88 -18.00
N PHE D 148 -8.96 67.46 -17.45
CA PHE D 148 -8.95 66.94 -16.08
C PHE D 148 -8.15 65.64 -16.02
N THR D 149 -8.38 64.74 -16.97
CA THR D 149 -7.48 63.62 -17.15
C THR D 149 -6.15 64.13 -17.69
N LEU D 150 -5.11 63.28 -17.59
CA LEU D 150 -3.73 63.64 -17.87
C LEU D 150 -3.21 64.59 -16.79
N GLN D 151 -4.09 64.99 -15.87
CA GLN D 151 -3.72 65.67 -14.64
C GLN D 151 -3.80 64.72 -13.44
N ILE D 152 -4.92 64.01 -13.31
CA ILE D 152 -4.97 62.90 -12.35
C ILE D 152 -4.01 61.80 -12.77
N ASP D 153 -3.98 61.48 -14.06
CA ASP D 153 -3.03 60.48 -14.56
C ASP D 153 -1.59 60.91 -14.35
N MET D 154 -1.32 62.22 -14.45
CA MET D 154 0.03 62.72 -14.19
C MET D 154 0.43 62.45 -12.74
N ALA D 155 -0.48 62.67 -11.80
CA ALA D 155 -0.17 62.45 -10.39
C ALA D 155 0.08 60.97 -10.10
N PHE D 156 -0.73 60.08 -10.68
CA PHE D 156 -0.57 58.66 -10.41
C PHE D 156 0.78 58.15 -10.87
N ASN D 157 1.22 58.57 -12.06
CA ASN D 157 2.47 58.05 -12.61
C ASN D 157 3.68 58.64 -11.90
N VAL D 158 3.55 59.82 -11.32
CA VAL D 158 4.61 60.37 -10.48
C VAL D 158 4.79 59.50 -9.24
N PHE D 159 3.67 59.09 -8.63
CA PHE D 159 3.74 58.22 -7.45
C PHE D 159 4.41 56.90 -7.77
N PHE D 160 4.06 56.29 -8.91
CA PHE D 160 4.67 55.02 -9.30
C PHE D 160 6.15 55.16 -9.62
N LEU D 161 6.60 56.38 -9.96
CA LEU D 161 8.03 56.58 -10.18
C LEU D 161 8.78 56.59 -8.85
N LEU D 162 8.23 57.26 -7.84
CA LEU D 162 8.85 57.24 -6.51
C LEU D 162 8.84 55.84 -5.92
N TYR D 163 7.73 55.13 -6.06
CA TYR D 163 7.65 53.77 -5.54
C TYR D 163 8.62 52.84 -6.25
N PHE D 164 8.93 53.13 -7.52
CA PHE D 164 9.93 52.36 -8.24
C PHE D 164 11.32 52.60 -7.66
N GLY D 165 11.61 53.84 -7.27
CA GLY D 165 12.92 54.14 -6.69
C GLY D 165 13.17 53.41 -5.39
N LEU D 166 12.15 53.34 -4.53
CA LEU D 166 12.31 52.64 -3.26
C LEU D 166 12.59 51.17 -3.46
N ARG D 167 11.90 50.54 -4.41
CA ARG D 167 12.16 49.13 -4.69
C ARG D 167 13.56 48.92 -5.28
N PHE D 168 14.06 49.91 -6.02
CA PHE D 168 15.41 49.79 -6.59
C PHE D 168 16.46 49.75 -5.50
N ILE D 169 16.32 50.59 -4.47
CA ILE D 169 17.31 50.64 -3.40
C ILE D 169 17.33 49.33 -2.62
N ALA D 170 16.15 48.79 -2.29
CA ALA D 170 16.06 47.61 -1.44
C ALA D 170 16.50 46.34 -2.15
N ALA D 171 16.61 46.36 -3.48
CA ALA D 171 16.91 45.14 -4.21
C ALA D 171 18.31 44.65 -3.91
N ASN D 172 18.44 43.33 -3.71
CA ASN D 172 19.75 42.72 -3.47
C ASN D 172 20.61 42.74 -4.73
N ASP D 173 20.04 42.32 -5.86
CA ASP D 173 20.76 42.24 -7.12
C ASP D 173 20.06 43.13 -8.13
N LYS D 174 20.76 44.19 -8.57
CA LYS D 174 20.13 45.19 -9.43
C LYS D 174 19.77 44.63 -10.80
N LEU D 175 20.58 43.71 -11.34
CA LEU D 175 20.28 43.15 -12.66
C LEU D 175 18.99 42.35 -12.64
N TRP D 176 18.84 41.46 -11.65
CA TRP D 176 17.62 40.66 -11.58
C TRP D 176 16.43 41.49 -11.11
N PHE D 177 16.67 42.61 -10.42
CA PHE D 177 15.59 43.55 -10.18
C PHE D 177 15.14 44.21 -11.48
N TRP D 178 16.10 44.60 -12.31
CA TRP D 178 15.78 45.23 -13.59
C TRP D 178 14.98 44.28 -14.48
N LEU D 179 15.38 43.01 -14.53
CA LEU D 179 14.68 42.02 -15.34
C LEU D 179 13.55 41.40 -14.52
N GLU D 180 12.52 42.20 -14.27
CA GLU D 180 11.37 41.77 -13.49
C GLU D 180 10.10 42.34 -14.12
N VAL D 181 8.97 41.66 -13.87
CA VAL D 181 7.71 42.01 -14.53
C VAL D 181 7.26 43.41 -14.12
N ASN D 182 7.25 43.69 -12.82
CA ASN D 182 6.82 44.99 -12.36
C ASN D 182 7.74 46.08 -12.88
N SER D 183 9.04 45.81 -12.90
CA SER D 183 9.99 46.79 -13.42
C SER D 183 9.73 47.09 -14.90
N VAL D 184 9.48 46.05 -15.69
CA VAL D 184 9.30 46.29 -17.13
C VAL D 184 7.97 46.99 -17.41
N VAL D 185 6.92 46.67 -16.64
CA VAL D 185 5.67 47.39 -16.85
C VAL D 185 5.83 48.85 -16.44
N ASP D 186 6.61 49.13 -15.39
CA ASP D 186 6.90 50.52 -15.05
C ASP D 186 7.66 51.20 -16.18
N PHE D 187 8.65 50.51 -16.75
CA PHE D 187 9.45 51.10 -17.82
C PHE D 187 8.58 51.42 -19.03
N PHE D 188 7.64 50.55 -19.36
CA PHE D 188 6.82 50.73 -20.55
C PHE D 188 5.57 51.55 -20.30
N THR D 189 5.28 51.95 -19.05
CA THR D 189 4.13 52.80 -18.79
C THR D 189 4.46 54.21 -18.33
N VAL D 190 5.53 54.43 -17.58
CA VAL D 190 5.73 55.73 -16.95
C VAL D 190 6.30 56.80 -17.89
N PRO D 191 7.39 56.54 -18.63
CA PRO D 191 8.00 57.60 -19.47
C PRO D 191 7.04 58.18 -20.51
N PRO D 192 6.17 57.38 -21.14
CA PRO D 192 5.27 57.97 -22.15
C PRO D 192 4.37 59.07 -21.61
N VAL D 193 4.05 59.08 -20.31
CA VAL D 193 3.21 60.16 -19.79
C VAL D 193 3.98 61.48 -19.80
N PHE D 194 5.25 61.46 -19.42
CA PHE D 194 6.07 62.66 -19.53
C PHE D 194 6.25 63.08 -20.98
N VAL D 195 6.43 62.09 -21.87
CA VAL D 195 6.52 62.42 -23.30
C VAL D 195 5.23 63.09 -23.78
N SER D 196 4.09 62.62 -23.30
CA SER D 196 2.80 63.21 -23.68
C SER D 196 2.69 64.65 -23.17
N VAL D 197 3.03 64.87 -21.90
CA VAL D 197 2.92 66.23 -21.36
C VAL D 197 3.94 67.16 -22.01
N TYR D 198 5.01 66.61 -22.60
CA TYR D 198 5.94 67.46 -23.34
C TYR D 198 5.42 67.79 -24.73
N LEU D 199 4.86 66.80 -25.43
CA LEU D 199 4.51 66.96 -26.84
C LEU D 199 3.08 67.43 -27.08
N ASN D 200 2.25 67.49 -26.04
CA ASN D 200 0.84 67.90 -26.14
C ASN D 200 0.03 66.98 -27.04
N ARG D 201 0.49 65.75 -27.25
CA ARG D 201 -0.29 64.73 -27.95
C ARG D 201 0.01 63.38 -27.33
N SER D 202 -0.89 62.42 -27.54
CA SER D 202 -0.80 61.13 -26.89
C SER D 202 -0.91 60.00 -27.92
N TRP D 203 -0.69 58.79 -27.44
CA TRP D 203 -0.80 57.59 -28.24
C TRP D 203 -1.26 56.45 -27.34
N LEU D 204 -2.32 55.76 -27.75
CA LEU D 204 -2.88 54.68 -26.94
C LEU D 204 -2.08 53.40 -27.14
N GLY D 205 -0.77 53.48 -26.93
CA GLY D 205 0.12 52.35 -27.13
C GLY D 205 0.70 51.88 -25.80
N LEU D 206 0.64 50.57 -25.58
CA LEU D 206 1.24 49.89 -24.45
C LEU D 206 0.63 50.28 -23.11
N ARG D 207 -0.49 51.01 -23.11
CA ARG D 207 -1.17 51.33 -21.87
C ARG D 207 -1.90 50.15 -21.27
N PHE D 208 -2.16 49.11 -22.06
CA PHE D 208 -2.81 47.91 -21.54
C PHE D 208 -1.95 47.16 -20.53
N LEU D 209 -0.66 47.46 -20.46
CA LEU D 209 0.21 46.80 -19.48
C LEU D 209 -0.11 47.20 -18.04
N ARG D 210 -0.93 48.24 -17.85
CA ARG D 210 -1.31 48.64 -16.50
C ARG D 210 -2.11 47.55 -15.78
N ALA D 211 -2.70 46.61 -16.53
CA ALA D 211 -3.45 45.53 -15.92
C ALA D 211 -2.57 44.47 -15.28
N LEU D 212 -1.26 44.50 -15.54
CA LEU D 212 -0.34 43.53 -14.94
C LEU D 212 0.00 43.88 -13.50
N ARG D 213 -0.39 45.06 -13.02
CA ARG D 213 -0.14 45.43 -11.63
C ARG D 213 -1.04 44.69 -10.66
N LEU D 214 -2.05 43.98 -11.15
CA LEU D 214 -2.96 43.24 -10.29
C LEU D 214 -2.32 42.01 -9.67
N ILE D 215 -1.13 41.61 -10.15
CA ILE D 215 -0.50 40.39 -9.64
C ILE D 215 0.07 40.60 -8.25
N GLN D 216 0.39 41.84 -7.88
CA GLN D 216 1.03 42.13 -6.61
C GLN D 216 0.04 42.19 -5.45
N PHE D 217 -1.25 42.04 -5.72
CA PHE D 217 -2.25 42.11 -4.65
C PHE D 217 -2.06 40.99 -3.64
N SER D 218 -1.80 39.77 -4.13
CA SER D 218 -1.64 38.64 -3.22
C SER D 218 -0.41 38.80 -2.34
N GLU D 219 0.62 39.49 -2.84
CA GLU D 219 1.83 39.70 -2.03
C GLU D 219 1.64 40.83 -1.03
N ILE D 220 0.97 41.90 -1.44
CA ILE D 220 0.75 43.00 -0.49
C ILE D 220 -0.25 42.59 0.59
N LEU D 221 -1.17 41.67 0.27
CA LEU D 221 -2.06 41.16 1.31
C LEU D 221 -1.31 40.33 2.33
N GLN D 222 -0.29 39.58 1.90
CA GLN D 222 0.55 38.85 2.84
C GLN D 222 1.41 39.81 3.66
N PHE D 223 1.87 40.90 3.05
CA PHE D 223 2.56 41.92 3.82
C PHE D 223 1.66 42.53 4.89
N LEU D 224 0.40 42.78 4.56
CA LEU D 224 -0.54 43.34 5.53
C LEU D 224 -1.04 42.32 6.54
N ASN D 225 -0.55 41.09 6.49
CA ASN D 225 -0.91 40.04 7.45
C ASN D 225 -2.42 39.79 7.44
N ILE D 226 -2.97 39.59 6.24
CA ILE D 226 -4.37 39.24 6.07
C ILE D 226 -4.54 37.80 5.59
N LEU D 227 -3.71 37.38 4.64
CA LEU D 227 -3.71 36.00 4.15
C LEU D 227 -2.73 35.19 4.99
N LYS D 228 -3.23 34.18 5.68
CA LYS D 228 -2.39 33.34 6.51
C LYS D 228 -2.55 31.86 6.22
N THR D 229 -3.76 31.41 5.87
CA THR D 229 -3.98 30.01 5.56
C THR D 229 -3.45 29.68 4.16
N SER D 230 -3.41 28.39 3.87
CA SER D 230 -2.81 27.90 2.63
C SER D 230 -3.82 27.75 1.49
N ASN D 231 -5.08 28.11 1.70
CA ASN D 231 -6.10 28.03 0.65
C ASN D 231 -6.46 29.40 0.09
N SER D 232 -6.58 30.41 0.95
CA SER D 232 -6.85 31.76 0.48
C SER D 232 -5.72 32.27 -0.40
N ILE D 233 -4.48 31.94 -0.04
CA ILE D 233 -3.34 32.35 -0.85
C ILE D 233 -3.46 31.76 -2.25
N LYS D 234 -3.77 30.47 -2.35
CA LYS D 234 -3.93 29.82 -3.65
C LYS D 234 -5.05 30.47 -4.44
N LEU D 235 -6.19 30.72 -3.79
CA LEU D 235 -7.33 31.29 -4.48
C LEU D 235 -7.00 32.68 -5.04
N VAL D 236 -6.38 33.53 -4.22
CA VAL D 236 -6.07 34.88 -4.67
C VAL D 236 -5.02 34.85 -5.78
N ASN D 237 -4.02 33.98 -5.64
CA ASN D 237 -3.02 33.85 -6.71
C ASN D 237 -3.68 33.51 -8.03
N LEU D 238 -4.51 32.47 -8.04
CA LEU D 238 -5.14 32.03 -9.28
C LEU D 238 -6.03 33.12 -9.86
N LEU D 239 -6.87 33.74 -9.01
CA LEU D 239 -7.79 34.76 -9.51
C LEU D 239 -7.04 35.94 -10.11
N SER D 240 -6.02 36.44 -9.40
CA SER D 240 -5.30 37.61 -9.86
C SER D 240 -4.58 37.31 -11.17
N ILE D 241 -3.90 36.16 -11.25
CA ILE D 241 -3.17 35.83 -12.47
C ILE D 241 -4.13 35.71 -13.65
N PHE D 242 -5.26 35.01 -13.44
CA PHE D 242 -6.22 34.81 -14.51
C PHE D 242 -6.77 36.14 -15.02
N ILE D 243 -7.22 37.00 -14.10
CA ILE D 243 -7.82 38.26 -14.51
C ILE D 243 -6.81 39.16 -15.20
N SER D 244 -5.60 39.25 -14.65
CA SER D 244 -4.59 40.12 -15.23
C SER D 244 -4.21 39.66 -16.63
N THR D 245 -4.00 38.36 -16.82
CA THR D 245 -3.67 37.87 -18.16
C THR D 245 -4.80 38.14 -19.14
N TRP D 246 -6.04 37.88 -18.73
CA TRP D 246 -7.18 38.11 -19.61
C TRP D 246 -7.25 39.57 -20.05
N LEU D 247 -7.16 40.50 -19.10
CA LEU D 247 -7.31 41.91 -19.45
C LEU D 247 -6.13 42.42 -20.28
N THR D 248 -4.91 41.96 -19.98
CA THR D 248 -3.75 42.40 -20.75
C THR D 248 -3.85 41.94 -22.19
N ALA D 249 -4.21 40.67 -22.40
CA ALA D 249 -4.35 40.17 -23.76
C ALA D 249 -5.46 40.91 -24.50
N ALA D 250 -6.57 41.19 -23.80
CA ALA D 250 -7.65 41.94 -24.44
C ALA D 250 -7.18 43.33 -24.86
N GLY D 251 -6.41 44.01 -24.01
CA GLY D 251 -5.89 45.31 -24.38
C GLY D 251 -4.98 45.27 -25.57
N PHE D 252 -4.10 44.26 -25.64
CA PHE D 252 -3.21 44.14 -26.79
C PHE D 252 -3.99 43.91 -28.07
N ILE D 253 -5.00 43.02 -28.03
CA ILE D 253 -5.83 42.80 -29.20
C ILE D 253 -6.53 44.08 -29.61
N HIS D 254 -7.06 44.82 -28.64
CA HIS D 254 -7.77 46.06 -28.94
C HIS D 254 -6.85 47.04 -29.67
N LEU D 255 -5.64 47.23 -29.15
CA LEU D 255 -4.70 48.15 -29.78
C LEU D 255 -4.37 47.71 -31.20
N VAL D 256 -4.00 46.43 -31.36
CA VAL D 256 -3.55 45.95 -32.66
C VAL D 256 -4.68 46.05 -33.69
N GLU D 257 -5.90 45.71 -33.28
CA GLU D 257 -7.00 45.71 -34.24
C GLU D 257 -7.46 47.12 -34.58
N ASN D 258 -7.56 48.00 -33.58
CA ASN D 258 -7.98 49.37 -33.88
C ASN D 258 -6.95 50.09 -34.74
N SER D 259 -5.67 49.88 -34.47
CA SER D 259 -4.68 50.36 -35.42
C SER D 259 -4.62 49.41 -36.62
N GLY D 260 -3.91 49.83 -37.66
CA GLY D 260 -3.70 49.01 -38.82
C GLY D 260 -2.38 48.26 -38.76
N ASP D 261 -1.99 47.72 -39.91
CA ASP D 261 -0.66 47.13 -40.04
C ASP D 261 0.34 48.23 -40.40
N PRO D 262 1.38 48.44 -39.59
CA PRO D 262 2.31 49.55 -39.89
C PRO D 262 2.97 49.44 -41.24
N TRP D 263 3.20 48.23 -41.75
CA TRP D 263 3.77 48.03 -43.07
C TRP D 263 2.74 48.04 -44.17
N GLU D 264 1.54 48.60 -43.91
CA GLU D 264 0.54 48.77 -44.95
C GLU D 264 -0.15 50.13 -44.84
N ASN D 265 0.52 51.12 -44.23
CA ASN D 265 -0.03 52.46 -44.04
C ASN D 265 -1.32 52.43 -43.22
N PHE D 266 -1.46 51.43 -42.35
CA PHE D 266 -2.62 51.31 -41.47
C PHE D 266 -3.93 51.35 -42.24
N GLN D 267 -3.95 50.65 -43.39
CA GLN D 267 -5.11 50.68 -44.28
C GLN D 267 -6.10 49.57 -44.01
N ASN D 268 -5.73 48.54 -43.27
CA ASN D 268 -6.61 47.38 -43.03
C ASN D 268 -7.08 47.34 -41.58
N ASN D 269 -7.34 48.49 -40.98
CA ASN D 269 -7.77 48.55 -39.60
C ASN D 269 -9.22 48.09 -39.47
N GLN D 270 -9.54 47.51 -38.32
CA GLN D 270 -10.88 47.07 -37.99
C GLN D 270 -11.33 47.76 -36.70
N ALA D 271 -12.58 48.23 -36.69
CA ALA D 271 -13.10 49.01 -35.57
C ALA D 271 -13.63 48.06 -34.50
N LEU D 272 -12.99 48.06 -33.34
CA LEU D 272 -13.40 47.24 -32.22
C LEU D 272 -13.35 48.06 -30.93
N THR D 273 -14.15 47.65 -29.95
CA THR D 273 -14.14 48.25 -28.63
C THR D 273 -13.54 47.28 -27.63
N TYR D 274 -13.20 47.81 -26.45
CA TYR D 274 -12.55 46.99 -25.44
C TYR D 274 -13.47 45.88 -24.96
N TRP D 275 -14.76 46.17 -24.80
CA TRP D 275 -15.71 45.14 -24.40
C TRP D 275 -15.80 44.03 -25.43
N GLU D 276 -15.84 44.40 -26.71
CA GLU D 276 -15.88 43.38 -27.76
C GLU D 276 -14.61 42.55 -27.78
N CYS D 277 -13.46 43.17 -27.54
CA CYS D 277 -12.22 42.41 -27.49
C CYS D 277 -12.20 41.45 -26.30
N VAL D 278 -12.71 41.90 -25.15
CA VAL D 278 -12.80 41.02 -23.99
C VAL D 278 -13.71 39.84 -24.28
N TYR D 279 -14.86 40.10 -24.90
CA TYR D 279 -15.79 39.02 -25.25
C TYR D 279 -15.15 38.05 -26.25
N LEU D 280 -14.45 38.59 -27.25
CA LEU D 280 -13.77 37.74 -28.22
C LEU D 280 -12.74 36.84 -27.55
N LEU D 281 -11.94 37.40 -26.64
CA LEU D 281 -10.91 36.60 -26.00
C LEU D 281 -11.50 35.58 -25.05
N MET D 282 -12.61 35.90 -24.38
CA MET D 282 -13.26 34.89 -23.56
C MET D 282 -13.78 33.73 -24.40
N VAL D 283 -14.44 34.05 -25.52
CA VAL D 283 -14.95 33.00 -26.40
C VAL D 283 -13.80 32.14 -26.93
N THR D 284 -12.70 32.78 -27.33
CA THR D 284 -11.56 32.03 -27.83
C THR D 284 -10.94 31.16 -26.75
N MET D 285 -10.77 31.71 -25.55
CA MET D 285 -10.13 30.98 -24.46
C MET D 285 -10.97 29.81 -23.98
N SER D 286 -12.29 29.91 -24.11
CA SER D 286 -13.16 28.80 -23.74
C SER D 286 -13.31 27.77 -24.86
N THR D 287 -12.68 28.00 -26.01
CA THR D 287 -12.72 27.08 -27.16
C THR D 287 -14.15 26.86 -27.65
N VAL D 288 -14.97 27.91 -27.56
CA VAL D 288 -16.30 27.87 -28.16
C VAL D 288 -16.19 28.31 -29.61
N GLY D 289 -15.73 29.55 -29.81
CA GLY D 289 -15.39 30.02 -31.14
C GLY D 289 -16.55 30.33 -32.06
N TYR D 290 -17.38 31.31 -31.71
CA TYR D 290 -18.31 31.86 -32.68
C TYR D 290 -17.56 32.63 -33.76
N GLY D 291 -18.15 32.69 -34.94
CA GLY D 291 -17.53 33.39 -36.05
C GLY D 291 -17.92 34.84 -36.21
N ASP D 292 -18.63 35.42 -35.24
CA ASP D 292 -19.09 36.80 -35.38
C ASP D 292 -17.94 37.79 -35.29
N VAL D 293 -17.06 37.61 -34.31
CA VAL D 293 -15.95 38.53 -34.06
C VAL D 293 -14.65 37.74 -34.10
N TYR D 294 -13.69 38.23 -34.88
CA TYR D 294 -12.38 37.59 -34.95
C TYR D 294 -11.37 38.61 -35.45
N ALA D 295 -10.10 38.30 -35.25
CA ALA D 295 -9.02 39.15 -35.70
C ALA D 295 -8.78 38.99 -37.20
N LYS D 296 -8.48 40.10 -37.86
CA LYS D 296 -8.26 40.10 -39.30
C LYS D 296 -6.88 40.60 -39.72
N THR D 297 -6.15 41.30 -38.86
CA THR D 297 -4.83 41.79 -39.22
C THR D 297 -3.79 40.70 -39.02
N THR D 298 -2.66 40.87 -39.70
CA THR D 298 -1.57 39.89 -39.61
C THR D 298 -1.05 39.79 -38.19
N LEU D 299 -0.80 40.94 -37.55
CA LEU D 299 -0.33 40.94 -36.17
C LEU D 299 -1.37 40.32 -35.24
N GLY D 300 -2.65 40.63 -35.47
CA GLY D 300 -3.69 40.05 -34.64
C GLY D 300 -3.72 38.54 -34.71
N ARG D 301 -3.67 37.99 -35.93
CA ARG D 301 -3.67 36.54 -36.08
C ARG D 301 -2.40 35.92 -35.50
N LEU D 302 -1.26 36.58 -35.71
CA LEU D 302 0.00 36.05 -35.18
C LEU D 302 -0.03 36.01 -33.65
N PHE D 303 -0.69 36.99 -33.03
CA PHE D 303 -0.81 36.97 -31.57
C PHE D 303 -1.82 35.92 -31.12
N MET D 304 -2.92 35.76 -31.87
CA MET D 304 -3.93 34.78 -31.49
C MET D 304 -3.38 33.37 -31.55
N VAL D 305 -2.44 33.09 -32.46
CA VAL D 305 -1.86 31.74 -32.51
C VAL D 305 -1.18 31.40 -31.18
N PHE D 306 -0.31 32.30 -30.69
CA PHE D 306 0.40 32.01 -29.45
C PHE D 306 -0.53 32.09 -28.24
N PHE D 307 -1.54 32.97 -28.28
CA PHE D 307 -2.50 32.98 -27.19
C PHE D 307 -3.30 31.68 -27.16
N ILE D 308 -3.60 31.11 -28.33
CA ILE D 308 -4.24 29.81 -28.37
C ILE D 308 -3.31 28.74 -27.80
N LEU D 309 -2.01 28.88 -28.04
CA LEU D 309 -1.06 27.95 -27.45
C LEU D 309 -1.10 28.01 -25.92
N GLY D 310 -1.14 29.22 -25.35
CA GLY D 310 -1.01 29.34 -23.91
C GLY D 310 -2.28 29.46 -23.06
N GLY D 311 -3.14 30.41 -23.43
CA GLY D 311 -4.31 30.69 -22.61
C GLY D 311 -5.30 29.56 -22.52
N LEU D 312 -5.38 28.72 -23.55
CA LEU D 312 -6.26 27.55 -23.48
C LEU D 312 -5.87 26.64 -22.33
N ALA D 313 -4.58 26.31 -22.26
CA ALA D 313 -4.09 25.49 -21.15
C ALA D 313 -4.27 26.21 -19.83
N MET D 314 -4.01 27.52 -19.79
CA MET D 314 -4.18 28.27 -18.55
C MET D 314 -5.62 28.17 -18.05
N PHE D 315 -6.58 28.38 -18.94
CA PHE D 315 -7.99 28.31 -18.58
C PHE D 315 -8.37 26.92 -18.10
N ALA D 316 -8.02 25.90 -18.89
CA ALA D 316 -8.40 24.53 -18.56
C ALA D 316 -7.79 24.07 -17.27
N SER D 317 -6.63 24.61 -16.89
CA SER D 317 -6.00 24.24 -15.63
C SER D 317 -6.51 25.07 -14.45
N TYR D 318 -6.91 26.31 -14.68
CA TYR D 318 -7.24 27.19 -13.56
C TYR D 318 -8.70 27.15 -13.17
N VAL D 319 -9.62 27.13 -14.14
CA VAL D 319 -11.04 27.25 -13.79
C VAL D 319 -11.54 26.11 -12.90
N PRO D 320 -11.26 24.84 -13.21
CA PRO D 320 -11.69 23.77 -12.29
C PRO D 320 -11.13 23.92 -10.89
N GLU D 321 -9.87 24.37 -10.76
CA GLU D 321 -9.28 24.52 -9.43
C GLU D 321 -9.99 25.60 -8.62
N ILE D 322 -10.31 26.73 -9.25
CA ILE D 322 -11.06 27.77 -8.54
C ILE D 322 -12.44 27.26 -8.15
N ILE D 323 -13.11 26.58 -9.08
CA ILE D 323 -14.44 26.05 -8.78
C ILE D 323 -14.39 25.08 -7.62
N GLU D 324 -13.32 24.28 -7.53
CA GLU D 324 -13.18 23.34 -6.43
C GLU D 324 -12.87 24.05 -5.12
N LEU D 325 -11.97 25.04 -5.15
CA LEU D 325 -11.60 25.74 -3.93
C LEU D 325 -12.79 26.47 -3.33
N ILE D 326 -13.57 27.17 -4.16
CA ILE D 326 -14.83 27.70 -3.68
C ILE D 326 -15.81 26.55 -3.50
N GLY D 327 -16.75 26.71 -2.58
CA GLY D 327 -17.71 25.68 -2.31
C GLY D 327 -17.23 24.55 -1.42
N ASN D 328 -15.99 24.60 -0.96
CA ASN D 328 -15.50 23.63 0.02
C ASN D 328 -15.98 24.10 1.39
N ARG D 329 -17.14 23.60 1.80
CA ARG D 329 -17.80 24.08 3.01
C ARG D 329 -18.54 22.94 3.67
N LYS D 330 -18.75 23.07 4.97
CA LYS D 330 -19.49 22.08 5.74
C LYS D 330 -20.97 22.45 5.75
N LYS D 331 -21.81 21.56 5.22
CA LYS D 331 -23.25 21.82 5.19
C LYS D 331 -23.94 21.50 6.50
N TYR D 332 -23.27 20.79 7.40
CA TYR D 332 -23.86 20.39 8.67
C TYR D 332 -23.29 21.16 9.86
N GLY D 333 -22.55 22.24 9.61
CA GLY D 333 -22.18 23.12 10.69
C GLY D 333 -23.38 23.84 11.26
N GLY D 334 -23.29 24.21 12.52
CA GLY D 334 -24.37 24.89 13.20
C GLY D 334 -24.42 24.50 14.66
N SER D 335 -25.47 24.97 15.32
CA SER D 335 -25.64 24.74 16.75
C SER D 335 -27.08 24.33 17.03
N TYR D 336 -27.24 23.40 17.96
CA TYR D 336 -28.57 22.96 18.35
C TYR D 336 -29.28 24.03 19.17
N SER D 337 -30.59 24.11 19.00
CA SER D 337 -31.42 25.08 19.71
C SER D 337 -32.34 24.34 20.66
N ALA D 338 -32.20 24.60 21.96
CA ALA D 338 -33.00 23.90 22.95
C ALA D 338 -34.46 24.34 22.88
N VAL D 339 -35.34 23.41 23.24
CA VAL D 339 -36.78 23.66 23.26
C VAL D 339 -37.26 23.50 24.69
N SER D 340 -38.00 24.49 25.19
CA SER D 340 -38.51 24.44 26.55
C SER D 340 -39.53 23.31 26.69
N GLY D 341 -39.39 22.53 27.76
CA GLY D 341 -40.32 21.45 28.02
C GLY D 341 -40.12 20.23 27.14
N ARG D 342 -38.90 19.97 26.68
CA ARG D 342 -38.63 18.80 25.85
C ARG D 342 -37.18 18.40 26.03
N LYS D 343 -36.95 17.13 26.36
CA LYS D 343 -35.61 16.63 26.56
C LYS D 343 -34.95 16.31 25.23
N HIS D 344 -33.65 16.03 25.28
CA HIS D 344 -32.92 15.58 24.11
C HIS D 344 -31.70 14.81 24.57
N ILE D 345 -31.21 13.92 23.71
CA ILE D 345 -30.03 13.11 23.99
C ILE D 345 -29.04 13.26 22.85
N VAL D 346 -27.79 12.92 23.13
CA VAL D 346 -26.69 13.03 22.18
C VAL D 346 -26.13 11.64 21.95
N VAL D 347 -26.00 11.26 20.68
CA VAL D 347 -25.48 9.95 20.30
C VAL D 347 -24.20 10.16 19.49
N CYS D 348 -23.14 9.47 19.89
CA CYS D 348 -21.84 9.59 19.24
C CYS D 348 -21.16 8.23 19.24
N GLY D 349 -20.08 8.13 18.46
CA GLY D 349 -19.30 6.91 18.41
C GLY D 349 -19.22 6.31 17.03
N HIS D 350 -19.70 5.07 16.89
CA HIS D 350 -19.67 4.34 15.61
C HIS D 350 -21.00 4.55 14.92
N ILE D 351 -21.07 5.59 14.10
CA ILE D 351 -22.28 5.96 13.38
C ILE D 351 -22.20 5.40 11.97
N THR D 352 -23.17 4.57 11.61
CA THR D 352 -23.24 3.99 10.27
C THR D 352 -24.70 3.70 9.96
N LEU D 353 -24.96 3.30 8.72
CA LEU D 353 -26.33 3.14 8.25
C LEU D 353 -27.06 2.07 9.07
N GLU D 354 -26.47 0.87 9.16
CA GLU D 354 -27.15 -0.22 9.84
C GLU D 354 -27.33 0.06 11.33
N SER D 355 -26.28 0.56 11.98
CA SER D 355 -26.36 0.86 13.40
C SER D 355 -27.42 1.91 13.68
N VAL D 356 -27.45 2.98 12.89
CA VAL D 356 -28.42 4.04 13.09
C VAL D 356 -29.83 3.54 12.83
N SER D 357 -30.01 2.72 11.78
CA SER D 357 -31.34 2.20 11.47
C SER D 357 -31.85 1.32 12.60
N ASN D 358 -31.00 0.42 13.11
CA ASN D 358 -31.42 -0.45 14.21
C ASN D 358 -31.73 0.37 15.46
N PHE D 359 -30.85 1.33 15.79
CA PHE D 359 -31.07 2.12 16.99
C PHE D 359 -32.37 2.92 16.91
N LEU D 360 -32.64 3.54 15.76
CA LEU D 360 -33.88 4.30 15.62
C LEU D 360 -35.10 3.39 15.66
N LYS D 361 -35.02 2.24 14.97
CA LYS D 361 -36.15 1.32 14.94
C LYS D 361 -36.49 0.81 16.33
N ASP D 362 -35.48 0.65 17.20
CA ASP D 362 -35.77 0.21 18.56
C ASP D 362 -36.15 1.37 19.48
N PHE D 363 -35.62 2.57 19.23
CA PHE D 363 -35.86 3.70 20.11
C PHE D 363 -37.25 4.30 19.91
N LEU D 364 -37.72 4.37 18.66
CA LEU D 364 -38.97 5.03 18.32
C LEU D 364 -40.11 4.05 18.12
N HIS D 365 -40.03 2.87 18.74
CA HIS D 365 -41.08 1.88 18.61
C HIS D 365 -42.37 2.37 19.27
N LYS D 366 -43.50 1.92 18.76
CA LYS D 366 -44.79 2.38 19.25
C LYS D 366 -45.22 1.71 20.55
N ASP D 367 -44.59 0.59 20.92
CA ASP D 367 -44.96 -0.08 22.15
C ASP D 367 -44.59 0.74 23.38
N ARG D 368 -43.52 1.53 23.28
CA ARG D 368 -43.17 2.44 24.37
C ARG D 368 -44.25 3.49 24.54
N ASP D 369 -44.35 4.03 25.76
CA ASP D 369 -45.26 5.12 26.01
C ASP D 369 -44.88 6.33 25.16
N ASP D 370 -45.81 7.27 25.03
CA ASP D 370 -45.58 8.44 24.19
C ASP D 370 -44.36 9.22 24.70
N VAL D 371 -43.39 9.41 23.82
CA VAL D 371 -42.14 10.09 24.16
C VAL D 371 -41.89 11.19 23.14
N ASN D 372 -41.20 12.23 23.58
CA ASN D 372 -40.94 13.38 22.72
C ASN D 372 -39.51 13.88 22.87
N VAL D 373 -38.58 12.98 23.15
CA VAL D 373 -37.17 13.35 23.26
C VAL D 373 -36.57 13.37 21.86
N GLU D 374 -35.72 14.37 21.61
CA GLU D 374 -35.03 14.48 20.33
C GLU D 374 -33.68 13.76 20.40
N ILE D 375 -33.25 13.29 19.23
CA ILE D 375 -31.98 12.57 19.10
C ILE D 375 -31.05 13.42 18.26
N VAL D 376 -29.89 13.74 18.81
CA VAL D 376 -28.91 14.61 18.15
C VAL D 376 -27.65 13.80 17.96
N PHE D 377 -27.35 13.44 16.71
CA PHE D 377 -26.13 12.73 16.42
C PHE D 377 -24.96 13.70 16.31
N LEU D 378 -23.75 13.16 16.44
CA LEU D 378 -22.53 13.98 16.39
C LEU D 378 -21.39 13.08 15.91
N HIS D 379 -20.99 13.26 14.65
CA HIS D 379 -19.93 12.45 14.06
C HIS D 379 -19.06 13.36 13.21
N ASN D 380 -17.80 12.95 13.03
CA ASN D 380 -16.82 13.77 12.32
C ASN D 380 -16.67 13.37 10.86
N ILE D 381 -17.53 12.50 10.36
CA ILE D 381 -17.53 12.10 8.96
C ILE D 381 -18.89 12.45 8.38
N SER D 382 -18.89 13.17 7.26
CA SER D 382 -20.14 13.58 6.63
C SER D 382 -20.92 12.37 6.16
N PRO D 383 -22.22 12.29 6.44
CA PRO D 383 -22.99 11.11 6.04
C PRO D 383 -23.15 11.03 4.53
N ASN D 384 -23.33 9.80 4.04
CA ASN D 384 -23.51 9.58 2.62
C ASN D 384 -24.99 9.77 2.24
N LEU D 385 -25.30 9.46 0.97
CA LEU D 385 -26.60 9.82 0.43
C LEU D 385 -27.73 9.04 1.08
N GLU D 386 -27.56 7.73 1.28
CA GLU D 386 -28.65 6.95 1.84
C GLU D 386 -28.83 7.18 3.34
N LEU D 387 -27.74 7.46 4.07
CA LEU D 387 -27.89 7.89 5.45
C LEU D 387 -28.61 9.23 5.53
N GLU D 388 -28.30 10.14 4.61
CA GLU D 388 -29.02 11.40 4.53
C GLU D 388 -30.49 11.17 4.23
N ALA D 389 -30.79 10.20 3.37
CA ALA D 389 -32.19 9.87 3.08
C ALA D 389 -32.89 9.33 4.32
N LEU D 390 -32.20 8.52 5.11
CA LEU D 390 -32.77 8.04 6.38
C LEU D 390 -33.09 9.21 7.30
N PHE D 391 -32.14 10.16 7.44
CA PHE D 391 -32.40 11.34 8.26
C PHE D 391 -33.56 12.16 7.71
N LYS D 392 -33.70 12.22 6.38
CA LYS D 392 -34.85 12.90 5.79
C LYS D 392 -36.14 12.20 6.15
N ARG D 393 -36.14 10.86 6.15
CA ARG D 393 -37.33 10.12 6.55
C ARG D 393 -37.70 10.42 8.00
N HIS D 394 -36.71 10.48 8.88
CA HIS D 394 -36.94 10.91 10.26
C HIS D 394 -36.61 12.41 10.41
N PHE D 395 -37.34 13.21 9.64
CA PHE D 395 -37.00 14.63 9.51
C PHE D 395 -37.25 15.41 10.79
N THR D 396 -38.41 15.23 11.40
CA THR D 396 -38.87 16.12 12.46
C THR D 396 -38.44 15.69 13.86
N GLN D 397 -37.68 14.60 13.98
CA GLN D 397 -37.30 14.09 15.29
C GLN D 397 -35.87 13.60 15.36
N VAL D 398 -35.04 13.88 14.36
CA VAL D 398 -33.64 13.50 14.36
C VAL D 398 -32.84 14.63 13.71
N GLU D 399 -31.70 14.97 14.31
CA GLU D 399 -30.82 16.00 13.78
C GLU D 399 -29.39 15.50 13.77
N PHE D 400 -28.61 16.03 12.82
CA PHE D 400 -27.21 15.65 12.64
C PHE D 400 -26.34 16.88 12.65
N TYR D 401 -25.17 16.78 13.30
CA TYR D 401 -24.17 17.84 13.30
C TYR D 401 -22.80 17.22 13.15
N GLN D 402 -21.93 17.88 12.39
CA GLN D 402 -20.60 17.38 12.12
C GLN D 402 -19.62 17.98 13.13
N GLY D 403 -18.82 17.12 13.74
CA GLY D 403 -17.87 17.57 14.73
C GLY D 403 -17.23 16.38 15.42
N SER D 404 -16.38 16.68 16.38
CA SER D 404 -15.65 15.68 17.14
C SER D 404 -15.97 15.82 18.62
N VAL D 405 -16.22 14.68 19.28
CA VAL D 405 -16.56 14.69 20.70
C VAL D 405 -15.38 15.04 21.59
N LEU D 406 -14.16 15.07 21.03
CA LEU D 406 -12.98 15.51 21.76
C LEU D 406 -12.74 17.01 21.62
N ASN D 407 -13.76 17.78 21.25
CA ASN D 407 -13.61 19.21 21.03
C ASN D 407 -14.61 19.94 21.91
N PRO D 408 -14.17 20.77 22.85
CA PRO D 408 -15.12 21.52 23.69
C PRO D 408 -16.04 22.42 22.89
N HIS D 409 -15.56 22.98 21.77
CA HIS D 409 -16.43 23.80 20.94
C HIS D 409 -17.60 22.99 20.39
N ASP D 410 -17.33 21.78 19.90
CA ASP D 410 -18.40 20.92 19.41
C ASP D 410 -19.34 20.50 20.54
N LEU D 411 -18.77 20.16 21.71
CA LEU D 411 -19.60 19.76 22.84
C LEU D 411 -20.53 20.89 23.26
N ALA D 412 -20.06 22.14 23.17
CA ALA D 412 -20.94 23.27 23.44
C ALA D 412 -21.91 23.51 22.29
N ARG D 413 -21.53 23.15 21.07
CA ARG D 413 -22.41 23.30 19.92
C ARG D 413 -23.64 22.40 20.04
N VAL D 414 -23.46 21.20 20.59
CA VAL D 414 -24.56 20.25 20.63
C VAL D 414 -25.35 20.42 21.92
N LYS D 415 -25.11 21.51 22.64
CA LYS D 415 -25.85 21.85 23.86
C LYS D 415 -25.88 20.68 24.84
N ILE D 416 -24.69 20.18 25.17
CA ILE D 416 -24.58 19.01 26.03
C ILE D 416 -24.83 19.33 27.49
N GLU D 417 -24.95 20.61 27.85
CA GLU D 417 -25.21 20.96 29.25
C GLU D 417 -26.58 20.48 29.71
N SER D 418 -27.59 20.58 28.85
CA SER D 418 -28.95 20.20 29.20
C SER D 418 -29.36 18.84 28.64
N ALA D 419 -28.46 18.13 27.98
CA ALA D 419 -28.79 16.82 27.44
C ALA D 419 -29.10 15.86 28.59
N ASP D 420 -30.12 15.03 28.38
CA ASP D 420 -30.53 14.10 29.43
C ASP D 420 -29.56 12.94 29.57
N ALA D 421 -28.95 12.49 28.47
CA ALA D 421 -27.97 11.41 28.52
C ALA D 421 -27.14 11.47 27.24
N CYS D 422 -26.01 10.77 27.27
CA CYS D 422 -25.14 10.65 26.10
C CYS D 422 -24.87 9.17 25.85
N LEU D 423 -25.16 8.72 24.64
CA LEU D 423 -25.02 7.32 24.28
C LEU D 423 -23.82 7.15 23.35
N ILE D 424 -23.00 6.15 23.62
CA ILE D 424 -21.80 5.87 22.84
C ILE D 424 -21.93 4.47 22.25
N LEU D 425 -21.99 4.39 20.92
CA LEU D 425 -22.06 3.11 20.23
C LEU D 425 -20.65 2.60 19.94
N ALA D 426 -20.53 1.28 19.88
CA ALA D 426 -19.25 0.64 19.70
C ALA D 426 -19.25 -0.20 18.42
N ASN D 427 -18.05 -0.55 17.97
CA ASN D 427 -17.86 -1.36 16.77
C ASN D 427 -17.55 -2.78 17.21
N LYS D 428 -18.59 -3.62 17.26
CA LYS D 428 -18.40 -5.00 17.71
C LYS D 428 -17.49 -5.78 16.77
N TYR D 429 -17.67 -5.58 15.46
CA TYR D 429 -16.89 -6.31 14.46
C TYR D 429 -15.63 -5.52 14.09
N CYS D 430 -14.83 -5.24 15.11
CA CYS D 430 -13.59 -4.50 14.93
C CYS D 430 -12.39 -5.45 14.91
N ALA D 431 -11.32 -5.01 14.24
CA ALA D 431 -10.13 -5.85 14.13
C ALA D 431 -9.42 -5.99 15.47
N ASP D 432 -9.19 -4.87 16.16
CA ASP D 432 -8.47 -4.87 17.42
C ASP D 432 -9.41 -4.43 18.55
N PRO D 433 -9.79 -5.32 19.46
CA PRO D 433 -10.72 -4.92 20.53
C PRO D 433 -10.17 -3.84 21.45
N ASP D 434 -8.85 -3.77 21.64
CA ASP D 434 -8.31 -2.87 22.65
C ASP D 434 -8.35 -1.40 22.19
N ALA D 435 -8.09 -1.15 20.92
CA ALA D 435 -8.09 0.23 20.43
C ALA D 435 -9.47 0.86 20.52
N GLU D 436 -10.51 0.08 20.22
CA GLU D 436 -11.87 0.58 20.33
C GLU D 436 -12.19 0.95 21.78
N ASP D 437 -11.79 0.10 22.73
CA ASP D 437 -12.00 0.40 24.13
C ASP D 437 -11.26 1.65 24.55
N ALA D 438 -10.01 1.82 24.08
CA ALA D 438 -9.26 3.01 24.41
C ALA D 438 -9.93 4.27 23.86
N SER D 439 -10.42 4.21 22.62
CA SER D 439 -11.12 5.35 22.05
C SER D 439 -12.38 5.68 22.84
N ASN D 440 -13.14 4.66 23.23
CA ASN D 440 -14.33 4.90 24.04
C ASN D 440 -13.98 5.51 25.38
N ILE D 441 -12.89 5.06 25.99
CA ILE D 441 -12.45 5.63 27.26
C ILE D 441 -12.09 7.11 27.08
N MET D 442 -11.39 7.44 25.98
CA MET D 442 -11.09 8.83 25.71
C MET D 442 -12.35 9.66 25.55
N ARG D 443 -13.34 9.14 24.83
CA ARG D 443 -14.57 9.88 24.62
C ARG D 443 -15.28 10.13 25.95
N VAL D 444 -15.34 9.10 26.80
CA VAL D 444 -15.99 9.26 28.10
C VAL D 444 -15.25 10.28 28.95
N ILE D 445 -13.91 10.23 28.94
CA ILE D 445 -13.12 11.19 29.70
C ILE D 445 -13.39 12.60 29.22
N SER D 446 -13.45 12.80 27.90
CA SER D 446 -13.69 14.13 27.36
C SER D 446 -15.07 14.65 27.78
N ILE D 447 -16.09 13.80 27.67
CA ILE D 447 -17.44 14.24 28.00
C ILE D 447 -17.54 14.59 29.49
N LYS D 448 -17.00 13.74 30.34
CA LYS D 448 -17.05 14.02 31.78
C LYS D 448 -16.19 15.22 32.15
N ASN D 449 -15.10 15.45 31.41
CA ASN D 449 -14.29 16.64 31.65
C ASN D 449 -15.08 17.91 31.32
N TYR D 450 -15.81 17.91 30.21
CA TYR D 450 -16.59 19.08 29.87
C TYR D 450 -17.72 19.30 30.87
N HIS D 451 -18.49 18.25 31.15
CA HIS D 451 -19.58 18.38 32.11
C HIS D 451 -19.63 17.17 33.03
N PRO D 452 -19.26 17.32 34.30
CA PRO D 452 -19.08 16.16 35.17
C PRO D 452 -20.36 15.61 35.80
N LYS D 453 -21.55 16.01 35.34
CA LYS D 453 -22.79 15.51 35.92
C LYS D 453 -23.72 14.90 34.88
N ILE D 454 -23.27 14.75 33.64
CA ILE D 454 -24.10 14.13 32.62
C ILE D 454 -24.12 12.61 32.82
N ARG D 455 -25.15 11.97 32.31
CA ARG D 455 -25.30 10.52 32.37
C ARG D 455 -24.80 9.91 31.08
N ILE D 456 -23.96 8.88 31.19
CA ILE D 456 -23.30 8.28 30.05
C ILE D 456 -23.64 6.80 30.00
N ILE D 457 -24.01 6.32 28.82
CA ILE D 457 -24.26 4.90 28.57
C ILE D 457 -23.37 4.48 27.41
N THR D 458 -22.55 3.45 27.64
CA THR D 458 -21.53 3.06 26.67
C THR D 458 -21.48 1.54 26.57
N GLN D 459 -20.84 1.07 25.50
CA GLN D 459 -20.64 -0.35 25.25
C GLN D 459 -19.16 -0.68 25.34
N MET D 460 -18.83 -1.73 26.08
CA MET D 460 -17.45 -2.18 26.24
C MET D 460 -17.31 -3.56 25.64
N LEU D 461 -16.17 -3.79 24.98
CA LEU D 461 -15.93 -5.05 24.30
C LEU D 461 -15.24 -6.08 25.17
N GLN D 462 -14.35 -5.65 26.07
CA GLN D 462 -13.59 -6.57 26.90
C GLN D 462 -13.78 -6.21 28.37
N TYR D 463 -13.78 -7.24 29.22
CA TYR D 463 -14.13 -7.03 30.62
C TYR D 463 -13.03 -6.30 31.38
N HIS D 464 -11.76 -6.61 31.10
CA HIS D 464 -10.69 -6.00 31.86
C HIS D 464 -10.52 -4.52 31.53
N ASN D 465 -11.11 -4.05 30.42
CA ASN D 465 -11.10 -2.63 30.12
C ASN D 465 -12.23 -1.89 30.84
N LYS D 466 -13.27 -2.59 31.27
CA LYS D 466 -14.36 -1.96 31.99
C LYS D 466 -13.94 -1.46 33.37
N ALA D 467 -12.90 -2.07 33.96
CA ALA D 467 -12.44 -1.62 35.28
C ALA D 467 -11.80 -0.24 35.23
N HIS D 468 -11.33 0.20 34.06
CA HIS D 468 -10.75 1.53 33.95
C HIS D 468 -11.80 2.62 34.14
N LEU D 469 -13.03 2.37 33.68
CA LEU D 469 -14.10 3.34 33.88
C LEU D 469 -14.44 3.54 35.35
N LEU D 470 -14.13 2.57 36.20
CA LEU D 470 -14.39 2.71 37.63
C LEU D 470 -13.45 3.70 38.30
N ASN D 471 -12.40 4.15 37.62
CA ASN D 471 -11.42 5.05 38.20
C ASN D 471 -11.57 6.49 37.72
N ILE D 472 -12.52 6.75 36.81
CA ILE D 472 -12.78 8.14 36.42
C ILE D 472 -13.32 8.90 37.64
N PRO D 473 -12.87 10.12 37.91
CA PRO D 473 -13.31 10.81 39.14
C PRO D 473 -14.82 11.01 39.23
N SER D 474 -15.49 11.27 38.11
CA SER D 474 -16.91 11.63 38.13
C SER D 474 -17.83 10.49 37.71
N TRP D 475 -17.31 9.27 37.57
CA TRP D 475 -18.16 8.14 37.10
C TRP D 475 -18.92 7.56 38.29
N ASN D 476 -20.23 7.83 38.39
CA ASN D 476 -21.03 7.33 39.55
C ASN D 476 -21.97 6.22 39.08
N TRP D 477 -21.66 4.97 39.43
CA TRP D 477 -22.53 3.82 39.08
C TRP D 477 -23.81 3.80 39.90
N LYS D 478 -23.79 4.37 41.11
CA LYS D 478 -25.03 4.46 41.92
C LYS D 478 -26.03 5.32 41.14
N GLU D 479 -25.56 6.42 40.54
CA GLU D 479 -26.43 7.22 39.65
C GLU D 479 -26.46 6.44 38.33
N GLY D 480 -27.26 6.82 37.35
CA GLY D 480 -27.36 5.95 36.17
C GLY D 480 -26.24 6.03 35.17
N ASP D 481 -24.99 5.80 35.59
CA ASP D 481 -23.89 5.73 34.58
C ASP D 481 -23.73 4.25 34.28
N ASP D 482 -23.86 3.83 33.02
CA ASP D 482 -23.87 2.37 32.73
C ASP D 482 -22.85 1.96 31.68
N ALA D 483 -22.11 0.88 31.95
CA ALA D 483 -21.17 0.33 30.99
C ALA D 483 -21.61 -1.08 30.65
N ILE D 484 -21.87 -1.34 29.38
CA ILE D 484 -22.42 -2.62 28.92
C ILE D 484 -21.26 -3.42 28.35
N CYS D 485 -20.81 -4.43 29.09
CA CYS D 485 -19.76 -5.32 28.63
C CYS D 485 -20.39 -6.46 27.84
N LEU D 486 -20.12 -6.51 26.53
CA LEU D 486 -20.76 -7.50 25.68
C LEU D 486 -20.28 -8.91 26.00
N ALA D 487 -18.97 -9.09 26.22
CA ALA D 487 -18.44 -10.41 26.51
C ALA D 487 -19.02 -10.96 27.81
N GLU D 488 -19.09 -10.13 28.84
CA GLU D 488 -19.62 -10.57 30.12
C GLU D 488 -21.06 -11.04 29.98
N LEU D 489 -21.90 -10.23 29.33
CA LEU D 489 -23.31 -10.58 29.20
C LEU D 489 -23.49 -11.82 28.34
N LYS D 490 -22.74 -11.94 27.24
CA LYS D 490 -22.86 -13.10 26.37
C LYS D 490 -22.47 -14.38 27.10
N LEU D 491 -21.32 -14.37 27.76
CA LEU D 491 -20.88 -15.56 28.47
C LEU D 491 -21.79 -15.88 29.64
N GLY D 492 -22.34 -14.86 30.30
CA GLY D 492 -23.31 -15.12 31.36
C GLY D 492 -24.58 -15.74 30.84
N PHE D 493 -25.06 -15.28 29.68
CA PHE D 493 -26.23 -15.89 29.07
C PHE D 493 -25.97 -17.36 28.75
N ILE D 494 -24.80 -17.66 28.20
CA ILE D 494 -24.47 -19.04 27.88
C ILE D 494 -24.39 -19.88 29.16
N ALA D 495 -23.74 -19.35 30.20
CA ALA D 495 -23.60 -20.08 31.45
C ALA D 495 -24.95 -20.36 32.08
N GLN D 496 -25.85 -19.38 32.05
CA GLN D 496 -27.20 -19.62 32.56
C GLN D 496 -27.97 -20.60 31.70
N SER D 497 -27.69 -20.62 30.39
CA SER D 497 -28.28 -21.64 29.52
C SER D 497 -27.78 -23.03 29.86
N CYS D 498 -26.57 -23.12 30.42
CA CYS D 498 -26.08 -24.43 30.85
C CYS D 498 -26.96 -25.03 31.94
N LEU D 499 -27.49 -24.19 32.83
CA LEU D 499 -28.39 -24.68 33.87
C LEU D 499 -29.76 -25.04 33.31
N ALA D 500 -30.26 -24.23 32.38
CA ALA D 500 -31.55 -24.47 31.74
C ALA D 500 -31.49 -23.97 30.31
N GLN D 501 -31.64 -24.89 29.35
CA GLN D 501 -31.51 -24.53 27.95
C GLN D 501 -32.67 -23.63 27.50
N GLY D 502 -32.36 -22.73 26.56
CA GLY D 502 -33.33 -21.78 26.06
C GLY D 502 -33.41 -20.49 26.85
N LEU D 503 -32.75 -20.42 28.01
CA LEU D 503 -32.82 -19.22 28.83
C LEU D 503 -32.20 -18.04 28.12
N SER D 504 -31.11 -18.26 27.38
CA SER D 504 -30.49 -17.16 26.64
C SER D 504 -31.44 -16.58 25.61
N THR D 505 -32.12 -17.44 24.85
CA THR D 505 -33.08 -16.96 23.86
C THR D 505 -34.22 -16.21 24.53
N MET D 506 -34.78 -16.78 25.59
CA MET D 506 -35.92 -16.14 26.25
C MET D 506 -35.54 -14.81 26.88
N LEU D 507 -34.32 -14.70 27.42
CA LEU D 507 -33.86 -13.43 27.96
C LEU D 507 -33.63 -12.41 26.87
N ALA D 508 -32.94 -12.81 25.78
CA ALA D 508 -32.65 -11.89 24.70
C ALA D 508 -33.91 -11.43 23.98
N ASN D 509 -34.99 -12.20 24.05
CA ASN D 509 -36.24 -11.77 23.46
C ASN D 509 -37.02 -10.80 24.33
N LEU D 510 -36.58 -10.60 25.57
CA LEU D 510 -37.27 -9.69 26.50
C LEU D 510 -36.83 -8.25 26.38
N PHE D 511 -35.85 -7.95 25.53
CA PHE D 511 -35.32 -6.60 25.40
C PHE D 511 -35.43 -6.03 24.00
N SER D 512 -35.96 -6.79 23.05
CA SER D 512 -36.28 -6.27 21.72
C SER D 512 -37.74 -5.86 21.71
N MET D 513 -38.00 -4.60 21.38
CA MET D 513 -39.36 -4.09 21.37
C MET D 513 -40.06 -4.57 20.12
N ARG D 514 -41.04 -5.46 20.29
CA ARG D 514 -41.70 -6.12 19.18
C ARG D 514 -43.21 -6.08 19.39
N SER D 515 -43.95 -6.08 18.29
CA SER D 515 -45.40 -6.06 18.33
C SER D 515 -45.95 -7.46 18.18
N PHE D 516 -47.27 -7.57 18.33
CA PHE D 516 -47.93 -8.86 18.26
C PHE D 516 -48.19 -9.23 16.80
N ILE D 517 -47.69 -10.37 16.37
CA ILE D 517 -47.89 -10.88 15.02
C ILE D 517 -48.74 -12.13 15.12
N LYS D 518 -49.87 -12.14 14.41
CA LYS D 518 -50.83 -13.23 14.47
C LYS D 518 -50.84 -13.97 13.14
N ILE D 519 -50.63 -15.29 13.21
CA ILE D 519 -50.66 -16.15 12.04
C ILE D 519 -51.74 -17.20 12.25
N GLU D 520 -52.62 -17.36 11.25
CA GLU D 520 -53.74 -18.28 11.39
C GLU D 520 -53.30 -19.74 11.21
N GLU D 521 -52.30 -19.99 10.36
CA GLU D 521 -51.85 -21.35 10.13
C GLU D 521 -51.24 -21.93 11.40
N ASP D 522 -51.61 -23.17 11.72
CA ASP D 522 -51.21 -23.82 12.97
C ASP D 522 -49.83 -24.44 12.80
N THR D 523 -48.80 -23.70 13.20
CA THR D 523 -47.42 -24.17 13.18
C THR D 523 -46.81 -23.91 14.55
N TRP D 524 -45.57 -24.38 14.74
CA TRP D 524 -44.86 -24.11 15.99
C TRP D 524 -44.56 -22.64 16.16
N GLN D 525 -44.53 -21.87 15.07
CA GLN D 525 -44.19 -20.46 15.15
C GLN D 525 -45.32 -19.61 15.74
N LYS D 526 -46.55 -20.12 15.75
CA LYS D 526 -47.67 -19.34 16.25
C LYS D 526 -47.50 -19.02 17.73
N TYR D 527 -47.26 -20.04 18.55
CA TYR D 527 -47.09 -19.82 19.98
C TYR D 527 -45.81 -19.06 20.29
N TYR D 528 -44.75 -19.31 19.51
CA TYR D 528 -43.50 -18.58 19.71
C TYR D 528 -43.69 -17.10 19.43
N LEU D 529 -44.42 -16.76 18.37
CA LEU D 529 -44.67 -15.36 18.05
C LEU D 529 -45.61 -14.72 19.05
N GLU D 530 -46.54 -15.51 19.63
CA GLU D 530 -47.32 -15.00 20.75
C GLU D 530 -46.42 -14.66 21.92
N GLY D 531 -45.43 -15.52 22.20
CA GLY D 531 -44.56 -15.29 23.34
C GLY D 531 -43.63 -14.11 23.17
N VAL D 532 -43.06 -13.95 21.98
CA VAL D 532 -42.01 -12.94 21.77
C VAL D 532 -42.57 -11.52 21.77
N SER D 533 -43.89 -11.39 21.93
CA SER D 533 -44.49 -10.06 21.96
C SER D 533 -44.24 -9.33 23.27
N ASN D 534 -43.69 -9.99 24.28
CA ASN D 534 -43.53 -9.41 25.60
C ASN D 534 -42.21 -8.67 25.74
N GLU D 535 -42.18 -7.73 26.70
CA GLU D 535 -40.99 -7.00 27.08
C GLU D 535 -41.02 -6.82 28.59
N MET D 536 -39.91 -6.31 29.15
CA MET D 536 -39.80 -6.06 30.58
C MET D 536 -39.85 -4.56 30.85
N TYR D 537 -40.66 -4.17 31.83
CA TYR D 537 -40.87 -2.77 32.16
C TYR D 537 -40.78 -2.59 33.68
N THR D 538 -40.53 -1.35 34.09
CA THR D 538 -40.46 -0.98 35.49
C THR D 538 -41.56 0.02 35.80
N GLU D 539 -42.07 -0.04 37.02
CA GLU D 539 -43.16 0.84 37.45
C GLU D 539 -43.23 0.84 38.96
N TYR D 540 -43.58 1.99 39.53
CA TYR D 540 -43.78 2.09 40.97
C TYR D 540 -45.08 1.41 41.37
N LEU D 541 -45.03 0.68 42.48
CA LEU D 541 -46.20 -0.03 42.98
C LEU D 541 -47.19 0.95 43.62
N SER D 542 -48.46 0.57 43.59
CA SER D 542 -49.49 1.35 44.26
C SER D 542 -49.29 1.31 45.77
N SER D 543 -49.76 2.35 46.44
CA SER D 543 -49.61 2.44 47.89
C SER D 543 -50.44 1.41 48.64
N ALA D 544 -51.38 0.73 47.97
CA ALA D 544 -52.20 -0.27 48.64
C ALA D 544 -51.45 -1.56 48.93
N PHE D 545 -50.24 -1.73 48.39
CA PHE D 545 -49.48 -2.97 48.52
C PHE D 545 -48.44 -2.91 49.63
N VAL D 546 -48.41 -1.83 50.42
CA VAL D 546 -47.30 -1.64 51.36
C VAL D 546 -47.30 -2.70 52.44
N GLY D 547 -48.48 -3.07 52.94
CA GLY D 547 -48.56 -3.97 54.07
C GLY D 547 -48.57 -5.45 53.74
N LEU D 548 -48.38 -5.83 52.48
CA LEU D 548 -48.48 -7.21 52.06
C LEU D 548 -47.09 -7.81 51.83
N SER D 549 -47.07 -9.09 51.47
CA SER D 549 -45.85 -9.82 51.19
C SER D 549 -45.66 -10.00 49.69
N PHE D 550 -44.44 -10.36 49.31
CA PHE D 550 -44.14 -10.52 47.89
C PHE D 550 -44.96 -11.61 47.22
N PRO D 551 -45.14 -12.81 47.79
CA PRO D 551 -46.08 -13.76 47.15
C PRO D 551 -47.49 -13.21 47.01
N THR D 552 -47.96 -12.47 48.02
CA THR D 552 -49.32 -11.93 47.98
C THR D 552 -49.46 -10.90 46.86
N VAL D 553 -48.45 -10.06 46.66
CA VAL D 553 -48.53 -9.07 45.59
C VAL D 553 -48.15 -9.63 44.24
N CYS D 554 -47.47 -10.78 44.20
CA CYS D 554 -47.23 -11.48 42.94
C CYS D 554 -48.49 -12.20 42.48
N GLU D 555 -49.31 -12.66 43.42
CA GLU D 555 -50.71 -12.91 43.11
C GLU D 555 -51.46 -11.58 43.14
N LEU D 556 -52.73 -11.62 42.77
CA LEU D 556 -53.59 -10.43 42.74
C LEU D 556 -53.12 -9.45 41.68
N CYS D 557 -52.01 -9.74 41.03
CA CYS D 557 -51.59 -9.02 39.83
C CYS D 557 -51.63 -9.92 38.60
N PHE D 558 -50.94 -11.05 38.64
CA PHE D 558 -51.06 -12.03 37.56
C PHE D 558 -52.50 -12.51 37.39
N VAL D 559 -53.28 -12.50 38.47
CA VAL D 559 -54.65 -12.99 38.39
C VAL D 559 -55.60 -11.92 37.90
N LYS D 560 -55.37 -10.65 38.28
CA LYS D 560 -56.31 -9.57 38.01
C LYS D 560 -55.84 -8.60 36.94
N LEU D 561 -54.64 -8.04 37.09
CA LEU D 561 -54.13 -7.03 36.16
C LEU D 561 -53.38 -7.65 34.98
N LYS D 562 -53.25 -8.98 34.95
CA LYS D 562 -52.54 -9.68 33.87
C LYS D 562 -51.09 -9.21 33.76
N LEU D 563 -50.43 -9.05 34.90
CA LEU D 563 -49.03 -8.65 34.94
C LEU D 563 -48.23 -9.66 35.75
N LEU D 564 -47.09 -10.06 35.21
CA LEU D 564 -46.16 -10.95 35.89
C LEU D 564 -45.01 -10.13 36.45
N MET D 565 -44.85 -10.16 37.77
CA MET D 565 -43.83 -9.37 38.45
C MET D 565 -42.68 -10.28 38.86
N ILE D 566 -41.47 -9.91 38.46
CA ILE D 566 -40.29 -10.74 38.65
C ILE D 566 -39.52 -10.35 39.90
N ALA D 567 -39.18 -9.07 40.04
CA ALA D 567 -38.30 -8.64 41.12
C ALA D 567 -38.84 -7.43 41.86
N ILE D 568 -38.03 -6.85 42.74
CA ILE D 568 -38.43 -5.71 43.54
C ILE D 568 -37.20 -4.88 43.86
N GLU D 569 -37.40 -3.58 44.04
CA GLU D 569 -36.27 -2.67 44.26
C GLU D 569 -35.73 -2.73 45.68
N TYR D 570 -36.63 -2.85 46.67
CA TYR D 570 -36.27 -2.78 48.09
C TYR D 570 -35.50 -1.49 48.39
N LYS D 571 -36.09 -0.37 47.99
CA LYS D 571 -35.44 0.92 48.09
C LYS D 571 -35.25 1.31 49.55
N SER D 572 -34.19 2.09 49.79
CA SER D 572 -33.88 2.64 51.12
C SER D 572 -33.71 1.53 52.16
N ALA D 573 -32.95 0.50 51.80
CA ALA D 573 -32.63 -0.56 52.74
C ALA D 573 -31.66 -0.04 53.81
N ASN D 574 -31.21 -0.94 54.68
CA ASN D 574 -30.28 -0.55 55.74
C ASN D 574 -29.02 0.08 55.16
N ARG D 575 -28.37 -0.60 54.22
CA ARG D 575 -27.21 -0.02 53.55
C ARG D 575 -27.64 0.86 52.39
N GLU D 576 -28.29 0.28 51.39
CA GLU D 576 -28.72 1.01 50.19
C GLU D 576 -29.62 0.10 49.38
N SER D 577 -30.23 0.65 48.34
CA SER D 577 -31.12 -0.11 47.49
C SER D 577 -30.40 -1.29 46.86
N ARG D 578 -31.10 -2.42 46.77
CA ARG D 578 -30.52 -3.64 46.23
C ARG D 578 -31.61 -4.46 45.56
N ILE D 579 -31.34 -4.92 44.33
CA ILE D 579 -32.32 -5.69 43.58
C ILE D 579 -32.48 -7.06 44.22
N LEU D 580 -33.73 -7.47 44.42
CA LEU D 580 -34.06 -8.78 44.96
C LEU D 580 -34.98 -9.50 43.99
N ILE D 581 -34.56 -10.69 43.55
CA ILE D 581 -35.29 -11.47 42.57
C ILE D 581 -36.08 -12.55 43.29
N ASN D 582 -37.40 -12.47 43.20
CA ASN D 582 -38.32 -13.40 43.86
C ASN D 582 -37.98 -13.54 45.34
N PRO D 583 -38.17 -12.50 46.15
CA PRO D 583 -37.83 -12.60 47.56
C PRO D 583 -38.78 -13.56 48.29
N GLY D 584 -38.32 -14.01 49.46
CA GLY D 584 -39.03 -15.02 50.22
C GLY D 584 -40.35 -14.51 50.77
N ASN D 585 -41.01 -15.41 51.51
CA ASN D 585 -42.32 -15.10 52.07
C ASN D 585 -42.23 -14.18 53.27
N HIS D 586 -41.08 -14.13 53.95
CA HIS D 586 -40.96 -13.33 55.15
C HIS D 586 -40.88 -11.85 54.85
N LEU D 587 -40.35 -11.48 53.69
CA LEU D 587 -40.15 -10.07 53.36
C LEU D 587 -41.49 -9.38 53.14
N LYS D 588 -41.56 -8.11 53.55
CA LYS D 588 -42.75 -7.30 53.40
C LYS D 588 -42.45 -6.07 52.54
N ILE D 589 -43.47 -5.60 51.83
CA ILE D 589 -43.31 -4.48 50.92
C ILE D 589 -43.04 -3.20 51.72
N GLN D 590 -42.26 -2.29 51.12
CA GLN D 590 -42.01 -0.98 51.68
C GLN D 590 -42.72 0.08 50.85
N GLU D 591 -42.51 1.35 51.20
CA GLU D 591 -43.14 2.45 50.50
C GLU D 591 -42.26 2.94 49.36
N GLY D 592 -42.88 3.19 48.21
CA GLY D 592 -42.18 3.69 47.05
C GLY D 592 -41.14 2.71 46.50
N THR D 593 -41.53 1.46 46.38
CA THR D 593 -40.65 0.41 45.89
C THR D 593 -40.86 0.21 44.39
N LEU D 594 -39.77 0.20 43.63
CA LEU D 594 -39.83 -0.05 42.21
C LEU D 594 -40.01 -1.54 41.94
N GLY D 595 -40.80 -1.86 40.93
CA GLY D 595 -41.06 -3.24 40.58
C GLY D 595 -40.84 -3.48 39.11
N PHE D 596 -40.33 -4.66 38.78
CA PHE D 596 -40.05 -5.05 37.41
C PHE D 596 -41.12 -6.02 36.93
N PHE D 597 -41.75 -5.70 35.80
CA PHE D 597 -42.88 -6.46 35.29
C PHE D 597 -42.59 -6.98 33.90
N ILE D 598 -43.46 -7.88 33.43
CA ILE D 598 -43.41 -8.40 32.07
C ILE D 598 -44.78 -8.23 31.47
N ALA D 599 -44.86 -7.52 30.34
CA ALA D 599 -46.14 -7.25 29.71
C ALA D 599 -45.92 -7.00 28.23
N SER D 600 -47.02 -7.09 27.47
CA SER D 600 -46.93 -6.93 26.02
C SER D 600 -46.72 -5.48 25.61
N ASP D 601 -47.20 -4.54 26.43
CA ASP D 601 -47.14 -3.13 26.09
C ASP D 601 -46.84 -2.32 27.33
N ALA D 602 -46.22 -1.15 27.12
CA ALA D 602 -45.87 -0.29 28.25
C ALA D 602 -47.11 0.32 28.90
N LYS D 603 -48.19 0.51 28.15
CA LYS D 603 -49.39 1.11 28.71
C LYS D 603 -50.04 0.21 29.75
N GLU D 604 -49.95 -1.10 29.57
CA GLU D 604 -50.61 -2.02 30.50
C GLU D 604 -49.93 -2.01 31.86
N VAL D 605 -48.62 -1.74 31.92
CA VAL D 605 -47.88 -1.79 33.17
C VAL D 605 -48.39 -0.74 34.15
N LYS D 606 -48.90 0.39 33.64
CA LYS D 606 -49.35 1.48 34.50
C LYS D 606 -50.54 1.09 35.36
N ARG D 607 -51.22 -0.02 35.06
CA ARG D 607 -52.34 -0.44 35.89
C ARG D 607 -51.91 -0.80 37.31
N ALA D 608 -50.65 -1.17 37.51
CA ALA D 608 -50.16 -1.47 38.86
C ALA D 608 -50.10 -0.21 39.72
N PHE D 609 -49.72 0.91 39.12
CA PHE D 609 -49.60 2.16 39.87
C PHE D 609 -50.97 2.77 40.20
N PHE D 610 -51.95 2.60 39.32
CA PHE D 610 -53.27 3.19 39.51
C PHE D 610 -54.19 2.32 40.34
N TYR D 611 -53.74 1.16 40.80
CA TYR D 611 -54.62 0.24 41.48
C TYR D 611 -55.09 0.81 42.82
N CYS D 612 -56.40 0.80 43.02
CA CYS D 612 -57.02 1.23 44.27
C CYS D 612 -57.89 0.10 44.78
N LYS D 613 -57.74 -0.25 46.06
CA LYS D 613 -58.44 -1.39 46.62
C LYS D 613 -59.95 -1.21 46.56
N ALA D 614 -60.43 -0.02 46.95
CA ALA D 614 -61.87 0.21 46.99
C ALA D 614 -62.46 0.28 45.59
N CYS D 615 -61.80 1.00 44.68
CA CYS D 615 -62.39 1.26 43.37
C CYS D 615 -62.35 0.03 42.46
N HIS D 616 -61.21 -0.67 42.43
CA HIS D 616 -60.97 -1.71 41.45
C HIS D 616 -61.07 -3.13 42.04
N ASP D 617 -61.74 -3.28 43.17
CA ASP D 617 -61.85 -4.60 43.79
C ASP D 617 -62.65 -5.57 42.93
N ASP D 618 -63.76 -5.11 42.35
CA ASP D 618 -64.72 -5.98 41.68
C ASP D 618 -64.53 -6.05 40.17
N ILE D 619 -63.55 -5.34 39.61
CA ILE D 619 -63.39 -5.27 38.17
C ILE D 619 -62.66 -6.53 37.71
N THR D 620 -63.40 -7.44 37.05
CA THR D 620 -62.79 -8.67 36.55
C THR D 620 -61.95 -8.41 35.30
N ASP D 621 -62.44 -7.58 34.40
CA ASP D 621 -61.69 -7.28 33.18
C ASP D 621 -60.43 -6.49 33.54
N PRO D 622 -59.25 -6.94 33.11
CA PRO D 622 -58.05 -6.14 33.36
C PRO D 622 -58.13 -4.74 32.79
N LYS D 623 -58.76 -4.57 31.63
CA LYS D 623 -58.99 -3.25 31.09
C LYS D 623 -60.03 -2.52 31.95
N ARG D 624 -60.30 -1.26 31.59
CA ARG D 624 -61.24 -0.37 32.26
C ARG D 624 -60.76 0.04 33.65
N ILE D 625 -59.59 -0.43 34.09
CA ILE D 625 -59.01 0.00 35.36
C ILE D 625 -58.14 1.22 35.05
N LYS D 626 -58.69 2.41 35.31
CA LYS D 626 -58.03 3.66 34.96
C LYS D 626 -58.06 4.62 36.13
N LYS D 627 -57.05 5.49 36.18
CA LYS D 627 -56.95 6.55 37.18
C LYS D 627 -57.02 6.00 38.60
N VAL D 741 -12.81 -22.91 56.25
CA VAL D 741 -11.40 -22.97 55.90
C VAL D 741 -11.23 -22.52 54.45
N LYS D 742 -11.45 -21.22 54.23
CA LYS D 742 -11.33 -20.61 52.90
C LYS D 742 -12.19 -21.33 51.87
N LYS D 743 -13.41 -21.70 52.28
CA LYS D 743 -14.33 -22.35 51.34
C LYS D 743 -14.92 -21.36 50.35
N TYR D 744 -15.26 -20.16 50.82
CA TYR D 744 -15.84 -19.13 49.98
C TYR D 744 -14.89 -17.94 49.90
N ASP D 745 -15.24 -16.99 49.04
CA ASP D 745 -14.46 -15.76 48.93
C ASP D 745 -14.77 -14.85 50.12
N SER D 746 -14.11 -13.68 50.14
CA SER D 746 -14.28 -12.76 51.27
C SER D 746 -15.71 -12.28 51.38
N THR D 747 -16.35 -11.94 50.25
CA THR D 747 -17.73 -11.49 50.30
C THR D 747 -18.69 -12.62 50.61
N GLY D 748 -18.32 -13.85 50.28
CA GLY D 748 -19.15 -15.00 50.58
C GLY D 748 -20.20 -15.34 49.54
N MET D 749 -20.07 -14.82 48.32
CA MET D 749 -21.06 -15.07 47.28
C MET D 749 -20.54 -15.97 46.17
N PHE D 750 -19.37 -16.56 46.33
CA PHE D 750 -18.86 -17.51 45.35
C PHE D 750 -18.03 -18.57 46.07
N HIS D 751 -18.00 -19.76 45.49
CA HIS D 751 -17.14 -20.82 46.02
C HIS D 751 -15.68 -20.50 45.71
N TRP D 752 -14.79 -20.98 46.58
CA TRP D 752 -13.38 -20.64 46.49
C TRP D 752 -12.53 -21.83 46.91
N CYS D 753 -11.28 -21.83 46.44
CA CYS D 753 -10.33 -22.86 46.80
C CYS D 753 -8.92 -22.30 46.66
N ALA D 754 -7.97 -22.98 47.28
CA ALA D 754 -6.58 -22.55 47.22
C ALA D 754 -6.07 -22.61 45.78
N PRO D 755 -5.19 -21.69 45.39
CA PRO D 755 -4.68 -21.69 44.02
C PRO D 755 -3.97 -23.00 43.68
N LYS D 756 -4.15 -23.44 42.44
CA LYS D 756 -3.55 -24.66 41.93
C LYS D 756 -2.48 -24.32 40.91
N GLU D 757 -1.84 -25.36 40.39
CA GLU D 757 -0.87 -25.24 39.31
C GLU D 757 -1.43 -25.95 38.08
N ILE D 758 -1.12 -25.42 36.90
CA ILE D 758 -1.72 -25.91 35.67
C ILE D 758 -1.37 -27.38 35.43
N GLU D 759 -0.25 -27.85 35.98
CA GLU D 759 0.11 -29.25 35.82
C GLU D 759 -0.83 -30.17 36.57
N LYS D 760 -1.42 -29.69 37.66
CA LYS D 760 -2.32 -30.53 38.45
C LYS D 760 -3.59 -30.88 37.69
N VAL D 761 -4.12 -29.92 36.92
CA VAL D 761 -5.41 -30.11 36.27
C VAL D 761 -5.30 -30.72 34.87
N ILE D 762 -4.13 -30.64 34.22
CA ILE D 762 -3.99 -31.18 32.87
C ILE D 762 -4.21 -32.68 32.90
N LEU D 763 -5.06 -33.16 31.98
CA LEU D 763 -5.40 -34.57 31.89
C LEU D 763 -4.91 -35.13 30.56
N THR D 764 -4.46 -36.38 30.58
CA THR D 764 -4.19 -37.12 29.37
C THR D 764 -5.44 -37.85 28.91
N ARG D 765 -5.42 -38.30 27.66
CA ARG D 765 -6.57 -39.03 27.13
C ARG D 765 -6.82 -40.32 27.91
N SER D 766 -5.75 -40.99 28.32
CA SER D 766 -5.90 -42.18 29.15
C SER D 766 -6.46 -41.84 30.52
N GLU D 767 -6.00 -40.74 31.12
CA GLU D 767 -6.47 -40.35 32.45
C GLU D 767 -7.95 -40.00 32.44
N ALA D 768 -8.40 -39.30 31.40
CA ALA D 768 -9.81 -38.91 31.33
C ALA D 768 -10.73 -40.11 31.29
N ALA D 769 -10.26 -41.23 30.72
CA ALA D 769 -11.06 -42.45 30.73
C ALA D 769 -11.23 -42.98 32.15
N MET D 770 -10.21 -42.84 32.99
CA MET D 770 -10.29 -43.32 34.36
C MET D 770 -11.39 -42.59 35.12
N THR D 771 -11.38 -41.26 35.08
CA THR D 771 -12.41 -40.48 35.74
C THR D 771 -13.75 -40.67 35.01
N VAL D 772 -14.83 -40.73 35.79
CA VAL D 772 -16.17 -40.89 35.24
C VAL D 772 -16.91 -39.57 35.43
N LEU D 773 -17.26 -38.93 34.32
CA LEU D 773 -17.95 -37.64 34.32
C LEU D 773 -19.37 -37.82 33.86
N SER D 774 -20.32 -37.26 34.61
CA SER D 774 -21.73 -37.31 34.26
C SER D 774 -22.39 -36.02 34.70
N GLY D 775 -23.26 -35.49 33.85
CA GLY D 775 -23.91 -34.22 34.14
C GLY D 775 -22.92 -33.07 34.28
N HIS D 776 -21.86 -33.08 33.48
CA HIS D 776 -20.83 -32.06 33.52
C HIS D 776 -21.01 -31.08 32.36
N VAL D 777 -20.07 -30.17 32.21
CA VAL D 777 -20.08 -29.19 31.14
C VAL D 777 -18.74 -29.24 30.42
N VAL D 778 -18.77 -29.36 29.10
CA VAL D 778 -17.57 -29.45 28.28
C VAL D 778 -17.56 -28.26 27.33
N VAL D 779 -16.43 -27.57 27.27
CA VAL D 779 -16.27 -26.35 26.47
C VAL D 779 -15.21 -26.61 25.43
N CYS D 780 -15.55 -26.40 24.16
CA CYS D 780 -14.63 -26.56 23.04
C CYS D 780 -14.19 -25.17 22.58
N ILE D 781 -12.88 -24.94 22.55
CA ILE D 781 -12.31 -23.64 22.24
C ILE D 781 -11.35 -23.78 21.07
N PHE D 782 -11.52 -22.93 20.05
CA PHE D 782 -10.63 -22.90 18.90
C PHE D 782 -9.58 -21.80 19.08
N GLY D 783 -8.73 -21.98 20.09
CA GLY D 783 -7.75 -20.98 20.45
C GLY D 783 -6.49 -21.07 19.61
N ASP D 784 -5.58 -20.13 19.88
CA ASP D 784 -4.30 -20.03 19.18
C ASP D 784 -3.41 -19.11 20.00
N VAL D 785 -2.12 -19.13 19.69
CA VAL D 785 -1.16 -18.34 20.45
C VAL D 785 -1.42 -16.85 20.29
N SER D 786 -1.73 -16.39 19.08
CA SER D 786 -1.89 -14.98 18.78
C SER D 786 -3.35 -14.53 18.84
N SER D 787 -4.29 -15.44 19.06
CA SER D 787 -5.69 -15.06 19.09
C SER D 787 -6.01 -14.24 20.34
N ALA D 788 -7.02 -13.39 20.24
CA ALA D 788 -7.42 -12.56 21.36
C ALA D 788 -8.07 -13.39 22.46
N LEU D 789 -8.14 -12.81 23.65
CA LEU D 789 -8.67 -13.51 24.80
C LEU D 789 -10.19 -13.46 24.80
N ILE D 790 -10.82 -14.62 24.97
CA ILE D 790 -12.28 -14.68 25.10
C ILE D 790 -12.71 -14.14 26.45
N GLY D 791 -11.90 -14.34 27.49
CA GLY D 791 -12.30 -13.99 28.83
C GLY D 791 -13.13 -15.07 29.47
N LEU D 792 -12.54 -16.26 29.62
CA LEU D 792 -13.26 -17.43 30.11
C LEU D 792 -13.72 -17.29 31.54
N ARG D 793 -13.22 -16.30 32.28
CA ARG D 793 -13.63 -16.15 33.68
C ARG D 793 -15.12 -15.86 33.79
N ASN D 794 -15.66 -15.08 32.86
CA ASN D 794 -17.08 -14.72 32.92
C ASN D 794 -18.00 -15.88 32.61
N LEU D 795 -17.48 -17.01 32.15
CA LEU D 795 -18.30 -18.18 31.89
C LEU D 795 -18.35 -19.12 33.08
N VAL D 796 -17.23 -19.26 33.79
CA VAL D 796 -17.17 -20.19 34.91
C VAL D 796 -17.64 -19.56 36.22
N MET D 797 -17.46 -18.25 36.38
CA MET D 797 -17.85 -17.60 37.64
C MET D 797 -19.35 -17.70 37.91
N PRO D 798 -20.26 -17.47 36.96
CA PRO D 798 -21.68 -17.65 37.26
C PRO D 798 -22.04 -19.07 37.65
N LEU D 799 -21.30 -20.07 37.16
CA LEU D 799 -21.59 -21.45 37.51
C LEU D 799 -21.11 -21.78 38.92
N ARG D 800 -20.06 -21.11 39.39
CA ARG D 800 -19.57 -21.31 40.76
C ARG D 800 -20.19 -20.32 41.74
N ALA D 801 -21.53 -20.24 41.74
CA ALA D 801 -22.22 -19.34 42.64
C ALA D 801 -22.39 -19.99 44.01
N SER D 802 -22.60 -19.16 45.03
CA SER D 802 -22.68 -19.65 46.40
C SER D 802 -24.04 -20.22 46.77
N ASN D 803 -25.07 -19.98 45.96
CA ASN D 803 -26.37 -20.57 46.24
C ASN D 803 -26.50 -21.98 45.70
N PHE D 804 -25.39 -22.59 45.29
CA PHE D 804 -25.35 -23.97 44.84
C PHE D 804 -24.69 -24.82 45.93
N HIS D 805 -25.32 -25.93 46.27
CA HIS D 805 -24.68 -26.88 47.16
C HIS D 805 -23.43 -27.46 46.49
N TYR D 806 -22.43 -27.79 47.31
CA TYR D 806 -21.14 -28.20 46.75
C TYR D 806 -21.27 -29.46 45.90
N HIS D 807 -22.14 -30.39 46.32
CA HIS D 807 -22.38 -31.59 45.53
C HIS D 807 -23.17 -31.30 44.26
N GLU D 808 -23.81 -30.14 44.18
CA GLU D 808 -24.58 -29.75 43.00
C GLU D 808 -23.73 -29.04 41.95
N LEU D 809 -22.45 -28.81 42.22
CA LEU D 809 -21.59 -28.14 41.25
C LEU D 809 -21.38 -29.02 40.02
N LYS D 810 -21.22 -28.37 38.87
CA LYS D 810 -21.00 -29.06 37.61
C LYS D 810 -19.52 -29.03 37.27
N HIS D 811 -18.94 -30.20 37.04
CA HIS D 811 -17.56 -30.28 36.61
C HIS D 811 -17.40 -29.66 35.23
N ILE D 812 -16.34 -28.87 35.05
CA ILE D 812 -16.08 -28.17 33.80
C ILE D 812 -14.76 -28.69 33.24
N VAL D 813 -14.78 -29.13 31.99
CA VAL D 813 -13.59 -29.64 31.31
C VAL D 813 -13.42 -28.91 30.00
N PHE D 814 -12.21 -28.43 29.74
CA PHE D 814 -11.89 -27.71 28.52
C PHE D 814 -11.24 -28.65 27.51
N VAL D 815 -11.54 -28.42 26.23
CA VAL D 815 -10.96 -29.16 25.13
C VAL D 815 -10.42 -28.14 24.13
N GLY D 816 -9.10 -28.04 24.05
CA GLY D 816 -8.50 -27.07 23.15
C GLY D 816 -7.00 -27.10 23.30
N SER D 817 -6.35 -26.20 22.56
CA SER D 817 -4.89 -26.13 22.57
C SER D 817 -4.40 -25.70 23.95
N ILE D 818 -3.39 -26.41 24.46
CA ILE D 818 -2.88 -26.13 25.80
C ILE D 818 -2.19 -24.77 25.84
N GLU D 819 -1.48 -24.41 24.78
CA GLU D 819 -0.72 -23.17 24.79
C GLU D 819 -1.60 -21.93 24.78
N TYR D 820 -2.88 -22.06 24.39
CA TYR D 820 -3.78 -20.93 24.47
C TYR D 820 -4.35 -20.76 25.88
N LEU D 821 -4.79 -21.87 26.49
CA LEU D 821 -5.40 -21.80 27.81
C LEU D 821 -4.40 -21.38 28.88
N LYS D 822 -3.10 -21.44 28.60
CA LYS D 822 -2.11 -20.93 29.55
C LYS D 822 -2.28 -19.43 29.76
N ARG D 823 -2.56 -18.69 28.69
CA ARG D 823 -2.69 -17.24 28.79
C ARG D 823 -3.87 -16.81 29.66
N GLU D 824 -4.85 -17.68 29.85
CA GLU D 824 -6.05 -17.33 30.59
C GLU D 824 -6.21 -18.04 31.92
N TRP D 825 -5.35 -19.01 32.23
CA TRP D 825 -5.54 -19.79 33.44
C TRP D 825 -5.12 -19.04 34.69
N GLU D 826 -4.39 -17.93 34.57
CA GLU D 826 -4.01 -17.15 35.74
C GLU D 826 -5.20 -16.53 36.44
N THR D 827 -6.33 -16.39 35.74
CA THR D 827 -7.57 -15.86 36.32
C THR D 827 -8.54 -16.97 36.69
N LEU D 828 -8.13 -18.23 36.60
CA LEU D 828 -9.03 -19.36 36.82
C LEU D 828 -8.60 -20.30 37.93
N HIS D 829 -7.41 -20.13 38.50
CA HIS D 829 -6.88 -21.12 39.42
C HIS D 829 -7.61 -21.17 40.75
N ASN D 830 -8.50 -20.22 41.04
CA ASN D 830 -9.21 -20.20 42.30
C ASN D 830 -10.57 -20.89 42.24
N PHE D 831 -10.93 -21.47 41.11
CA PHE D 831 -12.25 -22.11 41.11
C PHE D 831 -12.11 -23.63 41.20
N PRO D 832 -12.97 -24.28 41.97
CA PRO D 832 -12.89 -25.74 42.09
C PRO D 832 -13.53 -26.46 40.92
N LYS D 833 -13.14 -27.72 40.75
CA LYS D 833 -13.69 -28.62 39.74
C LYS D 833 -13.52 -28.03 38.33
N VAL D 834 -12.27 -27.86 37.95
CA VAL D 834 -11.91 -27.40 36.60
C VAL D 834 -10.80 -28.29 36.08
N SER D 835 -10.98 -28.81 34.87
CA SER D 835 -10.02 -29.69 34.24
C SER D 835 -9.73 -29.23 32.82
N ILE D 836 -8.55 -29.58 32.31
CA ILE D 836 -8.11 -29.21 30.98
C ILE D 836 -7.65 -30.46 30.25
N LEU D 837 -8.13 -30.64 29.02
CA LEU D 837 -7.74 -31.76 28.18
C LEU D 837 -7.20 -31.22 26.86
N PRO D 838 -5.88 -31.14 26.69
CA PRO D 838 -5.33 -30.65 25.42
C PRO D 838 -5.76 -31.54 24.26
N GLY D 839 -6.01 -30.92 23.12
CA GLY D 839 -6.46 -31.66 21.95
C GLY D 839 -7.20 -30.75 20.99
N THR D 840 -8.08 -31.36 20.19
CA THR D 840 -8.85 -30.65 19.19
C THR D 840 -10.30 -31.08 19.28
N PRO D 841 -11.25 -30.14 19.26
CA PRO D 841 -12.68 -30.53 19.29
C PRO D 841 -13.12 -31.30 18.06
N LEU D 842 -12.36 -31.27 16.96
CA LEU D 842 -12.74 -32.04 15.79
C LEU D 842 -12.47 -33.53 15.97
N SER D 843 -11.48 -33.88 16.78
CA SER D 843 -11.10 -35.27 16.94
C SER D 843 -12.15 -36.02 17.74
N ARG D 844 -12.58 -37.16 17.22
CA ARG D 844 -13.56 -38.00 17.90
C ARG D 844 -12.96 -38.77 19.06
N ALA D 845 -11.64 -38.99 19.05
CA ALA D 845 -11.01 -39.72 20.14
C ALA D 845 -11.10 -38.96 21.46
N ASP D 846 -10.88 -37.65 21.42
CA ASP D 846 -10.94 -36.84 22.64
C ASP D 846 -12.36 -36.74 23.17
N LEU D 847 -13.33 -36.52 22.29
CA LEU D 847 -14.71 -36.31 22.73
C LEU D 847 -15.28 -37.57 23.38
N ARG D 848 -14.93 -38.75 22.85
CA ARG D 848 -15.40 -39.98 23.48
C ARG D 848 -14.75 -40.20 24.85
N ALA D 849 -13.60 -39.58 25.11
CA ALA D 849 -12.96 -39.73 26.40
C ALA D 849 -13.65 -38.93 27.50
N VAL D 850 -14.30 -37.82 27.15
CA VAL D 850 -14.95 -36.96 28.12
C VAL D 850 -16.46 -37.22 28.21
N ASN D 851 -16.95 -38.27 27.56
CA ASN D 851 -18.35 -38.70 27.66
C ASN D 851 -19.31 -37.57 27.25
N ILE D 852 -19.24 -37.23 25.96
CA ILE D 852 -20.16 -36.23 25.42
C ILE D 852 -21.60 -36.66 25.62
N ASN D 853 -21.90 -37.95 25.45
CA ASN D 853 -23.28 -38.42 25.55
C ASN D 853 -23.84 -38.24 26.95
N LEU D 854 -22.99 -38.08 27.97
CA LEU D 854 -23.44 -37.96 29.35
C LEU D 854 -23.35 -36.53 29.88
N CYS D 855 -22.99 -35.57 29.04
CA CYS D 855 -22.84 -34.20 29.49
C CYS D 855 -24.21 -33.52 29.59
N ASP D 856 -24.22 -32.36 30.25
CA ASP D 856 -25.42 -31.56 30.37
C ASP D 856 -25.47 -30.40 29.38
N MET D 857 -24.32 -29.97 28.86
CA MET D 857 -24.25 -28.92 27.86
C MET D 857 -22.87 -28.93 27.24
N CYS D 858 -22.80 -28.68 25.94
CA CYS D 858 -21.54 -28.61 25.20
C CYS D 858 -21.46 -27.25 24.53
N VAL D 859 -20.59 -26.38 25.04
CA VAL D 859 -20.44 -25.03 24.52
C VAL D 859 -19.32 -25.01 23.49
N ILE D 860 -19.55 -24.31 22.38
CA ILE D 860 -18.56 -24.18 21.32
C ILE D 860 -18.30 -22.69 21.11
N LEU D 861 -17.07 -22.26 21.35
CA LEU D 861 -16.68 -20.87 21.20
C LEU D 861 -15.44 -20.77 20.33
N SER D 862 -15.30 -19.63 19.66
CA SER D 862 -14.14 -19.35 18.82
C SER D 862 -13.52 -18.03 19.24
N ALA D 863 -12.19 -18.01 19.33
CA ALA D 863 -11.46 -16.81 19.73
C ALA D 863 -11.03 -15.96 18.55
N ASN D 864 -10.70 -16.59 17.42
CA ASN D 864 -10.22 -15.89 16.23
C ASN D 864 -11.33 -15.55 15.26
N GLN D 865 -12.59 -15.57 15.71
CA GLN D 865 -13.72 -15.41 14.78
C GLN D 865 -13.75 -14.01 14.18
N ASN D 866 -13.44 -12.98 14.96
CA ASN D 866 -13.57 -11.61 14.46
C ASN D 866 -12.27 -11.12 13.83
N ASN D 867 -11.12 -11.54 14.34
CA ASN D 867 -9.85 -11.07 13.82
C ASN D 867 -9.65 -11.49 12.37
N ILE D 868 -10.04 -12.73 12.03
CA ILE D 868 -9.93 -13.19 10.66
C ILE D 868 -10.88 -12.39 9.78
N ASP D 869 -10.48 -12.20 8.52
CA ASP D 869 -11.28 -11.45 7.55
C ASP D 869 -11.83 -12.32 6.44
N ASP D 870 -11.13 -13.39 6.05
CA ASP D 870 -11.58 -14.24 4.96
C ASP D 870 -12.85 -14.97 5.35
N THR D 871 -13.82 -15.00 4.42
CA THR D 871 -15.10 -15.63 4.69
C THR D 871 -15.03 -17.15 4.75
N SER D 872 -13.93 -17.75 4.27
CA SER D 872 -13.82 -19.20 4.26
C SER D 872 -13.67 -19.77 5.67
N LEU D 873 -13.31 -18.96 6.65
CA LEU D 873 -13.17 -19.40 8.03
C LEU D 873 -14.18 -18.76 8.96
N GLN D 874 -15.15 -18.02 8.43
CA GLN D 874 -16.19 -17.40 9.25
C GLN D 874 -17.13 -18.48 9.75
N ASP D 875 -16.92 -18.91 10.99
CA ASP D 875 -17.71 -19.94 11.66
C ASP D 875 -17.66 -21.29 10.96
N LYS D 876 -16.81 -21.43 9.94
CA LYS D 876 -16.68 -22.73 9.29
C LYS D 876 -16.14 -23.77 10.25
N GLU D 877 -15.21 -23.37 11.12
CA GLU D 877 -14.67 -24.28 12.11
C GLU D 877 -15.74 -24.74 13.09
N CYS D 878 -16.62 -23.82 13.51
CA CYS D 878 -17.61 -24.16 14.52
C CYS D 878 -18.71 -25.06 13.97
N ILE D 879 -19.12 -24.82 12.72
CA ILE D 879 -20.20 -25.61 12.14
C ILE D 879 -19.76 -27.06 11.94
N LEU D 880 -18.51 -27.27 11.55
CA LEU D 880 -18.01 -28.64 11.38
C LEU D 880 -18.01 -29.39 12.70
N ALA D 881 -17.66 -28.71 13.78
CA ALA D 881 -17.62 -29.38 15.09
C ALA D 881 -18.99 -29.84 15.53
N SER D 882 -20.02 -29.00 15.33
CA SER D 882 -21.37 -29.38 15.71
C SER D 882 -21.88 -30.55 14.89
N LEU D 883 -21.60 -30.55 13.58
CA LEU D 883 -22.02 -31.65 12.73
C LEU D 883 -21.31 -32.95 13.12
N ASN D 884 -20.03 -32.85 13.50
CA ASN D 884 -19.28 -34.04 13.88
C ASN D 884 -19.87 -34.71 15.11
N ILE D 885 -20.27 -33.91 16.10
CA ILE D 885 -20.82 -34.46 17.34
C ILE D 885 -22.16 -35.13 17.07
N LYS D 886 -23.00 -34.51 16.23
CA LYS D 886 -24.33 -35.05 15.98
C LYS D 886 -24.28 -36.41 15.30
N SER D 887 -23.28 -36.63 14.45
CA SER D 887 -23.21 -37.84 13.66
C SER D 887 -22.55 -39.01 14.39
N MET D 888 -22.09 -38.82 15.62
CA MET D 888 -21.41 -39.89 16.33
C MET D 888 -22.38 -41.01 16.70
N GLN D 889 -21.82 -42.21 16.89
CA GLN D 889 -22.57 -43.38 17.29
C GLN D 889 -22.06 -43.85 18.64
N PHE D 890 -22.97 -44.02 19.59
CA PHE D 890 -22.65 -44.46 20.93
C PHE D 890 -23.38 -45.77 21.24
N ASP D 891 -23.13 -46.30 22.43
CA ASP D 891 -23.77 -47.54 22.86
C ASP D 891 -23.95 -47.56 24.37
N ILE D 928 -27.92 -42.59 24.95
CA ILE D 928 -28.49 -42.52 23.61
C ILE D 928 -27.49 -43.05 22.59
N THR D 929 -27.98 -43.90 21.68
CA THR D 929 -27.10 -44.51 20.69
C THR D 929 -26.52 -43.47 19.74
N THR D 930 -27.34 -42.52 19.30
CA THR D 930 -26.91 -41.50 18.35
C THR D 930 -26.65 -40.18 19.07
N GLY D 931 -25.95 -39.29 18.38
CA GLY D 931 -25.58 -38.00 18.91
C GLY D 931 -26.55 -36.88 18.57
N VAL D 932 -27.76 -37.19 18.13
CA VAL D 932 -28.73 -36.16 17.78
C VAL D 932 -29.18 -35.40 19.03
N ASN D 933 -29.32 -36.11 20.15
CA ASN D 933 -29.92 -35.55 21.35
C ASN D 933 -28.92 -34.80 22.23
N ILE D 934 -27.67 -34.69 21.83
CA ILE D 934 -26.68 -33.97 22.64
C ILE D 934 -27.07 -32.50 22.71
N PRO D 935 -27.07 -31.87 23.89
CA PRO D 935 -27.36 -30.44 23.97
C PRO D 935 -26.14 -29.62 23.58
N ILE D 936 -26.29 -28.80 22.54
CA ILE D 936 -25.20 -28.00 22.00
C ILE D 936 -25.66 -26.57 21.84
N ILE D 937 -24.79 -25.62 22.20
CA ILE D 937 -24.99 -24.20 21.94
C ILE D 937 -23.72 -23.64 21.33
N THR D 938 -23.85 -22.92 20.22
CA THR D 938 -22.73 -22.35 19.50
C THR D 938 -22.89 -20.86 19.37
N GLU D 939 -21.77 -20.14 19.42
CA GLU D 939 -21.75 -18.70 19.24
C GLU D 939 -21.33 -18.38 17.81
N LEU D 940 -22.06 -17.49 17.16
CA LEU D 940 -21.81 -17.13 15.77
C LEU D 940 -21.39 -15.67 15.69
N VAL D 941 -20.53 -15.36 14.72
CA VAL D 941 -20.09 -13.99 14.51
C VAL D 941 -20.88 -13.39 13.35
N ASN D 942 -21.38 -14.25 12.47
CA ASN D 942 -22.17 -13.83 11.31
C ASN D 942 -23.53 -14.49 11.41
N ASP D 943 -24.59 -13.67 11.37
CA ASP D 943 -25.93 -14.20 11.59
C ASP D 943 -26.43 -15.05 10.43
N THR D 944 -25.96 -14.79 9.21
CA THR D 944 -26.46 -15.52 8.06
C THR D 944 -26.00 -16.96 8.02
N ASN D 945 -25.02 -17.35 8.84
CA ASN D 945 -24.55 -18.72 8.90
C ASN D 945 -25.46 -19.64 9.68
N VAL D 946 -26.58 -19.13 10.21
CA VAL D 946 -27.47 -19.95 11.04
C VAL D 946 -28.14 -21.05 10.23
N GLN D 947 -28.14 -20.95 8.91
CA GLN D 947 -28.83 -21.94 8.09
C GLN D 947 -28.18 -23.32 8.15
N PHE D 948 -26.88 -23.37 8.43
CA PHE D 948 -26.15 -24.64 8.41
C PHE D 948 -26.28 -25.45 9.68
N LEU D 949 -26.85 -24.90 10.75
CA LEU D 949 -26.86 -25.60 12.02
C LEU D 949 -27.89 -26.73 12.07
N ASP D 950 -29.02 -26.57 11.39
CA ASP D 950 -30.07 -27.59 11.38
C ASP D 950 -30.37 -28.00 9.96
N GLN D 951 -30.84 -29.24 9.79
CA GLN D 951 -31.11 -29.79 8.47
C GLN D 951 -32.59 -29.86 8.14
N ASP D 952 -33.45 -30.13 9.12
CA ASP D 952 -34.89 -30.26 8.88
C ASP D 952 -35.62 -28.95 9.09
N ASP D 953 -35.16 -27.89 8.43
CA ASP D 953 -35.79 -26.58 8.53
C ASP D 953 -35.84 -25.94 7.15
N ASP D 954 -36.66 -24.90 7.03
CA ASP D 954 -36.82 -24.17 5.77
C ASP D 954 -35.94 -22.93 5.83
N ASP D 955 -34.67 -23.10 5.44
CA ASP D 955 -33.74 -21.98 5.44
C ASP D 955 -34.17 -20.93 4.41
N ASP D 956 -33.98 -19.66 4.76
CA ASP D 956 -34.33 -18.56 3.90
C ASP D 956 -33.47 -17.37 4.28
N PRO D 957 -32.91 -16.64 3.30
CA PRO D 957 -32.01 -15.53 3.64
C PRO D 957 -32.71 -14.22 3.99
N ASP D 958 -34.04 -14.16 3.89
CA ASP D 958 -34.78 -12.97 4.24
C ASP D 958 -35.34 -13.03 5.66
N THR D 959 -35.35 -14.21 6.28
CA THR D 959 -35.84 -14.35 7.64
C THR D 959 -34.88 -13.69 8.62
N GLU D 960 -35.44 -12.92 9.56
CA GLU D 960 -34.63 -12.30 10.59
C GLU D 960 -34.23 -13.34 11.63
N LEU D 961 -33.09 -13.10 12.28
CA LEU D 961 -32.45 -14.13 13.09
C LEU D 961 -33.38 -14.66 14.18
N TYR D 962 -34.25 -13.79 14.71
CA TYR D 962 -35.08 -14.18 15.85
C TYR D 962 -36.16 -15.19 15.48
N LEU D 963 -36.39 -15.44 14.19
CA LEU D 963 -37.38 -16.41 13.74
C LEU D 963 -36.80 -17.74 13.33
N THR D 964 -35.49 -17.85 13.19
CA THR D 964 -34.89 -19.10 12.77
C THR D 964 -35.07 -20.17 13.83
N GLN D 965 -35.18 -21.42 13.37
CA GLN D 965 -35.36 -22.53 14.29
C GLN D 965 -34.20 -22.70 15.27
N PRO D 966 -32.92 -22.63 14.87
CA PRO D 966 -31.85 -22.75 15.87
C PRO D 966 -31.92 -21.71 16.98
N PHE D 967 -32.31 -20.48 16.66
CA PHE D 967 -32.42 -19.47 17.70
C PHE D 967 -33.66 -19.68 18.55
N ALA D 968 -34.79 -20.04 17.92
CA ALA D 968 -36.02 -20.26 18.68
C ALA D 968 -35.94 -21.49 19.58
N CYS D 969 -34.94 -22.35 19.40
CA CYS D 969 -34.76 -23.53 20.23
C CYS D 969 -33.64 -23.38 21.25
N GLY D 970 -32.89 -22.27 21.21
CA GLY D 970 -31.84 -22.05 22.18
C GLY D 970 -30.54 -22.78 21.89
N THR D 971 -30.30 -23.18 20.65
CA THR D 971 -29.06 -23.85 20.28
C THR D 971 -28.11 -22.93 19.52
N ALA D 972 -28.40 -21.64 19.47
CA ALA D 972 -27.53 -20.68 18.80
C ALA D 972 -27.63 -19.35 19.52
N PHE D 973 -26.60 -18.52 19.35
CA PHE D 973 -26.54 -17.22 20.01
C PHE D 973 -25.55 -16.33 19.28
N ALA D 974 -25.97 -15.11 18.99
CA ALA D 974 -25.11 -14.12 18.36
C ALA D 974 -25.15 -12.83 19.17
N VAL D 975 -24.04 -12.11 19.20
CA VAL D 975 -23.95 -10.88 19.97
C VAL D 975 -24.79 -9.76 19.36
N SER D 976 -25.23 -9.90 18.11
CA SER D 976 -26.01 -8.87 17.44
C SER D 976 -27.39 -8.69 18.05
N VAL D 977 -27.85 -9.63 18.88
CA VAL D 977 -29.16 -9.49 19.53
C VAL D 977 -29.09 -8.69 20.81
N LEU D 978 -27.90 -8.30 21.25
CA LEU D 978 -27.72 -7.52 22.45
C LEU D 978 -27.62 -6.02 22.18
N ASP D 979 -27.77 -5.60 20.92
CA ASP D 979 -27.69 -4.19 20.61
C ASP D 979 -28.89 -3.39 21.11
N SER D 980 -30.01 -4.06 21.40
CA SER D 980 -31.20 -3.38 21.87
C SER D 980 -31.08 -2.91 23.32
N LEU D 981 -30.01 -3.30 24.02
CA LEU D 981 -29.86 -2.91 25.42
C LEU D 981 -29.53 -1.43 25.59
N MET D 982 -29.09 -0.76 24.53
CA MET D 982 -28.82 0.67 24.64
C MET D 982 -30.10 1.45 24.93
N SER D 983 -31.14 1.21 24.15
CA SER D 983 -32.41 1.89 24.38
C SER D 983 -33.18 1.32 25.56
N ALA D 984 -32.93 0.06 25.92
CA ALA D 984 -33.64 -0.52 27.06
C ALA D 984 -33.18 0.09 28.38
N THR D 985 -31.87 0.33 28.52
CA THR D 985 -31.34 0.88 29.76
C THR D 985 -31.58 2.37 29.91
N TYR D 986 -31.86 3.08 28.81
CA TYR D 986 -32.12 4.51 28.92
C TYR D 986 -33.49 4.79 29.52
N PHE D 987 -34.51 4.06 29.08
CA PHE D 987 -35.87 4.34 29.53
C PHE D 987 -36.12 3.84 30.94
N ASN D 988 -35.51 2.72 31.31
CA ASN D 988 -35.65 2.15 32.64
C ASN D 988 -34.29 2.18 33.33
N ASP D 989 -34.26 2.73 34.55
CA ASP D 989 -32.97 3.06 35.17
C ASP D 989 -32.21 1.81 35.62
N ASN D 990 -32.89 0.85 36.24
CA ASN D 990 -32.24 -0.21 36.99
C ASN D 990 -32.21 -1.55 36.25
N ILE D 991 -32.43 -1.56 34.93
CA ILE D 991 -32.42 -2.82 34.20
C ILE D 991 -31.04 -3.47 34.23
N LEU D 992 -29.99 -2.67 34.02
CA LEU D 992 -28.65 -3.26 33.88
C LEU D 992 -28.22 -3.97 35.15
N THR D 993 -28.65 -3.49 36.32
CA THR D 993 -28.36 -4.20 37.55
C THR D 993 -29.24 -5.42 37.71
N LEU D 994 -30.47 -5.37 37.21
CA LEU D 994 -31.34 -6.55 37.28
C LEU D 994 -30.79 -7.70 36.43
N ILE D 995 -30.32 -7.39 35.22
CA ILE D 995 -29.77 -8.42 34.36
C ILE D 995 -28.52 -9.03 34.98
N ARG D 996 -27.59 -8.16 35.43
CA ARG D 996 -26.32 -8.64 35.96
C ARG D 996 -26.54 -9.48 37.21
N THR D 997 -27.48 -9.08 38.06
CA THR D 997 -27.82 -9.90 39.22
C THR D 997 -28.40 -11.24 38.80
N LEU D 998 -29.29 -11.22 37.79
CA LEU D 998 -29.94 -12.45 37.35
C LEU D 998 -28.98 -13.36 36.59
N VAL D 999 -28.00 -12.79 35.91
CA VAL D 999 -27.17 -13.53 34.96
C VAL D 999 -25.81 -13.88 35.56
N THR D 1000 -25.10 -12.90 36.09
CA THR D 1000 -23.75 -13.11 36.58
C THR D 1000 -23.70 -13.67 37.99
N GLY D 1001 -24.85 -14.03 38.57
CA GLY D 1001 -24.86 -14.62 39.90
C GLY D 1001 -24.39 -13.70 41.00
N GLY D 1002 -24.87 -12.46 41.01
CA GLY D 1002 -24.50 -11.53 42.07
C GLY D 1002 -23.78 -10.30 41.58
N ALA D 1003 -24.40 -9.13 41.75
CA ALA D 1003 -23.81 -7.85 41.41
C ALA D 1003 -24.05 -6.84 42.51
N THR D 1004 -23.88 -7.27 43.76
CA THR D 1004 -24.13 -6.43 44.91
C THR D 1004 -23.09 -5.31 45.00
N PRO D 1005 -23.41 -4.20 45.66
CA PRO D 1005 -22.42 -3.12 45.80
C PRO D 1005 -21.17 -3.55 46.53
N GLU D 1006 -21.24 -4.55 47.42
CA GLU D 1006 -20.04 -5.01 48.12
C GLU D 1006 -19.02 -5.57 47.13
N LEU D 1007 -19.48 -6.36 46.15
CA LEU D 1007 -18.57 -6.85 45.13
C LEU D 1007 -18.04 -5.72 44.27
N GLU D 1008 -18.88 -4.74 43.95
CA GLU D 1008 -18.45 -3.63 43.10
C GLU D 1008 -17.35 -2.81 43.76
N ALA D 1009 -17.48 -2.54 45.06
CA ALA D 1009 -16.45 -1.80 45.76
C ALA D 1009 -15.15 -2.60 45.83
N LEU D 1010 -15.25 -3.89 46.13
CA LEU D 1010 -14.05 -4.71 46.30
C LEU D 1010 -13.34 -4.93 44.97
N ILE D 1011 -14.09 -5.14 43.89
CA ILE D 1011 -13.48 -5.42 42.60
C ILE D 1011 -12.72 -4.21 42.07
N ALA D 1012 -13.05 -3.01 42.54
CA ALA D 1012 -12.35 -1.81 42.09
C ALA D 1012 -10.95 -1.72 42.69
N GLU D 1013 -10.74 -2.27 43.88
CA GLU D 1013 -9.45 -2.17 44.56
C GLU D 1013 -8.46 -3.19 44.02
N GLU D 1014 -8.79 -4.48 44.14
CA GLU D 1014 -7.83 -5.54 43.86
C GLU D 1014 -7.97 -6.13 42.46
N ASN D 1015 -9.14 -6.01 41.83
CA ASN D 1015 -9.41 -6.63 40.54
C ASN D 1015 -9.24 -8.14 40.58
N ALA D 1016 -9.60 -8.74 41.71
CA ALA D 1016 -9.48 -10.19 41.90
C ALA D 1016 -10.36 -10.59 43.07
N LEU D 1017 -10.23 -11.84 43.51
CA LEU D 1017 -11.01 -12.35 44.63
C LEU D 1017 -10.07 -12.97 45.66
N ARG D 1018 -10.45 -12.83 46.93
CA ARG D 1018 -9.68 -13.36 48.05
C ARG D 1018 -10.56 -14.28 48.88
N GLY D 1019 -9.97 -15.38 49.35
CA GLY D 1019 -10.70 -16.26 50.24
C GLY D 1019 -10.94 -15.63 51.59
N GLY D 1020 -11.91 -16.18 52.32
CA GLY D 1020 -12.27 -15.64 53.61
C GLY D 1020 -12.72 -16.75 54.54
N TYR D 1021 -13.14 -16.34 55.74
CA TYR D 1021 -13.61 -17.26 56.77
C TYR D 1021 -15.11 -17.08 56.93
N SER D 1022 -15.84 -18.20 56.98
CA SER D 1022 -17.29 -18.14 57.07
C SER D 1022 -17.72 -17.58 58.41
N THR D 1023 -18.67 -16.65 58.37
CA THR D 1023 -19.25 -16.02 59.53
C THR D 1023 -20.77 -16.00 59.36
N PRO D 1024 -21.51 -15.95 60.46
CA PRO D 1024 -22.99 -16.00 60.33
C PRO D 1024 -23.56 -14.90 59.46
N GLN D 1025 -22.96 -13.72 59.44
CA GLN D 1025 -23.42 -12.68 58.54
C GLN D 1025 -22.99 -12.93 57.10
N THR D 1026 -21.87 -13.63 56.90
CA THR D 1026 -21.42 -13.95 55.55
C THR D 1026 -22.30 -15.03 54.93
N LEU D 1027 -22.63 -16.06 55.69
CA LEU D 1027 -23.44 -17.16 55.18
C LEU D 1027 -24.90 -16.79 54.99
N ALA D 1028 -25.28 -15.56 55.29
CA ALA D 1028 -26.63 -15.08 55.00
C ALA D 1028 -26.76 -14.55 53.58
N ASN D 1029 -25.66 -14.42 52.85
CA ASN D 1029 -25.69 -14.02 51.46
C ASN D 1029 -25.93 -15.20 50.52
N ARG D 1030 -26.07 -16.41 51.05
CA ARG D 1030 -26.31 -17.59 50.24
C ARG D 1030 -27.79 -17.87 50.02
N ASP D 1031 -28.64 -16.86 50.18
CA ASP D 1031 -30.08 -17.00 49.97
C ASP D 1031 -30.45 -16.16 48.76
N ARG D 1032 -30.30 -16.74 47.58
CA ARG D 1032 -30.67 -16.09 46.33
C ARG D 1032 -31.38 -17.11 45.45
N CYS D 1033 -32.51 -16.70 44.87
CA CYS D 1033 -33.22 -17.59 43.96
C CYS D 1033 -32.36 -17.89 42.73
N ARG D 1034 -32.34 -19.15 42.34
CA ARG D 1034 -31.56 -19.62 41.21
C ARG D 1034 -32.48 -20.08 40.09
N VAL D 1035 -31.92 -20.21 38.91
CA VAL D 1035 -32.66 -20.65 37.73
C VAL D 1035 -32.65 -22.16 37.65
N ALA D 1036 -33.81 -22.75 37.36
CA ALA D 1036 -33.91 -24.20 37.27
C ALA D 1036 -35.09 -24.55 36.38
N GLN D 1037 -35.10 -25.80 35.92
CA GLN D 1037 -36.16 -26.33 35.10
C GLN D 1037 -36.87 -27.46 35.84
N LEU D 1038 -38.13 -27.68 35.46
CA LEU D 1038 -38.93 -28.72 36.09
C LEU D 1038 -39.68 -29.50 35.02
N ALA D 1039 -40.04 -30.73 35.36
CA ALA D 1039 -40.76 -31.63 34.47
C ALA D 1039 -42.08 -32.02 35.10
N LEU D 1040 -43.14 -31.99 34.30
CA LEU D 1040 -44.47 -32.40 34.75
C LEU D 1040 -44.70 -33.89 34.68
N LEU D 1041 -43.70 -34.66 34.22
CA LEU D 1041 -43.88 -36.10 34.05
C LEU D 1041 -44.14 -36.79 35.39
N ASP D 1042 -43.41 -36.40 36.43
CA ASP D 1042 -43.54 -37.04 37.73
C ASP D 1042 -43.37 -36.02 38.84
N GLY D 1043 -44.18 -36.12 39.87
CA GLY D 1043 -44.09 -35.25 41.01
C GLY D 1043 -45.43 -34.67 41.41
N PRO D 1044 -45.41 -33.64 42.25
CA PRO D 1044 -46.68 -33.02 42.68
C PRO D 1044 -47.44 -32.35 41.55
N PHE D 1045 -46.77 -32.00 40.45
CA PHE D 1045 -47.41 -31.33 39.32
C PHE D 1045 -47.82 -32.29 38.22
N ALA D 1046 -47.65 -33.60 38.43
CA ALA D 1046 -48.04 -34.58 37.41
C ALA D 1046 -49.54 -34.54 37.16
N ASP D 1047 -50.33 -34.17 38.17
CA ASP D 1047 -51.78 -34.13 38.00
C ASP D 1047 -52.20 -33.09 36.97
N LEU D 1048 -51.45 -32.00 36.85
CA LEU D 1048 -51.79 -30.92 35.92
C LEU D 1048 -51.18 -31.12 34.54
N GLY D 1049 -50.35 -32.13 34.34
CA GLY D 1049 -49.77 -32.35 33.02
C GLY D 1049 -50.82 -32.64 31.97
N ASP D 1050 -51.74 -33.55 32.27
CA ASP D 1050 -52.85 -33.83 31.36
C ASP D 1050 -53.97 -32.80 31.50
N GLY D 1051 -54.13 -32.21 32.68
CA GLY D 1051 -55.18 -31.25 32.92
C GLY D 1051 -55.18 -30.08 31.97
N GLY D 1052 -54.12 -29.26 32.02
CA GLY D 1052 -53.98 -28.18 31.06
C GLY D 1052 -54.54 -26.84 31.49
N CYS D 1053 -54.12 -26.36 32.66
CA CYS D 1053 -54.46 -25.01 33.13
C CYS D 1053 -53.18 -24.39 33.70
N TYR D 1054 -52.56 -23.51 32.93
CA TYR D 1054 -51.28 -22.94 33.34
C TYR D 1054 -51.43 -22.08 34.58
N GLY D 1055 -52.57 -21.38 34.71
CA GLY D 1055 -52.78 -20.54 35.87
C GLY D 1055 -52.82 -21.32 37.18
N ASP D 1056 -53.47 -22.48 37.16
CA ASP D 1056 -53.55 -23.30 38.37
C ASP D 1056 -52.16 -23.75 38.82
N LEU D 1057 -51.31 -24.14 37.88
CA LEU D 1057 -49.95 -24.54 38.22
C LEU D 1057 -49.17 -23.38 38.81
N PHE D 1058 -49.34 -22.18 38.23
CA PHE D 1058 -48.59 -21.01 38.70
C PHE D 1058 -48.92 -20.70 40.16
N CYS D 1059 -50.21 -20.64 40.49
CA CYS D 1059 -50.61 -20.30 41.85
C CYS D 1059 -50.18 -21.37 42.84
N LYS D 1060 -50.33 -22.65 42.47
CA LYS D 1060 -50.02 -23.73 43.41
C LYS D 1060 -48.54 -23.72 43.79
N ALA D 1061 -47.66 -23.53 42.80
CA ALA D 1061 -46.23 -23.53 43.08
C ALA D 1061 -45.83 -22.33 43.93
N LEU D 1062 -46.34 -21.15 43.61
CA LEU D 1062 -45.97 -19.95 44.35
C LEU D 1062 -46.45 -20.00 45.79
N LYS D 1063 -47.68 -20.46 46.00
CA LYS D 1063 -48.22 -20.53 47.37
C LYS D 1063 -47.47 -21.54 48.22
N THR D 1064 -47.14 -22.71 47.65
CA THR D 1064 -46.54 -23.77 48.43
C THR D 1064 -45.03 -23.60 48.57
N TYR D 1065 -44.31 -23.61 47.47
CA TYR D 1065 -42.85 -23.62 47.48
C TYR D 1065 -42.23 -22.26 47.23
N ASN D 1066 -43.03 -21.21 47.10
CA ASN D 1066 -42.53 -19.89 46.73
C ASN D 1066 -41.70 -19.94 45.45
N MET D 1067 -42.20 -20.71 44.48
CA MET D 1067 -41.54 -20.92 43.21
C MET D 1067 -42.29 -20.16 42.12
N LEU D 1068 -41.56 -19.42 41.31
CA LEU D 1068 -42.14 -18.56 40.28
C LEU D 1068 -41.92 -19.20 38.92
N CYS D 1069 -43.01 -19.52 38.22
CA CYS D 1069 -42.96 -20.11 36.89
C CYS D 1069 -43.25 -19.04 35.86
N PHE D 1070 -42.35 -18.87 34.89
CA PHE D 1070 -42.47 -17.78 33.93
C PHE D 1070 -42.13 -18.23 32.52
N GLY D 1071 -42.44 -19.47 32.17
CA GLY D 1071 -42.25 -19.93 30.81
C GLY D 1071 -42.49 -21.41 30.61
N ILE D 1072 -42.67 -21.81 29.35
CA ILE D 1072 -42.82 -23.21 28.98
C ILE D 1072 -41.86 -23.50 27.84
N TYR D 1073 -41.11 -24.59 27.96
CA TYR D 1073 -40.14 -25.00 26.95
C TYR D 1073 -40.72 -26.24 26.29
N ARG D 1074 -41.56 -26.01 25.28
CA ARG D 1074 -42.47 -27.03 24.75
C ARG D 1074 -41.83 -27.83 23.63
N LEU D 1075 -42.18 -29.11 23.55
CA LEU D 1075 -41.78 -29.95 22.44
C LEU D 1075 -42.30 -29.39 21.13
N ARG D 1076 -41.48 -29.46 20.08
CA ARG D 1076 -41.80 -28.77 18.83
C ARG D 1076 -43.04 -29.35 18.17
N ASP D 1077 -43.18 -30.68 18.14
CA ASP D 1077 -44.26 -31.34 17.43
C ASP D 1077 -45.37 -31.82 18.36
N ALA D 1078 -45.55 -31.15 19.50
CA ALA D 1078 -46.61 -31.53 20.43
C ALA D 1078 -48.00 -31.14 19.94
N HIS D 1079 -48.10 -30.30 18.91
CA HIS D 1079 -49.37 -29.84 18.40
C HIS D 1079 -49.80 -30.55 17.12
N LEU D 1080 -49.13 -31.64 16.76
CA LEU D 1080 -49.43 -32.37 15.54
C LEU D 1080 -50.10 -33.70 15.88
N SER D 1081 -51.09 -34.08 15.07
CA SER D 1081 -51.78 -35.35 15.28
C SER D 1081 -50.86 -36.53 15.01
N THR D 1082 -50.07 -36.46 13.93
CA THR D 1082 -49.18 -37.56 13.59
C THR D 1082 -48.06 -37.68 14.62
N PRO D 1083 -47.64 -38.89 14.95
CA PRO D 1083 -46.53 -39.06 15.89
C PRO D 1083 -45.19 -38.77 15.24
N SER D 1084 -44.21 -38.49 16.08
CA SER D 1084 -42.85 -38.21 15.64
C SER D 1084 -41.87 -38.55 16.75
N GLN D 1085 -40.59 -38.48 16.42
CA GLN D 1085 -39.52 -38.77 17.38
C GLN D 1085 -38.57 -37.60 17.58
N CYS D 1086 -38.86 -36.45 16.98
CA CYS D 1086 -38.01 -35.28 17.18
C CYS D 1086 -38.06 -34.81 18.62
N THR D 1087 -36.89 -34.46 19.16
CA THR D 1087 -36.78 -34.03 20.55
C THR D 1087 -36.36 -32.57 20.67
N LYS D 1088 -36.59 -31.77 19.64
CA LYS D 1088 -36.31 -30.34 19.69
C LYS D 1088 -37.44 -29.60 20.36
N ARG D 1089 -37.09 -28.59 21.15
CA ARG D 1089 -38.06 -27.80 21.90
C ARG D 1089 -37.79 -26.32 21.67
N TYR D 1090 -38.83 -25.51 21.84
CA TYR D 1090 -38.73 -24.06 21.71
C TYR D 1090 -39.31 -23.42 22.96
N VAL D 1091 -39.12 -22.10 23.06
CA VAL D 1091 -39.44 -21.35 24.28
C VAL D 1091 -40.75 -20.59 24.09
N ILE D 1092 -41.62 -20.65 25.08
CA ILE D 1092 -42.83 -19.84 25.15
C ILE D 1092 -42.73 -18.98 26.40
N THR D 1093 -42.77 -17.67 26.23
CA THR D 1093 -42.55 -16.72 27.31
C THR D 1093 -43.88 -16.18 27.82
N ASN D 1094 -44.13 -16.36 29.11
CA ASN D 1094 -45.29 -15.83 29.81
C ASN D 1094 -46.59 -16.17 29.07
N PRO D 1095 -47.03 -17.43 29.13
CA PRO D 1095 -48.29 -17.79 28.48
C PRO D 1095 -49.47 -17.24 29.27
N PRO D 1096 -50.63 -17.10 28.63
CA PRO D 1096 -51.82 -16.59 29.34
C PRO D 1096 -52.30 -17.54 30.43
N TYR D 1097 -53.31 -17.11 31.18
CA TYR D 1097 -53.83 -17.93 32.27
C TYR D 1097 -54.47 -19.21 31.75
N GLU D 1098 -55.22 -19.12 30.66
CA GLU D 1098 -55.95 -20.27 30.11
C GLU D 1098 -55.13 -20.91 28.99
N PHE D 1099 -54.06 -21.59 29.40
CA PHE D 1099 -53.16 -22.26 28.48
C PHE D 1099 -53.16 -23.76 28.76
N GLU D 1100 -53.30 -24.55 27.71
CA GLU D 1100 -53.31 -26.01 27.85
C GLU D 1100 -51.89 -26.54 28.02
N LEU D 1101 -51.75 -27.54 28.89
CA LEU D 1101 -50.47 -28.17 29.17
C LEU D 1101 -50.49 -29.62 28.69
N VAL D 1102 -49.30 -30.14 28.39
CA VAL D 1102 -49.13 -31.54 27.99
C VAL D 1102 -48.08 -32.16 28.89
N PRO D 1103 -48.10 -33.47 29.13
CA PRO D 1103 -47.13 -34.07 30.07
C PRO D 1103 -45.69 -33.92 29.61
N THR D 1104 -45.43 -33.75 28.32
CA THR D 1104 -44.07 -33.59 27.82
C THR D 1104 -43.70 -32.11 27.72
N ASP D 1105 -43.77 -31.44 28.87
CA ASP D 1105 -43.48 -30.02 28.95
C ASP D 1105 -42.50 -29.74 30.08
N LEU D 1106 -41.62 -28.76 29.85
CA LEU D 1106 -40.68 -28.29 30.84
C LEU D 1106 -40.98 -26.82 31.13
N ILE D 1107 -41.02 -26.46 32.40
CA ILE D 1107 -41.39 -25.11 32.83
C ILE D 1107 -40.18 -24.46 33.48
N PHE D 1108 -39.86 -23.24 33.05
CA PHE D 1108 -38.81 -22.47 33.70
C PHE D 1108 -39.27 -22.01 35.07
N CYS D 1109 -38.35 -21.99 36.03
CA CYS D 1109 -38.70 -21.68 37.40
C CYS D 1109 -37.55 -20.95 38.08
N LEU D 1110 -37.89 -20.25 39.17
CA LEU D 1110 -36.93 -19.68 40.08
C LEU D 1110 -37.16 -20.29 41.45
N MET D 1111 -36.13 -20.94 42.00
CA MET D 1111 -36.28 -21.73 43.21
C MET D 1111 -35.46 -21.12 44.34
N GLN D 1112 -36.03 -21.15 45.55
CA GLN D 1112 -35.35 -20.61 46.72
C GLN D 1112 -34.24 -21.54 47.17
N PHE D 1113 -33.14 -20.94 47.64
CA PHE D 1113 -32.09 -21.73 48.25
C PHE D 1113 -32.60 -22.36 49.54
N ASP D 1114 -32.27 -23.64 49.74
CA ASP D 1114 -32.67 -24.39 50.92
C ASP D 1114 -31.42 -24.73 51.72
N HIS D 1115 -31.38 -24.29 52.97
CA HIS D 1115 -30.17 -24.45 53.78
C HIS D 1115 -29.87 -25.93 54.03
N ASN D 1116 -30.89 -26.73 54.31
CA ASN D 1116 -30.68 -28.15 54.49
C ASN D 1116 -30.63 -28.87 53.15
N ALA D 1117 -29.92 -29.99 53.11
CA ALA D 1117 -29.78 -30.76 51.88
C ALA D 1117 -29.52 -32.22 52.24
N GLY D 1118 -29.95 -33.12 51.35
CA GLY D 1118 -29.67 -34.54 51.56
C GLY D 1118 -28.19 -34.85 51.53
N GLN D 1119 -27.47 -34.27 50.57
CA GLN D 1119 -26.02 -34.46 50.43
C GLN D 1119 -25.63 -35.93 50.34
MG MG E . 18.54 41.01 3.54
CA CA F . 9.43 40.83 29.58
CA CA G . -10.36 20.02 31.95
K K H . -17.86 28.76 -35.71
K K I . -16.67 26.84 -33.23
K K J . -15.46 24.90 -30.93
C1 A1L4E K . -1.90 14.50 -55.63
C2 A1L4E K . -1.61 13.82 -54.48
C3 A1L4E K . -2.53 13.00 -53.85
C4 A1L4E K . -3.77 12.88 -54.47
C5 A1L4E K . -4.06 13.55 -55.63
C6 A1L4E K . -3.13 14.37 -56.24
C8 A1L4E K . -2.97 16.26 -57.77
C9 A1L4E K . -2.94 17.31 -56.84
C10 A1L4E K . -2.43 18.54 -57.21
C11 A1L4E K . -1.96 18.70 -58.50
C12 A1L4E K . -1.97 17.68 -59.41
C13 A1L4E K . -2.48 16.45 -59.04
C18 A1L4E K . -2.22 12.26 -52.57
F1 A1L4E K . -3.29 12.04 -51.83
F14 A1L4E K . -5.28 13.40 -56.19
F15 A1L4E K . -4.72 12.10 -53.94
F16 A1L4E K . -0.94 15.28 -56.18
F17 A1L4E K . -0.39 13.99 -53.94
F2 A1L4E K . -1.36 12.94 -51.81
F3 A1L4E K . -1.66 11.08 -52.80
N20 A1L4E K . -1.42 20.02 -58.88
O19 A1L4E K . -3.42 17.13 -55.58
O7 A1L4E K . -3.47 15.02 -57.41
CAA Y01 L . 1.48 7.06 -55.14
CBA Y01 L . 0.72 8.38 -55.23
CAB Y01 L . 0.94 9.20 -53.97
CAN Y01 L . -0.77 8.14 -55.47
CAJ Y01 L . -1.63 9.37 -55.43
CAO Y01 L . -3.10 9.08 -55.54
CBB Y01 L . -3.59 8.63 -56.93
CAC Y01 L . -4.52 7.42 -56.78
CBE Y01 L . -4.23 9.82 -57.66
CAP Y01 L . -3.18 10.92 -57.99
CAQ Y01 L . -3.52 11.47 -59.39
CBG Y01 L . -4.97 11.03 -59.58
CBI Y01 L . -5.00 9.60 -59.00
CAE Y01 L . -4.25 8.61 -59.90
CAU Y01 L . -6.49 9.22 -58.90
CAS Y01 L . -7.22 9.36 -60.23
CBF Y01 L . -7.08 10.74 -60.88
CBD Y01 L . -5.60 11.17 -60.95
CAK Y01 L . -5.48 12.61 -61.45
CAI Y01 L . -6.46 12.94 -62.53
CAZ Y01 L . -7.42 12.13 -62.96
CAV Y01 L . -8.23 12.47 -64.18
CBH Y01 L . -7.80 10.84 -62.25
CAD Y01 L . -7.45 9.66 -63.17
CAT Y01 L . -9.33 10.87 -62.01
CAR Y01 L . -10.14 11.23 -63.25
CBC Y01 L . -9.70 12.55 -63.84
OAW Y01 L . -10.44 12.81 -65.07
CAY Y01 L . -10.36 14.02 -65.61
OAG Y01 L . -9.81 14.95 -65.09
CAM Y01 L . -11.03 14.08 -66.94
CAL Y01 L . -12.52 13.78 -66.91
CAX Y01 L . -13.31 14.61 -65.90
OAH Y01 L . -13.92 14.01 -65.01
OAF Y01 L . -13.29 15.85 -66.02
CAA Y01 M . -4.21 6.41 -48.89
CBA Y01 M . -3.61 7.71 -49.39
CAB Y01 M . -2.10 7.66 -49.37
CAN Y01 M . -4.13 8.07 -50.80
CAJ Y01 M . -5.63 8.23 -50.90
CAO Y01 M . -6.09 8.53 -52.31
CBB Y01 M . -7.61 8.68 -52.47
CAC Y01 M . -8.10 9.85 -51.61
CBE Y01 M . -7.97 8.83 -53.97
CAP Y01 M . -7.34 7.71 -54.84
CAQ Y01 M . -8.36 7.39 -55.95
CBG Y01 M . -9.30 8.59 -55.92
CBI Y01 M . -9.46 8.87 -54.42
CAE Y01 M . -10.25 7.74 -53.71
CAU Y01 M . -10.20 10.21 -54.29
CAS Y01 M . -11.54 10.17 -55.03
CBF Y01 M . -11.40 9.82 -56.51
CBD Y01 M . -10.60 8.51 -56.71
CAK Y01 M . -10.32 8.31 -58.20
CAI Y01 M . -11.48 8.68 -59.07
CAZ Y01 M . -12.59 9.25 -58.66
CAV Y01 M . -13.76 9.46 -59.61
CBH Y01 M . -12.77 9.79 -57.24
CAD Y01 M . -13.78 8.88 -56.53
CAT Y01 M . -13.32 11.23 -57.32
CAR Y01 M . -14.53 11.37 -58.23
CBC Y01 M . -14.22 10.90 -59.63
OAW Y01 M . -15.43 11.00 -60.43
CAY Y01 M . -15.32 11.09 -61.76
OAG Y01 M . -14.31 10.84 -62.36
CAM Y01 M . -16.59 11.58 -62.39
CAL Y01 M . -16.49 12.95 -63.03
CAX Y01 M . -17.83 13.53 -63.48
OAH Y01 M . -18.87 12.87 -63.29
OAF Y01 M . -17.83 14.66 -64.02
CAA Y01 N . -11.98 6.83 -47.43
CBA Y01 N . -12.16 6.19 -48.80
CAB Y01 N . -10.97 5.31 -49.14
CAN Y01 N . -12.40 7.24 -49.87
CAJ Y01 N . -13.68 8.04 -49.74
CAO Y01 N . -13.81 9.13 -50.78
CBB Y01 N . -15.14 9.90 -50.73
CAC Y01 N . -15.36 10.50 -49.34
CBE Y01 N . -15.16 10.98 -51.84
CAP Y01 N . -14.42 10.53 -53.12
CAQ Y01 N . -14.96 11.40 -54.27
CBG Y01 N . -15.97 12.32 -53.59
CBI Y01 N . -16.52 11.47 -52.43
CAE Y01 N . -17.35 10.28 -52.93
CAU Y01 N . -17.36 12.40 -51.55
CAS Y01 N . -18.48 13.06 -52.36
CBF Y01 N . -17.94 13.86 -53.55
CBD Y01 N . -17.02 13.01 -54.45
CAK Y01 N . -16.37 13.90 -55.49
CAI Y01 N . -17.29 14.92 -56.07
CAZ Y01 N . -18.51 15.19 -55.62
CAV Y01 N . -19.40 16.18 -56.34
CBH Y01 N . -19.09 14.55 -54.35
CAD Y01 N . -20.18 13.56 -54.78
CAT Y01 N . -19.70 15.67 -53.48
CAR Y01 N . -20.63 16.61 -54.24
CBC Y01 N . -19.90 17.25 -55.40
OAW Y01 N . -20.81 18.12 -56.13
CAY Y01 N . -20.36 19.30 -56.58
OAG Y01 N . -20.97 19.97 -57.36
CAM Y01 N . -19.05 19.69 -55.97
CAL Y01 N . -18.48 21.03 -56.37
CAX Y01 N . -17.17 21.40 -55.70
OAH Y01 N . -16.19 20.64 -55.86
OAF Y01 N . -17.14 22.43 -55.00
CAA Y01 O . 8.52 33.09 -34.17
CBA Y01 O . 8.45 34.38 -34.96
CAB Y01 O . 7.76 35.47 -34.14
CAN Y01 O . 7.75 34.18 -36.31
CAJ Y01 O . 7.61 35.41 -37.15
CAO Y01 O . 6.90 35.15 -38.46
CBB Y01 O . 6.64 36.37 -39.34
CAC Y01 O . 7.97 36.97 -39.81
CBE Y01 O . 5.71 36.00 -40.51
CAP Y01 O . 4.58 35.03 -40.05
CAQ Y01 O . 3.44 35.18 -41.07
CBG Y01 O . 3.96 36.20 -42.08
CBI Y01 O . 4.91 37.10 -41.27
CAE Y01 O . 4.14 37.98 -40.26
CAU Y01 O . 5.67 37.95 -42.28
CAS Y01 O . 4.70 38.79 -43.13
CBF Y01 O . 3.64 37.96 -43.87
CBD Y01 O . 2.95 36.96 -42.92
CAK Y01 O . 2.10 35.99 -43.74
CAI Y01 O . 1.26 36.71 -44.75
CAZ Y01 O . 1.41 38.00 -45.06
CAV Y01 O . 0.41 38.71 -45.93
CBH Y01 O . 2.60 38.84 -44.61
CAD Y01 O . 2.06 39.96 -43.71
CAT Y01 O . 3.22 39.46 -45.88
CAR Y01 O . 2.21 40.21 -46.74
CBC Y01 O . 1.05 39.32 -47.15
OAW Y01 O . 0.03 40.14 -47.78
CAY Y01 O . -1.12 39.56 -48.10
OAG Y01 O . -1.21 38.47 -48.59
CAM Y01 O . -2.31 40.40 -47.68
CAL Y01 O . -3.36 40.72 -48.71
CAX Y01 O . -4.55 41.49 -48.16
OAH Y01 O . -5.20 40.97 -47.23
OAF Y01 O . -4.84 42.60 -48.66
CAA Y01 P . 7.95 28.08 -34.59
CBA Y01 P . 6.86 28.78 -35.37
CAB Y01 P . 5.49 28.27 -34.95
CAN Y01 P . 7.07 28.63 -36.88
CAJ Y01 P . 6.01 29.23 -37.75
CAO Y01 P . 6.27 29.09 -39.24
CBB Y01 P . 7.16 30.17 -39.87
CAC Y01 P . 8.64 29.88 -39.63
CBE Y01 P . 6.81 30.34 -41.36
CAP Y01 P . 5.28 30.30 -41.60
CAQ Y01 P . 4.98 31.33 -42.71
CBG Y01 P . 6.34 31.56 -43.34
CBI Y01 P . 7.30 31.60 -42.13
CAE Y01 P . 7.08 32.85 -41.27
CAU Y01 P . 8.72 31.59 -42.70
CAS Y01 P . 8.95 32.77 -43.63
CBF Y01 P . 7.96 32.83 -44.81
CBD Y01 P . 6.50 32.72 -44.32
CAK Y01 P . 5.58 32.54 -45.52
CAI Y01 P . 5.95 33.41 -46.67
CAZ Y01 P . 7.04 34.17 -46.73
CAV Y01 P . 7.25 35.14 -47.87
CBH Y01 P . 8.17 34.08 -45.71
CAD Y01 P . 8.16 35.38 -44.89
CAT Y01 P . 9.51 33.95 -46.47
CAR Y01 P . 9.69 34.99 -47.57
CBC Y01 P . 8.56 34.92 -48.57
OAW Y01 P . 8.69 35.95 -49.58
CAY Y01 P . 7.89 35.89 -50.63
OAG Y01 P . 7.60 34.86 -51.18
CAM Y01 P . 7.31 37.23 -51.00
CAL Y01 P . 7.45 37.69 -52.44
CAX Y01 P . 6.57 38.87 -52.80
OAH Y01 P . 5.34 38.73 -52.72
OAF Y01 P . 7.12 39.92 -53.16
MG MG Q . 26.20 -3.78 -34.61
CA CA R . 47.44 1.49 -17.58
CA CA S . 37.50 14.89 5.74
C1 A1L4E T . -40.15 10.76 -40.76
C2 A1L4E T . -39.45 10.30 -39.67
C3 A1L4E T . -39.52 10.94 -38.44
C4 A1L4E T . -40.32 12.06 -38.35
C5 A1L4E T . -41.03 12.52 -39.44
C6 A1L4E T . -40.96 11.88 -40.67
C8 A1L4E T . -41.25 12.35 -43.03
C9 A1L4E T . -39.91 12.65 -43.36
C10 A1L4E T . -39.50 12.62 -44.67
C11 A1L4E T . -40.41 12.28 -45.66
C12 A1L4E T . -41.71 11.99 -45.35
C13 A1L4E T . -42.12 12.02 -44.04
C18 A1L4E T . -38.74 10.43 -37.25
F1 A1L4E T . -38.37 11.41 -36.43
F14 A1L4E T . -41.80 13.62 -39.30
F15 A1L4E T . -40.44 12.73 -37.20
F16 A1L4E T . -40.06 10.09 -41.92
F17 A1L4E T . -38.69 9.20 -39.83
F2 A1L4E T . -37.63 9.79 -37.60
F3 A1L4E T . -39.44 9.58 -36.51
N20 A1L4E T . -39.96 12.26 -47.05
O19 A1L4E T . -39.02 12.99 -42.39
O7 A1L4E T . -41.67 12.38 -41.71
CAA Y01 U . -15.03 5.52 -45.54
CBA Y01 U . -15.61 6.49 -44.54
CAB Y01 U . -14.89 6.36 -43.19
CAN Y01 U . -15.55 7.93 -45.05
CAJ Y01 U . -16.40 8.22 -46.26
CAO Y01 U . -17.82 7.70 -46.12
CBB Y01 U . -18.85 8.35 -47.04
CAC Y01 U . -18.82 9.86 -46.88
CBE Y01 U . -18.64 7.90 -48.50
CAP Y01 U . -18.39 6.37 -48.60
CAQ Y01 U . -19.03 5.89 -49.91
CBG Y01 U . -19.34 7.18 -50.66
CBI Y01 U . -19.76 8.16 -49.55
CAE Y01 U . -21.13 7.81 -48.95
CAU Y01 U . -19.78 9.55 -50.19
CAS Y01 U . -20.73 9.60 -51.39
CBF Y01 U . -20.43 8.53 -52.46
CBD Y01 U . -20.31 7.13 -51.84
CAK Y01 U . -19.83 6.12 -52.88
CAI Y01 U . -20.45 6.33 -54.21
CAZ Y01 U . -21.24 7.34 -54.53
CAV Y01 U . -21.99 7.37 -55.85
CBH Y01 U . -21.42 8.58 -53.65
CAD Y01 U . -22.88 8.64 -53.18
CAT Y01 U . -21.11 9.82 -54.52
CAR Y01 U . -21.85 9.84 -55.86
CBC Y01 U . -21.59 8.58 -56.65
OAW Y01 U . -22.42 8.61 -57.86
CAY Y01 U . -21.96 9.26 -58.92
OAG Y01 U . -20.86 9.13 -59.34
CAM Y01 U . -22.99 10.18 -59.50
CAL Y01 U . -24.32 10.27 -58.80
CAX Y01 U . -25.32 11.23 -59.41
OAH Y01 U . -25.72 12.20 -58.72
OAF Y01 U . -25.69 11.02 -60.58
CAA Y01 V . -39.51 5.31 -36.22
CBA Y01 V . -40.39 6.37 -35.59
CAB Y01 V . -41.10 5.82 -34.37
CAN Y01 V . -41.38 6.94 -36.60
CAJ Y01 V . -42.28 8.04 -36.08
CAO Y01 V . -42.92 8.84 -37.19
CBB Y01 V . -43.72 10.07 -36.73
CAC Y01 V . -42.87 10.98 -35.85
CBE Y01 V . -44.29 10.79 -37.96
CAP Y01 V . -44.91 9.78 -38.97
CAQ Y01 V . -46.22 10.40 -39.48
CBG Y01 V . -46.01 11.88 -39.20
CBI Y01 V . -45.38 11.89 -37.80
CAE Y01 V . -46.40 11.47 -36.71
CAU Y01 V . -44.89 13.32 -37.55
CAS Y01 V . -46.02 14.34 -37.71
CBF Y01 V . -46.74 14.27 -39.06
CBD Y01 V . -47.18 12.83 -39.40
CAK Y01 V . -47.68 12.77 -40.84
CAI Y01 V . -48.49 13.95 -41.23
CAZ Y01 V . -48.70 15.01 -40.45
CAV Y01 V . -49.74 16.03 -40.83
CBH Y01 V . -47.92 15.28 -39.19
CAD Y01 V . -48.87 15.19 -37.98
CAT Y01 V . -47.36 16.72 -39.29
CAR Y01 V . -48.42 17.75 -39.66
CBC Y01 V . -49.11 17.40 -40.95
OAW Y01 V . -50.19 18.35 -41.20
CAY Y01 V . -49.88 19.55 -41.69
OAG Y01 V . -48.87 19.78 -42.28
CAM Y01 V . -50.96 20.56 -41.40
CAL Y01 V . -50.54 21.71 -40.51
CAX Y01 V . -51.65 22.70 -40.21
OAH Y01 V . -52.17 23.31 -41.16
OAF Y01 V . -51.99 22.85 -39.02
CAA Y01 W . -40.60 12.76 -29.80
CBA Y01 W . -39.80 12.67 -31.09
CAB Y01 W . -39.50 11.22 -31.41
CAN Y01 W . -40.52 13.37 -32.24
CAJ Y01 W . -40.90 14.80 -32.00
CAO Y01 W . -41.69 15.38 -33.14
CBB Y01 W . -42.27 16.79 -32.89
CAC Y01 W . -41.14 17.81 -32.80
CBE Y01 W . -43.30 17.12 -33.98
CAP Y01 W . -44.29 15.94 -34.20
CAQ Y01 W . -45.66 16.56 -34.53
CBG Y01 W . -45.32 18.01 -34.85
CBI Y01 W . -44.22 18.37 -33.82
CAE Y01 W . -44.78 18.44 -32.39
CAU Y01 W . -43.63 19.71 -34.25
CAS Y01 W . -44.71 20.79 -34.38
CBF Y01 W . -45.85 20.40 -35.33
CBD Y01 W . -46.45 19.03 -34.95
CAK Y01 W . -47.46 18.58 -36.00
CAI Y01 W . -48.28 19.70 -36.55
CAZ Y01 W . -48.12 20.98 -36.26
CAV Y01 W . -49.09 22.01 -36.76
CBH Y01 W . -46.92 21.51 -35.47
CAD Y01 W . -47.43 22.00 -34.09
CAT Y01 W . -46.30 22.70 -36.24
CAR Y01 W . -47.32 23.71 -36.76
CBC Y01 W . -48.38 23.04 -37.61
OAW Y01 W . -49.34 24.03 -38.05
CAY Y01 W . -48.99 24.82 -39.06
OAG Y01 W . -48.51 24.40 -40.08
CAM Y01 W . -49.25 26.26 -38.77
CAL Y01 W . -48.02 27.14 -38.60
CAX Y01 W . -46.92 26.92 -39.63
OAH Y01 W . -45.81 26.54 -39.23
OAF Y01 W . -47.19 27.12 -40.83
MG MG X . -29.04 -23.63 -24.83
CA CA Y . -8.31 -42.25 -28.45
CA CA Z . 15.95 -29.24 -20.77
C1 A1L4E AA . -34.03 43.53 -16.36
C2 A1L4E AA . -33.28 42.69 -15.56
C3 A1L4E AA . -31.92 42.90 -15.36
C4 A1L4E AA . -31.35 44.00 -15.99
C5 A1L4E AA . -32.11 44.85 -16.77
C6 A1L4E AA . -33.46 44.64 -16.97
C8 A1L4E AA . -35.25 45.14 -18.55
C9 A1L4E AA . -35.18 43.98 -19.33
C10 A1L4E AA . -36.26 43.62 -20.11
C11 A1L4E AA . -37.40 44.40 -20.08
C12 A1L4E AA . -37.48 45.53 -19.31
C13 A1L4E AA . -36.40 45.89 -18.54
C18 A1L4E AA . -31.11 41.97 -14.50
F1 A1L4E AA . -29.84 41.91 -14.88
F14 A1L4E AA . -31.50 45.90 -17.35
F15 A1L4E AA . -30.06 44.27 -15.83
F16 A1L4E AA . -35.34 43.28 -16.51
F17 A1L4E AA . -33.90 41.65 -15.00
F2 A1L4E AA . -31.56 40.72 -14.54
F3 A1L4E AA . -31.11 42.33 -13.22
N20 A1L4E AA . -38.54 43.99 -20.91
O19 A1L4E AA . -34.05 43.22 -19.36
O7 A1L4E AA . -34.16 45.50 -17.75
CAA Y01 BA . -37.77 16.68 -26.45
CBA Y01 BA . -39.21 16.28 -26.16
CAB Y01 BA . -39.42 14.81 -26.51
CAN Y01 BA . -40.18 17.17 -26.93
CAJ Y01 BA . -40.07 17.11 -28.43
CAO Y01 BA . -40.97 18.08 -29.14
CBB Y01 BA . -40.51 19.54 -29.11
CAC Y01 BA . -38.99 19.62 -29.14
CBE Y01 BA . -41.17 20.31 -30.27
CAP Y01 BA . -42.72 20.35 -30.13
CAQ Y01 BA . -43.20 21.63 -30.87
CBG Y01 BA . -41.94 22.15 -31.55
CBI Y01 BA . -40.81 21.80 -30.57
CAE Y01 BA . -40.89 22.62 -29.27
CAU Y01 BA . -39.48 22.05 -31.29
CAS Y01 BA . -39.40 23.50 -31.76
CBF Y01 BA . -40.55 23.90 -32.69
CBD Y01 BA . -41.92 23.58 -32.08
CAK Y01 BA . -43.01 23.77 -33.14
CAI Y01 BA . -42.75 24.92 -34.05
CAZ Y01 BA . -41.70 25.72 -33.99
CAV Y01 BA . -41.63 27.01 -34.78
CBH Y01 BA . -40.45 25.37 -33.17
CAD Y01 BA . -40.38 26.36 -31.98
CAT Y01 BA . -39.21 25.54 -34.07
CAR Y01 BA . -39.16 26.86 -34.82
CBC Y01 BA . -40.40 27.05 -35.66
OAW Y01 BA . -40.35 28.37 -36.29
CAY Y01 BA . -40.91 28.50 -37.50
OAG Y01 BA . -41.82 29.23 -37.73
CAM Y01 BA . -40.24 27.62 -38.52
CAL Y01 BA . -38.76 27.89 -38.75
CAX Y01 BA . -38.08 26.92 -39.69
OAH Y01 BA . -36.86 27.08 -39.92
OAF Y01 BA . -38.77 26.02 -40.20
CAA Y01 CA . -36.68 18.67 -22.28
CBA Y01 CA . -35.79 19.18 -23.40
CAB Y01 CA . -34.80 20.20 -22.86
CAN Y01 CA . -36.61 19.77 -24.54
CAJ Y01 CA . -37.24 21.11 -24.26
CAO Y01 CA . -38.33 21.46 -25.24
CBB Y01 CA . -38.80 22.92 -25.21
CAC Y01 CA . -37.78 23.82 -25.92
CBE Y01 CA . -40.21 23.02 -25.80
CAP Y01 CA . -41.23 22.18 -24.98
CAQ Y01 CA . -42.57 22.91 -25.04
CBG Y01 CA . -42.37 23.92 -26.16
CBI Y01 CA . -40.92 24.40 -25.96
CAE Y01 CA . -40.76 25.23 -24.67
CAU Y01 CA . -40.54 25.23 -27.19
CAS Y01 CA . -41.55 26.35 -27.47
CBF Y01 CA . -43.00 25.86 -27.58
CBD Y01 CA . -43.39 25.03 -26.34
CAK Y01 CA . -44.79 24.44 -26.50
CAI Y01 CA . -45.75 25.39 -27.14
CAZ Y01 CA . -45.43 26.57 -27.65
CAV Y01 CA . -46.49 27.54 -28.10
CBH Y01 CA . -43.99 27.02 -27.88
CAD Y01 CA . -43.71 28.25 -27.02
CAT Y01 CA . -43.88 27.40 -29.39
CAR Y01 CA . -44.96 28.38 -29.85
CBC Y01 CA . -46.34 27.86 -29.57
OAW Y01 CA . -47.31 28.89 -29.91
CAY Y01 CA . -48.61 28.57 -29.96
OAG Y01 CA . -49.02 27.46 -29.80
CAM Y01 CA . -49.46 29.76 -30.29
CAL Y01 CA . -49.24 30.43 -31.62
CAX Y01 CA . -47.90 31.12 -31.78
OAH Y01 CA . -47.13 30.72 -32.67
OAF Y01 CA . -47.64 32.07 -31.02
CAA Y01 DA . -31.00 44.36 -8.37
CBA Y01 DA . -31.77 43.47 -9.35
CAB Y01 DA . -30.92 42.30 -9.78
CAN Y01 DA . -32.26 44.28 -10.55
CAJ Y01 DA . -31.24 45.19 -11.18
CAO Y01 DA . -31.75 45.82 -12.46
CBB Y01 DA . -30.89 46.99 -12.98
CAC Y01 DA . -29.49 46.50 -13.34
CBE Y01 DA . -31.61 47.65 -14.17
CAP Y01 DA . -33.16 47.54 -14.03
CAQ Y01 DA . -33.76 48.85 -14.57
CBG Y01 DA . -32.60 49.46 -15.35
CBI Y01 DA . -31.37 49.17 -14.47
CAE Y01 DA . -31.40 49.97 -13.15
CAU Y01 DA . -30.14 49.51 -15.31
CAS Y01 DA . -30.18 50.97 -15.77
CBF Y01 DA . -31.44 51.33 -16.57
CBD Y01 DA . -32.73 50.90 -15.83
CAK Y01 DA . -33.92 51.05 -16.76
CAI Y01 DA . -33.85 52.28 -17.62
CAZ Y01 DA . -32.84 53.13 -17.62
CAV Y01 DA . -32.95 54.47 -18.31
CBH Y01 DA . -31.49 52.82 -16.99
CAD Y01 DA . -31.29 53.76 -15.79
CAT Y01 DA . -30.39 53.09 -18.05
CAR Y01 DA . -30.52 54.45 -18.71
CBC Y01 DA . -31.86 54.63 -19.36
OAW Y01 DA . -31.98 55.98 -19.90
CAY Y01 DA . -32.95 56.24 -20.76
OAG Y01 DA . -33.74 57.13 -20.63
CAM Y01 DA . -32.92 55.29 -21.92
CAL Y01 DA . -32.70 55.94 -23.27
CAX Y01 DA . -31.53 56.91 -23.31
OAH Y01 DA . -31.75 58.09 -23.62
OAF Y01 DA . -30.39 56.47 -23.02
CAA Y01 EA . -27.46 41.86 -11.80
CBA Y01 EA . -26.28 42.59 -12.43
CAB Y01 EA . -25.50 43.34 -11.37
CAN Y01 EA . -26.75 43.54 -13.55
CAJ Y01 EA . -25.67 44.35 -14.20
CAO Y01 EA . -26.23 45.37 -15.17
CBB Y01 EA . -25.20 46.31 -15.81
CAC Y01 EA . -24.38 45.57 -16.87
CBE Y01 EA . -25.92 47.56 -16.34
CAP Y01 EA . -26.72 48.28 -15.23
CAQ Y01 EA . -26.63 49.78 -15.49
CBG Y01 EA . -26.16 49.83 -16.94
CBI Y01 EA . -25.11 48.71 -17.02
CAE Y01 EA . -23.86 49.04 -16.18
CAU Y01 EA . -24.75 48.53 -18.49
CAS Y01 EA . -24.27 49.85 -19.13
CBF Y01 EA . -25.29 50.99 -18.98
CBD Y01 EA . -25.73 51.18 -17.52
CAK Y01 EA . -26.88 52.18 -17.43
CAI Y01 EA . -26.75 53.31 -18.41
CAZ Y01 EA . -25.78 53.44 -19.30
CAV Y01 EA . -25.62 54.71 -20.10
CBH Y01 EA . -24.79 52.32 -19.62
CAD Y01 EA . -23.41 52.74 -19.09
CAT Y01 EA . -24.73 52.13 -21.15
CAR Y01 EA . -24.57 53.45 -21.93
CBC Y01 EA . -25.67 54.41 -21.59
OAW Y01 EA . -25.46 55.66 -22.30
CAY Y01 EA . -26.48 56.51 -22.43
OAG Y01 EA . -27.53 56.37 -21.88
CAM Y01 EA . -26.14 57.65 -23.35
CAL Y01 EA . -24.78 57.64 -24.00
CAX Y01 EA . -24.56 56.52 -25.00
OAH Y01 EA . -25.31 56.45 -25.99
OAF Y01 EA . -23.63 55.71 -24.78
MG MG FA . -36.11 19.66 15.06
CA CA GA . -30.90 -25.48 7.68
CA CA HA . -44.67 -5.77 22.73
C1 A1L4E IA . 4.16 46.93 -34.27
C2 A1L4E IA . 4.47 45.91 -33.41
C3 A1L4E IA . 4.38 46.06 -32.04
C4 A1L4E IA . 3.93 47.29 -31.57
C5 A1L4E IA . 3.60 48.31 -32.42
C6 A1L4E IA . 3.69 48.14 -33.80
C8 A1L4E IA . 2.37 50.06 -34.49
C9 A1L4E IA . 1.11 49.65 -33.99
C10 A1L4E IA . 0.12 50.57 -33.80
C11 A1L4E IA . 0.36 51.90 -34.09
C12 A1L4E IA . 1.58 52.32 -34.57
C13 A1L4E IA . 2.58 51.40 -34.76
C18 A1L4E IA . 4.74 44.94 -31.09
F1 A1L4E IA . 5.24 45.38 -29.94
F14 A1L4E IA . 3.18 49.48 -31.91
F15 A1L4E IA . 3.81 47.51 -30.26
F16 A1L4E IA . 4.26 46.73 -35.60
F17 A1L4E IA . 4.90 44.75 -33.93
F2 A1L4E IA . 5.65 44.11 -31.61
F3 A1L4E IA . 3.69 44.19 -30.78
N20 A1L4E IA . -0.71 52.87 -33.87
O19 A1L4E IA . 0.89 48.33 -33.71
O7 A1L4E IA . 3.39 49.13 -34.69
CAA Y01 JA . -19.04 45.36 -14.51
CBA Y01 JA . -19.89 44.29 -15.17
CAB Y01 JA . -19.09 43.02 -15.34
CAN Y01 JA . -20.47 44.79 -16.49
CAJ Y01 JA . -19.46 45.17 -17.54
CAO Y01 JA . -20.05 45.99 -18.67
CBB Y01 JA . -20.71 47.32 -18.24
CAC Y01 JA . -19.80 48.08 -17.27
CBE Y01 JA . -21.15 48.17 -19.45
CAP Y01 JA . -21.00 49.68 -19.14
CAQ Y01 JA . -21.02 50.40 -20.51
CBG Y01 JA . -21.17 49.27 -21.53
CBI Y01 JA . -20.48 48.06 -20.85
CAE Y01 JA . -18.96 48.27 -20.77
CAU Y01 JA . -20.82 46.84 -21.70
CAS Y01 JA . -20.36 47.03 -23.15
CBF Y01 JA . -20.96 48.27 -23.81
CBD Y01 JA . -20.77 49.53 -22.97
CAK Y01 JA . -21.60 50.68 -23.54
CAI Y01 JA . -21.61 50.69 -25.04
CAZ Y01 JA . -21.01 49.80 -25.81
CAV Y01 JA . -20.87 50.03 -27.30
CBH Y01 JA . -20.48 48.47 -25.28
CAD Y01 JA . -18.95 48.51 -25.38
CAT Y01 JA . -21.04 47.33 -26.17
CAR Y01 JA . -20.86 47.59 -27.66
CBC Y01 JA . -21.50 48.90 -28.07
OAW Y01 JA . -21.25 49.13 -29.49
CAY Y01 JA . -22.11 48.65 -30.38
OAG Y01 JA . -21.84 48.47 -31.53
CAM Y01 JA . -23.46 48.34 -29.77
CAL Y01 JA . -23.93 46.91 -29.87
CAX Y01 JA . -25.15 46.59 -29.03
OAH Y01 JA . -26.18 46.19 -29.61
OAF Y01 JA . -25.07 46.73 -27.80
CAA Y01 KA . -15.59 40.29 -15.61
CBA Y01 KA . -14.12 40.67 -15.47
CAB Y01 KA . -13.82 41.10 -14.04
CAN Y01 KA . -13.74 41.77 -16.46
CAJ Y01 KA . -14.48 43.07 -16.32
CAO Y01 KA . -14.06 44.12 -17.32
CBB Y01 KA . -14.75 45.48 -17.17
CAC Y01 KA . -14.40 46.10 -15.82
CBE Y01 KA . -14.42 46.38 -18.37
CAP Y01 KA . -14.54 45.63 -19.71
CAQ Y01 KA . -15.10 46.62 -20.74
CBG Y01 KA . -14.89 47.98 -20.07
CBI Y01 KA . -15.24 47.69 -18.59
CAE Y01 KA . -16.74 47.39 -18.41
CAU Y01 KA . -14.82 48.92 -17.81
CAS Y01 KA . -15.54 50.18 -18.30
CBF Y01 KA . -15.33 50.45 -19.80
CBD Y01 KA . -15.60 49.19 -20.65
CAK Y01 KA . -15.17 49.43 -22.10
CAI Y01 KA . -15.60 50.77 -22.59
CAZ Y01 KA . -16.12 51.73 -21.84
CAV Y01 KA . -16.69 52.99 -22.46
CBH Y01 KA . -16.15 51.67 -20.31
CAD Y01 KA . -17.63 51.59 -19.87
CAT Y01 KA . -15.54 52.98 -19.77
CAR Y01 KA . -16.16 54.24 -20.39
CBC Y01 KA . -16.03 54.23 -21.89
OAW Y01 KA . -16.73 55.37 -22.49
CAY Y01 KA . -16.20 56.59 -22.36
OAG Y01 KA . -15.29 56.86 -21.62
CAM Y01 KA . -16.85 57.57 -23.29
CAL Y01 KA . -18.35 57.73 -23.18
CAX Y01 KA . -18.98 58.60 -24.25
OAH Y01 KA . -18.86 58.25 -25.44
OAF Y01 KA . -19.58 59.64 -23.88
CAA Y01 LA . 10.66 44.18 -29.23
CBA Y01 LA . 9.94 45.38 -29.81
CAB Y01 LA . 8.47 45.36 -29.43
CAN Y01 LA . 10.13 45.48 -31.33
CAJ Y01 LA . 9.40 46.62 -31.99
CAO Y01 LA . 9.64 46.67 -33.49
CBB Y01 LA . 8.88 47.79 -34.22
CAC Y01 LA . 9.25 49.15 -33.64
CBE Y01 LA . 9.14 47.69 -35.74
CAP Y01 LA . 8.93 46.24 -36.27
CAQ Y01 LA . 8.42 46.36 -37.71
CBG Y01 LA . 8.67 47.83 -38.06
CBI Y01 LA . 8.33 48.55 -36.74
CAE Y01 LA . 6.82 48.48 -36.41
CAU Y01 LA . 8.78 50.02 -36.92
CAS Y01 LA . 8.10 50.66 -38.13
CBF Y01 LA . 8.37 49.90 -39.44
CBD Y01 LA . 8.02 48.41 -39.31
CAK Y01 LA . 8.48 47.66 -40.55
CAI Y01 LA . 8.19 48.40 -41.82
CAZ Y01 LA . 7.76 49.66 -41.88
CAV Y01 LA . 7.37 50.28 -43.20
CBH Y01 LA . 7.67 50.57 -40.66
CAD Y01 LA . 6.18 50.85 -40.39
CAT Y01 LA . 8.40 51.89 -40.99
CAR Y01 LA . 7.95 52.51 -42.32
CBC Y01 LA . 8.13 51.55 -43.46
OAW Y01 LA . 7.59 52.16 -44.67
CAY Y01 LA . 8.19 53.23 -45.18
OAG Y01 LA . 9.29 53.58 -44.87
CAM Y01 LA . 7.30 53.97 -46.14
CAL Y01 LA . 7.88 55.24 -46.74
CAX Y01 LA . 6.91 56.01 -47.62
OAH Y01 LA . 5.75 55.58 -47.77
OAF Y01 LA . 7.33 57.05 -48.18
CAA Y01 MA . 6.21 40.36 -32.79
CBA Y01 MA . 6.93 39.80 -34.01
CAB Y01 MA . 8.30 39.28 -33.63
CAN Y01 MA . 7.00 40.83 -35.14
CAJ Y01 MA . 7.71 40.37 -36.39
CAO Y01 MA . 7.93 41.47 -37.40
CBB Y01 MA . 8.78 41.10 -38.61
CAC Y01 MA . 9.61 39.85 -38.35
CBE Y01 MA . 7.94 41.03 -39.91
CAP Y01 MA . 6.42 40.80 -39.65
CAQ Y01 MA . 5.68 41.48 -40.82
CBG Y01 MA . 6.79 41.78 -41.83
CBI Y01 MA . 7.98 42.19 -40.95
CAE Y01 MA . 7.73 43.54 -40.25
CAU Y01 MA . 9.21 42.26 -41.85
CAS Y01 MA . 9.00 43.22 -43.02
CBF Y01 MA . 7.76 42.87 -43.87
CBD Y01 MA . 6.49 42.72 -42.99
CAK Y01 MA . 5.34 42.19 -43.83
CAI Y01 MA . 5.24 42.87 -45.16
CAZ Y01 MA . 6.16 43.67 -45.67
CAV Y01 MA . 5.92 44.41 -46.96
CBH Y01 MA . 7.54 43.86 -45.05
CAD Y01 MA . 7.65 45.34 -44.59
CAT Y01 MA . 8.59 43.58 -46.14
CAR Y01 MA . 8.34 44.35 -47.45
CBC Y01 MA . 6.97 44.06 -48.00
OAW Y01 MA . 6.75 44.90 -49.17
CAY Y01 MA . 5.71 44.67 -49.97
OAG Y01 MA . 5.18 45.53 -50.62
CAM Y01 MA . 5.34 43.21 -50.04
CAL Y01 MA . 4.10 42.90 -50.86
CAX Y01 MA . 3.70 41.44 -50.90
OAH Y01 MA . 3.45 40.86 -49.82
OAF Y01 MA . 3.63 40.88 -52.01
#